data_7WE7
#
_entry.id   7WE7
#
_cell.length_a   1.00
_cell.length_b   1.00
_cell.length_c   1.00
_cell.angle_alpha   90.00
_cell.angle_beta   90.00
_cell.angle_gamma   90.00
#
_symmetry.space_group_name_H-M   'P 1'
#
loop_
_entity.id
_entity.type
_entity.pdbx_description
1 polymer 'Heavy chain of Fab 282'
2 polymer 'The light chain of Fab 282'
3 polymer 'Spike glycoprotein'
4 branched 2-acetamido-2-deoxy-beta-D-glucopyranose-(1-4)-2-acetamido-2-deoxy-beta-D-glucopyranose
5 branched beta-D-mannopyranose-(1-4)-2-acetamido-2-deoxy-beta-D-glucopyranose-(1-4)-2-acetamido-2-deoxy-beta-D-glucopyranose
6 non-polymer 2-acetamido-2-deoxy-beta-D-glucopyranose
#
loop_
_entity_poly.entity_id
_entity_poly.type
_entity_poly.pdbx_seq_one_letter_code
_entity_poly.pdbx_strand_id
1 'polypeptide(L)'
;VQLVQSGAEVKKPGSSVKVSCKASGDTFSSYTFSWVRQAPGQGLEWMGRSIPIVGKAIYAQEFQGRVTISADRSTTTVYM
ELSSLRSDDTAVYYCARDQSGFDFFYYDHWGQGTLVAV
;
H,J,K
2 'polypeptide(L)'
;QSVLTQPPSASGTPGQRVTISCSGSGSNIGSNTINWYQQLPGTAPKVLIYRNNERPSGVPDRFSGSKSGTSASLTISGLQ
SEDEAYYHCAAWDDSLNGPVFGGGTKLTVLG
;
L,M,N
3 'polypeptide(L)'
;MFVFLVLLPLVSSQCVNLTTRTQLPPAYTNSFTRGVYYPDKVFRSSVLHSTQDLFLPFFSNVTWFHVISGTNGTKRFDNP
VLPFNDGVYFASIEKSNIIRGWIFGTTLDSKTQSLLIVNNATNVVIKVCEFQFCNDPFLDHKNNKSWMESEFRVYSSANN
CTFEYVSQPFLMDLEGKQGNFKNLREFVFKNIDGYFKIYSKHTPILVREPEDLPQGFSALEPLVDLPIGINITRFQTLLA
LHRSYLTPGDSSSGWTAGAAAYYVGYLQPRTFLLKYNENGTITDAVDCALDPLSETKCTLKSFTVEKGIYQTSNFRVQPT
ESIVRFPNITNLCPFDEVFNATRFASVYAWNRKRISNCVADYSVLYNLAPFFTFKCYGVSPTKLNDLCFTNVYADSFVIR
GDEVRQIAPGQTGNIADYNYKLPDDFTGCVIAWNSNKLDSKVSGNYNYLYRLFRKSNLKPFERDISTEIYQAGNKPCNGV
AGFNCYFPLRSYSFRPTYGVGHQPYRVVVLSFELLHAPATVCGPKKSTNLVKNKCVNFNFNGLKGTGVLTESNKKFLPFQ
QFGRDIADTTDAVRDPQTLEILDITPCSFGGVSVITPGTNTSNQVAVLYQGVNCTEVPVAIHADQLTPTWRVYSTGSNVF
QTRAGCLIGAEYVNNSYECDIPIGAGICASYQTQTKSHRRARSVASQSIIAYTMSLGAENSVAYSNNSIAIPTNFTISVT
TEILPVSMTKTSVDCTMYICGDSTECSNLLLQYGSFCTQLKRALTGIAVEQDKNTQEVFAQVKQIYKTPPIKYFGGFNFS
QILPDPSKPSKRSFIEDLLFNKVTLADAGFIKQYGDCLGDIAARDLICAQKFKGLTVLPPLLTDEMIAQYTSALLAGTIT
SGWTFGAGAALQIPFAMQMAYRFNGIGVTQNVLYENQKLIANQFNSAIGKIQDSLSSTASALGKLQDVVNHNAQALNTLV
KQLSSKFGAISSVLNDIFSRLDKVEAEVQIDRLITGRLQSLQTYVTQQLIRAAEIRASANLAATKMSECVLGQSKRVDFC
GKGYHLMSFPQSAPHGVVFLHVTYVPAQEKNFTTAPAICHDGKAHFPREGVFVSNGTHWFVTQRNFYEPQIITTDNTFVS
GNCDVVIGIVNNTVYDPLQPELDSFKEELDKYFKNHTSPDVDLGDISGINASVVNIQKEIDRLNEVAKNLNESLIDLQEL
GKYEQYIKWPWYIWLGFIAGLIAIVMVTIMLCCMTSCCSCLKGCCSCGSCCKFDEDDSEPVLKGVKLHYT
;
D,E,G
#
# COMPACT_ATOMS: atom_id res chain seq x y z
N VAL A 1 10.92 48.20 -44.83
CA VAL A 1 9.60 48.41 -44.15
C VAL A 1 9.11 49.82 -44.48
N GLN A 2 7.99 49.92 -45.20
CA GLN A 2 7.45 51.26 -45.61
C GLN A 2 6.13 51.51 -44.88
N LEU A 3 6.01 52.66 -44.23
CA LEU A 3 4.76 53.00 -43.48
C LEU A 3 4.09 54.19 -44.18
N VAL A 4 2.80 54.05 -44.53
CA VAL A 4 2.10 55.13 -45.29
C VAL A 4 1.07 55.80 -44.37
N GLN A 5 1.33 57.04 -43.96
CA GLN A 5 0.39 57.78 -43.06
C GLN A 5 -0.58 58.62 -43.87
N SER A 6 -1.60 59.19 -43.21
CA SER A 6 -2.58 60.07 -43.90
C SER A 6 -1.97 61.43 -44.23
N GLY A 7 -2.70 62.29 -44.95
CA GLY A 7 -2.20 63.57 -45.38
C GLY A 7 -2.45 64.66 -44.36
N ALA A 8 -2.23 65.91 -44.79
CA ALA A 8 -2.40 67.06 -43.87
C ALA A 8 -3.87 67.17 -43.44
N GLU A 9 -4.11 67.25 -42.14
CA GLU A 9 -5.51 67.33 -41.62
C GLU A 9 -5.70 68.68 -40.91
N VAL A 10 -6.76 69.42 -41.23
CA VAL A 10 -7.04 70.67 -40.48
C VAL A 10 -8.34 70.43 -39.68
N LYS A 11 -8.29 70.65 -38.36
CA LYS A 11 -9.48 70.31 -37.53
C LYS A 11 -9.83 71.46 -36.59
N LYS A 12 -11.13 71.71 -36.37
CA LYS A 12 -11.59 72.76 -35.43
C LYS A 12 -11.23 72.33 -34.00
N PRO A 13 -10.84 73.24 -33.06
CA PRO A 13 -10.53 72.84 -31.69
C PRO A 13 -11.71 72.23 -30.93
N GLY A 14 -11.46 71.20 -30.12
CA GLY A 14 -12.54 70.50 -29.39
C GLY A 14 -13.17 69.41 -30.24
N SER A 15 -12.70 69.24 -31.47
CA SER A 15 -13.25 68.19 -32.38
C SER A 15 -12.44 66.89 -32.26
N SER A 16 -12.68 65.93 -33.17
CA SER A 16 -11.97 64.62 -33.14
C SER A 16 -11.14 64.44 -34.41
N VAL A 17 -9.92 63.89 -34.28
CA VAL A 17 -9.03 63.65 -35.45
C VAL A 17 -8.88 62.14 -35.67
N LYS A 18 -9.13 61.67 -36.90
CA LYS A 18 -8.94 60.22 -37.23
C LYS A 18 -7.72 60.11 -38.15
N VAL A 19 -6.66 59.40 -37.72
CA VAL A 19 -5.46 59.25 -38.53
C VAL A 19 -4.99 57.81 -38.48
N SER A 20 -4.65 57.26 -39.66
CA SER A 20 -4.19 55.84 -39.74
C SER A 20 -2.89 55.67 -40.54
N CYS A 21 -2.01 54.74 -40.13
CA CYS A 21 -0.80 54.42 -40.94
C CYS A 21 -0.84 52.94 -41.33
N LYS A 22 -0.48 52.59 -42.57
CA LYS A 22 -0.67 51.20 -43.08
C LYS A 22 0.62 50.36 -43.06
N ALA A 23 0.50 49.03 -42.92
CA ALA A 23 1.64 48.12 -42.99
C ALA A 23 1.69 47.48 -44.37
N SER A 24 2.86 47.55 -45.00
CA SER A 24 3.03 47.06 -46.36
C SER A 24 4.21 46.10 -46.43
N GLY A 25 3.99 44.94 -47.03
CA GLY A 25 5.04 43.95 -47.21
C GLY A 25 5.65 43.47 -45.91
N ASP A 26 4.83 43.20 -44.92
CA ASP A 26 5.33 42.81 -43.60
C ASP A 26 4.22 42.08 -42.85
N THR A 27 4.61 41.47 -41.74
CA THR A 27 3.68 40.75 -40.86
C THR A 27 3.09 41.75 -39.88
N PHE A 28 1.88 42.22 -40.15
CA PHE A 28 1.26 43.22 -39.28
C PHE A 28 1.01 42.68 -37.89
N SER A 29 0.71 41.38 -37.78
CA SER A 29 0.57 40.77 -36.46
C SER A 29 1.85 40.81 -35.67
N SER A 30 3.00 40.64 -36.32
CA SER A 30 4.29 40.69 -35.66
C SER A 30 4.96 42.06 -35.77
N TYR A 31 4.25 43.09 -36.23
CA TYR A 31 4.77 44.44 -36.28
C TYR A 31 3.85 45.36 -35.47
N THR A 32 4.41 46.36 -34.81
CA THR A 32 3.52 47.33 -34.11
C THR A 32 3.96 48.76 -34.40
N PHE A 33 3.00 49.69 -34.49
CA PHE A 33 3.38 51.12 -34.66
C PHE A 33 3.10 51.86 -33.36
N SER A 34 4.14 52.37 -32.71
CA SER A 34 3.94 53.17 -31.48
C SER A 34 3.90 54.64 -31.91
N TRP A 35 2.72 55.26 -31.84
CA TRP A 35 2.57 56.64 -32.37
C TRP A 35 3.41 57.65 -31.57
N VAL A 36 4.06 58.59 -32.29
CA VAL A 36 4.88 59.62 -31.61
C VAL A 36 4.42 61.02 -32.06
N ARG A 37 4.17 61.92 -31.12
CA ARG A 37 3.82 63.33 -31.47
C ARG A 37 5.10 64.04 -31.90
N GLN A 38 5.03 64.90 -32.92
CA GLN A 38 6.23 65.64 -33.40
C GLN A 38 5.86 67.07 -33.76
N ALA A 39 6.20 68.04 -32.91
CA ALA A 39 5.96 69.47 -33.24
C ALA A 39 7.03 69.90 -34.25
N PRO A 40 6.69 70.70 -35.29
CA PRO A 40 7.68 71.07 -36.30
C PRO A 40 8.82 71.86 -35.66
N GLY A 41 10.07 71.53 -36.00
CA GLY A 41 11.23 72.22 -35.40
C GLY A 41 11.20 72.13 -33.88
N GLN A 42 10.80 70.96 -33.34
CA GLN A 42 10.67 70.82 -31.87
C GLN A 42 10.88 69.35 -31.47
N GLY A 43 11.09 69.08 -30.18
CA GLY A 43 11.38 67.72 -29.70
C GLY A 43 10.23 66.74 -29.89
N LEU A 44 10.56 65.45 -30.09
CA LEU A 44 9.52 64.39 -30.26
C LEU A 44 8.80 64.17 -28.93
N GLU A 45 7.69 63.44 -28.93
CA GLU A 45 6.94 63.17 -27.70
C GLU A 45 6.08 61.93 -27.90
N TRP A 46 6.34 60.90 -27.11
CA TRP A 46 5.61 59.64 -27.24
C TRP A 46 4.14 59.83 -26.89
N MET A 47 3.27 59.19 -27.67
CA MET A 47 1.84 59.14 -27.36
C MET A 47 1.43 57.79 -26.80
N GLY A 48 1.67 56.70 -27.52
CA GLY A 48 1.13 55.41 -27.11
C GLY A 48 1.82 54.27 -27.81
N ARG A 49 1.62 53.06 -27.27
CA ARG A 49 2.18 51.84 -27.81
C ARG A 49 1.16 50.72 -27.68
N SER A 50 0.86 50.06 -28.80
CA SER A 50 -0.18 49.05 -28.84
C SER A 50 0.37 47.77 -29.47
N ILE A 51 -0.47 46.73 -29.47
CA ILE A 51 -0.16 45.46 -30.13
C ILE A 51 -1.40 45.02 -30.90
N PRO A 52 -1.26 44.49 -32.12
CA PRO A 52 -2.47 44.05 -32.85
C PRO A 52 -3.22 42.93 -32.17
N ILE A 53 -2.50 42.01 -31.49
CA ILE A 53 -3.16 40.89 -30.84
C ILE A 53 -3.80 41.36 -29.55
N VAL A 54 -5.03 40.88 -29.30
CA VAL A 54 -5.83 41.21 -28.12
C VAL A 54 -6.27 42.67 -28.16
N GLY A 55 -5.36 43.57 -28.52
CA GLY A 55 -5.65 44.98 -28.57
C GLY A 55 -5.18 45.78 -27.38
N LYS A 56 -4.38 45.19 -26.50
CA LYS A 56 -3.86 45.92 -25.35
C LYS A 56 -2.95 47.06 -25.80
N ALA A 57 -3.01 48.17 -25.06
CA ALA A 57 -2.23 49.35 -25.40
C ALA A 57 -1.94 50.14 -24.15
N ILE A 58 -0.91 51.00 -24.24
CA ILE A 58 -0.53 51.92 -23.18
C ILE A 58 -0.46 53.32 -23.77
N TYR A 59 -0.99 54.31 -23.03
CA TYR A 59 -1.05 55.69 -23.56
C TYR A 59 -0.08 56.59 -22.80
N ALA A 60 -0.08 57.88 -23.12
CA ALA A 60 0.89 58.82 -22.49
C ALA A 60 0.65 58.89 -20.98
N GLN A 61 1.72 59.02 -20.21
CA GLN A 61 1.60 59.12 -18.73
C GLN A 61 0.79 60.37 -18.38
N GLU A 62 1.03 61.47 -19.10
CA GLU A 62 0.31 62.75 -18.83
C GLU A 62 -1.19 62.59 -19.11
N PHE A 63 -1.56 61.87 -20.18
CA PHE A 63 -3.00 61.79 -20.55
C PHE A 63 -3.55 60.40 -20.23
N GLN A 64 -4.51 60.32 -19.29
CA GLN A 64 -5.16 59.02 -18.98
C GLN A 64 -5.92 58.53 -20.21
N GLY A 65 -6.62 59.45 -20.89
CA GLY A 65 -7.37 59.09 -22.12
C GLY A 65 -6.89 59.93 -23.29
N ARG A 66 -7.69 60.91 -23.73
CA ARG A 66 -7.31 61.83 -24.83
C ARG A 66 -7.24 61.09 -26.17
N VAL A 67 -6.39 60.07 -26.28
CA VAL A 67 -6.19 59.37 -27.58
C VAL A 67 -6.60 57.89 -27.47
N THR A 68 -7.41 57.40 -28.41
CA THR A 68 -7.81 56.00 -28.43
C THR A 68 -7.16 55.29 -29.62
N ILE A 69 -6.69 54.06 -29.34
CA ILE A 69 -6.06 53.16 -30.29
C ILE A 69 -7.11 52.27 -30.94
N SER A 70 -6.83 51.86 -32.18
CA SER A 70 -7.51 50.71 -32.76
C SER A 70 -6.60 50.12 -33.84
N ALA A 71 -6.73 48.82 -34.04
CA ALA A 71 -5.88 48.13 -35.01
C ALA A 71 -6.70 47.08 -35.74
N ASP A 72 -6.56 47.04 -37.06
CA ASP A 72 -7.24 46.04 -37.89
C ASP A 72 -6.15 45.21 -38.56
N ARG A 73 -6.13 43.92 -38.25
CA ARG A 73 -5.12 43.03 -38.84
C ARG A 73 -5.44 42.69 -40.28
N SER A 74 -6.73 42.61 -40.61
CA SER A 74 -7.12 42.28 -41.98
C SER A 74 -6.66 43.34 -42.96
N THR A 75 -6.83 44.61 -42.60
CA THR A 75 -6.34 45.71 -43.41
C THR A 75 -4.93 46.15 -43.02
N THR A 76 -4.35 45.53 -41.98
CA THR A 76 -2.99 45.82 -41.54
C THR A 76 -2.79 47.30 -41.26
N THR A 77 -3.75 47.89 -40.55
CA THR A 77 -3.79 49.34 -40.37
C THR A 77 -3.99 49.68 -38.90
N VAL A 78 -3.39 50.80 -38.49
CA VAL A 78 -3.51 51.31 -37.12
C VAL A 78 -4.17 52.68 -37.17
N TYR A 79 -5.21 52.86 -36.34
CA TYR A 79 -6.02 54.07 -36.30
C TYR A 79 -5.86 54.75 -34.94
N MET A 80 -5.67 56.08 -34.97
CA MET A 80 -5.53 56.86 -33.71
C MET A 80 -6.57 57.99 -33.71
N GLU A 81 -7.37 58.09 -32.64
CA GLU A 81 -8.41 59.15 -32.57
C GLU A 81 -8.11 60.09 -31.40
N LEU A 82 -8.09 61.40 -31.65
CA LEU A 82 -7.74 62.38 -30.58
C LEU A 82 -8.98 63.21 -30.25
N SER A 83 -9.22 63.47 -28.96
CA SER A 83 -10.45 64.20 -28.53
C SER A 83 -10.06 65.42 -27.69
N SER A 84 -10.99 66.37 -27.50
CA SER A 84 -10.70 67.62 -26.74
C SER A 84 -9.52 68.37 -27.37
N LEU A 85 -9.52 68.48 -28.70
CA LEU A 85 -8.41 69.17 -29.43
C LEU A 85 -8.12 70.55 -28.82
N ARG A 86 -6.85 70.94 -28.80
CA ARG A 86 -6.43 72.26 -28.27
C ARG A 86 -5.42 72.89 -29.24
N SER A 87 -5.13 74.18 -29.10
CA SER A 87 -4.19 74.86 -29.98
C SER A 87 -2.81 74.24 -29.93
N ASP A 88 -2.47 73.59 -28.82
CA ASP A 88 -1.16 72.94 -28.69
C ASP A 88 -1.05 71.66 -29.52
N ASP A 89 -2.15 71.19 -30.11
CA ASP A 89 -2.15 69.96 -30.88
C ASP A 89 -1.67 70.13 -32.32
N THR A 90 -1.30 71.34 -32.71
CA THR A 90 -0.78 71.59 -34.06
C THR A 90 0.62 71.01 -34.13
N ALA A 91 0.72 69.78 -34.64
CA ALA A 91 1.98 69.04 -34.71
C ALA A 91 1.77 67.87 -35.66
N VAL A 92 2.72 66.92 -35.66
CA VAL A 92 2.68 65.80 -36.64
C VAL A 92 2.61 64.44 -35.92
N TYR A 93 1.97 63.42 -36.52
CA TYR A 93 1.94 62.05 -35.96
C TYR A 93 2.93 61.20 -36.76
N TYR A 94 3.87 60.51 -36.12
CA TYR A 94 4.91 59.80 -36.91
C TYR A 94 4.81 58.26 -36.86
N CYS A 95 3.89 57.68 -36.08
CA CYS A 95 3.82 56.20 -35.90
C CYS A 95 5.20 55.72 -35.44
N ALA A 96 5.70 54.56 -35.92
CA ALA A 96 7.05 53.99 -35.61
C ALA A 96 7.02 52.46 -35.57
N ARG A 97 7.83 51.78 -36.40
CA ARG A 97 7.93 50.29 -36.28
C ARG A 97 8.69 50.01 -34.98
N ASP A 98 8.64 48.78 -34.44
CA ASP A 98 9.24 48.60 -33.13
C ASP A 98 10.48 47.72 -33.20
N GLN A 99 11.56 48.31 -33.73
CA GLN A 99 12.93 47.75 -33.74
C GLN A 99 12.87 46.25 -34.07
N SER A 100 13.23 45.37 -33.14
CA SER A 100 13.17 43.93 -33.33
C SER A 100 12.60 43.27 -32.08
N GLY A 101 12.68 41.95 -31.99
CA GLY A 101 12.10 41.25 -30.86
C GLY A 101 10.61 41.07 -30.99
N PHE A 102 10.15 40.57 -32.14
CA PHE A 102 8.74 40.42 -32.54
C PHE A 102 8.09 41.80 -32.68
N ASP A 103 8.89 42.87 -32.66
CA ASP A 103 8.43 44.23 -32.97
C ASP A 103 7.27 44.67 -32.09
N PHE A 104 7.51 44.68 -30.77
CA PHE A 104 6.56 45.22 -29.81
C PHE A 104 7.11 46.39 -29.01
N PHE A 105 8.35 46.80 -29.25
CA PHE A 105 8.95 47.86 -28.43
C PHE A 105 10.09 48.52 -29.19
N TYR A 106 10.49 49.70 -28.71
CA TYR A 106 11.60 50.49 -29.23
C TYR A 106 11.25 51.06 -30.60
N TYR A 107 12.11 51.91 -31.16
CA TYR A 107 11.80 52.63 -32.39
C TYR A 107 12.87 52.35 -33.43
N ASP A 108 12.43 52.05 -34.65
CA ASP A 108 13.37 51.82 -35.74
C ASP A 108 13.09 52.68 -36.97
N HIS A 109 11.82 52.74 -37.38
CA HIS A 109 11.45 53.52 -38.60
C HIS A 109 10.23 54.38 -38.30
N TRP A 110 9.89 55.30 -39.20
CA TRP A 110 8.71 56.20 -38.99
C TRP A 110 7.92 56.37 -40.29
N GLY A 111 6.61 56.60 -40.20
CA GLY A 111 5.80 56.88 -41.40
C GLY A 111 6.03 58.30 -41.88
N GLN A 112 5.64 58.61 -43.12
CA GLN A 112 5.92 59.97 -43.69
C GLN A 112 5.48 61.06 -42.70
N GLY A 113 4.45 60.79 -41.88
CA GLY A 113 4.02 61.77 -40.86
C GLY A 113 2.64 62.33 -41.17
N THR A 114 1.89 62.79 -40.16
CA THR A 114 0.61 63.40 -40.49
C THR A 114 0.52 64.76 -39.79
N LEU A 115 0.68 65.83 -40.55
CA LEU A 115 0.60 67.17 -39.99
C LEU A 115 -0.85 67.53 -39.70
N VAL A 116 -1.11 68.04 -38.48
CA VAL A 116 -2.50 68.42 -38.10
C VAL A 116 -2.48 69.86 -37.57
N ALA A 117 -3.44 70.69 -38.02
CA ALA A 117 -3.52 72.09 -37.55
C ALA A 117 -4.80 72.26 -36.74
N VAL A 118 -4.69 72.78 -35.51
CA VAL A 118 -5.88 72.95 -34.62
C VAL A 118 -5.90 74.40 -34.12
N GLN B 1 10.01 71.79 -22.02
CA GLN B 1 8.99 70.82 -21.65
C GLN B 1 9.56 69.41 -21.60
N SER B 2 10.53 69.15 -22.47
CA SER B 2 11.14 67.82 -22.53
C SER B 2 11.93 67.53 -21.26
N VAL B 3 11.80 66.29 -20.78
CA VAL B 3 12.55 65.87 -19.61
C VAL B 3 14.05 65.88 -19.92
N LEU B 4 14.43 65.38 -21.09
CA LEU B 4 15.82 65.38 -21.52
C LEU B 4 16.18 66.76 -22.03
N THR B 5 17.20 67.37 -21.44
CA THR B 5 17.54 68.76 -21.72
C THR B 5 18.55 68.82 -22.86
N GLN B 6 18.07 69.13 -24.06
CA GLN B 6 18.93 69.36 -25.21
C GLN B 6 19.03 70.84 -25.52
N PRO B 7 20.16 71.30 -26.06
CA PRO B 7 20.24 72.68 -26.53
C PRO B 7 19.28 72.90 -27.68
N PRO B 8 18.74 74.11 -27.82
CA PRO B 8 17.76 74.35 -28.89
C PRO B 8 18.38 74.53 -30.27
N SER B 9 19.64 74.97 -30.35
CA SER B 9 20.27 75.20 -31.65
C SER B 9 21.77 75.06 -31.51
N ALA B 10 22.43 74.69 -32.60
CA ALA B 10 23.88 74.55 -32.63
C ALA B 10 24.39 74.81 -34.04
N SER B 11 25.68 75.11 -34.16
CA SER B 11 26.30 75.43 -35.43
C SER B 11 27.62 74.70 -35.57
N GLY B 12 28.04 74.48 -36.81
CA GLY B 12 29.31 73.83 -37.08
C GLY B 12 29.72 73.87 -38.54
N THR B 13 30.98 74.24 -38.79
CA THR B 13 31.50 74.25 -40.14
C THR B 13 31.78 72.82 -40.61
N PRO B 14 31.84 72.60 -41.92
CA PRO B 14 32.21 71.26 -42.41
C PRO B 14 33.61 70.86 -41.96
N GLY B 15 33.75 69.57 -41.60
CA GLY B 15 35.03 68.99 -41.29
C GLY B 15 35.37 68.91 -39.81
N GLN B 16 34.72 69.73 -38.98
CA GLN B 16 35.08 69.79 -37.55
C GLN B 16 34.24 68.81 -36.72
N ARG B 17 34.57 68.66 -35.44
CA ARG B 17 33.83 67.73 -34.54
C ARG B 17 33.05 68.55 -33.51
N VAL B 18 31.75 68.31 -33.39
CA VAL B 18 30.91 69.09 -32.43
C VAL B 18 30.17 68.10 -31.51
N THR B 19 29.97 68.46 -30.24
CA THR B 19 29.22 67.62 -29.34
C THR B 19 27.90 68.27 -28.94
N ILE B 20 26.88 67.44 -28.79
CA ILE B 20 25.56 67.85 -28.32
C ILE B 20 25.22 67.02 -27.09
N SER B 21 24.86 67.68 -25.99
CA SER B 21 24.66 67.04 -24.71
C SER B 21 23.19 67.08 -24.31
N CYS B 22 22.65 65.92 -23.93
CA CYS B 22 21.31 65.83 -23.36
C CYS B 22 21.40 65.20 -21.97
N SER B 23 20.72 65.80 -21.00
CA SER B 23 20.75 65.34 -19.62
C SER B 23 19.34 65.04 -19.14
N GLY B 24 19.21 63.98 -18.35
CA GLY B 24 17.91 63.58 -17.82
C GLY B 24 17.94 63.24 -16.34
N SER B 25 17.52 62.03 -16.00
CA SER B 25 17.47 61.57 -14.61
C SER B 25 18.22 60.25 -14.50
N GLY B 26 18.41 59.80 -13.26
CA GLY B 26 19.07 58.53 -13.03
C GLY B 26 18.20 57.32 -13.33
N SER B 27 16.88 57.49 -13.30
CA SER B 27 15.98 56.37 -13.58
C SER B 27 15.83 56.10 -15.07
N ASN B 28 16.15 57.08 -15.92
CA ASN B 28 16.01 56.92 -17.36
C ASN B 28 17.31 57.06 -18.14
N ILE B 29 18.31 57.75 -17.60
CA ILE B 29 19.62 57.86 -18.23
C ILE B 29 20.68 57.09 -17.45
N GLY B 30 20.67 57.22 -16.12
CA GLY B 30 21.56 56.43 -15.30
C GLY B 30 21.21 54.97 -15.21
N SER B 31 19.96 54.61 -15.49
CA SER B 31 19.51 53.22 -15.46
C SER B 31 19.18 52.67 -16.83
N ASN B 32 19.28 53.47 -17.89
CA ASN B 32 18.98 53.01 -19.24
C ASN B 32 19.87 53.74 -20.23
N THR B 33 20.11 53.09 -21.37
CA THR B 33 20.88 53.71 -22.43
C THR B 33 20.03 54.75 -23.15
N ILE B 34 20.72 55.72 -23.77
CA ILE B 34 20.09 56.78 -24.52
C ILE B 34 20.20 56.46 -26.00
N ASN B 35 19.22 56.92 -26.77
CA ASN B 35 19.17 56.67 -28.21
C ASN B 35 19.11 58.00 -28.93
N TRP B 36 20.02 58.17 -29.88
CA TRP B 36 20.18 59.41 -30.63
C TRP B 36 19.54 59.27 -32.00
N TYR B 37 18.62 60.18 -32.32
CA TYR B 37 17.89 60.21 -33.57
C TYR B 37 18.27 61.44 -34.38
N GLN B 38 18.34 61.27 -35.71
CA GLN B 38 18.58 62.37 -36.63
C GLN B 38 17.39 62.51 -37.56
N GLN B 39 17.08 63.76 -37.94
CA GLN B 39 15.88 64.02 -38.79
C GLN B 39 16.14 65.18 -39.75
N LEU B 40 16.35 64.89 -41.04
CA LEU B 40 16.49 65.93 -42.04
C LEU B 40 15.20 66.75 -42.10
N PRO B 41 15.30 68.08 -42.19
CA PRO B 41 14.08 68.89 -42.25
C PRO B 41 13.18 68.48 -43.41
N GLY B 42 11.88 68.41 -43.13
CA GLY B 42 10.89 68.02 -44.11
C GLY B 42 10.79 66.53 -44.35
N THR B 43 11.59 65.73 -43.64
CA THR B 43 11.60 64.25 -43.86
C THR B 43 11.35 63.50 -42.56
N ALA B 44 11.15 62.18 -42.64
CA ALA B 44 10.92 61.34 -41.44
C ALA B 44 12.21 61.24 -40.62
N PRO B 45 12.14 61.11 -39.27
CA PRO B 45 13.34 60.96 -38.45
C PRO B 45 13.99 59.59 -38.65
N LYS B 46 15.32 59.48 -38.51
CA LYS B 46 16.00 58.15 -38.58
C LYS B 46 16.68 57.86 -37.25
N VAL B 47 17.48 56.79 -37.18
CA VAL B 47 18.23 56.45 -35.92
C VAL B 47 19.72 56.59 -36.22
N LEU B 48 20.46 57.39 -35.44
CA LEU B 48 21.89 57.62 -35.73
C LEU B 48 22.78 56.74 -34.85
N ILE B 49 22.60 56.81 -33.52
CA ILE B 49 23.39 55.97 -32.58
C ILE B 49 22.40 55.26 -31.65
N TYR B 50 22.49 53.94 -31.51
CA TYR B 50 21.60 53.20 -30.59
C TYR B 50 22.45 52.33 -29.65
N ARG B 51 21.95 52.07 -28.44
CA ARG B 51 22.72 51.28 -27.45
C ARG B 51 24.04 51.98 -27.16
N ASN B 52 24.20 53.23 -27.61
CA ASN B 52 25.40 54.02 -27.31
C ASN B 52 26.69 53.42 -27.83
N ASN B 53 26.63 52.26 -28.49
CA ASN B 53 27.84 51.58 -28.92
C ASN B 53 27.75 50.99 -30.33
N GLU B 54 26.63 51.20 -31.03
CA GLU B 54 26.45 50.58 -32.36
C GLU B 54 25.58 51.44 -33.28
N ARG B 55 25.56 51.12 -34.58
CA ARG B 55 24.73 51.86 -35.55
C ARG B 55 23.72 50.87 -36.16
N PRO B 56 22.42 51.18 -36.27
CA PRO B 56 21.43 50.19 -36.72
C PRO B 56 21.62 49.62 -38.13
N SER B 57 21.92 50.48 -39.11
CA SER B 57 22.06 49.99 -40.51
C SER B 57 23.32 50.57 -41.16
N GLY B 58 24.50 50.17 -40.68
CA GLY B 58 25.77 50.54 -41.32
C GLY B 58 25.90 52.05 -41.47
N VAL B 59 25.41 52.80 -40.49
CA VAL B 59 25.45 54.30 -40.56
C VAL B 59 26.92 54.73 -40.46
N PRO B 60 27.38 55.73 -41.24
CA PRO B 60 28.78 56.21 -41.20
C PRO B 60 29.44 56.08 -39.81
N ASP B 61 30.52 55.31 -39.72
CA ASP B 61 31.17 55.11 -38.43
C ASP B 61 31.83 56.36 -37.87
N ARG B 62 31.86 57.45 -38.63
CA ARG B 62 32.40 58.71 -38.10
C ARG B 62 31.54 59.26 -36.97
N PHE B 63 30.30 58.77 -36.86
CA PHE B 63 29.37 59.28 -35.81
C PHE B 63 29.67 58.58 -34.49
N SER B 64 29.54 59.26 -33.35
CA SER B 64 29.76 58.56 -32.09
C SER B 64 28.87 59.16 -31.00
N GLY B 65 28.74 58.41 -29.92
CA GLY B 65 28.00 58.87 -28.75
C GLY B 65 28.59 58.28 -27.50
N SER B 66 28.41 59.01 -26.39
CA SER B 66 28.92 58.59 -25.10
C SER B 66 27.87 58.88 -24.04
N LYS B 67 27.87 58.05 -22.99
CA LYS B 67 26.95 58.19 -21.87
C LYS B 67 27.72 58.12 -20.57
N SER B 68 27.43 59.05 -19.65
CA SER B 68 28.07 59.06 -18.34
C SER B 68 27.08 59.60 -17.33
N GLY B 69 26.79 58.80 -16.30
CA GLY B 69 25.88 59.24 -15.26
C GLY B 69 24.51 59.54 -15.83
N THR B 70 24.05 60.78 -15.63
CA THR B 70 22.76 61.24 -16.13
C THR B 70 22.91 62.11 -17.38
N SER B 71 24.05 62.05 -18.05
CA SER B 71 24.32 62.89 -19.21
C SER B 71 24.75 62.02 -20.39
N ALA B 72 24.47 62.52 -21.60
CA ALA B 72 24.90 61.87 -22.83
C ALA B 72 25.37 62.94 -23.82
N SER B 73 26.34 62.58 -24.64
CA SER B 73 26.92 63.49 -25.61
C SER B 73 27.14 62.78 -26.94
N LEU B 74 26.57 63.37 -28.00
CA LEU B 74 26.79 62.83 -29.37
C LEU B 74 27.98 63.58 -29.97
N THR B 75 29.04 62.87 -30.34
CA THR B 75 30.19 63.54 -31.01
C THR B 75 30.29 63.06 -32.45
N ILE B 76 30.24 63.97 -33.42
CA ILE B 76 30.40 63.57 -34.85
C ILE B 76 31.68 64.21 -35.39
N SER B 77 32.61 63.40 -35.88
CA SER B 77 33.83 63.98 -36.52
C SER B 77 33.74 63.75 -38.03
N GLY B 78 33.26 64.75 -38.77
CA GLY B 78 33.17 64.67 -40.23
C GLY B 78 31.99 65.48 -40.75
N LEU B 79 31.89 66.75 -40.35
CA LEU B 79 30.70 67.56 -40.74
C LEU B 79 30.62 67.62 -42.27
N GLN B 80 29.40 67.58 -42.83
CA GLN B 80 29.24 67.51 -44.28
C GLN B 80 27.92 68.20 -44.63
N SER B 81 27.71 68.40 -45.93
CA SER B 81 26.71 69.35 -46.41
C SER B 81 25.31 69.07 -45.86
N GLU B 82 24.85 67.82 -45.96
CA GLU B 82 23.50 67.49 -45.52
C GLU B 82 23.45 66.99 -44.07
N ASP B 83 24.37 67.44 -43.22
CA ASP B 83 24.31 67.11 -41.80
C ASP B 83 23.37 68.03 -41.03
N GLU B 84 22.79 69.04 -41.68
CA GLU B 84 21.77 69.88 -41.04
C GLU B 84 20.58 69.02 -40.66
N ALA B 85 20.37 68.80 -39.37
CA ALA B 85 19.30 67.92 -38.94
C ALA B 85 18.96 68.18 -37.49
N TYR B 86 17.75 67.73 -37.13
CA TYR B 86 17.31 67.79 -35.72
C TYR B 86 17.72 66.48 -35.05
N TYR B 87 18.34 66.56 -33.88
CA TYR B 87 18.89 65.41 -33.16
C TYR B 87 18.20 65.30 -31.81
N HIS B 88 17.76 64.09 -31.48
CA HIS B 88 16.89 63.86 -30.33
C HIS B 88 17.42 62.72 -29.47
N CYS B 89 17.18 62.83 -28.17
CA CYS B 89 17.53 61.80 -27.20
C CYS B 89 16.25 61.09 -26.75
N ALA B 90 16.30 59.77 -26.69
CA ALA B 90 15.15 58.95 -26.30
C ALA B 90 15.59 57.88 -25.31
N ALA B 91 14.80 57.68 -24.26
CA ALA B 91 15.15 56.67 -23.27
C ALA B 91 13.90 56.26 -22.48
N TRP B 92 13.81 54.97 -22.16
CA TRP B 92 12.71 54.49 -21.34
C TRP B 92 12.83 55.03 -19.92
N ASP B 93 11.70 55.37 -19.31
CA ASP B 93 11.63 55.89 -17.96
C ASP B 93 10.67 55.04 -17.14
N ASP B 94 11.16 54.55 -15.99
CA ASP B 94 10.33 53.75 -15.10
C ASP B 94 9.34 54.61 -14.30
N SER B 95 9.74 55.82 -13.91
CA SER B 95 8.82 56.69 -13.19
C SER B 95 7.61 57.04 -14.03
N LEU B 96 7.83 57.34 -15.32
CA LEU B 96 6.75 57.55 -16.26
C LEU B 96 6.41 56.30 -17.05
N ASN B 97 7.23 55.25 -16.95
CA ASN B 97 6.99 53.97 -17.63
C ASN B 97 6.82 54.16 -19.14
N GLY B 98 7.54 55.13 -19.69
CA GLY B 98 7.41 55.45 -21.10
C GLY B 98 8.67 56.02 -21.69
N PRO B 99 8.75 56.08 -23.01
CA PRO B 99 9.94 56.68 -23.64
C PRO B 99 9.94 58.20 -23.54
N VAL B 100 10.79 58.74 -22.67
CA VAL B 100 10.96 60.18 -22.56
C VAL B 100 11.94 60.65 -23.63
N PHE B 101 11.66 61.83 -24.18
CA PHE B 101 12.33 62.33 -25.36
C PHE B 101 12.95 63.70 -25.05
N GLY B 102 13.96 64.06 -25.84
CA GLY B 102 14.61 65.33 -25.68
C GLY B 102 13.91 66.44 -26.44
N GLY B 103 14.43 67.66 -26.30
CA GLY B 103 13.81 68.84 -26.95
C GLY B 103 14.31 69.05 -28.37
N GLY B 104 15.33 68.31 -28.81
CA GLY B 104 15.78 68.41 -30.18
C GLY B 104 16.78 69.53 -30.39
N THR B 105 17.93 69.21 -30.97
CA THR B 105 18.98 70.17 -31.26
C THR B 105 19.24 70.19 -32.75
N LYS B 106 19.23 71.38 -33.34
CA LYS B 106 19.47 71.53 -34.78
C LYS B 106 20.96 71.72 -35.02
N LEU B 107 21.56 70.79 -35.77
CA LEU B 107 22.93 70.93 -36.24
C LEU B 107 22.91 71.48 -37.66
N THR B 108 23.56 72.62 -37.86
CA THR B 108 23.59 73.30 -39.13
C THR B 108 24.98 73.20 -39.76
N VAL B 109 25.04 73.53 -41.04
CA VAL B 109 26.29 73.56 -41.79
C VAL B 109 26.62 75.01 -42.09
N LEU B 110 27.73 75.50 -41.55
CA LEU B 110 28.12 76.88 -41.75
C LEU B 110 28.85 77.04 -43.09
N GLY B 111 28.80 78.27 -43.63
CA GLY B 111 29.43 78.57 -44.89
C GLY B 111 30.94 78.63 -44.82
N GLN C 14 69.46 8.35 5.12
CA GLN C 14 70.35 7.88 4.07
C GLN C 14 69.96 6.48 3.62
N CYS C 15 70.44 6.09 2.43
CA CYS C 15 70.22 4.75 1.90
C CYS C 15 71.48 4.28 1.20
N VAL C 16 71.64 2.96 1.14
CA VAL C 16 72.79 2.34 0.49
C VAL C 16 72.28 1.30 -0.50
N ASN C 17 72.90 1.26 -1.67
CA ASN C 17 72.61 0.19 -2.62
C ASN C 17 73.21 -1.11 -2.11
N LEU C 18 72.42 -1.89 -1.38
CA LEU C 18 72.94 -3.10 -0.75
C LEU C 18 73.35 -4.14 -1.79
N THR C 19 72.63 -4.18 -2.91
CA THR C 19 72.88 -5.14 -3.99
C THR C 19 72.88 -6.56 -3.46
N THR C 20 73.77 -7.41 -4.01
CA THR C 20 73.92 -8.82 -3.63
C THR C 20 72.58 -9.47 -3.31
N ARG C 21 71.62 -9.28 -4.22
CA ARG C 21 70.26 -9.74 -4.00
C ARG C 21 70.18 -11.27 -4.09
N THR C 22 70.29 -11.94 -2.94
CA THR C 22 70.18 -13.40 -2.88
C THR C 22 68.70 -13.76 -2.85
N GLN C 23 68.09 -13.73 -4.03
CA GLN C 23 66.67 -14.02 -4.13
C GLN C 23 66.41 -15.51 -3.96
N LEU C 24 65.45 -15.83 -3.10
CA LEU C 24 64.98 -17.19 -2.92
C LEU C 24 63.50 -17.28 -3.26
N PRO C 25 63.07 -18.34 -3.94
CA PRO C 25 61.67 -18.47 -4.32
C PRO C 25 60.78 -18.53 -3.09
N PRO C 26 59.61 -17.89 -3.15
CA PRO C 26 58.68 -17.97 -2.01
C PRO C 26 58.14 -19.37 -1.83
N ALA C 27 57.82 -19.71 -0.59
CA ALA C 27 57.25 -21.02 -0.31
C ALA C 27 55.73 -20.91 -0.16
N TYR C 28 55.09 -22.05 0.00
CA TYR C 28 53.64 -22.11 0.16
C TYR C 28 53.29 -22.81 1.47
N THR C 29 52.28 -22.28 2.16
CA THR C 29 51.78 -22.89 3.37
C THR C 29 50.27 -22.96 3.30
N ASN C 30 49.70 -23.98 3.91
CA ASN C 30 48.25 -24.19 3.90
C ASN C 30 47.68 -23.56 5.17
N SER C 31 47.13 -22.36 5.03
CA SER C 31 46.42 -21.72 6.13
C SER C 31 45.16 -22.52 6.42
N PHE C 32 45.16 -23.23 7.54
CA PHE C 32 44.09 -24.18 7.83
C PHE C 32 42.88 -23.49 8.43
N THR C 33 43.05 -22.83 9.58
CA THR C 33 41.92 -22.34 10.34
C THR C 33 42.08 -20.87 10.68
N ARG C 34 43.32 -20.37 10.61
CA ARG C 34 43.58 -18.97 10.92
C ARG C 34 42.85 -18.04 9.94
N GLY C 35 42.79 -16.77 10.31
CA GLY C 35 42.14 -15.78 9.47
C GLY C 35 40.71 -15.51 9.86
N VAL C 36 40.45 -15.42 11.15
CA VAL C 36 39.11 -15.16 11.67
C VAL C 36 39.20 -14.08 12.74
N TYR C 37 38.21 -13.19 12.77
CA TYR C 37 38.23 -12.05 13.67
C TYR C 37 36.80 -11.59 13.93
N TYR C 38 36.63 -10.81 15.00
CA TYR C 38 35.32 -10.28 15.34
C TYR C 38 34.86 -9.33 14.23
N PRO C 39 33.66 -9.51 13.69
CA PRO C 39 33.23 -8.67 12.56
C PRO C 39 33.15 -7.19 12.89
N ASP C 40 32.76 -6.83 14.10
CA ASP C 40 32.59 -5.42 14.45
C ASP C 40 32.59 -5.28 15.97
N LYS C 41 32.56 -4.03 16.42
CA LYS C 41 32.55 -3.71 17.85
C LYS C 41 31.15 -3.98 18.40
N VAL C 42 30.94 -5.24 18.82
CA VAL C 42 29.65 -5.66 19.36
C VAL C 42 29.89 -6.94 20.14
N PHE C 43 28.98 -7.25 21.06
CA PHE C 43 29.10 -8.41 21.93
C PHE C 43 27.87 -9.29 21.81
N ARG C 44 28.11 -10.60 21.72
CA ARG C 44 27.05 -11.60 21.74
C ARG C 44 27.47 -12.72 22.69
N SER C 45 26.64 -13.75 22.80
CA SER C 45 26.95 -14.86 23.69
C SER C 45 26.08 -16.06 23.34
N SER C 46 26.71 -17.23 23.20
CA SER C 46 26.03 -18.51 23.05
C SER C 46 25.06 -18.51 21.87
N VAL C 47 25.42 -17.79 20.80
CA VAL C 47 24.62 -17.73 19.59
C VAL C 47 25.50 -17.95 18.38
N LEU C 48 24.89 -18.37 17.28
CA LEU C 48 25.57 -18.56 16.01
C LEU C 48 25.17 -17.42 15.08
N HIS C 49 26.16 -16.66 14.63
CA HIS C 49 25.92 -15.46 13.84
C HIS C 49 26.49 -15.64 12.45
N SER C 50 25.67 -15.37 11.43
CA SER C 50 26.09 -15.49 10.04
C SER C 50 26.40 -14.11 9.50
N THR C 51 27.61 -13.94 8.97
CA THR C 51 28.06 -12.64 8.46
C THR C 51 28.62 -12.80 7.07
N GLN C 52 28.59 -11.69 6.31
CA GLN C 52 29.24 -11.59 5.01
C GLN C 52 30.29 -10.49 5.12
N ASP C 53 31.56 -10.84 5.05
CA ASP C 53 32.62 -9.90 5.33
C ASP C 53 33.79 -10.20 4.39
N LEU C 54 34.93 -9.55 4.66
CA LEU C 54 36.19 -9.84 3.99
C LEU C 54 36.98 -10.76 4.92
N PHE C 55 37.25 -11.97 4.47
CA PHE C 55 37.86 -12.99 5.32
C PHE C 55 39.03 -13.65 4.61
N LEU C 56 39.87 -14.31 5.41
CA LEU C 56 40.89 -15.19 4.86
C LEU C 56 40.27 -16.57 4.66
N PRO C 57 40.20 -17.07 3.43
CA PRO C 57 39.51 -18.34 3.19
C PRO C 57 40.16 -19.48 3.96
N PHE C 58 39.34 -20.38 4.47
CA PHE C 58 39.84 -21.52 5.21
C PHE C 58 40.62 -22.45 4.29
N PHE C 59 41.69 -23.03 4.82
CA PHE C 59 42.52 -23.99 4.09
C PHE C 59 43.04 -23.39 2.79
N SER C 60 43.43 -22.11 2.84
CA SER C 60 43.89 -21.42 1.65
C SER C 60 45.41 -21.55 1.51
N ASN C 61 45.95 -21.00 0.44
CA ASN C 61 47.40 -20.96 0.23
C ASN C 61 47.92 -19.58 0.63
N VAL C 62 48.89 -19.57 1.53
CA VAL C 62 49.55 -18.34 1.95
C VAL C 62 51.03 -18.41 1.57
N THR C 63 51.59 -17.25 1.25
CA THR C 63 52.98 -17.16 0.86
C THR C 63 53.87 -17.18 2.09
N TRP C 64 54.91 -18.01 2.02
CA TRP C 64 55.82 -18.29 3.11
C TRP C 64 57.14 -17.59 2.82
N PHE C 65 57.54 -16.68 3.71
CA PHE C 65 58.75 -15.90 3.57
C PHE C 65 59.66 -16.11 4.78
N HIS C 66 60.96 -16.11 4.54
CA HIS C 66 61.95 -16.19 5.61
C HIS C 66 63.12 -15.27 5.30
N VAL C 67 63.70 -14.72 6.36
CA VAL C 67 64.89 -13.88 6.28
C VAL C 67 65.90 -14.40 7.30
N ILE C 68 67.11 -14.68 6.83
CA ILE C 68 68.17 -15.16 7.70
C ILE C 68 69.23 -14.08 7.87
N LYS C 75 72.89 -12.41 5.51
CA LYS C 75 73.01 -13.53 4.57
C LYS C 75 71.83 -13.57 3.60
N ARG C 76 70.62 -13.68 4.16
CA ARG C 76 69.40 -13.75 3.37
C ARG C 76 68.70 -12.40 3.42
N PHE C 77 68.44 -11.82 2.25
CA PHE C 77 67.78 -10.52 2.12
C PHE C 77 66.59 -10.71 1.18
N ASP C 78 65.45 -11.09 1.75
CA ASP C 78 64.22 -11.33 0.98
C ASP C 78 63.08 -10.59 1.67
N ASN C 79 62.84 -9.34 1.24
CA ASN C 79 61.71 -8.54 1.69
C ASN C 79 61.00 -7.99 0.46
N PRO C 80 60.40 -8.87 -0.34
CA PRO C 80 59.84 -8.42 -1.62
C PRO C 80 58.56 -7.62 -1.41
N VAL C 81 58.31 -6.72 -2.35
CA VAL C 81 57.07 -5.95 -2.36
C VAL C 81 55.94 -6.84 -2.86
N LEU C 82 54.77 -6.69 -2.26
CA LEU C 82 53.63 -7.54 -2.58
C LEU C 82 52.40 -6.69 -2.86
N PRO C 83 51.53 -7.15 -3.76
CA PRO C 83 50.28 -6.42 -3.99
C PRO C 83 49.41 -6.43 -2.74
N PHE C 84 48.70 -5.33 -2.53
CA PHE C 84 47.75 -5.19 -1.43
C PHE C 84 46.37 -4.92 -2.00
N ASN C 85 45.39 -5.73 -1.60
CA ASN C 85 44.04 -5.58 -2.10
C ASN C 85 43.07 -6.15 -1.08
N ASP C 86 41.93 -5.44 -0.94
CA ASP C 86 40.75 -5.85 -0.17
C ASP C 86 41.08 -6.66 1.08
N GLY C 87 42.04 -6.19 1.87
CA GLY C 87 42.42 -6.85 3.10
C GLY C 87 43.50 -7.91 2.91
N VAL C 88 44.52 -7.84 3.77
CA VAL C 88 45.61 -8.81 3.77
C VAL C 88 45.89 -9.22 5.21
N TYR C 89 46.11 -10.52 5.42
CA TYR C 89 46.41 -11.06 6.73
C TYR C 89 47.90 -11.40 6.80
N PHE C 90 48.61 -10.75 7.71
CA PHE C 90 50.04 -10.95 7.86
C PHE C 90 50.33 -11.58 9.21
N ALA C 91 50.98 -12.74 9.20
CA ALA C 91 51.40 -13.41 10.41
C ALA C 91 52.92 -13.46 10.44
N SER C 92 53.49 -13.53 11.63
CA SER C 92 54.94 -13.57 11.76
C SER C 92 55.31 -14.27 13.06
N ILE C 93 56.15 -15.29 12.95
CA ILE C 93 56.64 -16.01 14.13
C ILE C 93 58.04 -15.47 14.39
N GLU C 94 58.13 -14.50 15.30
CA GLU C 94 59.32 -13.69 15.49
C GLU C 94 59.81 -13.79 16.93
N LYS C 95 61.13 -13.77 17.08
CA LYS C 95 61.79 -13.76 18.39
C LYS C 95 62.75 -12.60 18.55
N SER C 96 63.49 -12.25 17.50
CA SER C 96 64.50 -11.20 17.57
C SER C 96 63.93 -9.80 17.37
N ASN C 97 62.63 -9.68 17.09
CA ASN C 97 61.99 -8.38 16.84
C ASN C 97 62.67 -7.66 15.68
N ILE C 98 62.58 -8.24 14.48
CA ILE C 98 63.27 -7.65 13.33
C ILE C 98 62.31 -6.80 12.50
N ILE C 99 61.13 -7.34 12.19
CA ILE C 99 60.17 -6.64 11.34
C ILE C 99 59.41 -5.61 12.18
N ARG C 100 59.46 -4.34 11.75
CA ARG C 100 58.80 -3.27 12.48
C ARG C 100 57.51 -2.81 11.81
N GLY C 101 57.58 -2.39 10.56
CA GLY C 101 56.42 -1.75 9.96
C GLY C 101 56.16 -2.13 8.53
N TRP C 102 55.53 -1.22 7.78
CA TRP C 102 55.08 -1.53 6.45
C TRP C 102 55.09 -0.30 5.57
N ILE C 103 55.07 -0.54 4.25
CA ILE C 103 54.97 0.49 3.24
C ILE C 103 53.79 0.14 2.34
N PHE C 104 52.89 1.10 2.13
CA PHE C 104 51.72 0.92 1.30
C PHE C 104 51.69 2.00 0.23
N GLY C 105 51.23 1.63 -0.97
CA GLY C 105 51.11 2.59 -2.04
C GLY C 105 50.94 1.90 -3.37
N THR C 106 50.79 2.72 -4.40
CA THR C 106 50.60 2.23 -5.77
C THR C 106 51.81 2.43 -6.67
N THR C 107 52.63 3.44 -6.41
CA THR C 107 53.83 3.69 -7.21
C THR C 107 55.09 3.78 -6.36
N LEU C 108 55.00 4.37 -5.17
CA LEU C 108 56.13 4.51 -4.25
C LEU C 108 57.31 5.22 -4.91
N ASP C 109 57.00 6.22 -5.74
CA ASP C 109 58.00 7.01 -6.43
C ASP C 109 57.83 8.51 -6.13
N SER C 110 57.23 8.83 -4.99
CA SER C 110 56.99 10.20 -4.54
C SER C 110 56.18 11.02 -5.54
N LYS C 111 55.50 10.38 -6.49
CA LYS C 111 54.55 11.07 -7.35
C LYS C 111 53.15 11.07 -6.79
N THR C 112 52.82 10.07 -5.97
CA THR C 112 51.54 10.00 -5.27
C THR C 112 51.82 9.71 -3.79
N GLN C 113 50.77 9.81 -2.98
CA GLN C 113 50.92 9.57 -1.55
C GLN C 113 51.21 8.10 -1.28
N SER C 114 51.86 7.84 -0.16
CA SER C 114 52.18 6.49 0.27
C SER C 114 52.22 6.44 1.79
N LEU C 115 51.77 5.33 2.35
CA LEU C 115 51.80 5.11 3.79
C LEU C 115 53.12 4.48 4.21
N LEU C 116 53.76 5.10 5.20
CA LEU C 116 54.91 4.53 5.88
C LEU C 116 54.53 4.35 7.34
N ILE C 117 54.57 3.12 7.83
CA ILE C 117 54.28 2.82 9.23
C ILE C 117 55.54 2.21 9.84
N VAL C 118 56.04 2.83 10.90
CA VAL C 118 57.25 2.38 11.58
C VAL C 118 57.03 2.48 13.09
N ASN C 119 57.36 1.42 13.82
CA ASN C 119 57.15 1.37 15.26
C ASN C 119 58.42 0.92 15.98
N ASN C 120 59.56 1.48 15.60
CA ASN C 120 60.84 0.99 16.09
C ASN C 120 61.05 1.14 17.59
N ALA C 121 61.21 2.37 18.09
CA ALA C 121 61.51 2.58 19.50
C ALA C 121 60.53 3.51 20.20
N THR C 122 60.24 4.68 19.62
CA THR C 122 59.58 5.73 20.38
C THR C 122 58.06 5.62 20.28
N ASN C 123 57.54 5.40 19.08
CA ASN C 123 56.10 5.35 18.87
C ASN C 123 55.82 4.63 17.56
N VAL C 124 54.54 4.42 17.27
CA VAL C 124 54.10 3.91 15.99
C VAL C 124 53.73 5.11 15.14
N VAL C 125 54.59 5.48 14.20
CA VAL C 125 54.40 6.64 13.35
C VAL C 125 53.89 6.18 12.00
N ILE C 126 52.83 6.83 11.53
CA ILE C 126 52.25 6.60 10.21
C ILE C 126 52.25 7.92 9.45
N LYS C 127 52.83 7.91 8.26
CA LYS C 127 52.91 9.09 7.42
C LYS C 127 52.37 8.77 6.03
N VAL C 128 51.41 9.57 5.58
CA VAL C 128 50.88 9.48 4.23
C VAL C 128 51.53 10.61 3.44
N CYS C 129 52.60 10.27 2.72
CA CYS C 129 53.40 11.28 2.04
C CYS C 129 54.05 10.66 0.81
N GLU C 130 54.48 11.51 -0.11
CA GLU C 130 55.11 11.07 -1.36
C GLU C 130 56.59 10.82 -1.08
N PHE C 131 56.92 9.54 -0.90
CA PHE C 131 58.27 9.16 -0.51
C PHE C 131 59.09 8.65 -1.69
N GLN C 132 60.38 9.01 -1.70
CA GLN C 132 61.40 8.32 -2.49
C GLN C 132 61.88 7.10 -1.71
N PHE C 133 61.12 6.02 -1.81
CA PHE C 133 61.55 4.76 -1.23
C PHE C 133 62.80 4.26 -1.96
N CYS C 134 63.80 3.84 -1.19
CA CYS C 134 65.10 3.52 -1.74
C CYS C 134 65.11 2.10 -2.31
N ASN C 135 66.15 1.80 -3.08
CA ASN C 135 66.28 0.49 -3.69
C ASN C 135 66.41 -0.60 -2.63
N ASP C 136 67.20 -0.34 -1.58
CA ASP C 136 67.45 -1.31 -0.51
C ASP C 136 67.24 -0.63 0.83
N PRO C 137 65.98 -0.39 1.22
CA PRO C 137 65.71 0.23 2.52
C PRO C 137 65.88 -0.78 3.64
N PHE C 138 66.95 -0.64 4.42
CA PHE C 138 67.21 -1.53 5.54
C PHE C 138 67.45 -0.70 6.80
N LEU C 139 67.11 -1.31 7.95
CA LEU C 139 67.25 -0.65 9.24
C LEU C 139 68.03 -1.54 10.20
N ASP C 140 68.89 -2.40 9.67
CA ASP C 140 69.54 -3.44 10.46
C ASP C 140 71.05 -3.52 10.29
N HIS C 141 71.61 -3.08 9.17
CA HIS C 141 73.05 -3.19 8.95
C HIS C 141 73.82 -2.23 9.85
N LYS C 142 74.87 -2.74 10.49
CA LYS C 142 75.75 -1.94 11.32
C LYS C 142 76.99 -2.77 11.64
N ASN C 143 78.15 -2.12 11.66
CA ASN C 143 79.39 -2.82 11.93
C ASN C 143 79.48 -3.23 13.39
N ASN C 144 79.80 -4.49 13.64
CA ASN C 144 80.01 -5.47 12.57
C ASN C 144 78.79 -6.37 12.40
N LYS C 145 78.20 -6.78 13.53
CA LYS C 145 77.01 -7.63 13.51
C LYS C 145 75.96 -7.22 14.53
N SER C 146 76.15 -6.10 15.23
CA SER C 146 75.16 -5.59 16.17
C SER C 146 74.21 -4.65 15.44
N TRP C 147 72.92 -4.75 15.77
CA TRP C 147 71.91 -3.98 15.06
C TRP C 147 71.90 -2.52 15.53
N MET C 148 71.50 -1.63 14.62
CA MET C 148 71.32 -0.22 14.94
C MET C 148 70.25 0.35 14.02
N GLU C 149 69.70 1.49 14.43
CA GLU C 149 68.69 2.15 13.62
C GLU C 149 69.33 3.01 12.54
N SER C 150 70.22 2.40 11.76
CA SER C 150 70.90 3.11 10.70
C SER C 150 70.04 3.17 9.44
N GLU C 151 70.31 4.17 8.60
CA GLU C 151 69.57 4.38 7.35
C GLU C 151 68.07 4.53 7.64
N PHE C 152 67.74 5.28 8.69
CA PHE C 152 66.33 5.46 9.05
C PHE C 152 65.56 6.20 7.97
N ARG C 153 66.23 7.10 7.24
CA ARG C 153 65.59 7.87 6.18
C ARG C 153 65.42 6.99 4.95
N VAL C 154 64.46 6.06 5.06
CA VAL C 154 64.12 5.21 3.92
C VAL C 154 63.53 6.02 2.79
N TYR C 155 63.06 7.23 3.09
CA TYR C 155 62.57 8.16 2.08
C TYR C 155 63.52 9.34 2.00
N SER C 156 63.91 9.71 0.79
CA SER C 156 64.88 10.79 0.60
C SER C 156 64.24 12.15 0.39
N SER C 157 62.91 12.23 0.38
CA SER C 157 62.25 13.51 0.14
C SER C 157 60.84 13.48 0.70
N ALA C 158 60.36 14.65 1.12
CA ALA C 158 58.98 14.85 1.55
C ALA C 158 58.62 16.30 1.19
N ASN C 159 58.01 16.48 0.02
CA ASN C 159 57.87 17.82 -0.55
C ASN C 159 56.72 18.59 0.08
N ASN C 160 55.49 18.11 -0.10
CA ASN C 160 54.31 18.82 0.40
C ASN C 160 53.21 17.81 0.71
N CYS C 161 53.10 17.44 1.98
CA CYS C 161 52.15 16.43 2.42
C CYS C 161 51.69 16.77 3.83
N THR C 162 50.58 16.15 4.23
CA THR C 162 49.85 16.55 5.43
C THR C 162 49.91 15.53 6.56
N PHE C 163 49.56 14.27 6.30
CA PHE C 163 49.29 13.33 7.37
C PHE C 163 50.57 12.98 8.13
N GLU C 164 50.50 13.15 9.46
CA GLU C 164 51.62 12.83 10.36
C GLU C 164 51.01 12.34 11.67
N TYR C 165 50.91 11.02 11.82
CA TYR C 165 50.23 10.43 12.97
C TYR C 165 51.22 9.64 13.82
N VAL C 166 51.04 9.71 15.13
CA VAL C 166 51.84 8.96 16.09
C VAL C 166 50.92 8.30 17.10
N SER C 167 51.23 7.05 17.45
CA SER C 167 50.44 6.30 18.43
C SER C 167 51.39 5.58 19.38
N GLN C 168 50.81 5.04 20.46
CA GLN C 168 51.61 4.41 21.50
C GLN C 168 52.32 3.18 20.95
N PRO C 169 53.51 2.86 21.45
CA PRO C 169 54.27 1.73 20.91
C PRO C 169 53.66 0.40 21.30
N PHE C 170 54.06 -0.63 20.56
CA PHE C 170 53.64 -2.01 20.77
C PHE C 170 54.80 -2.80 21.38
N LEU C 171 54.60 -4.11 21.51
CA LEU C 171 55.64 -4.98 22.07
C LEU C 171 56.93 -4.87 21.25
N MET C 172 58.05 -4.70 21.95
CA MET C 172 59.34 -4.56 21.31
C MET C 172 60.40 -5.35 22.09
N ASP C 173 61.39 -5.84 21.34
CA ASP C 173 62.53 -6.54 21.91
C ASP C 173 63.81 -5.96 21.33
N LEU C 174 64.87 -5.94 22.13
CA LEU C 174 66.16 -5.38 21.72
C LEU C 174 67.13 -6.49 21.37
N GLU C 175 68.26 -6.08 20.78
CA GLU C 175 69.32 -6.98 20.35
C GLU C 175 68.81 -8.00 19.33
N GLY C 176 69.59 -9.05 19.08
CA GLY C 176 69.20 -10.05 18.10
C GLY C 176 69.38 -11.47 18.59
N LYS C 177 68.38 -12.32 18.36
CA LYS C 177 68.41 -13.72 18.75
C LYS C 177 67.89 -14.57 17.60
N GLN C 178 68.58 -15.68 17.31
CA GLN C 178 68.21 -16.57 16.22
C GLN C 178 67.52 -17.80 16.77
N GLY C 179 66.32 -18.07 16.25
CA GLY C 179 65.56 -19.22 16.67
C GLY C 179 64.78 -18.97 17.94
N ASN C 180 64.22 -20.07 18.47
CA ASN C 180 63.41 -20.05 19.69
C ASN C 180 62.25 -19.06 19.58
N PHE C 181 61.61 -19.06 18.42
CA PHE C 181 60.49 -18.15 18.17
C PHE C 181 59.30 -18.55 19.04
N LYS C 182 59.02 -17.75 20.07
CA LYS C 182 57.91 -17.99 20.97
C LYS C 182 56.75 -17.04 20.78
N ASN C 183 56.98 -15.84 20.25
CA ASN C 183 55.94 -14.84 20.08
C ASN C 183 55.48 -14.82 18.63
N LEU C 184 54.17 -15.00 18.42
CA LEU C 184 53.57 -14.97 17.09
C LEU C 184 52.61 -13.80 17.01
N ARG C 185 52.81 -12.94 16.02
CA ARG C 185 51.93 -11.81 15.77
C ARG C 185 51.06 -12.12 14.56
N GLU C 186 49.78 -11.73 14.63
CA GLU C 186 48.84 -11.95 13.54
C GLU C 186 47.99 -10.70 13.39
N PHE C 187 48.15 -10.00 12.26
CA PHE C 187 47.41 -8.78 11.98
C PHE C 187 46.57 -8.98 10.72
N VAL C 188 45.44 -8.29 10.66
CA VAL C 188 44.64 -8.23 9.45
C VAL C 188 44.38 -6.77 9.12
N PHE C 189 44.59 -6.40 7.86
CA PHE C 189 44.46 -5.04 7.39
C PHE C 189 43.36 -4.99 6.34
N LYS C 190 42.46 -4.02 6.48
CA LYS C 190 41.40 -3.86 5.48
C LYS C 190 41.22 -2.38 5.16
N ASN C 191 41.26 -2.05 3.87
CA ASN C 191 41.08 -0.69 3.40
C ASN C 191 39.75 -0.63 2.64
N ILE C 192 38.77 0.06 3.22
CA ILE C 192 37.43 0.16 2.65
C ILE C 192 37.11 1.63 2.48
N ASP C 193 37.05 2.09 1.22
CA ASP C 193 36.66 3.45 0.89
C ASP C 193 37.49 4.49 1.65
N GLY C 194 38.80 4.28 1.69
CA GLY C 194 39.71 5.17 2.37
C GLY C 194 39.79 4.96 3.87
N TYR C 195 39.07 4.00 4.42
CA TYR C 195 39.14 3.66 5.84
C TYR C 195 40.12 2.50 5.99
N PHE C 196 41.28 2.77 6.57
CA PHE C 196 42.26 1.75 6.87
C PHE C 196 42.02 1.25 8.28
N LYS C 197 41.72 -0.04 8.41
CA LYS C 197 41.40 -0.65 9.69
C LYS C 197 42.35 -1.82 9.94
N ILE C 198 42.95 -1.81 11.13
CA ILE C 198 43.97 -2.77 11.52
C ILE C 198 43.47 -3.50 12.76
N TYR C 199 43.37 -4.83 12.66
CA TYR C 199 43.05 -5.68 13.78
C TYR C 199 44.25 -6.54 14.10
N SER C 200 44.53 -6.76 15.39
CA SER C 200 45.76 -7.43 15.80
C SER C 200 45.48 -8.47 16.87
N LYS C 201 46.35 -9.48 16.92
CA LYS C 201 46.34 -10.48 17.97
C LYS C 201 47.75 -11.03 18.12
N HIS C 202 48.07 -11.51 19.31
CA HIS C 202 49.41 -12.00 19.62
C HIS C 202 49.32 -13.24 20.47
N THR C 203 49.89 -14.34 19.99
CA THR C 203 49.95 -15.58 20.75
C THR C 203 51.38 -15.79 21.24
N PRO C 204 51.63 -15.76 22.54
CA PRO C 204 52.98 -15.90 23.05
C PRO C 204 53.35 -17.37 23.25
N ILE C 205 54.58 -17.58 23.74
CA ILE C 205 55.19 -18.87 24.06
C ILE C 205 54.76 -19.96 23.08
N LEU C 206 54.80 -19.65 21.78
CA LEU C 206 54.44 -20.63 20.77
C LEU C 206 55.53 -21.68 20.66
N VAL C 207 55.15 -22.95 20.75
CA VAL C 207 56.09 -24.06 20.70
C VAL C 207 56.09 -24.75 19.34
N ARG C 208 55.60 -24.08 18.30
CA ARG C 208 55.66 -24.60 16.94
C ARG C 208 56.93 -24.12 16.24
N GLU C 209 58.05 -24.58 16.78
CA GLU C 209 59.35 -24.06 16.34
C GLU C 209 59.70 -24.35 14.89
N PRO C 210 59.65 -25.60 14.38
CA PRO C 210 60.41 -25.92 13.15
C PRO C 210 60.07 -25.08 11.93
N GLU C 211 58.84 -25.20 11.39
CA GLU C 211 58.44 -24.28 10.33
C GLU C 211 57.00 -23.81 10.46
N ASP C 212 56.09 -24.71 10.86
CA ASP C 212 54.69 -24.55 10.51
C ASP C 212 53.90 -23.84 11.60
N LEU C 213 52.81 -23.20 11.19
CA LEU C 213 51.90 -22.56 12.13
C LEU C 213 51.07 -23.63 12.86
N PRO C 214 50.63 -23.33 14.08
CA PRO C 214 49.86 -24.32 14.84
C PRO C 214 48.46 -24.50 14.27
N GLN C 215 47.86 -25.63 14.64
CA GLN C 215 46.46 -25.92 14.31
C GLN C 215 45.53 -25.38 15.38
N GLY C 216 45.68 -24.08 15.69
CA GLY C 216 44.88 -23.43 16.70
C GLY C 216 43.71 -22.65 16.13
N PHE C 217 43.10 -21.86 17.00
CA PHE C 217 41.96 -21.03 16.63
C PHE C 217 41.85 -19.86 17.59
N SER C 218 41.85 -18.65 17.04
CA SER C 218 41.65 -17.44 17.84
C SER C 218 41.21 -16.32 16.92
N ALA C 219 40.61 -15.30 17.51
CA ALA C 219 40.11 -14.14 16.79
C ALA C 219 41.10 -13.00 16.90
N LEU C 220 40.87 -11.96 16.09
CA LEU C 220 41.72 -10.79 16.05
C LEU C 220 40.91 -9.56 16.46
N GLU C 221 41.24 -8.99 17.62
CA GLU C 221 40.52 -7.85 18.15
C GLU C 221 40.80 -6.60 17.31
N PRO C 222 39.84 -5.68 17.24
CA PRO C 222 40.06 -4.43 16.50
C PRO C 222 40.99 -3.50 17.27
N LEU C 223 41.96 -2.92 16.56
CA LEU C 223 42.93 -2.00 17.18
C LEU C 223 42.81 -0.58 16.64
N VAL C 224 42.93 -0.36 15.34
CA VAL C 224 43.11 1.00 14.81
C VAL C 224 42.22 1.20 13.59
N ASP C 225 41.72 2.43 13.43
CA ASP C 225 41.03 2.85 12.22
C ASP C 225 41.42 4.29 11.91
N LEU C 226 41.70 4.57 10.64
CA LEU C 226 42.12 5.90 10.23
C LEU C 226 41.72 6.17 8.78
N PRO C 227 41.34 7.42 8.46
CA PRO C 227 40.96 7.78 7.07
C PRO C 227 42.13 8.23 6.18
N ILE C 228 42.89 7.25 5.69
CA ILE C 228 44.03 7.57 4.84
C ILE C 228 43.58 8.06 3.46
N GLY C 229 42.63 7.36 2.84
CA GLY C 229 42.04 7.78 1.59
C GLY C 229 42.96 7.98 0.41
N ILE C 230 43.88 7.05 0.15
CA ILE C 230 44.74 7.13 -1.02
C ILE C 230 44.76 5.77 -1.73
N ASN C 231 45.11 5.81 -3.01
CA ASN C 231 45.13 4.61 -3.84
C ASN C 231 46.25 3.68 -3.37
N ILE C 232 45.87 2.49 -2.90
CA ILE C 232 46.83 1.48 -2.45
C ILE C 232 46.57 0.20 -3.23
N THR C 233 47.63 -0.32 -3.86
CA THR C 233 47.55 -1.60 -4.56
C THR C 233 48.75 -2.49 -4.31
N ARG C 234 49.80 -2.00 -3.66
CA ARG C 234 51.01 -2.77 -3.43
C ARG C 234 51.53 -2.44 -2.03
N PHE C 235 52.25 -3.39 -1.43
CA PHE C 235 52.76 -3.18 -0.10
C PHE C 235 54.01 -4.03 0.13
N GLN C 236 54.78 -3.63 1.14
CA GLN C 236 56.01 -4.33 1.49
C GLN C 236 56.24 -4.18 2.99
N THR C 237 57.02 -5.10 3.55
CA THR C 237 57.35 -5.07 4.95
C THR C 237 58.56 -4.14 5.20
N LEU C 238 58.99 -4.09 6.46
CA LEU C 238 60.12 -3.29 6.87
C LEU C 238 60.89 -4.01 7.96
N LEU C 239 62.19 -4.18 7.75
CA LEU C 239 63.05 -4.89 8.68
C LEU C 239 63.90 -3.91 9.47
N ALA C 240 64.40 -4.36 10.60
CA ALA C 240 65.26 -3.53 11.45
C ALA C 240 66.19 -4.40 12.29
N SER C 251 78.73 0.22 6.42
CA SER C 251 78.46 -1.01 7.17
C SER C 251 77.45 -1.89 6.45
N SER C 252 77.08 -1.48 5.24
CA SER C 252 76.14 -2.27 4.45
C SER C 252 76.73 -3.62 4.06
N SER C 253 78.02 -3.65 3.72
CA SER C 253 78.70 -4.87 3.34
C SER C 253 79.21 -5.58 4.59
N GLY C 254 78.71 -6.80 4.83
CA GLY C 254 79.10 -7.57 5.98
C GLY C 254 78.07 -7.56 7.09
N TRP C 255 77.29 -8.62 7.18
CA TRP C 255 76.26 -8.74 8.21
C TRP C 255 75.88 -10.20 8.38
N THR C 256 75.36 -10.51 9.56
CA THR C 256 74.87 -11.86 9.90
C THR C 256 73.51 -11.69 10.57
N ALA C 257 72.44 -11.79 9.78
CA ALA C 257 71.09 -11.61 10.30
C ALA C 257 70.55 -12.92 10.85
N GLY C 258 69.64 -12.79 11.82
CA GLY C 258 69.02 -13.95 12.41
C GLY C 258 67.84 -14.45 11.61
N ALA C 259 67.33 -15.62 12.02
CA ALA C 259 66.18 -16.23 11.37
C ALA C 259 64.90 -15.46 11.67
N ALA C 260 63.98 -15.47 10.71
CA ALA C 260 62.68 -14.84 10.86
C ALA C 260 61.72 -15.35 9.81
N ALA C 261 60.55 -15.84 10.23
CA ALA C 261 59.60 -16.46 9.32
C ALA C 261 58.25 -15.74 9.42
N TYR C 262 57.60 -15.57 8.28
CA TYR C 262 56.28 -14.93 8.28
C TYR C 262 55.46 -15.43 7.10
N TYR C 263 54.15 -15.22 7.22
CA TYR C 263 53.13 -15.71 6.31
C TYR C 263 52.33 -14.52 5.81
N VAL C 264 51.96 -14.54 4.53
CA VAL C 264 51.13 -13.51 3.93
C VAL C 264 49.95 -14.16 3.24
N GLY C 265 48.73 -13.75 3.59
CA GLY C 265 47.54 -14.28 2.97
C GLY C 265 46.65 -13.17 2.48
N TYR C 266 45.90 -13.47 1.43
CA TYR C 266 45.09 -12.47 0.72
C TYR C 266 43.62 -12.70 1.05
N LEU C 267 43.02 -11.74 1.76
CA LEU C 267 41.61 -11.83 2.08
C LEU C 267 40.76 -11.62 0.83
N GLN C 268 39.50 -12.00 0.94
CA GLN C 268 38.53 -11.81 -0.13
C GLN C 268 37.13 -11.92 0.46
N PRO C 269 36.10 -11.46 -0.24
CA PRO C 269 34.75 -11.51 0.33
C PRO C 269 34.25 -12.93 0.47
N ARG C 270 33.70 -13.25 1.64
CA ARG C 270 33.11 -14.55 1.90
C ARG C 270 32.11 -14.41 3.04
N THR C 271 31.24 -15.41 3.15
CA THR C 271 30.24 -15.48 4.21
C THR C 271 30.60 -16.61 5.16
N PHE C 272 30.58 -16.32 6.46
CA PHE C 272 30.98 -17.25 7.50
C PHE C 272 29.89 -17.36 8.55
N LEU C 273 29.96 -18.43 9.34
CA LEU C 273 29.14 -18.57 10.53
C LEU C 273 30.05 -18.69 11.74
N LEU C 274 29.78 -17.89 12.76
CA LEU C 274 30.64 -17.77 13.93
C LEU C 274 29.89 -18.24 15.16
N LYS C 275 30.55 -19.04 16.00
CA LYS C 275 29.97 -19.56 17.22
C LYS C 275 30.58 -18.84 18.41
N TYR C 276 29.76 -18.07 19.12
CA TYR C 276 30.19 -17.36 20.32
C TYR C 276 29.98 -18.24 21.55
N ASN C 277 30.95 -18.24 22.44
CA ASN C 277 30.83 -18.99 23.69
C ASN C 277 30.10 -18.16 24.73
N GLU C 278 29.96 -18.72 25.93
CA GLU C 278 29.30 -17.99 27.01
C GLU C 278 30.12 -16.76 27.41
N ASN C 279 31.44 -16.86 27.34
CA ASN C 279 32.30 -15.73 27.69
C ASN C 279 32.17 -14.59 26.69
N GLY C 280 31.68 -14.85 25.48
CA GLY C 280 31.55 -13.83 24.47
C GLY C 280 32.66 -13.80 23.44
N THR C 281 33.56 -14.77 23.45
CA THR C 281 34.65 -14.85 22.48
C THR C 281 34.39 -15.99 21.51
N ILE C 282 34.83 -15.81 20.27
CA ILE C 282 34.61 -16.82 19.24
C ILE C 282 35.36 -18.09 19.58
N THR C 283 34.66 -19.23 19.57
CA THR C 283 35.28 -20.51 19.80
C THR C 283 35.39 -21.38 18.57
N ASP C 284 34.58 -21.12 17.53
CA ASP C 284 34.69 -21.86 16.28
C ASP C 284 34.02 -21.06 15.17
N ALA C 285 34.40 -21.38 13.94
CA ALA C 285 33.82 -20.77 12.75
C ALA C 285 33.68 -21.84 11.68
N VAL C 286 32.74 -21.61 10.78
CA VAL C 286 32.52 -22.53 9.66
C VAL C 286 32.30 -21.71 8.39
N ASP C 287 32.94 -22.15 7.30
CA ASP C 287 32.79 -21.53 6.00
C ASP C 287 31.49 -21.99 5.36
N CYS C 288 30.94 -21.14 4.49
CA CYS C 288 29.77 -21.48 3.70
C CYS C 288 30.11 -21.68 2.23
N ALA C 289 31.38 -21.62 1.87
CA ALA C 289 31.76 -21.83 0.47
C ALA C 289 33.04 -22.66 0.33
N LEU C 290 33.33 -23.55 1.27
CA LEU C 290 34.50 -24.43 1.18
C LEU C 290 34.12 -25.81 0.65
N ASP C 291 33.22 -26.50 1.34
CA ASP C 291 32.79 -27.83 0.97
C ASP C 291 31.27 -27.91 1.12
N PRO C 292 30.61 -28.76 0.33
CA PRO C 292 29.16 -28.92 0.50
C PRO C 292 28.77 -29.36 1.90
N LEU C 293 29.64 -30.11 2.60
CA LEU C 293 29.38 -30.39 4.01
C LEU C 293 29.42 -29.11 4.82
N SER C 294 30.44 -28.28 4.60
CA SER C 294 30.51 -27.00 5.28
C SER C 294 29.34 -26.10 4.89
N GLU C 295 28.97 -26.11 3.61
CA GLU C 295 27.87 -25.27 3.16
C GLU C 295 26.55 -25.69 3.79
N THR C 296 26.29 -27.01 3.87
CA THR C 296 25.07 -27.46 4.52
C THR C 296 25.11 -27.28 6.03
N LYS C 297 26.31 -27.26 6.62
CA LYS C 297 26.43 -26.79 8.00
C LYS C 297 25.98 -25.34 8.11
N CYS C 298 26.41 -24.51 7.17
CA CYS C 298 26.07 -23.09 7.19
C CYS C 298 24.57 -22.87 7.01
N THR C 299 23.93 -23.66 6.15
CA THR C 299 22.53 -23.43 5.82
C THR C 299 21.57 -23.92 6.89
N LEU C 300 22.07 -24.62 7.91
CA LEU C 300 21.21 -25.13 8.98
C LEU C 300 21.53 -24.54 10.34
N LYS C 301 22.48 -23.60 10.43
CA LYS C 301 22.89 -23.00 11.70
C LYS C 301 23.29 -24.06 12.71
N SER C 302 24.09 -25.02 12.27
CA SER C 302 24.56 -26.09 13.15
C SER C 302 25.97 -26.49 12.73
N PHE C 303 26.71 -27.07 13.68
CA PHE C 303 28.02 -27.63 13.40
C PHE C 303 28.00 -29.15 13.27
N THR C 304 26.95 -29.80 13.76
CA THR C 304 26.72 -31.22 13.54
C THR C 304 25.38 -31.38 12.85
N VAL C 305 25.37 -32.07 11.72
CA VAL C 305 24.16 -32.32 10.96
C VAL C 305 23.89 -33.82 10.95
N GLU C 306 22.64 -34.20 11.13
CA GLU C 306 22.26 -35.60 11.24
C GLU C 306 22.15 -36.24 9.86
N LYS C 307 22.11 -37.57 9.86
CA LYS C 307 22.01 -38.33 8.62
C LYS C 307 20.75 -37.96 7.86
N GLY C 308 20.89 -37.75 6.55
CA GLY C 308 19.76 -37.44 5.72
C GLY C 308 20.18 -36.53 4.57
N ILE C 309 19.24 -36.34 3.65
CA ILE C 309 19.43 -35.49 2.48
C ILE C 309 18.97 -34.07 2.81
N TYR C 310 19.67 -33.09 2.24
CA TYR C 310 19.34 -31.69 2.46
C TYR C 310 19.44 -30.92 1.16
N GLN C 311 18.57 -29.92 1.00
CA GLN C 311 18.61 -29.01 -0.13
C GLN C 311 19.40 -27.76 0.26
N THR C 312 20.15 -27.22 -0.69
CA THR C 312 21.07 -26.12 -0.43
C THR C 312 20.90 -25.08 -1.53
N SER C 313 21.86 -24.15 -1.59
CA SER C 313 21.82 -23.10 -2.60
C SER C 313 21.92 -23.69 -4.00
N ASN C 314 21.58 -22.88 -5.00
CA ASN C 314 21.38 -23.37 -6.35
C ASN C 314 22.71 -23.56 -7.06
N PHE C 315 22.61 -23.85 -8.36
CA PHE C 315 23.75 -24.14 -9.23
C PHE C 315 23.62 -23.27 -10.47
N ARG C 316 24.26 -22.10 -10.45
CA ARG C 316 24.14 -21.12 -11.52
C ARG C 316 25.40 -21.10 -12.37
N VAL C 317 25.23 -20.75 -13.63
CA VAL C 317 26.34 -20.59 -14.57
C VAL C 317 26.50 -19.09 -14.81
N GLN C 318 27.61 -18.53 -14.33
CA GLN C 318 27.84 -17.10 -14.44
C GLN C 318 28.06 -16.71 -15.90
N PRO C 319 27.58 -15.53 -16.30
CA PRO C 319 27.89 -15.02 -17.64
C PRO C 319 29.38 -14.78 -17.80
N THR C 320 29.88 -15.05 -19.01
CA THR C 320 31.31 -14.94 -19.27
C THR C 320 31.70 -13.56 -19.82
N GLU C 321 30.81 -12.90 -20.54
CA GLU C 321 31.12 -11.61 -21.12
C GLU C 321 29.83 -10.85 -21.38
N SER C 322 29.96 -9.53 -21.57
CA SER C 322 28.76 -8.68 -21.81
C SER C 322 28.79 -8.16 -23.24
N ILE C 323 27.74 -8.43 -24.02
CA ILE C 323 27.71 -8.00 -25.45
C ILE C 323 26.54 -7.04 -25.66
N VAL C 324 26.80 -5.90 -26.31
CA VAL C 324 25.73 -4.86 -26.52
C VAL C 324 25.50 -4.72 -28.03
N ARG C 325 24.23 -4.69 -28.45
CA ARG C 325 23.94 -4.45 -29.89
C ARG C 325 23.05 -3.23 -30.05
N PHE C 326 23.44 -2.29 -30.92
CA PHE C 326 22.62 -1.08 -31.20
C PHE C 326 22.58 -0.87 -32.72
N PRO C 327 21.50 -0.32 -33.30
CA PRO C 327 21.45 -0.06 -34.75
C PRO C 327 22.69 0.72 -35.21
N ASN C 328 23.36 0.25 -36.26
CA ASN C 328 24.57 0.91 -36.71
C ASN C 328 24.23 2.23 -37.40
N ILE C 329 24.04 3.28 -36.60
CA ILE C 329 23.81 4.62 -37.12
C ILE C 329 24.56 5.61 -36.23
N THR C 330 25.12 6.65 -36.83
CA THR C 330 25.71 7.73 -36.06
C THR C 330 24.70 8.85 -35.85
N ASN C 331 24.25 9.47 -36.94
CA ASN C 331 23.05 10.31 -37.01
C ASN C 331 22.88 11.18 -35.76
N LEU C 332 23.83 12.09 -35.57
CA LEU C 332 23.76 13.01 -34.45
C LEU C 332 22.51 13.90 -34.58
N CYS C 333 21.56 13.71 -33.66
CA CYS C 333 20.31 14.46 -33.74
C CYS C 333 20.58 15.95 -33.48
N PRO C 334 19.93 16.84 -34.22
CA PRO C 334 20.15 18.28 -34.05
C PRO C 334 19.40 18.87 -32.86
N PHE C 335 19.78 18.41 -31.65
CA PHE C 335 19.14 18.91 -30.44
C PHE C 335 19.45 20.38 -30.19
N ASP C 336 20.57 20.89 -30.73
CA ASP C 336 20.92 22.29 -30.49
C ASP C 336 19.91 23.23 -31.12
N GLU C 337 19.41 22.89 -32.31
CA GLU C 337 18.39 23.72 -32.96
C GLU C 337 17.11 23.78 -32.15
N VAL C 338 16.81 22.73 -31.38
CA VAL C 338 15.65 22.75 -30.51
C VAL C 338 15.87 23.72 -29.36
N PHE C 339 17.10 23.79 -28.83
CA PHE C 339 17.39 24.55 -27.63
C PHE C 339 17.95 25.94 -27.93
N ASN C 340 18.91 26.04 -28.85
CA ASN C 340 19.49 27.32 -29.22
C ASN C 340 18.69 28.05 -30.29
N ALA C 341 17.42 27.72 -30.46
CA ALA C 341 16.59 28.38 -31.45
C ALA C 341 16.41 29.86 -31.08
N THR C 342 16.40 30.71 -32.11
CA THR C 342 16.23 32.14 -31.88
C THR C 342 14.87 32.46 -31.27
N ARG C 343 13.82 31.79 -31.74
CA ARG C 343 12.47 32.09 -31.33
C ARG C 343 11.78 30.84 -30.80
N PHE C 344 11.02 31.02 -29.72
CA PHE C 344 10.16 29.98 -29.16
C PHE C 344 8.71 30.44 -29.26
N ALA C 345 7.84 29.52 -29.64
CA ALA C 345 6.42 29.83 -29.72
C ALA C 345 5.82 29.99 -28.33
N SER C 346 4.68 30.66 -28.28
CA SER C 346 4.01 30.89 -27.00
C SER C 346 3.44 29.59 -26.46
N VAL C 347 3.12 29.61 -25.16
CA VAL C 347 2.64 28.40 -24.49
C VAL C 347 1.30 27.95 -25.08
N TYR C 348 0.39 28.89 -25.35
CA TYR C 348 -0.88 28.54 -25.96
C TYR C 348 -0.70 28.05 -27.39
N ALA C 349 0.43 28.33 -28.02
CA ALA C 349 0.75 27.90 -29.37
C ALA C 349 2.04 27.09 -29.37
N TRP C 350 2.18 26.23 -28.36
CA TRP C 350 3.42 25.48 -28.17
C TRP C 350 3.72 24.61 -29.38
N ASN C 351 4.96 24.68 -29.86
CA ASN C 351 5.37 23.93 -31.03
C ASN C 351 5.76 22.50 -30.65
N ARG C 352 6.07 21.71 -31.68
CA ARG C 352 6.42 20.31 -31.48
C ARG C 352 7.26 19.85 -32.66
N LYS C 353 8.41 19.24 -32.37
CA LYS C 353 9.34 18.76 -33.38
C LYS C 353 9.51 17.25 -33.23
N ARG C 354 9.57 16.57 -34.37
CA ARG C 354 9.69 15.11 -34.40
C ARG C 354 11.16 14.73 -34.56
N ILE C 355 11.62 13.84 -33.68
CA ILE C 355 13.00 13.34 -33.71
C ILE C 355 12.93 11.83 -33.87
N SER C 356 13.57 11.31 -34.92
CA SER C 356 13.51 9.88 -35.17
C SER C 356 14.69 9.47 -36.04
N ASN C 357 15.00 8.17 -36.01
CA ASN C 357 16.02 7.57 -36.86
C ASN C 357 17.37 8.24 -36.67
N CYS C 358 17.69 8.62 -35.44
CA CYS C 358 18.96 9.27 -35.16
C CYS C 358 19.38 8.98 -33.72
N VAL C 359 20.67 9.13 -33.47
CA VAL C 359 21.25 8.89 -32.15
C VAL C 359 21.57 10.24 -31.52
N ALA C 360 21.00 10.51 -30.36
CA ALA C 360 21.15 11.78 -29.68
C ALA C 360 22.08 11.63 -28.48
N ASP C 361 23.02 12.56 -28.34
CA ASP C 361 23.93 12.60 -27.20
C ASP C 361 23.47 13.71 -26.26
N TYR C 362 23.23 13.36 -25.00
CA TYR C 362 22.82 14.33 -23.99
C TYR C 362 23.99 15.06 -23.36
N SER C 363 25.23 14.63 -23.65
CA SER C 363 26.39 15.35 -23.14
C SER C 363 26.44 16.78 -23.66
N VAL C 364 26.14 16.96 -24.95
CA VAL C 364 26.10 18.30 -25.54
C VAL C 364 24.94 19.13 -25.01
N LEU C 365 24.08 18.54 -24.18
CA LEU C 365 22.97 19.26 -23.57
C LEU C 365 23.32 19.70 -22.15
N TYR C 366 23.84 18.76 -21.33
CA TYR C 366 24.11 19.05 -19.92
C TYR C 366 25.16 20.14 -19.76
N ASN C 367 25.95 20.39 -20.80
CA ASN C 367 27.02 21.38 -20.72
C ASN C 367 26.51 22.80 -20.50
N LEU C 368 25.22 23.04 -20.73
CA LEU C 368 24.67 24.38 -20.56
C LEU C 368 24.72 24.79 -19.10
N ALA C 369 25.37 25.93 -18.84
CA ALA C 369 25.55 26.39 -17.46
C ALA C 369 24.25 26.71 -16.74
N PRO C 370 23.29 27.47 -17.31
CA PRO C 370 22.21 28.01 -16.48
C PRO C 370 21.10 27.02 -16.17
N PHE C 371 21.34 25.73 -16.35
CA PHE C 371 20.37 24.72 -15.91
C PHE C 371 20.11 24.85 -14.41
N PHE C 372 18.88 25.24 -14.07
CA PHE C 372 18.48 25.37 -12.67
C PHE C 372 17.38 24.38 -12.29
N THR C 373 16.30 24.33 -13.05
CA THR C 373 15.20 23.41 -12.80
C THR C 373 15.30 22.27 -13.80
N PHE C 374 15.65 21.07 -13.30
CA PHE C 374 15.82 19.91 -14.17
C PHE C 374 15.57 18.67 -13.33
N LYS C 375 14.50 17.93 -13.65
CA LYS C 375 14.17 16.69 -12.98
C LYS C 375 13.48 15.77 -13.98
N CYS C 376 13.47 14.48 -13.68
CA CYS C 376 12.83 13.51 -14.57
C CYS C 376 12.04 12.49 -13.77
N TYR C 377 10.89 12.09 -14.33
CA TYR C 377 9.94 11.22 -13.64
C TYR C 377 10.16 9.76 -13.97
N GLY C 378 9.99 9.38 -15.23
CA GLY C 378 10.10 7.98 -15.62
C GLY C 378 11.51 7.50 -15.90
N VAL C 379 12.48 8.41 -15.90
CA VAL C 379 13.88 8.09 -16.19
C VAL C 379 14.76 8.84 -15.20
N SER C 380 16.06 8.62 -15.31
CA SER C 380 17.06 9.32 -14.53
C SER C 380 18.07 9.97 -15.47
N PRO C 381 18.42 11.24 -15.22
CA PRO C 381 19.33 11.94 -16.14
C PRO C 381 20.68 11.26 -16.28
N THR C 382 21.18 10.61 -15.24
CA THR C 382 22.48 9.95 -15.31
C THR C 382 22.48 8.75 -16.25
N LYS C 383 21.31 8.16 -16.52
CA LYS C 383 21.22 6.95 -17.33
C LYS C 383 20.49 7.21 -18.65
N LEU C 384 20.56 8.44 -19.16
CA LEU C 384 19.94 8.78 -20.43
C LEU C 384 20.87 8.60 -21.62
N ASN C 385 22.15 8.29 -21.38
CA ASN C 385 23.11 8.07 -22.46
C ASN C 385 23.20 6.60 -22.87
N ASP C 386 22.45 5.71 -22.23
CA ASP C 386 22.49 4.29 -22.54
C ASP C 386 21.08 3.72 -22.62
N LEU C 387 20.16 4.46 -23.24
CA LEU C 387 18.79 4.03 -23.39
C LEU C 387 18.34 4.23 -24.84
N CYS C 388 17.37 3.44 -25.26
CA CYS C 388 16.81 3.52 -26.60
C CYS C 388 15.34 3.88 -26.51
N PHE C 389 14.88 4.64 -27.51
CA PHE C 389 13.49 5.08 -27.57
C PHE C 389 12.91 4.77 -28.95
N THR C 390 11.66 4.32 -28.96
CA THR C 390 10.98 4.11 -30.23
C THR C 390 10.78 5.41 -30.99
N ASN C 391 10.38 6.46 -30.29
CA ASN C 391 10.15 7.76 -30.90
C ASN C 391 10.28 8.84 -29.83
N VAL C 392 10.98 9.92 -30.17
CA VAL C 392 11.16 11.06 -29.28
C VAL C 392 10.69 12.31 -29.99
N TYR C 393 9.83 13.08 -29.32
CA TYR C 393 9.41 14.38 -29.84
C TYR C 393 9.39 15.39 -28.71
N ALA C 394 10.02 16.53 -28.95
CA ALA C 394 10.23 17.56 -27.93
C ALA C 394 9.28 18.71 -28.14
N ASP C 395 8.77 19.25 -27.04
CA ASP C 395 7.85 20.38 -27.05
C ASP C 395 8.47 21.52 -26.26
N SER C 396 8.42 22.73 -26.82
CA SER C 396 9.05 23.89 -26.21
C SER C 396 8.09 25.06 -26.20
N PHE C 397 8.21 25.91 -25.17
CA PHE C 397 7.43 27.14 -25.05
C PHE C 397 8.09 28.00 -23.99
N VAL C 398 7.62 29.25 -23.91
CA VAL C 398 8.13 30.22 -22.95
C VAL C 398 7.03 30.52 -21.94
N ILE C 399 7.36 30.39 -20.65
CA ILE C 399 6.40 30.66 -19.57
C ILE C 399 7.07 31.58 -18.56
N ARG C 400 6.23 32.21 -17.74
CA ARG C 400 6.74 32.99 -16.63
C ARG C 400 7.27 32.07 -15.54
N GLY C 401 8.15 32.64 -14.69
CA GLY C 401 8.74 31.86 -13.63
C GLY C 401 7.76 31.38 -12.58
N ASP C 402 6.59 32.01 -12.48
CA ASP C 402 5.60 31.63 -11.49
C ASP C 402 4.88 30.34 -11.82
N GLU C 403 5.03 29.81 -13.03
CA GLU C 403 4.33 28.58 -13.43
C GLU C 403 5.29 27.49 -13.88
N VAL C 404 6.54 27.52 -13.40
CA VAL C 404 7.49 26.47 -13.74
C VAL C 404 7.01 25.13 -13.17
N ARG C 405 6.54 25.14 -11.93
CA ARG C 405 6.05 23.90 -11.31
C ARG C 405 4.80 23.36 -11.99
N GLN C 406 4.05 24.21 -12.69
CA GLN C 406 2.84 23.76 -13.37
C GLN C 406 3.11 22.80 -14.52
N ILE C 407 4.36 22.73 -14.99
CA ILE C 407 4.69 21.77 -16.04
C ILE C 407 4.58 20.34 -15.52
N ALA C 408 4.71 20.15 -14.21
CA ALA C 408 4.64 18.81 -13.64
C ALA C 408 3.24 18.23 -13.86
N PRO C 409 3.13 16.92 -14.11
CA PRO C 409 1.81 16.31 -14.25
C PRO C 409 1.04 16.37 -12.94
N GLY C 410 -0.29 16.50 -13.07
CA GLY C 410 -1.15 16.60 -11.92
C GLY C 410 -1.27 17.98 -11.32
N GLN C 411 -0.59 18.97 -11.88
CA GLN C 411 -0.69 20.34 -11.38
C GLN C 411 -1.89 21.04 -12.01
N THR C 412 -2.61 21.79 -11.19
CA THR C 412 -3.80 22.51 -11.61
C THR C 412 -3.54 24.01 -11.56
N GLY C 413 -3.93 24.69 -12.63
CA GLY C 413 -3.73 26.13 -12.70
C GLY C 413 -4.25 26.68 -14.00
N ASN C 414 -4.11 27.99 -14.15
CA ASN C 414 -4.58 28.65 -15.37
C ASN C 414 -3.84 28.14 -16.59
N ILE C 415 -2.53 27.99 -16.49
CA ILE C 415 -1.73 27.54 -17.62
C ILE C 415 -1.70 26.02 -17.73
N ALA C 416 -1.66 25.31 -16.60
CA ALA C 416 -1.57 23.86 -16.61
C ALA C 416 -2.87 23.20 -17.08
N ASP C 417 -3.99 23.91 -17.06
CA ASP C 417 -5.26 23.34 -17.49
C ASP C 417 -5.79 23.93 -18.79
N TYR C 418 -5.29 25.11 -19.20
CA TYR C 418 -5.80 25.77 -20.40
C TYR C 418 -4.76 25.91 -21.51
N ASN C 419 -3.48 25.71 -21.22
CA ASN C 419 -2.44 25.90 -22.22
C ASN C 419 -1.67 24.62 -22.52
N TYR C 420 -1.12 23.96 -21.50
CA TYR C 420 -0.27 22.79 -21.71
C TYR C 420 -0.36 21.89 -20.50
N LYS C 421 -0.90 20.70 -20.69
CA LYS C 421 -1.04 19.73 -19.61
C LYS C 421 -0.34 18.43 -19.98
N LEU C 422 0.37 17.87 -19.02
CA LEU C 422 1.05 16.60 -19.20
C LEU C 422 0.17 15.45 -18.72
N PRO C 423 0.29 14.28 -19.33
CA PRO C 423 -0.50 13.13 -18.88
C PRO C 423 -0.08 12.67 -17.50
N ASP C 424 -0.99 11.99 -16.81
CA ASP C 424 -0.72 11.53 -15.46
C ASP C 424 0.47 10.57 -15.44
N ASP C 425 0.47 9.57 -16.31
CA ASP C 425 1.59 8.64 -16.43
C ASP C 425 2.57 9.11 -17.50
N PHE C 426 3.02 10.35 -17.32
CA PHE C 426 3.90 10.99 -18.28
C PHE C 426 5.23 10.27 -18.35
N THR C 427 5.71 10.02 -19.56
CA THR C 427 7.02 9.41 -19.80
C THR C 427 7.93 10.42 -20.45
N GLY C 428 9.14 10.55 -19.93
CA GLY C 428 10.05 11.61 -20.29
C GLY C 428 10.18 12.63 -19.18
N CYS C 429 10.71 13.79 -19.55
CA CYS C 429 10.90 14.87 -18.57
C CYS C 429 11.19 16.17 -19.30
N VAL C 430 11.35 17.24 -18.52
CA VAL C 430 11.41 18.60 -19.03
C VAL C 430 12.74 19.23 -18.63
N ILE C 431 13.09 20.31 -19.34
CA ILE C 431 14.26 21.11 -19.05
C ILE C 431 13.82 22.57 -19.02
N ALA C 432 14.09 23.26 -17.92
CA ALA C 432 13.68 24.64 -17.77
C ALA C 432 14.81 25.46 -17.18
N TRP C 433 14.90 26.73 -17.59
CA TRP C 433 15.90 27.64 -17.06
C TRP C 433 15.44 29.06 -17.29
N ASN C 434 16.06 29.98 -16.56
CA ASN C 434 15.72 31.41 -16.65
C ASN C 434 16.52 32.04 -17.79
N SER C 435 15.92 32.12 -18.96
CA SER C 435 16.54 32.70 -20.14
C SER C 435 16.15 34.18 -20.21
N ASN C 436 16.53 34.93 -19.19
CA ASN C 436 16.24 36.35 -19.13
C ASN C 436 17.04 37.18 -20.14
N LYS C 437 18.24 36.72 -20.51
CA LYS C 437 19.09 37.51 -21.39
C LYS C 437 18.46 37.70 -22.77
N LEU C 438 17.87 36.65 -23.33
CA LEU C 438 17.40 36.70 -24.71
C LEU C 438 15.92 37.07 -24.79
N ASP C 439 15.05 36.31 -24.13
CA ASP C 439 13.62 36.53 -24.26
C ASP C 439 13.21 37.91 -23.74
N SER C 440 13.74 38.31 -22.59
CA SER C 440 13.42 39.61 -22.04
C SER C 440 14.26 40.70 -22.68
N LYS C 441 13.62 41.79 -23.06
CA LYS C 441 14.29 42.94 -23.64
C LYS C 441 13.84 44.21 -22.92
N VAL C 442 14.61 45.28 -23.12
CA VAL C 442 14.39 46.51 -22.36
C VAL C 442 13.01 47.08 -22.62
N SER C 443 12.52 46.99 -23.86
CA SER C 443 11.26 47.60 -24.20
C SER C 443 10.05 46.85 -23.67
N GLY C 444 10.24 45.57 -23.35
CA GLY C 444 9.16 44.77 -22.79
C GLY C 444 8.48 43.87 -23.80
N ASN C 445 8.82 42.58 -23.78
CA ASN C 445 8.28 41.64 -24.74
C ASN C 445 6.83 41.29 -24.41
N TYR C 446 6.02 41.10 -25.46
CA TYR C 446 4.62 40.72 -25.31
C TYR C 446 4.21 39.65 -26.33
N ASN C 447 5.18 39.03 -27.00
CA ASN C 447 4.86 38.05 -28.04
C ASN C 447 4.25 36.78 -27.47
N TYR C 448 4.66 36.37 -26.26
CA TYR C 448 4.18 35.15 -25.65
C TYR C 448 2.83 35.42 -24.97
N LEU C 449 1.85 34.57 -25.26
CA LEU C 449 0.50 34.71 -24.72
C LEU C 449 0.05 33.42 -24.09
N TYR C 450 -0.95 33.52 -23.21
CA TYR C 450 -1.49 32.38 -22.50
C TYR C 450 -2.98 32.60 -22.25
N ARG C 451 -3.77 31.54 -22.41
CA ARG C 451 -5.21 31.65 -22.24
C ARG C 451 -5.58 31.87 -20.79
N LEU C 452 -6.69 32.56 -20.56
CA LEU C 452 -7.26 32.75 -19.23
C LEU C 452 -8.67 32.17 -19.11
N PHE C 453 -9.50 32.34 -20.13
CA PHE C 453 -10.85 31.83 -20.15
C PHE C 453 -10.96 30.68 -21.14
N ARG C 454 -11.72 29.65 -20.77
CA ARG C 454 -11.95 28.52 -21.66
C ARG C 454 -13.25 27.84 -21.24
N LYS C 455 -13.83 27.10 -22.18
CA LYS C 455 -15.08 26.41 -21.89
C LYS C 455 -14.91 25.40 -20.77
N SER C 456 -13.83 24.64 -20.79
CA SER C 456 -13.54 23.64 -19.76
C SER C 456 -12.04 23.31 -19.85
N ASN C 457 -11.65 22.26 -19.13
CA ASN C 457 -10.28 21.79 -19.21
C ASN C 457 -10.02 21.13 -20.57
N LEU C 458 -8.76 20.79 -20.82
CA LEU C 458 -8.34 20.19 -22.07
C LEU C 458 -7.47 18.97 -21.79
N LYS C 459 -7.62 17.95 -22.63
CA LYS C 459 -6.82 16.74 -22.50
C LYS C 459 -5.36 17.06 -22.80
N PRO C 460 -4.43 16.24 -22.30
CA PRO C 460 -3.01 16.51 -22.54
C PRO C 460 -2.69 16.53 -24.03
N PHE C 461 -1.76 17.42 -24.39
CA PHE C 461 -1.32 17.60 -25.78
C PHE C 461 -2.46 18.07 -26.68
N GLU C 462 -3.00 19.24 -26.36
CA GLU C 462 -3.95 19.94 -27.21
C GLU C 462 -3.21 21.00 -28.02
N ARG C 463 -3.34 20.93 -29.34
CA ARG C 463 -2.55 21.74 -30.26
C ARG C 463 -3.45 22.48 -31.23
N ASP C 464 -4.45 23.17 -30.70
CA ASP C 464 -5.37 23.97 -31.51
C ASP C 464 -5.50 25.36 -30.89
N ILE C 465 -5.83 26.35 -31.74
CA ILE C 465 -5.59 27.76 -31.45
C ILE C 465 -6.72 28.62 -32.03
N SER C 466 -7.30 29.48 -31.20
CA SER C 466 -8.43 30.31 -31.60
C SER C 466 -8.28 31.70 -31.01
N THR C 467 -8.68 32.71 -31.81
CA THR C 467 -8.81 34.08 -31.34
C THR C 467 -10.27 34.44 -31.06
N GLU C 468 -11.15 33.45 -31.02
CA GLU C 468 -12.58 33.71 -30.81
C GLU C 468 -12.82 34.28 -29.42
N ILE C 469 -13.77 35.22 -29.33
CA ILE C 469 -14.15 35.79 -28.05
C ILE C 469 -14.81 34.72 -27.19
N TYR C 470 -14.67 34.86 -25.87
CA TYR C 470 -15.24 33.92 -24.92
C TYR C 470 -16.44 34.57 -24.23
N GLN C 471 -17.57 33.86 -24.27
CA GLN C 471 -18.80 34.35 -23.64
C GLN C 471 -18.87 33.82 -22.22
N ALA C 472 -18.79 34.72 -21.24
CA ALA C 472 -18.90 34.36 -19.84
C ALA C 472 -20.26 34.70 -19.25
N GLY C 473 -20.87 35.81 -19.68
CA GLY C 473 -22.19 36.16 -19.21
C GLY C 473 -23.28 35.31 -19.83
N ASN C 474 -24.45 35.34 -19.21
CA ASN C 474 -25.58 34.54 -19.70
C ASN C 474 -26.03 35.01 -21.08
N LYS C 475 -26.07 36.31 -21.30
CA LYS C 475 -26.50 36.83 -22.60
C LYS C 475 -25.41 36.62 -23.63
N PRO C 476 -25.70 35.96 -24.74
CA PRO C 476 -24.67 35.74 -25.77
C PRO C 476 -24.25 37.06 -26.43
N CYS C 477 -23.00 37.10 -26.85
CA CYS C 477 -22.44 38.23 -27.57
C CYS C 477 -21.71 37.74 -28.81
N ASN C 478 -21.55 38.64 -29.78
CA ASN C 478 -20.89 38.30 -31.02
C ASN C 478 -20.15 39.52 -31.55
N GLY C 479 -19.16 39.27 -32.39
CA GLY C 479 -18.36 40.33 -32.97
C GLY C 479 -17.06 40.57 -32.25
N VAL C 480 -17.01 41.61 -31.42
CA VAL C 480 -15.79 41.97 -30.69
C VAL C 480 -16.05 41.88 -29.20
N ALA C 481 -15.03 42.17 -28.40
CA ALA C 481 -15.17 42.13 -26.95
C ALA C 481 -16.15 43.19 -26.48
N GLY C 482 -17.03 42.79 -25.56
CA GLY C 482 -18.02 43.70 -24.99
C GLY C 482 -18.26 43.39 -23.54
N PHE C 483 -19.47 43.67 -23.07
CA PHE C 483 -19.84 43.39 -21.69
C PHE C 483 -20.20 41.91 -21.54
N ASN C 484 -19.91 41.37 -20.37
CA ASN C 484 -20.20 39.97 -19.99
C ASN C 484 -19.43 38.96 -20.82
N CYS C 485 -18.53 39.41 -21.69
CA CYS C 485 -17.70 38.50 -22.48
C CYS C 485 -16.43 39.23 -22.87
N TYR C 486 -15.28 38.65 -22.56
CA TYR C 486 -13.99 39.31 -22.72
C TYR C 486 -13.01 38.37 -23.41
N PHE C 487 -11.92 38.93 -23.90
CA PHE C 487 -10.95 38.15 -24.64
C PHE C 487 -10.25 37.16 -23.70
N PRO C 488 -10.20 35.88 -24.06
CA PRO C 488 -9.62 34.87 -23.17
C PRO C 488 -8.11 34.79 -23.20
N LEU C 489 -7.44 35.62 -24.00
CA LEU C 489 -5.99 35.57 -24.15
C LEU C 489 -5.36 36.80 -23.51
N ARG C 490 -4.29 36.57 -22.74
CA ARG C 490 -3.49 37.64 -22.17
C ARG C 490 -2.04 37.42 -22.54
N SER C 491 -1.28 38.50 -22.57
CA SER C 491 0.12 38.48 -22.98
C SER C 491 1.03 38.69 -21.78
N TYR C 492 2.09 37.89 -21.71
CA TYR C 492 3.12 38.11 -20.71
C TYR C 492 3.77 39.47 -20.88
N SER C 493 3.90 40.18 -19.77
CA SER C 493 4.70 41.42 -19.71
C SER C 493 6.09 41.02 -19.23
N PHE C 494 7.10 41.28 -20.06
CA PHE C 494 8.47 40.84 -19.78
C PHE C 494 9.39 42.05 -19.82
N ARG C 495 9.52 42.72 -18.68
CA ARG C 495 10.44 43.81 -18.47
C ARG C 495 11.73 43.29 -17.84
N PRO C 496 12.88 43.82 -18.23
CA PRO C 496 14.15 43.35 -17.65
C PRO C 496 14.22 43.57 -16.15
N THR C 497 13.56 44.60 -15.62
CA THR C 497 13.57 44.87 -14.19
C THR C 497 12.76 43.87 -13.39
N TYR C 498 11.98 43.01 -14.04
CA TYR C 498 11.19 42.02 -13.31
C TYR C 498 12.11 41.01 -12.64
N GLY C 499 11.69 40.53 -11.48
CA GLY C 499 12.44 39.57 -10.71
C GLY C 499 12.07 38.14 -11.05
N VAL C 500 12.66 37.21 -10.28
CA VAL C 500 12.36 35.80 -10.46
C VAL C 500 10.88 35.55 -10.20
N GLY C 501 10.30 34.64 -10.97
CA GLY C 501 8.87 34.44 -10.99
C GLY C 501 8.14 35.34 -11.96
N HIS C 502 8.79 36.39 -12.47
CA HIS C 502 8.22 37.25 -13.49
C HIS C 502 9.07 37.30 -14.76
N GLN C 503 10.33 36.90 -14.70
CA GLN C 503 11.17 36.87 -15.88
C GLN C 503 10.75 35.72 -16.81
N PRO C 504 10.98 35.87 -18.11
CA PRO C 504 10.67 34.77 -19.04
C PRO C 504 11.55 33.56 -18.77
N TYR C 505 10.98 32.38 -19.03
CA TYR C 505 11.68 31.12 -18.85
C TYR C 505 11.55 30.29 -20.13
N ARG C 506 12.68 29.77 -20.61
CA ARG C 506 12.68 28.88 -21.77
C ARG C 506 12.53 27.46 -21.28
N VAL C 507 11.36 26.86 -21.51
CA VAL C 507 11.04 25.53 -21.02
C VAL C 507 10.82 24.61 -22.21
N VAL C 508 11.46 23.45 -22.16
CA VAL C 508 11.33 22.44 -23.21
C VAL C 508 10.94 21.12 -22.56
N VAL C 509 10.03 20.39 -23.20
CA VAL C 509 9.48 19.15 -22.68
C VAL C 509 9.91 18.01 -23.61
N LEU C 510 10.48 16.97 -23.02
CA LEU C 510 10.84 15.76 -23.75
C LEU C 510 9.85 14.66 -23.37
N SER C 511 9.14 14.14 -24.36
CA SER C 511 8.19 13.06 -24.17
C SER C 511 8.51 11.95 -25.15
N PHE C 512 8.61 10.72 -24.65
CA PHE C 512 8.99 9.59 -25.48
C PHE C 512 8.48 8.30 -24.84
N GLU C 513 8.45 7.24 -25.64
CA GLU C 513 7.95 5.95 -25.23
C GLU C 513 9.09 4.96 -25.11
N LEU C 514 8.99 4.03 -24.15
CA LEU C 514 10.09 3.17 -23.75
C LEU C 514 9.79 1.72 -24.11
N LEU C 515 10.55 1.18 -25.07
CA LEU C 515 10.70 -0.26 -25.28
C LEU C 515 9.36 -0.96 -25.56
N HIS C 516 8.73 -0.57 -26.67
CA HIS C 516 7.60 -1.33 -27.20
C HIS C 516 7.61 -1.45 -28.72
N ALA C 517 8.51 -0.79 -29.42
CA ALA C 517 8.61 -0.83 -30.87
C ALA C 517 10.08 -0.84 -31.24
N PRO C 518 10.42 -1.25 -32.48
CA PRO C 518 11.82 -1.14 -32.92
C PRO C 518 12.35 0.27 -32.76
N ALA C 519 13.34 0.45 -31.89
CA ALA C 519 13.79 1.77 -31.51
C ALA C 519 14.45 2.50 -32.68
N THR C 520 14.30 3.81 -32.68
CA THR C 520 14.94 4.68 -33.67
C THR C 520 15.90 5.68 -33.03
N VAL C 521 15.64 6.08 -31.79
CA VAL C 521 16.55 6.96 -31.05
C VAL C 521 17.21 6.15 -29.95
N CYS C 522 18.54 6.25 -29.87
CA CYS C 522 19.30 5.49 -28.89
C CYS C 522 20.41 6.37 -28.33
N GLY C 523 20.96 5.93 -27.21
CA GLY C 523 22.03 6.65 -26.56
C GLY C 523 23.36 6.50 -27.29
N PRO C 524 24.30 7.38 -27.00
CA PRO C 524 25.63 7.33 -27.66
C PRO C 524 26.52 6.22 -27.11
N LYS C 525 26.29 5.00 -27.59
CA LYS C 525 27.09 3.85 -27.18
C LYS C 525 27.45 3.01 -28.40
N LYS C 526 28.55 2.28 -28.28
CA LYS C 526 29.02 1.42 -29.36
C LYS C 526 28.51 0.01 -29.15
N SER C 527 28.44 -0.74 -30.24
CA SER C 527 27.96 -2.12 -30.24
C SER C 527 29.12 -3.07 -30.46
N THR C 528 29.31 -4.00 -29.52
CA THR C 528 30.36 -5.00 -29.65
C THR C 528 29.91 -6.15 -30.54
N ASN C 529 30.85 -7.04 -30.85
CA ASN C 529 30.55 -8.18 -31.70
C ASN C 529 29.64 -9.16 -30.96
N LEU C 530 28.92 -9.97 -31.74
CA LEU C 530 27.92 -10.86 -31.20
C LEU C 530 28.52 -12.22 -30.88
N VAL C 531 28.15 -12.76 -29.71
CA VAL C 531 28.61 -14.06 -29.25
C VAL C 531 27.41 -15.00 -29.20
N LYS C 532 27.58 -16.20 -29.74
CA LYS C 532 26.50 -17.18 -29.89
C LYS C 532 26.76 -18.40 -29.03
N ASN C 533 25.69 -18.94 -28.43
CA ASN C 533 25.74 -20.16 -27.63
C ASN C 533 26.70 -20.02 -26.44
N LYS C 534 26.52 -18.93 -25.68
CA LYS C 534 27.35 -18.70 -24.51
C LYS C 534 26.59 -17.83 -23.53
N CYS C 535 26.87 -18.02 -22.24
CA CYS C 535 26.26 -17.23 -21.19
C CYS C 535 26.79 -15.81 -21.26
N VAL C 536 25.95 -14.88 -21.73
CA VAL C 536 26.36 -13.50 -21.96
C VAL C 536 25.37 -12.55 -21.32
N ASN C 537 25.82 -11.31 -21.12
CA ASN C 537 24.99 -10.24 -20.59
C ASN C 537 24.58 -9.36 -21.76
N PHE C 538 23.52 -9.77 -22.46
CA PHE C 538 23.05 -9.06 -23.64
C PHE C 538 22.32 -7.77 -23.24
N ASN C 539 22.42 -6.77 -24.10
CA ASN C 539 21.76 -5.48 -23.88
C ASN C 539 21.11 -5.00 -25.18
N PHE C 540 20.38 -5.90 -25.84
CA PHE C 540 19.71 -5.58 -27.09
C PHE C 540 18.79 -4.38 -26.96
N ASN C 541 19.13 -3.27 -27.62
CA ASN C 541 18.34 -2.04 -27.58
C ASN C 541 18.08 -1.58 -26.14
N GLY C 542 19.03 -1.85 -25.26
CA GLY C 542 18.90 -1.50 -23.86
C GLY C 542 18.13 -2.51 -23.03
N LEU C 543 17.58 -3.55 -23.63
CA LEU C 543 16.87 -4.59 -22.89
C LEU C 543 17.90 -5.48 -22.21
N LYS C 544 18.20 -5.15 -20.96
CA LYS C 544 19.23 -5.87 -20.22
C LYS C 544 18.70 -7.22 -19.75
N GLY C 545 19.57 -8.23 -19.81
CA GLY C 545 19.20 -9.57 -19.38
C GLY C 545 20.41 -10.48 -19.40
N THR C 546 20.21 -11.68 -18.88
CA THR C 546 21.26 -12.69 -18.77
C THR C 546 20.77 -14.01 -19.32
N GLY C 547 21.62 -14.70 -20.07
CA GLY C 547 21.28 -15.99 -20.63
C GLY C 547 22.25 -16.36 -21.74
N VAL C 548 21.78 -17.24 -22.61
CA VAL C 548 22.54 -17.66 -23.78
C VAL C 548 21.71 -17.33 -25.02
N LEU C 549 22.39 -17.33 -26.18
CA LEU C 549 21.78 -16.90 -27.43
C LEU C 549 21.86 -18.03 -28.45
N THR C 550 20.74 -18.28 -29.12
CA THR C 550 20.65 -19.26 -30.20
C THR C 550 19.79 -18.66 -31.30
N GLU C 551 19.40 -19.50 -32.26
CA GLU C 551 18.52 -19.10 -33.34
C GLU C 551 17.20 -19.85 -33.24
N SER C 552 16.11 -19.14 -33.54
CA SER C 552 14.77 -19.71 -33.46
C SER C 552 14.10 -19.61 -34.81
N ASN C 553 13.21 -20.57 -35.07
CA ASN C 553 12.49 -20.65 -36.33
C ASN C 553 11.23 -19.79 -36.35
N LYS C 554 10.93 -19.10 -35.25
CA LYS C 554 9.75 -18.25 -35.21
C LYS C 554 9.84 -17.13 -36.22
N LYS C 555 8.76 -16.93 -36.98
CA LYS C 555 8.75 -15.96 -38.07
C LYS C 555 8.29 -14.61 -37.54
N PHE C 556 9.25 -13.75 -37.21
CA PHE C 556 8.95 -12.38 -36.83
C PHE C 556 8.62 -11.59 -38.09
N LEU C 557 7.44 -10.98 -38.11
CA LEU C 557 7.10 -10.06 -39.17
C LEU C 557 7.92 -8.78 -39.01
N PRO C 558 8.11 -8.02 -40.10
CA PRO C 558 9.01 -6.85 -40.03
C PRO C 558 8.73 -5.93 -38.86
N PHE C 559 7.46 -5.71 -38.52
CA PHE C 559 7.13 -4.87 -37.37
C PHE C 559 7.39 -5.57 -36.04
N GLN C 560 7.35 -6.90 -36.01
CA GLN C 560 7.58 -7.66 -34.79
C GLN C 560 9.06 -7.65 -34.45
N GLN C 561 9.38 -7.29 -33.20
CA GLN C 561 10.77 -7.22 -32.79
C GLN C 561 11.01 -7.97 -31.48
N PHE C 562 10.00 -8.04 -30.62
CA PHE C 562 10.13 -8.67 -29.31
C PHE C 562 9.42 -10.01 -29.28
N GLY C 563 10.14 -11.03 -28.81
CA GLY C 563 9.55 -12.31 -28.50
C GLY C 563 9.01 -12.34 -27.08
N ARG C 564 8.02 -13.19 -26.86
CA ARG C 564 7.38 -13.24 -25.55
C ARG C 564 6.69 -14.58 -25.38
N ASP C 565 6.44 -14.94 -24.12
CA ASP C 565 5.71 -16.16 -23.79
C ASP C 565 4.70 -15.85 -22.69
N ILE C 566 4.14 -16.91 -22.08
CA ILE C 566 3.15 -16.74 -21.02
C ILE C 566 3.72 -15.99 -19.81
N ALA C 567 4.97 -16.25 -19.45
CA ALA C 567 5.60 -15.62 -18.30
C ALA C 567 5.87 -14.14 -18.49
N ASP C 568 5.52 -13.56 -19.64
CA ASP C 568 5.77 -12.15 -19.94
C ASP C 568 7.25 -11.81 -19.80
N THR C 569 8.10 -12.70 -20.28
CA THR C 569 9.54 -12.52 -20.26
C THR C 569 10.07 -12.67 -21.68
N THR C 570 10.90 -11.73 -22.10
CA THR C 570 11.44 -11.74 -23.45
C THR C 570 12.30 -12.98 -23.67
N ASP C 571 12.13 -13.61 -24.84
CA ASP C 571 12.88 -14.81 -25.18
C ASP C 571 13.45 -14.77 -26.59
N ALA C 572 13.12 -13.77 -27.40
CA ALA C 572 13.64 -13.67 -28.75
C ALA C 572 13.59 -12.21 -29.18
N VAL C 573 14.68 -11.72 -29.76
CA VAL C 573 14.76 -10.33 -30.21
C VAL C 573 15.34 -10.31 -31.61
N ARG C 574 15.01 -9.25 -32.35
CA ARG C 574 15.60 -8.99 -33.65
C ARG C 574 16.92 -8.25 -33.44
N ASP C 575 18.00 -8.84 -33.93
CA ASP C 575 19.31 -8.22 -33.77
C ASP C 575 19.36 -6.92 -34.56
N PRO C 576 19.87 -5.83 -33.98
CA PRO C 576 19.96 -4.57 -34.74
C PRO C 576 20.80 -4.67 -36.00
N GLN C 577 21.83 -5.52 -36.00
CA GLN C 577 22.70 -5.64 -37.16
C GLN C 577 22.21 -6.69 -38.15
N THR C 578 21.74 -7.83 -37.66
CA THR C 578 21.25 -8.92 -38.50
C THR C 578 19.75 -9.04 -38.36
N LEU C 579 19.05 -9.05 -39.50
CA LEU C 579 17.59 -9.11 -39.49
C LEU C 579 17.07 -10.39 -38.87
N GLU C 580 17.86 -11.46 -38.87
CA GLU C 580 17.41 -12.72 -38.29
C GLU C 580 17.22 -12.60 -36.78
N ILE C 581 16.28 -13.37 -36.27
CA ILE C 581 15.88 -13.28 -34.87
C ILE C 581 16.73 -14.24 -34.03
N LEU C 582 17.25 -13.73 -32.92
CA LEU C 582 17.97 -14.56 -31.97
C LEU C 582 16.99 -15.17 -30.98
N ASP C 583 17.52 -16.02 -30.11
CA ASP C 583 16.73 -16.68 -29.07
C ASP C 583 17.37 -16.44 -27.71
N ILE C 584 16.54 -16.17 -26.72
CA ILE C 584 17.01 -15.92 -25.35
C ILE C 584 16.39 -16.97 -24.43
N THR C 585 17.24 -17.74 -23.77
CA THR C 585 16.83 -18.67 -22.74
C THR C 585 17.81 -18.57 -21.58
N PRO C 586 17.34 -18.76 -20.35
CA PRO C 586 18.24 -18.63 -19.20
C PRO C 586 19.31 -19.73 -19.18
N CYS C 587 20.42 -19.40 -18.53
CA CYS C 587 21.53 -20.34 -18.43
C CYS C 587 21.12 -21.59 -17.68
N SER C 588 21.72 -22.71 -18.06
CA SER C 588 21.41 -23.99 -17.42
C SER C 588 21.69 -23.91 -15.93
N PHE C 589 20.75 -24.39 -15.13
CA PHE C 589 20.85 -24.32 -13.68
C PHE C 589 20.26 -25.60 -13.10
N GLY C 590 20.09 -25.59 -11.79
CA GLY C 590 19.47 -26.72 -11.11
C GLY C 590 19.69 -26.62 -9.62
N GLY C 591 18.88 -27.38 -8.89
CA GLY C 591 19.02 -27.48 -7.46
C GLY C 591 20.21 -28.35 -7.07
N VAL C 592 20.78 -28.05 -5.91
CA VAL C 592 21.92 -28.79 -5.38
C VAL C 592 21.49 -29.47 -4.10
N SER C 593 21.72 -30.78 -4.01
CA SER C 593 21.39 -31.57 -2.84
C SER C 593 22.65 -32.29 -2.36
N VAL C 594 22.79 -32.39 -1.05
CA VAL C 594 23.95 -33.03 -0.42
C VAL C 594 23.49 -34.32 0.23
N ILE C 595 24.14 -35.42 -0.10
CA ILE C 595 23.87 -36.71 0.52
C ILE C 595 24.95 -36.94 1.56
N THR C 596 24.57 -36.85 2.84
CA THR C 596 25.55 -36.93 3.90
C THR C 596 25.07 -37.83 5.01
N PRO C 597 25.97 -38.57 5.65
CA PRO C 597 25.67 -39.19 6.94
C PRO C 597 25.86 -38.16 8.04
N GLY C 598 25.66 -38.60 9.27
CA GLY C 598 25.85 -37.69 10.40
C GLY C 598 27.27 -37.17 10.46
N THR C 599 27.40 -35.87 10.72
CA THR C 599 28.73 -35.29 10.93
C THR C 599 29.41 -35.93 12.14
N ASN C 600 28.63 -36.47 13.07
CA ASN C 600 29.21 -37.29 14.14
C ASN C 600 29.95 -38.49 13.56
N THR C 601 29.52 -38.98 12.40
CA THR C 601 30.22 -40.03 11.68
C THR C 601 31.21 -39.34 10.73
N SER C 602 31.70 -40.05 9.72
CA SER C 602 32.70 -39.49 8.81
C SER C 602 32.16 -38.25 8.10
N ASN C 603 33.10 -37.40 7.66
CA ASN C 603 32.76 -36.14 7.01
C ASN C 603 32.46 -36.28 5.52
N GLN C 604 32.69 -37.45 4.94
CA GLN C 604 32.48 -37.63 3.51
C GLN C 604 31.03 -37.40 3.13
N VAL C 605 30.82 -36.66 2.05
CA VAL C 605 29.49 -36.36 1.54
C VAL C 605 29.47 -36.64 0.04
N ALA C 606 28.27 -36.61 -0.53
CA ALA C 606 28.07 -36.88 -1.95
C ALA C 606 27.05 -35.88 -2.48
N VAL C 607 27.51 -34.93 -3.30
CA VAL C 607 26.63 -33.91 -3.84
C VAL C 607 25.72 -34.51 -4.89
N LEU C 608 24.48 -34.04 -4.94
CA LEU C 608 23.50 -34.48 -5.93
C LEU C 608 22.95 -33.25 -6.63
N TYR C 609 23.06 -33.23 -7.96
CA TYR C 609 22.49 -32.16 -8.78
C TYR C 609 21.16 -32.64 -9.33
N GLN C 610 20.12 -31.81 -9.19
CA GLN C 610 18.75 -32.24 -9.42
C GLN C 610 18.37 -32.07 -10.89
N GLY C 611 17.91 -33.16 -11.49
CA GLY C 611 17.30 -33.10 -12.82
C GLY C 611 18.17 -32.57 -13.93
N VAL C 612 19.44 -32.96 -13.94
CA VAL C 612 20.38 -32.53 -14.97
C VAL C 612 21.14 -33.75 -15.48
N ASN C 613 21.32 -33.81 -16.81
CA ASN C 613 22.13 -34.87 -17.39
C ASN C 613 23.55 -34.81 -16.82
N CYS C 614 24.13 -35.98 -16.58
CA CYS C 614 25.36 -36.03 -15.82
C CYS C 614 26.58 -35.61 -16.63
N THR C 615 26.45 -35.47 -17.94
CA THR C 615 27.54 -34.98 -18.78
C THR C 615 27.53 -33.46 -18.92
N GLU C 616 26.64 -32.77 -18.21
CA GLU C 616 26.51 -31.32 -18.36
C GLU C 616 27.26 -30.56 -17.29
N VAL C 617 27.23 -31.01 -16.04
CA VAL C 617 27.94 -30.33 -14.96
C VAL C 617 29.45 -30.45 -15.11
N PRO C 618 30.02 -31.50 -15.74
CA PRO C 618 31.46 -31.41 -16.06
C PRO C 618 31.80 -30.26 -17.00
N VAL C 619 30.88 -29.91 -17.90
CA VAL C 619 31.11 -28.78 -18.79
C VAL C 619 31.09 -27.48 -18.00
N ALA C 620 30.48 -27.48 -16.81
CA ALA C 620 30.36 -26.28 -16.00
C ALA C 620 31.59 -26.01 -15.15
N ILE C 621 32.62 -26.85 -15.23
CA ILE C 621 33.82 -26.68 -14.40
C ILE C 621 34.67 -25.58 -15.01
N HIS C 622 34.72 -24.43 -14.36
CA HIS C 622 35.60 -23.34 -14.76
C HIS C 622 35.65 -22.33 -13.62
N ALA C 623 36.70 -21.51 -13.64
CA ALA C 623 36.85 -20.46 -12.65
C ALA C 623 35.84 -19.35 -12.90
N ASP C 624 35.17 -18.91 -11.83
CA ASP C 624 34.18 -17.84 -11.88
C ASP C 624 33.02 -18.17 -12.81
N GLN C 625 32.69 -19.45 -12.96
CA GLN C 625 31.52 -19.85 -13.74
C GLN C 625 30.37 -20.35 -12.89
N LEU C 626 30.66 -20.88 -11.71
CA LEU C 626 29.65 -21.44 -10.82
C LEU C 626 29.62 -20.64 -9.51
N THR C 627 28.42 -20.29 -9.07
CA THR C 627 28.28 -19.66 -7.76
C THR C 627 28.80 -20.55 -6.63
N PRO C 628 28.49 -21.85 -6.58
CA PRO C 628 29.22 -22.73 -5.67
C PRO C 628 30.68 -22.82 -6.07
N THR C 629 31.55 -23.00 -5.07
CA THR C 629 32.99 -23.02 -5.28
C THR C 629 33.57 -24.42 -5.24
N TRP C 630 32.82 -25.41 -4.76
CA TRP C 630 33.33 -26.78 -4.61
C TRP C 630 33.37 -27.51 -5.96
N ARG C 631 34.18 -26.97 -6.86
CA ARG C 631 34.37 -27.59 -8.17
C ARG C 631 35.16 -28.87 -8.11
N VAL C 632 35.75 -29.21 -6.95
CA VAL C 632 36.57 -30.40 -6.83
C VAL C 632 35.72 -31.67 -6.98
N TYR C 633 34.49 -31.65 -6.46
CA TYR C 633 33.64 -32.84 -6.56
C TYR C 633 33.06 -33.05 -7.95
N SER C 634 32.93 -31.99 -8.75
CA SER C 634 32.47 -32.20 -10.12
C SER C 634 33.43 -33.10 -10.89
N THR C 635 34.73 -32.87 -10.72
CA THR C 635 35.74 -33.87 -11.09
C THR C 635 36.15 -34.65 -9.84
N GLY C 636 35.15 -35.27 -9.20
CA GLY C 636 35.38 -35.97 -7.96
C GLY C 636 35.48 -37.47 -8.14
N SER C 637 34.70 -38.22 -7.36
CA SER C 637 34.70 -39.67 -7.43
C SER C 637 33.85 -40.11 -8.63
N ASN C 638 33.57 -41.42 -8.72
CA ASN C 638 32.76 -41.93 -9.79
C ASN C 638 31.34 -41.39 -9.71
N VAL C 639 30.73 -41.17 -10.87
CA VAL C 639 29.41 -40.56 -10.97
C VAL C 639 28.41 -41.62 -11.42
N PHE C 640 27.22 -41.59 -10.82
CA PHE C 640 26.12 -42.48 -11.18
C PHE C 640 24.90 -41.64 -11.54
N GLN C 641 24.23 -42.02 -12.62
CA GLN C 641 23.11 -41.26 -13.16
C GLN C 641 21.79 -41.84 -12.67
N THR C 642 20.91 -40.96 -12.19
CA THR C 642 19.58 -41.34 -11.73
C THR C 642 18.52 -40.62 -12.56
N ARG C 643 17.26 -40.77 -12.17
CA ARG C 643 16.17 -40.03 -12.80
C ARG C 643 15.97 -38.66 -12.18
N ALA C 644 16.71 -38.32 -11.13
CA ALA C 644 16.62 -37.00 -10.50
C ALA C 644 17.98 -36.31 -10.56
N GLY C 645 18.61 -36.34 -11.73
CA GLY C 645 19.99 -35.91 -11.85
C GLY C 645 20.92 -37.09 -11.70
N CYS C 646 22.17 -36.79 -11.36
CA CYS C 646 23.16 -37.85 -11.14
C CYS C 646 23.87 -37.62 -9.81
N LEU C 647 23.94 -38.67 -9.00
CA LEU C 647 24.71 -38.63 -7.77
C LEU C 647 26.20 -38.62 -8.09
N ILE C 648 26.96 -37.82 -7.36
CA ILE C 648 28.39 -37.68 -7.55
C ILE C 648 29.09 -37.97 -6.23
N GLY C 649 30.08 -38.87 -6.27
CA GLY C 649 30.83 -39.23 -5.09
C GLY C 649 30.36 -40.50 -4.41
N ALA C 650 29.45 -41.26 -5.02
CA ALA C 650 28.93 -42.48 -4.44
C ALA C 650 28.80 -43.55 -5.52
N GLU C 651 29.47 -44.68 -5.30
CA GLU C 651 29.37 -45.79 -6.23
C GLU C 651 27.98 -46.42 -6.18
N TYR C 652 27.66 -47.17 -7.23
CA TYR C 652 26.33 -47.73 -7.42
C TYR C 652 26.43 -49.26 -7.39
N VAL C 653 26.31 -49.83 -6.20
CA VAL C 653 26.43 -51.28 -6.02
C VAL C 653 25.18 -51.97 -6.55
N ASN C 654 25.25 -53.30 -6.69
CA ASN C 654 24.15 -54.08 -7.24
C ASN C 654 23.19 -54.55 -6.16
N ASN C 655 23.70 -55.28 -5.16
CA ASN C 655 22.84 -55.86 -4.14
C ASN C 655 22.09 -54.77 -3.38
N SER C 656 20.84 -55.06 -3.05
CA SER C 656 19.92 -54.07 -2.51
C SER C 656 19.76 -54.26 -1.01
N TYR C 657 20.22 -53.29 -0.25
CA TYR C 657 19.95 -53.23 1.18
C TYR C 657 18.68 -52.41 1.43
N GLU C 658 18.27 -52.36 2.69
CA GLU C 658 17.12 -51.55 3.05
C GLU C 658 17.45 -50.07 2.93
N CYS C 659 16.43 -49.27 2.63
CA CYS C 659 16.64 -47.84 2.41
C CYS C 659 17.10 -47.16 3.70
N ASP C 660 18.10 -46.31 3.57
CA ASP C 660 18.63 -45.52 4.68
C ASP C 660 18.39 -44.03 4.49
N ILE C 661 18.81 -43.47 3.37
CA ILE C 661 18.60 -42.07 3.03
C ILE C 661 17.91 -42.03 1.67
N PRO C 662 16.73 -41.41 1.57
CA PRO C 662 16.05 -41.37 0.27
C PRO C 662 16.80 -40.54 -0.77
N ILE C 663 16.63 -40.94 -2.03
CA ILE C 663 17.23 -40.20 -3.14
C ILE C 663 16.11 -39.76 -4.08
N GLY C 664 15.40 -40.73 -4.64
CA GLY C 664 14.35 -40.46 -5.61
C GLY C 664 14.42 -41.53 -6.69
N ALA C 665 13.25 -41.85 -7.26
CA ALA C 665 13.14 -42.85 -8.32
C ALA C 665 13.75 -44.19 -7.90
N GLY C 666 13.42 -44.61 -6.69
CA GLY C 666 13.85 -45.91 -6.20
C GLY C 666 15.35 -46.04 -5.98
N ILE C 667 15.98 -45.02 -5.43
CA ILE C 667 17.39 -45.05 -5.08
C ILE C 667 17.52 -44.63 -3.62
N CYS C 668 18.39 -45.30 -2.88
CA CYS C 668 18.63 -44.97 -1.48
C CYS C 668 20.12 -45.09 -1.20
N ALA C 669 20.80 -43.96 -1.06
CA ALA C 669 22.22 -43.93 -0.75
C ALA C 669 22.43 -44.15 0.73
N SER C 670 23.37 -45.04 1.06
CA SER C 670 23.68 -45.36 2.45
C SER C 670 25.18 -45.37 2.64
N TYR C 671 25.59 -45.41 3.90
CA TYR C 671 27.00 -45.37 4.28
C TYR C 671 27.44 -46.77 4.68
N GLN C 672 28.48 -47.27 4.01
CA GLN C 672 28.99 -48.62 4.25
C GLN C 672 30.51 -48.61 4.07
N THR C 673 31.09 -49.80 4.02
CA THR C 673 32.54 -49.93 3.85
C THR C 673 32.92 -49.93 2.38
N SER C 686 38.48 -46.52 3.66
CA SER C 686 37.84 -47.81 3.39
C SER C 686 36.32 -47.68 3.50
N GLN C 687 35.84 -46.44 3.61
CA GLN C 687 34.42 -46.16 3.73
C GLN C 687 34.02 -45.14 2.68
N SER C 688 32.88 -45.36 2.04
CA SER C 688 32.37 -44.44 1.05
C SER C 688 30.85 -44.64 0.93
N ILE C 689 30.17 -43.55 0.57
CA ILE C 689 28.72 -43.60 0.39
C ILE C 689 28.40 -44.48 -0.82
N ILE C 690 27.40 -45.34 -0.67
CA ILE C 690 26.96 -46.23 -1.74
C ILE C 690 25.48 -46.00 -2.00
N ALA C 691 25.13 -45.88 -3.28
CA ALA C 691 23.75 -45.73 -3.70
C ALA C 691 23.29 -47.03 -4.34
N TYR C 692 22.18 -47.58 -3.85
CA TYR C 692 21.71 -48.86 -4.34
C TYR C 692 20.26 -48.79 -4.80
N THR C 693 19.69 -49.93 -5.16
CA THR C 693 18.30 -50.03 -5.56
C THR C 693 17.45 -50.41 -4.35
N MET C 694 16.18 -49.99 -4.37
CA MET C 694 15.27 -50.31 -3.28
C MET C 694 15.15 -51.81 -3.10
N SER C 695 15.14 -52.25 -1.85
CA SER C 695 14.94 -53.65 -1.49
C SER C 695 13.57 -53.74 -0.82
N LEU C 696 12.56 -54.11 -1.61
CA LEU C 696 11.19 -54.16 -1.11
C LEU C 696 10.99 -55.23 -0.05
N GLY C 697 11.86 -56.22 0.02
CA GLY C 697 11.77 -57.29 0.99
C GLY C 697 12.20 -58.60 0.37
N ALA C 698 12.45 -59.59 1.23
CA ALA C 698 12.87 -60.90 0.77
C ALA C 698 11.72 -61.59 0.05
N GLU C 699 11.99 -62.05 -1.18
CA GLU C 699 10.96 -62.75 -1.95
C GLU C 699 10.63 -64.09 -1.30
N ASN C 700 9.35 -64.43 -1.27
CA ASN C 700 8.91 -65.67 -0.64
C ASN C 700 7.59 -66.08 -1.29
N SER C 701 7.63 -67.14 -2.09
CA SER C 701 6.45 -67.67 -2.76
C SER C 701 5.89 -68.85 -1.98
N VAL C 702 4.62 -68.74 -1.58
CA VAL C 702 3.96 -69.76 -0.80
C VAL C 702 3.62 -70.94 -1.69
N ALA C 703 3.77 -72.15 -1.16
CA ALA C 703 3.47 -73.37 -1.91
C ALA C 703 1.97 -73.65 -1.86
N TYR C 704 1.23 -72.80 -2.57
CA TYR C 704 -0.21 -72.94 -2.61
C TYR C 704 -0.60 -74.13 -3.50
N SER C 705 -1.49 -74.97 -2.99
CA SER C 705 -2.04 -76.08 -3.77
C SER C 705 -3.51 -76.24 -3.39
N ASN C 706 -4.27 -76.79 -4.30
CA ASN C 706 -5.72 -76.90 -4.07
C ASN C 706 -6.10 -78.00 -3.10
N ASN C 707 -5.16 -78.63 -2.38
CA ASN C 707 -5.53 -79.68 -1.45
C ASN C 707 -4.75 -79.62 -0.13
N SER C 708 -3.95 -78.57 0.08
CA SER C 708 -3.10 -78.48 1.26
C SER C 708 -3.47 -77.25 2.07
N ILE C 709 -3.42 -77.39 3.40
CA ILE C 709 -3.71 -76.31 4.33
C ILE C 709 -2.60 -76.27 5.37
N ALA C 710 -2.40 -75.08 5.95
CA ALA C 710 -1.43 -74.86 7.01
C ALA C 710 -2.14 -74.30 8.23
N ILE C 711 -1.76 -74.79 9.41
CA ILE C 711 -2.41 -74.38 10.66
C ILE C 711 -1.34 -74.16 11.73
N PRO C 712 -1.36 -73.01 12.41
CA PRO C 712 -0.36 -72.78 13.46
C PRO C 712 -0.61 -73.69 14.66
N THR C 713 0.40 -74.48 15.01
CA THR C 713 0.32 -75.39 16.15
C THR C 713 0.74 -74.75 17.46
N ASN C 714 1.16 -73.49 17.44
CA ASN C 714 1.63 -72.80 18.63
C ASN C 714 1.32 -71.32 18.48
N PHE C 715 1.34 -70.61 19.61
CA PHE C 715 0.98 -69.20 19.63
C PHE C 715 1.98 -68.42 20.45
N THR C 716 2.20 -67.16 20.05
CA THR C 716 3.07 -66.26 20.77
C THR C 716 2.40 -64.90 20.88
N ILE C 717 2.76 -64.16 21.93
CA ILE C 717 2.19 -62.84 22.21
C ILE C 717 3.29 -61.80 22.07
N SER C 718 2.98 -60.70 21.40
CA SER C 718 3.93 -59.63 21.16
C SER C 718 3.29 -58.29 21.51
N VAL C 719 4.04 -57.46 22.24
CA VAL C 719 3.57 -56.14 22.64
C VAL C 719 4.16 -55.11 21.68
N THR C 720 3.30 -54.37 21.00
CA THR C 720 3.72 -53.38 20.01
C THR C 720 3.24 -52.01 20.46
N THR C 721 4.17 -51.07 20.54
CA THR C 721 3.85 -49.70 20.96
C THR C 721 3.28 -48.91 19.78
N GLU C 722 2.68 -47.76 20.11
CA GLU C 722 2.11 -46.88 19.10
C GLU C 722 2.03 -45.49 19.71
N ILE C 723 2.67 -44.51 19.08
CA ILE C 723 2.82 -43.17 19.63
C ILE C 723 1.95 -42.22 18.83
N LEU C 724 1.11 -41.45 19.53
CA LEU C 724 0.21 -40.50 18.89
C LEU C 724 0.27 -39.16 19.62
N PRO C 725 0.44 -38.04 18.90
CA PRO C 725 0.30 -36.73 19.54
C PRO C 725 -1.15 -36.46 19.90
N VAL C 726 -1.34 -35.68 20.96
CA VAL C 726 -2.69 -35.38 21.43
C VAL C 726 -2.89 -33.87 21.48
N SER C 727 -1.81 -33.12 21.69
CA SER C 727 -1.95 -31.68 21.86
C SER C 727 -0.60 -31.01 21.66
N MET C 728 -0.64 -29.79 21.13
CA MET C 728 0.53 -28.95 20.97
C MET C 728 0.48 -27.80 21.97
N THR C 729 1.65 -27.25 22.27
CA THR C 729 1.76 -26.21 23.28
C THR C 729 0.93 -24.99 22.90
N LYS C 730 0.17 -24.48 23.85
CA LYS C 730 -0.62 -23.28 23.61
C LYS C 730 0.28 -22.06 23.49
N THR C 731 -0.26 -20.98 22.94
CA THR C 731 0.52 -19.78 22.72
C THR C 731 -0.41 -18.57 22.66
N SER C 732 0.19 -17.38 22.81
CA SER C 732 -0.54 -16.13 22.71
C SER C 732 0.46 -15.04 22.35
N VAL C 733 0.06 -14.16 21.42
CA VAL C 733 0.94 -13.13 20.88
C VAL C 733 0.37 -11.76 21.21
N ASP C 734 1.21 -10.90 21.76
CA ASP C 734 0.83 -9.51 22.03
C ASP C 734 1.06 -8.70 20.76
N CYS C 735 -0.01 -8.47 20.00
CA CYS C 735 0.11 -7.77 18.72
C CYS C 735 0.63 -6.35 18.91
N THR C 736 0.12 -5.64 19.92
CA THR C 736 0.45 -4.23 20.08
C THR C 736 1.87 -3.99 20.56
N MET C 737 2.55 -5.02 21.06
CA MET C 737 3.90 -4.84 21.57
C MET C 737 4.95 -5.63 20.79
N TYR C 738 4.59 -6.79 20.23
CA TYR C 738 5.51 -7.49 19.35
C TYR C 738 5.84 -6.65 18.13
N ILE C 739 4.94 -5.76 17.72
CA ILE C 739 5.14 -4.93 16.53
C ILE C 739 5.76 -3.59 16.90
N CYS C 740 5.19 -2.89 17.87
CA CYS C 740 5.65 -1.56 18.23
C CYS C 740 5.95 -1.43 19.72
N GLY C 741 6.67 -2.41 20.27
CA GLY C 741 6.98 -2.38 21.69
C GLY C 741 7.81 -1.16 22.05
N ASP C 742 7.47 -0.56 23.20
CA ASP C 742 8.18 0.61 23.74
C ASP C 742 8.21 1.76 22.74
N SER C 743 7.08 2.00 22.08
CA SER C 743 6.95 3.10 21.13
C SER C 743 5.48 3.51 21.09
N THR C 744 5.17 4.59 21.81
CA THR C 744 3.77 5.05 21.89
C THR C 744 3.23 5.44 20.52
N GLU C 745 4.02 6.20 19.75
CA GLU C 745 3.55 6.67 18.46
C GLU C 745 3.31 5.53 17.48
N CYS C 746 4.16 4.50 17.53
CA CYS C 746 3.93 3.32 16.68
C CYS C 746 2.65 2.60 17.08
N SER C 747 2.38 2.50 18.39
CA SER C 747 1.13 1.91 18.83
C SER C 747 -0.06 2.73 18.33
N ASN C 748 0.05 4.06 18.37
CA ASN C 748 -0.98 4.89 17.78
C ASN C 748 -1.07 4.66 16.27
N LEU C 749 0.09 4.51 15.61
CA LEU C 749 0.09 4.22 14.18
C LEU C 749 -0.51 2.86 13.88
N LEU C 750 -0.32 1.89 14.78
CA LEU C 750 -0.92 0.58 14.57
C LEU C 750 -2.42 0.61 14.81
N LEU C 751 -2.90 1.58 15.60
CA LEU C 751 -4.33 1.64 15.92
C LEU C 751 -5.17 1.85 14.67
N GLN C 752 -4.73 2.73 13.76
CA GLN C 752 -5.50 3.01 12.56
C GLN C 752 -5.46 1.87 11.56
N TYR C 753 -4.62 0.85 11.77
CA TYR C 753 -4.62 -0.30 10.88
C TYR C 753 -5.85 -1.17 11.02
N GLY C 754 -6.67 -0.93 12.05
CA GLY C 754 -7.98 -1.55 12.11
C GLY C 754 -8.13 -2.70 13.08
N SER C 755 -8.96 -3.68 12.70
CA SER C 755 -9.33 -4.80 13.55
C SER C 755 -8.39 -5.98 13.37
N PHE C 756 -7.13 -5.71 13.01
CA PHE C 756 -6.19 -6.76 12.66
C PHE C 756 -5.60 -7.45 13.87
N CYS C 757 -5.18 -6.69 14.90
CA CYS C 757 -4.61 -7.30 16.09
C CYS C 757 -5.63 -8.13 16.85
N THR C 758 -6.86 -7.62 16.99
CA THR C 758 -7.88 -8.36 17.70
C THR C 758 -8.31 -9.63 16.96
N GLN C 759 -8.02 -9.71 15.66
CA GLN C 759 -8.32 -10.94 14.93
C GLN C 759 -7.42 -12.09 15.37
N LEU C 760 -6.14 -11.80 15.62
CA LEU C 760 -5.20 -12.86 15.99
C LEU C 760 -5.42 -13.31 17.43
N LYS C 761 -5.73 -12.38 18.34
CA LYS C 761 -6.06 -12.77 19.71
C LYS C 761 -7.25 -13.72 19.73
N ARG C 762 -8.21 -13.52 18.83
CA ARG C 762 -9.34 -14.44 18.72
C ARG C 762 -8.91 -15.74 18.05
N ALA C 763 -8.13 -15.65 16.98
CA ALA C 763 -7.77 -16.84 16.22
C ALA C 763 -6.94 -17.81 17.05
N LEU C 764 -5.95 -17.29 17.78
CA LEU C 764 -5.11 -18.16 18.60
C LEU C 764 -5.82 -18.63 19.86
N THR C 765 -6.87 -17.91 20.29
CA THR C 765 -7.66 -18.39 21.41
C THR C 765 -8.37 -19.69 21.08
N GLY C 766 -8.87 -19.80 19.85
CA GLY C 766 -9.50 -21.06 19.43
C GLY C 766 -8.54 -22.22 19.47
N ILE C 767 -7.28 -21.99 19.06
CA ILE C 767 -6.27 -23.02 19.17
C ILE C 767 -5.97 -23.33 20.63
N ALA C 768 -5.87 -22.29 21.47
CA ALA C 768 -5.55 -22.51 22.88
C ALA C 768 -6.63 -23.30 23.58
N VAL C 769 -7.91 -22.97 23.33
CA VAL C 769 -8.99 -23.70 23.98
C VAL C 769 -9.14 -25.10 23.40
N GLU C 770 -8.70 -25.32 22.17
CA GLU C 770 -8.81 -26.65 21.57
C GLU C 770 -7.93 -27.65 22.31
N GLN C 771 -6.71 -27.25 22.69
CA GLN C 771 -5.81 -28.16 23.39
C GLN C 771 -6.34 -28.56 24.77
N ASP C 772 -7.32 -27.84 25.30
CA ASP C 772 -8.01 -28.25 26.50
C ASP C 772 -9.23 -29.11 26.21
N LYS C 773 -9.49 -29.41 24.94
CA LYS C 773 -10.58 -30.29 24.53
C LYS C 773 -10.08 -31.64 24.03
N ASN C 774 -9.01 -31.66 23.23
CA ASN C 774 -8.46 -32.92 22.75
C ASN C 774 -8.07 -33.82 23.91
N THR C 775 -7.30 -33.29 24.87
CA THR C 775 -6.96 -34.07 26.05
C THR C 775 -8.21 -34.37 26.89
N GLN C 776 -9.17 -33.45 26.89
CA GLN C 776 -10.42 -33.67 27.58
C GLN C 776 -11.32 -34.66 26.85
N GLU C 777 -10.97 -35.06 25.63
CA GLU C 777 -11.72 -36.05 24.87
C GLU C 777 -11.03 -37.39 24.79
N VAL C 778 -9.70 -37.40 24.66
CA VAL C 778 -8.97 -38.66 24.59
C VAL C 778 -8.93 -39.33 25.96
N PHE C 779 -8.73 -38.55 27.02
CA PHE C 779 -8.44 -39.11 28.34
C PHE C 779 -9.62 -39.12 29.29
N ALA C 780 -10.72 -38.41 28.97
CA ALA C 780 -11.83 -38.27 29.90
C ALA C 780 -13.02 -39.13 29.52
N GLN C 781 -12.76 -40.35 29.04
CA GLN C 781 -13.83 -41.28 28.69
C GLN C 781 -14.24 -42.17 29.85
N VAL C 782 -13.72 -41.94 31.04
CA VAL C 782 -14.13 -42.67 32.24
C VAL C 782 -14.89 -41.70 33.15
N LYS C 783 -16.12 -42.09 33.51
CA LYS C 783 -16.90 -41.25 34.42
C LYS C 783 -16.34 -41.29 35.83
N GLN C 784 -15.94 -42.46 36.30
CA GLN C 784 -15.42 -42.64 37.65
C GLN C 784 -13.89 -42.68 37.61
N ILE C 785 -13.30 -42.86 38.79
CA ILE C 785 -11.86 -43.07 38.93
C ILE C 785 -11.66 -44.36 39.72
N TYR C 786 -10.89 -45.28 39.15
CA TYR C 786 -10.70 -46.59 39.74
C TYR C 786 -9.32 -46.70 40.35
N LYS C 787 -9.26 -47.31 41.54
CA LYS C 787 -8.00 -47.60 42.22
C LYS C 787 -7.76 -49.10 42.21
N THR C 788 -6.57 -49.50 41.82
CA THR C 788 -6.24 -50.91 41.74
C THR C 788 -6.26 -51.55 43.14
N PRO C 789 -6.61 -52.83 43.22
CA PRO C 789 -6.57 -53.50 44.51
C PRO C 789 -5.15 -53.55 45.04
N PRO C 790 -4.97 -53.54 46.37
CA PRO C 790 -3.62 -53.52 46.93
C PRO C 790 -2.77 -54.70 46.50
N ILE C 791 -3.35 -55.89 46.40
CA ILE C 791 -2.61 -57.06 45.94
C ILE C 791 -2.47 -57.00 44.42
N LYS C 792 -1.49 -57.71 43.89
CA LYS C 792 -1.16 -57.65 42.47
C LYS C 792 -1.18 -59.03 41.81
N TYR C 793 -1.75 -60.03 42.47
CA TYR C 793 -1.83 -61.36 41.89
C TYR C 793 -2.87 -61.36 40.78
N PHE C 794 -2.46 -61.81 39.59
CA PHE C 794 -3.35 -61.90 38.44
C PHE C 794 -3.19 -63.22 37.72
N GLY C 795 -3.15 -64.33 38.45
CA GLY C 795 -2.99 -65.64 37.85
C GLY C 795 -1.68 -65.86 37.13
N GLY C 796 -0.59 -65.31 37.64
CA GLY C 796 0.72 -65.42 37.01
C GLY C 796 1.10 -64.21 36.18
N PHE C 797 0.13 -63.41 35.77
CA PHE C 797 0.43 -62.19 35.03
C PHE C 797 1.12 -61.18 35.93
N ASN C 798 1.92 -60.31 35.32
CA ASN C 798 2.66 -59.29 36.03
C ASN C 798 2.32 -57.92 35.46
N PHE C 799 2.17 -56.93 36.33
CA PHE C 799 1.75 -55.60 35.90
C PHE C 799 2.53 -54.49 36.60
N SER C 800 3.68 -54.81 37.19
CA SER C 800 4.48 -53.79 37.86
C SER C 800 4.98 -52.72 36.90
N GLN C 801 5.11 -53.04 35.62
CA GLN C 801 5.66 -52.09 34.66
C GLN C 801 4.65 -51.06 34.17
N ILE C 802 3.35 -51.24 34.47
CA ILE C 802 2.32 -50.35 34.00
C ILE C 802 1.57 -49.69 35.16
N LEU C 803 1.26 -50.44 36.21
CA LEU C 803 0.57 -49.86 37.35
C LEU C 803 1.47 -48.83 38.04
N PRO C 804 0.92 -47.68 38.43
CA PRO C 804 1.74 -46.65 39.08
C PRO C 804 2.30 -47.13 40.40
N ASP C 805 3.48 -46.62 40.74
CA ASP C 805 4.15 -46.99 41.98
C ASP C 805 4.05 -45.85 42.98
N PRO C 806 3.39 -46.04 44.13
CA PRO C 806 3.31 -44.95 45.11
C PRO C 806 4.65 -44.57 45.71
N SER C 807 5.67 -45.42 45.61
CA SER C 807 6.96 -45.08 46.19
C SER C 807 7.58 -43.87 45.51
N LYS C 808 7.42 -43.76 44.20
CA LYS C 808 7.91 -42.59 43.49
C LYS C 808 7.18 -41.35 43.97
N PRO C 809 7.89 -40.22 44.13
CA PRO C 809 7.21 -38.99 44.59
C PRO C 809 6.07 -38.56 43.68
N SER C 810 6.18 -38.77 42.38
CA SER C 810 5.10 -38.51 41.43
C SER C 810 4.37 -39.81 41.14
N LYS C 811 3.04 -39.77 41.18
CA LYS C 811 2.23 -40.95 40.93
C LYS C 811 2.26 -41.23 39.43
N ARG C 812 3.34 -41.88 39.00
CA ARG C 812 3.58 -42.17 37.59
C ARG C 812 4.01 -43.63 37.45
N SER C 813 3.76 -44.18 36.27
CA SER C 813 4.14 -45.55 35.97
C SER C 813 5.62 -45.63 35.62
N PHE C 814 6.15 -46.86 35.62
CA PHE C 814 7.55 -47.07 35.26
C PHE C 814 7.81 -46.74 33.80
N ILE C 815 6.89 -47.11 32.91
CA ILE C 815 7.05 -46.80 31.50
C ILE C 815 6.99 -45.30 31.28
N GLU C 816 6.11 -44.60 32.02
CA GLU C 816 6.00 -43.16 31.86
C GLU C 816 7.29 -42.45 32.22
N ASP C 817 7.96 -42.89 33.29
CA ASP C 817 9.19 -42.24 33.71
C ASP C 817 10.26 -42.31 32.62
N LEU C 818 10.42 -43.49 32.01
CA LEU C 818 11.28 -43.59 30.84
C LEU C 818 10.72 -42.76 29.69
N LEU C 819 9.40 -42.78 29.52
CA LEU C 819 8.76 -42.00 28.46
C LEU C 819 8.93 -40.50 28.71
N PHE C 820 8.76 -40.06 29.96
CA PHE C 820 8.80 -38.64 30.26
C PHE C 820 10.21 -38.07 30.14
N ASN C 821 11.23 -38.86 30.51
CA ASN C 821 12.60 -38.36 30.49
C ASN C 821 13.17 -38.24 29.08
N LYS C 822 12.66 -38.99 28.11
CA LYS C 822 13.17 -38.97 26.76
C LYS C 822 12.61 -37.84 25.91
N VAL C 823 11.70 -37.04 26.46
CA VAL C 823 11.11 -35.91 25.73
C VAL C 823 11.64 -34.63 26.36
N THR C 824 12.31 -33.82 25.55
CA THR C 824 12.88 -32.56 25.99
C THR C 824 11.96 -31.42 25.56
N LEU C 825 11.52 -30.61 26.51
CA LEU C 825 10.60 -29.52 26.23
C LEU C 825 11.35 -28.22 25.92
N LEU C 846 17.02 -20.33 28.71
CA LEU C 846 17.33 -18.97 28.27
C LEU C 846 16.42 -18.54 27.13
N ILE C 847 16.08 -19.50 26.26
CA ILE C 847 15.20 -19.19 25.14
C ILE C 847 13.79 -18.84 25.62
N CYS C 848 13.33 -19.50 26.70
CA CYS C 848 12.02 -19.15 27.25
C CYS C 848 12.01 -17.72 27.77
N ALA C 849 13.09 -17.30 28.44
CA ALA C 849 13.21 -15.91 28.86
C ALA C 849 13.40 -14.97 27.68
N GLN C 850 13.88 -15.48 26.55
CA GLN C 850 14.10 -14.68 25.35
C GLN C 850 12.78 -14.31 24.67
N LYS C 851 11.65 -14.74 25.21
CA LYS C 851 10.34 -14.43 24.65
C LYS C 851 9.74 -13.15 25.24
N PHE C 852 10.59 -12.20 25.62
CA PHE C 852 10.14 -10.92 26.16
C PHE C 852 9.39 -10.09 25.13
N LYS C 853 9.24 -10.61 23.90
CA LYS C 853 8.52 -9.92 22.84
C LYS C 853 7.04 -10.25 22.82
N GLY C 854 6.47 -10.66 23.95
CA GLY C 854 5.05 -10.94 24.03
C GLY C 854 4.64 -12.32 23.56
N LEU C 855 5.58 -13.19 23.23
CA LEU C 855 5.26 -14.53 22.75
C LEU C 855 5.10 -15.46 23.95
N THR C 856 4.05 -15.21 24.72
CA THR C 856 3.80 -15.98 25.93
C THR C 856 3.31 -17.38 25.59
N VAL C 857 3.51 -18.29 26.53
CA VAL C 857 3.06 -19.68 26.41
C VAL C 857 2.11 -19.95 27.57
N LEU C 858 0.85 -20.23 27.24
CA LEU C 858 -0.12 -20.54 28.28
C LEU C 858 0.07 -21.97 28.77
N PRO C 859 -0.28 -22.23 30.03
CA PRO C 859 -0.13 -23.59 30.58
C PRO C 859 -1.34 -24.44 30.25
N PRO C 860 -1.15 -25.72 29.97
CA PRO C 860 -2.30 -26.60 29.70
C PRO C 860 -3.16 -26.78 30.94
N LEU C 861 -4.46 -26.97 30.71
CA LEU C 861 -5.39 -27.11 31.82
C LEU C 861 -5.14 -28.41 32.59
N LEU C 862 -5.05 -29.52 31.87
CA LEU C 862 -4.85 -30.83 32.51
C LEU C 862 -3.37 -31.02 32.77
N THR C 863 -2.95 -30.75 34.00
CA THR C 863 -1.55 -30.91 34.35
C THR C 863 -1.16 -32.39 34.37
N ASP C 864 0.14 -32.64 34.28
CA ASP C 864 0.63 -34.01 34.20
C ASP C 864 0.38 -34.81 35.47
N GLU C 865 0.06 -34.14 36.58
CA GLU C 865 -0.16 -34.86 37.83
C GLU C 865 -1.55 -35.47 37.92
N MET C 866 -2.47 -35.10 37.04
CA MET C 866 -3.79 -35.71 36.97
C MET C 866 -4.07 -36.44 35.68
N ILE C 867 -3.33 -36.16 34.61
CA ILE C 867 -3.40 -37.01 33.43
C ILE C 867 -2.93 -38.41 33.77
N ALA C 868 -1.89 -38.51 34.60
CA ALA C 868 -1.46 -39.80 35.12
C ALA C 868 -2.44 -40.39 36.13
N GLN C 869 -3.57 -39.74 36.36
CA GLN C 869 -4.65 -40.31 37.16
C GLN C 869 -5.76 -40.89 36.27
N TYR C 870 -6.11 -40.18 35.20
CA TYR C 870 -6.99 -40.77 34.18
C TYR C 870 -6.36 -42.02 33.59
N THR C 871 -5.08 -41.95 33.22
CA THR C 871 -4.40 -43.11 32.68
C THR C 871 -4.31 -44.22 33.72
N SER C 872 -4.12 -43.86 34.99
CA SER C 872 -4.14 -44.86 36.05
C SER C 872 -5.55 -45.34 36.37
N ALA C 873 -6.57 -44.55 36.03
CA ALA C 873 -7.94 -45.01 36.21
C ALA C 873 -8.33 -46.04 35.17
N LEU C 874 -7.92 -45.83 33.92
CA LEU C 874 -8.22 -46.80 32.87
C LEU C 874 -7.56 -48.14 33.15
N LEU C 875 -6.31 -48.12 33.62
CA LEU C 875 -5.61 -49.36 33.92
C LEU C 875 -6.31 -50.15 35.01
N ALA C 876 -6.67 -49.48 36.12
CA ALA C 876 -7.39 -50.16 37.19
C ALA C 876 -8.78 -50.59 36.78
N GLY C 877 -9.29 -50.09 35.66
CA GLY C 877 -10.60 -50.50 35.18
C GLY C 877 -10.54 -51.57 34.11
N THR C 878 -9.49 -51.59 33.30
CA THR C 878 -9.37 -52.53 32.20
C THR C 878 -8.75 -53.85 32.61
N ILE C 879 -8.33 -53.99 33.87
CA ILE C 879 -7.78 -55.25 34.37
C ILE C 879 -8.61 -55.88 35.46
N THR C 880 -9.56 -55.17 36.07
CA THR C 880 -10.47 -55.76 37.04
C THR C 880 -11.89 -55.89 36.52
N SER C 881 -12.28 -55.05 35.57
CA SER C 881 -13.63 -55.09 35.01
C SER C 881 -13.65 -55.49 33.54
N GLY C 882 -12.51 -55.88 32.98
CA GLY C 882 -12.49 -56.26 31.58
C GLY C 882 -12.71 -55.05 30.68
N TRP C 883 -13.84 -55.03 29.99
CA TRP C 883 -14.24 -53.91 29.17
C TRP C 883 -15.66 -53.44 29.45
N THR C 884 -16.32 -54.02 30.45
CA THR C 884 -17.71 -53.66 30.71
C THR C 884 -17.84 -52.29 31.37
N PHE C 885 -16.75 -51.76 31.93
CA PHE C 885 -16.84 -50.47 32.59
C PHE C 885 -17.03 -49.35 31.59
N GLY C 886 -16.60 -49.56 30.35
CA GLY C 886 -16.90 -48.60 29.30
C GLY C 886 -18.39 -48.55 28.98
N ALA C 887 -19.02 -49.71 28.86
CA ALA C 887 -20.45 -49.81 28.58
C ALA C 887 -21.24 -50.10 29.85
N GLY C 888 -21.51 -49.05 30.63
CA GLY C 888 -22.36 -49.14 31.79
C GLY C 888 -21.55 -49.27 33.07
N ALA C 889 -22.16 -49.88 34.08
CA ALA C 889 -21.53 -50.03 35.38
C ALA C 889 -20.35 -51.00 35.30
N ALA C 890 -19.30 -50.68 36.05
CA ALA C 890 -18.13 -51.56 36.10
C ALA C 890 -18.46 -52.84 36.86
N LEU C 891 -18.08 -53.98 36.30
CA LEU C 891 -18.35 -55.28 36.89
C LEU C 891 -17.04 -56.04 37.04
N GLN C 892 -16.73 -56.45 38.27
CA GLN C 892 -15.47 -57.12 38.53
C GLN C 892 -15.46 -58.52 37.92
N ILE C 893 -14.28 -58.95 37.48
CA ILE C 893 -14.11 -60.25 36.83
C ILE C 893 -12.64 -60.66 36.95
N PRO C 894 -12.35 -61.91 37.29
CA PRO C 894 -10.94 -62.32 37.43
C PRO C 894 -10.19 -62.16 36.12
N PHE C 895 -8.93 -61.72 36.24
CA PHE C 895 -8.13 -61.48 35.04
C PHE C 895 -7.66 -62.78 34.41
N ALA C 896 -7.33 -63.79 35.23
CA ALA C 896 -6.90 -65.08 34.71
C ALA C 896 -7.98 -65.73 33.85
N MET C 897 -9.23 -65.33 34.00
CA MET C 897 -10.32 -65.86 33.21
C MET C 897 -10.80 -64.90 32.13
N GLN C 898 -10.49 -63.60 32.26
CA GLN C 898 -10.89 -62.63 31.26
C GLN C 898 -10.28 -62.94 29.89
N MET C 899 -9.05 -63.44 29.87
CA MET C 899 -8.41 -63.79 28.60
C MET C 899 -9.20 -64.86 27.84
N ALA C 900 -10.03 -65.64 28.51
CA ALA C 900 -10.91 -66.56 27.80
C ALA C 900 -11.87 -65.81 26.88
N TYR C 901 -12.41 -64.68 27.35
CA TYR C 901 -13.23 -63.84 26.48
C TYR C 901 -12.45 -63.32 25.30
N ARG C 902 -11.28 -62.72 25.56
CA ARG C 902 -10.49 -62.16 24.48
C ARG C 902 -10.06 -63.23 23.49
N PHE C 903 -9.63 -64.39 24.00
CA PHE C 903 -9.27 -65.49 23.10
C PHE C 903 -10.48 -65.99 22.33
N ASN C 904 -11.66 -65.99 22.97
CA ASN C 904 -12.86 -66.44 22.28
C ASN C 904 -13.20 -65.51 21.12
N GLY C 905 -13.05 -64.20 21.32
CA GLY C 905 -13.34 -63.26 20.25
C GLY C 905 -12.37 -63.36 19.10
N ILE C 906 -11.12 -63.76 19.38
CA ILE C 906 -10.14 -63.93 18.30
C ILE C 906 -10.58 -65.03 17.36
N GLY C 907 -11.11 -66.12 17.89
CA GLY C 907 -11.47 -67.27 17.08
C GLY C 907 -10.76 -68.52 17.56
N VAL C 908 -10.33 -68.51 18.82
CA VAL C 908 -9.59 -69.61 19.42
C VAL C 908 -10.32 -70.03 20.69
N THR C 909 -10.55 -71.33 20.84
CA THR C 909 -11.34 -71.83 21.95
C THR C 909 -10.68 -71.49 23.28
N GLN C 910 -11.50 -71.43 24.33
CA GLN C 910 -11.01 -71.05 25.65
C GLN C 910 -10.05 -72.08 26.22
N ASN C 911 -10.11 -73.33 25.75
CA ASN C 911 -9.30 -74.38 26.36
C ASN C 911 -7.81 -74.18 26.18
N VAL C 912 -7.39 -73.36 25.21
CA VAL C 912 -5.97 -73.15 25.00
C VAL C 912 -5.40 -72.23 26.07
N LEU C 913 -6.24 -71.42 26.71
CA LEU C 913 -5.74 -70.44 27.67
C LEU C 913 -5.39 -71.09 29.00
N TYR C 914 -6.35 -71.78 29.61
CA TYR C 914 -6.10 -72.39 30.91
C TYR C 914 -5.03 -73.46 30.82
N GLU C 915 -5.03 -74.25 29.75
CA GLU C 915 -4.01 -75.27 29.56
C GLU C 915 -2.63 -74.67 29.26
N ASN C 916 -2.56 -73.39 28.92
CA ASN C 916 -1.30 -72.69 28.71
C ASN C 916 -1.19 -71.49 29.63
N GLN C 917 -1.91 -71.51 30.75
CA GLN C 917 -1.97 -70.36 31.64
C GLN C 917 -0.59 -70.01 32.20
N LYS C 918 0.17 -71.02 32.63
CA LYS C 918 1.50 -70.76 33.15
C LYS C 918 2.43 -70.24 32.07
N LEU C 919 2.36 -70.82 30.88
CA LEU C 919 3.26 -70.40 29.80
C LEU C 919 2.91 -69.01 29.28
N ILE C 920 1.61 -68.72 29.12
CA ILE C 920 1.21 -67.45 28.53
C ILE C 920 1.62 -66.28 29.40
N ALA C 921 1.74 -66.49 30.72
CA ALA C 921 2.21 -65.43 31.59
C ALA C 921 3.67 -65.09 31.30
N ASN C 922 4.50 -66.10 31.05
CA ASN C 922 5.92 -65.87 30.82
C ASN C 922 6.15 -65.06 29.55
N GLN C 923 5.39 -65.36 28.49
CA GLN C 923 5.52 -64.58 27.25
C GLN C 923 5.07 -63.15 27.47
N PHE C 924 3.98 -62.95 28.21
CA PHE C 924 3.50 -61.60 28.48
C PHE C 924 4.48 -60.83 29.36
N ASN C 925 4.97 -61.47 30.43
CA ASN C 925 5.88 -60.80 31.35
C ASN C 925 7.19 -60.42 30.65
N SER C 926 7.74 -61.33 29.85
CA SER C 926 8.96 -61.02 29.12
C SER C 926 8.73 -59.91 28.11
N ALA C 927 7.60 -59.96 27.40
CA ALA C 927 7.32 -58.93 26.40
C ALA C 927 7.19 -57.56 27.04
N ILE C 928 6.48 -57.46 28.17
CA ILE C 928 6.33 -56.18 28.83
C ILE C 928 7.64 -55.71 29.44
N GLY C 929 8.60 -56.61 29.66
CA GLY C 929 9.91 -56.20 30.10
C GLY C 929 10.81 -55.77 28.97
N LYS C 930 10.57 -56.29 27.75
CA LYS C 930 11.38 -55.90 26.60
C LYS C 930 11.00 -54.53 26.06
N ILE C 931 9.73 -54.13 26.21
CA ILE C 931 9.29 -52.84 25.68
C ILE C 931 9.99 -51.70 26.42
N GLN C 932 10.38 -51.91 27.67
CA GLN C 932 11.13 -50.89 28.39
C GLN C 932 12.46 -50.60 27.72
N ASP C 933 13.16 -51.66 27.30
CA ASP C 933 14.41 -51.46 26.58
C ASP C 933 14.16 -50.84 25.21
N SER C 934 13.11 -51.27 24.52
CA SER C 934 12.85 -50.78 23.16
C SER C 934 12.62 -49.28 23.15
N LEU C 935 11.89 -48.76 24.14
CA LEU C 935 11.68 -47.33 24.22
C LEU C 935 12.99 -46.60 24.47
N SER C 936 13.86 -47.16 25.31
CA SER C 936 15.13 -46.54 25.65
C SER C 936 16.27 -46.97 24.72
N SER C 937 16.05 -47.96 23.85
CA SER C 937 17.12 -48.39 22.96
C SER C 937 17.47 -47.32 21.94
N THR C 938 16.46 -46.70 21.34
CA THR C 938 16.64 -45.70 20.31
C THR C 938 15.77 -44.48 20.62
N ALA C 939 16.25 -43.31 20.19
CA ALA C 939 15.51 -42.08 20.35
C ALA C 939 14.58 -41.79 19.19
N SER C 940 14.63 -42.60 18.12
CA SER C 940 13.77 -42.40 16.96
C SER C 940 12.39 -43.01 17.14
N ALA C 941 12.17 -43.81 18.18
CA ALA C 941 10.85 -44.36 18.43
C ALA C 941 9.86 -43.26 18.82
N LEU C 942 10.33 -42.22 19.51
CA LEU C 942 9.49 -41.11 19.93
C LEU C 942 9.52 -39.96 18.94
N GLY C 943 9.74 -40.24 17.66
CA GLY C 943 9.88 -39.18 16.68
C GLY C 943 8.62 -38.33 16.53
N LYS C 944 7.45 -38.97 16.56
CA LYS C 944 6.22 -38.22 16.37
C LYS C 944 6.00 -37.20 17.48
N LEU C 945 6.26 -37.59 18.73
CA LEU C 945 6.15 -36.64 19.83
C LEU C 945 7.21 -35.56 19.75
N GLN C 946 8.44 -35.94 19.39
CA GLN C 946 9.53 -34.98 19.36
C GLN C 946 9.29 -33.90 18.31
N ASP C 947 8.72 -34.28 17.16
CA ASP C 947 8.46 -33.30 16.11
C ASP C 947 7.41 -32.29 16.52
N VAL C 948 6.44 -32.71 17.34
CA VAL C 948 5.39 -31.79 17.79
C VAL C 948 6.00 -30.67 18.61
N VAL C 949 6.89 -31.00 19.55
CA VAL C 949 7.50 -29.97 20.36
C VAL C 949 8.62 -29.25 19.59
N ASN C 950 9.27 -29.94 18.65
CA ASN C 950 10.32 -29.28 17.87
C ASN C 950 9.73 -28.26 16.90
N HIS C 951 8.62 -28.59 16.25
CA HIS C 951 8.02 -27.68 15.29
C HIS C 951 7.59 -26.38 15.96
N ASN C 952 6.95 -26.46 17.13
CA ASN C 952 6.52 -25.25 17.81
C ASN C 952 7.71 -24.50 18.37
N ALA C 953 8.63 -25.20 19.06
CA ALA C 953 9.77 -24.52 19.66
C ALA C 953 10.71 -23.91 18.63
N GLN C 954 10.59 -24.29 17.36
CA GLN C 954 11.38 -23.68 16.30
C GLN C 954 10.60 -22.63 15.51
N ALA C 955 9.28 -22.77 15.41
CA ALA C 955 8.48 -21.75 14.74
C ALA C 955 8.44 -20.45 15.54
N LEU C 956 8.64 -20.49 16.86
CA LEU C 956 8.73 -19.28 17.63
C LEU C 956 10.07 -18.57 17.40
N ASN C 957 11.15 -19.34 17.25
CA ASN C 957 12.46 -18.72 17.04
C ASN C 957 12.51 -17.94 15.75
N THR C 958 11.96 -18.49 14.67
CA THR C 958 11.92 -17.75 13.41
C THR C 958 11.10 -16.48 13.54
N LEU C 959 10.05 -16.51 14.36
CA LEU C 959 9.28 -15.29 14.62
C LEU C 959 10.13 -14.27 15.36
N VAL C 960 10.91 -14.71 16.35
CA VAL C 960 11.76 -13.79 17.09
C VAL C 960 12.90 -13.28 16.21
N LYS C 961 13.51 -14.18 15.43
CA LYS C 961 14.63 -13.79 14.57
C LYS C 961 14.20 -12.90 13.41
N GLN C 962 12.91 -12.91 13.05
CA GLN C 962 12.47 -12.14 11.90
C GLN C 962 12.34 -10.65 12.21
N LEU C 963 11.98 -10.29 13.45
CA LEU C 963 11.78 -8.88 13.76
C LEU C 963 13.08 -8.08 13.64
N SER C 964 14.23 -8.74 13.61
CA SER C 964 15.49 -8.05 13.37
C SER C 964 15.71 -7.74 11.90
N SER C 965 14.93 -8.34 11.00
CA SER C 965 15.07 -8.05 9.58
C SER C 965 14.65 -6.62 9.30
N LYS C 966 15.38 -5.95 8.41
CA LYS C 966 15.15 -4.53 8.17
C LYS C 966 13.88 -4.31 7.34
N PHE C 967 13.46 -5.33 6.59
CA PHE C 967 12.30 -5.23 5.70
C PHE C 967 12.44 -4.06 4.72
N GLY C 968 13.66 -3.71 4.36
CA GLY C 968 13.91 -2.57 3.51
C GLY C 968 13.99 -1.23 4.21
N ALA C 969 13.70 -1.18 5.51
CA ALA C 969 13.77 0.06 6.26
C ALA C 969 15.23 0.43 6.53
N ILE C 970 15.44 1.70 6.90
CA ILE C 970 16.79 2.20 7.15
C ILE C 970 17.39 1.57 8.40
N SER C 971 16.56 1.08 9.33
CA SER C 971 17.07 0.48 10.55
C SER C 971 16.07 -0.56 11.05
N SER C 972 16.57 -1.46 11.89
CA SER C 972 15.74 -2.53 12.46
C SER C 972 15.12 -2.12 13.79
N VAL C 973 15.94 -1.59 14.70
CA VAL C 973 15.41 -1.08 15.96
C VAL C 973 14.49 0.09 15.67
N LEU C 974 13.38 0.18 16.42
CA LEU C 974 12.34 1.15 16.12
C LEU C 974 12.56 2.50 16.78
N ASN C 975 13.23 2.54 17.93
CA ASN C 975 13.34 3.79 18.68
C ASN C 975 14.26 4.80 17.99
N ASP C 976 15.31 4.31 17.32
CA ASP C 976 16.28 5.22 16.73
C ASP C 976 15.67 6.03 15.59
N ILE C 977 14.72 5.46 14.85
CA ILE C 977 14.13 6.15 13.72
C ILE C 977 13.46 7.45 14.16
N PHE C 978 12.69 7.38 15.25
CA PHE C 978 12.05 8.57 15.79
C PHE C 978 13.08 9.57 16.32
N SER C 979 14.30 9.12 16.62
CA SER C 979 15.39 9.99 17.02
C SER C 979 16.32 10.32 15.86
N ARG C 980 15.99 9.88 14.64
CA ARG C 980 16.86 10.09 13.49
C ARG C 980 16.14 10.55 12.24
N LEU C 981 14.81 10.69 12.25
CA LEU C 981 14.10 11.04 11.03
C LEU C 981 12.94 11.97 11.35
N ASP C 982 12.65 12.87 10.43
CA ASP C 982 11.54 13.80 10.59
C ASP C 982 10.21 13.05 10.47
N LYS C 983 9.23 13.52 11.24
CA LYS C 983 7.92 12.87 11.28
C LYS C 983 7.15 12.96 9.97
N VAL C 984 7.55 13.84 9.06
CA VAL C 984 6.79 14.02 7.82
C VAL C 984 6.81 12.75 6.98
N GLU C 985 7.96 12.11 6.86
CA GLU C 985 8.08 10.90 6.07
C GLU C 985 8.65 9.71 6.83
N ALA C 986 8.87 9.84 8.13
CA ALA C 986 9.19 8.66 8.94
C ALA C 986 8.05 7.66 8.90
N GLU C 987 6.82 8.14 8.72
CA GLU C 987 5.68 7.24 8.54
C GLU C 987 5.87 6.38 7.30
N VAL C 988 6.37 6.97 6.21
CA VAL C 988 6.66 6.19 5.02
C VAL C 988 7.72 5.14 5.31
N GLN C 989 8.77 5.54 6.04
CA GLN C 989 9.83 4.60 6.40
C GLN C 989 9.32 3.50 7.33
N ILE C 990 8.59 3.88 8.38
CA ILE C 990 8.16 2.90 9.36
C ILE C 990 7.10 1.97 8.78
N ASP C 991 6.30 2.45 7.84
CA ASP C 991 5.29 1.60 7.22
C ASP C 991 5.94 0.43 6.47
N ARG C 992 7.09 0.68 5.86
CA ARG C 992 7.82 -0.40 5.21
C ARG C 992 8.39 -1.39 6.23
N LEU C 993 8.38 -1.01 7.52
CA LEU C 993 8.83 -1.92 8.57
C LEU C 993 7.65 -2.49 9.34
N ILE C 994 6.54 -1.76 9.42
CA ILE C 994 5.40 -2.24 10.19
C ILE C 994 4.57 -3.23 9.39
N THR C 995 4.58 -3.14 8.05
CA THR C 995 3.84 -4.12 7.25
C THR C 995 4.57 -5.45 7.18
N GLY C 996 5.91 -5.42 7.20
CA GLY C 996 6.66 -6.68 7.20
C GLY C 996 6.45 -7.47 8.47
N ARG C 997 6.51 -6.79 9.63
CA ARG C 997 6.29 -7.49 10.88
C ARG C 997 4.87 -8.02 10.98
N LEU C 998 3.88 -7.19 10.62
CA LEU C 998 2.49 -7.64 10.68
C LEU C 998 2.24 -8.80 9.72
N GLN C 999 2.78 -8.72 8.50
CA GLN C 999 2.64 -9.83 7.57
C GLN C 999 3.42 -11.04 8.03
N SER C 1000 4.54 -10.83 8.71
CA SER C 1000 5.28 -11.95 9.31
C SER C 1000 4.43 -12.66 10.36
N LEU C 1001 3.70 -11.88 11.17
CA LEU C 1001 2.87 -12.47 12.21
C LEU C 1001 1.73 -13.28 11.62
N GLN C 1002 1.26 -12.92 10.43
CA GLN C 1002 0.22 -13.71 9.77
C GLN C 1002 0.72 -15.10 9.39
N THR C 1003 1.95 -15.20 8.91
CA THR C 1003 2.49 -16.50 8.52
C THR C 1003 2.53 -17.46 9.70
N TYR C 1004 2.92 -16.96 10.87
CA TYR C 1004 2.93 -17.80 12.06
C TYR C 1004 1.52 -18.23 12.45
N VAL C 1005 0.56 -17.31 12.40
CA VAL C 1005 -0.80 -17.63 12.77
C VAL C 1005 -1.39 -18.67 11.82
N THR C 1006 -1.18 -18.47 10.52
CA THR C 1006 -1.68 -19.43 9.53
C THR C 1006 -1.04 -20.79 9.73
N GLN C 1007 0.27 -20.82 9.97
CA GLN C 1007 0.94 -22.08 10.25
C GLN C 1007 0.40 -22.74 11.50
N GLN C 1008 0.00 -21.95 12.49
CA GLN C 1008 -0.61 -22.51 13.69
C GLN C 1008 -1.94 -23.19 13.38
N LEU C 1009 -2.74 -22.57 12.50
CA LEU C 1009 -4.01 -23.19 12.10
C LEU C 1009 -3.77 -24.50 11.37
N ILE C 1010 -2.77 -24.54 10.47
CA ILE C 1010 -2.48 -25.76 9.73
C ILE C 1010 -2.06 -26.87 10.68
N ARG C 1011 -1.11 -26.57 11.57
CA ARG C 1011 -0.60 -27.59 12.48
C ARG C 1011 -1.68 -28.07 13.44
N ALA C 1012 -2.45 -27.14 14.02
CA ALA C 1012 -3.51 -27.53 14.94
C ALA C 1012 -4.62 -28.31 14.26
N ALA C 1013 -4.72 -28.23 12.93
CA ALA C 1013 -5.69 -29.05 12.22
C ALA C 1013 -5.23 -30.50 12.12
N GLU C 1014 -3.93 -30.72 11.93
CA GLU C 1014 -3.42 -32.08 11.85
C GLU C 1014 -3.39 -32.74 13.22
N ILE C 1015 -3.04 -31.98 14.27
CA ILE C 1015 -3.08 -32.52 15.63
C ILE C 1015 -4.50 -32.91 16.00
N ARG C 1016 -5.48 -32.05 15.66
CA ARG C 1016 -6.87 -32.37 15.92
C ARG C 1016 -7.29 -33.63 15.18
N ALA C 1017 -6.88 -33.76 13.92
CA ALA C 1017 -7.16 -34.98 13.16
C ALA C 1017 -6.42 -36.16 13.74
N SER C 1018 -5.27 -35.94 14.39
CA SER C 1018 -4.55 -37.02 15.04
C SER C 1018 -5.04 -37.27 16.46
N ALA C 1019 -5.74 -36.31 17.07
CA ALA C 1019 -6.35 -36.56 18.38
C ALA C 1019 -7.57 -37.45 18.26
N ASN C 1020 -8.42 -37.18 17.27
CA ASN C 1020 -9.58 -38.03 17.04
C ASN C 1020 -9.20 -39.41 16.53
N LEU C 1021 -7.98 -39.58 16.03
CA LEU C 1021 -7.48 -40.91 15.73
C LEU C 1021 -7.11 -41.65 17.01
N ALA C 1022 -6.57 -40.92 17.99
CA ALA C 1022 -6.25 -41.51 19.28
C ALA C 1022 -7.51 -41.75 20.11
N ALA C 1023 -8.48 -40.85 20.01
CA ALA C 1023 -9.71 -41.01 20.78
C ALA C 1023 -10.45 -42.28 20.38
N THR C 1024 -10.49 -42.59 19.08
CA THR C 1024 -11.08 -43.84 18.64
C THR C 1024 -10.31 -45.04 19.16
N LYS C 1025 -8.97 -44.95 19.17
CA LYS C 1025 -8.14 -46.03 19.69
C LYS C 1025 -8.45 -46.29 21.16
N MET C 1026 -8.60 -45.21 21.95
CA MET C 1026 -8.91 -45.37 23.36
C MET C 1026 -10.29 -46.00 23.55
N SER C 1027 -11.26 -45.62 22.72
CA SER C 1027 -12.61 -46.17 22.87
C SER C 1027 -12.69 -47.59 22.34
N GLU C 1028 -11.89 -47.93 21.33
CA GLU C 1028 -12.00 -49.22 20.66
C GLU C 1028 -10.91 -50.19 21.08
N CYS C 1029 -9.64 -49.78 20.98
CA CYS C 1029 -8.55 -50.71 21.27
C CYS C 1029 -8.39 -50.94 22.76
N VAL C 1030 -8.91 -50.05 23.58
CA VAL C 1030 -8.73 -50.17 25.03
C VAL C 1030 -9.99 -50.66 25.70
N LEU C 1031 -11.12 -50.00 25.45
CA LEU C 1031 -12.38 -50.33 26.09
C LEU C 1031 -13.06 -51.55 25.48
N GLY C 1032 -12.36 -52.30 24.64
CA GLY C 1032 -12.92 -53.50 24.06
C GLY C 1032 -11.92 -54.17 23.15
N GLN C 1033 -12.33 -55.30 22.60
CA GLN C 1033 -11.54 -56.03 21.62
C GLN C 1033 -12.04 -55.63 20.23
N SER C 1034 -11.25 -54.83 19.52
CA SER C 1034 -11.65 -54.34 18.22
C SER C 1034 -11.20 -55.32 17.14
N LYS C 1035 -12.16 -55.79 16.34
CA LYS C 1035 -11.89 -56.79 15.32
C LYS C 1035 -11.22 -56.23 14.08
N ARG C 1036 -11.07 -54.92 13.98
CA ARG C 1036 -10.42 -54.32 12.81
C ARG C 1036 -8.96 -54.73 12.77
N VAL C 1037 -8.61 -55.60 11.81
CA VAL C 1037 -7.26 -56.10 11.72
C VAL C 1037 -6.30 -54.96 11.36
N ASP C 1038 -5.10 -55.00 11.95
CA ASP C 1038 -4.07 -53.99 11.72
C ASP C 1038 -4.56 -52.59 12.07
N PHE C 1039 -5.44 -52.51 13.07
CA PHE C 1039 -5.89 -51.23 13.61
C PHE C 1039 -5.55 -51.06 15.09
N CYS C 1040 -5.40 -52.15 15.83
CA CYS C 1040 -4.99 -52.08 17.22
C CYS C 1040 -3.67 -52.82 17.40
N GLY C 1041 -2.72 -52.57 16.52
CA GLY C 1041 -1.46 -53.27 16.52
C GLY C 1041 -1.44 -54.40 15.51
N LYS C 1042 -0.24 -54.71 15.04
CA LYS C 1042 -0.09 -55.76 14.03
C LYS C 1042 -0.50 -57.11 14.60
N GLY C 1043 -1.25 -57.87 13.81
CA GLY C 1043 -1.77 -59.15 14.24
C GLY C 1043 -3.10 -59.01 14.96
N TYR C 1044 -3.60 -60.16 15.42
CA TYR C 1044 -4.83 -60.17 16.19
C TYR C 1044 -4.65 -59.38 17.49
N HIS C 1045 -5.71 -58.69 17.89
CA HIS C 1045 -5.66 -57.79 19.03
C HIS C 1045 -6.39 -58.39 20.23
N LEU C 1046 -5.74 -58.35 21.39
CA LEU C 1046 -6.29 -58.87 22.62
C LEU C 1046 -6.76 -57.77 23.56
N MET C 1047 -5.93 -56.78 23.81
CA MET C 1047 -6.22 -55.69 24.74
C MET C 1047 -5.16 -54.62 24.54
N SER C 1048 -5.22 -53.56 25.35
CA SER C 1048 -4.28 -52.46 25.22
C SER C 1048 -4.14 -51.77 26.57
N PHE C 1049 -3.09 -50.98 26.69
CA PHE C 1049 -2.82 -50.21 27.91
C PHE C 1049 -2.41 -48.80 27.52
N PRO C 1050 -3.20 -47.78 27.82
CA PRO C 1050 -2.76 -46.41 27.55
C PRO C 1050 -1.66 -45.98 28.50
N GLN C 1051 -0.81 -45.09 28.02
CA GLN C 1051 0.26 -44.52 28.82
C GLN C 1051 0.45 -43.07 28.42
N SER C 1052 0.67 -42.21 29.42
CA SER C 1052 0.77 -40.79 29.18
C SER C 1052 2.20 -40.40 28.81
N ALA C 1053 2.31 -39.40 27.96
CA ALA C 1053 3.58 -38.86 27.50
C ALA C 1053 3.44 -37.35 27.35
N PRO C 1054 4.55 -36.61 27.42
CA PRO C 1054 4.47 -35.15 27.24
C PRO C 1054 3.86 -34.80 25.90
N HIS C 1055 2.69 -34.16 25.95
CA HIS C 1055 1.97 -33.72 24.75
C HIS C 1055 1.66 -34.89 23.82
N GLY C 1056 1.13 -35.96 24.41
CA GLY C 1056 0.75 -37.11 23.61
C GLY C 1056 0.34 -38.27 24.48
N VAL C 1057 0.04 -39.38 23.81
CA VAL C 1057 -0.32 -40.63 24.46
C VAL C 1057 0.39 -41.77 23.76
N VAL C 1058 0.81 -42.77 24.53
CA VAL C 1058 1.50 -43.94 24.01
C VAL C 1058 0.71 -45.17 24.40
N PHE C 1059 0.36 -45.99 23.41
CA PHE C 1059 -0.39 -47.22 23.64
C PHE C 1059 0.55 -48.41 23.71
N LEU C 1060 0.04 -49.49 24.31
CA LEU C 1060 0.73 -50.78 24.36
C LEU C 1060 -0.27 -51.84 23.91
N HIS C 1061 -0.29 -52.11 22.61
CA HIS C 1061 -1.22 -53.08 22.03
C HIS C 1061 -0.71 -54.48 22.29
N VAL C 1062 -1.33 -55.18 23.23
CA VAL C 1062 -0.97 -56.57 23.52
C VAL C 1062 -1.65 -57.43 22.47
N THR C 1063 -0.89 -57.84 21.45
CA THR C 1063 -1.43 -58.52 20.29
C THR C 1063 -1.23 -60.02 20.42
N TYR C 1064 -1.69 -60.74 19.40
CA TYR C 1064 -1.61 -62.20 19.34
C TYR C 1064 -1.14 -62.59 17.95
N VAL C 1065 -0.05 -63.34 17.88
CA VAL C 1065 0.59 -63.71 16.62
C VAL C 1065 0.76 -65.21 16.58
N PRO C 1066 0.21 -65.90 15.58
CA PRO C 1066 0.42 -67.36 15.49
C PRO C 1066 1.89 -67.71 15.32
N ALA C 1067 2.29 -68.78 15.97
CA ALA C 1067 3.68 -69.25 15.95
C ALA C 1067 3.86 -70.26 14.81
N GLN C 1068 4.96 -71.01 14.85
CA GLN C 1068 5.30 -71.98 13.80
C GLN C 1068 4.10 -72.83 13.40
N GLU C 1069 4.06 -73.18 12.12
CA GLU C 1069 2.94 -73.88 11.51
C GLU C 1069 3.41 -75.21 10.92
N LYS C 1070 2.46 -76.12 10.78
CA LYS C 1070 2.71 -77.43 10.18
C LYS C 1070 1.75 -77.64 9.02
N ASN C 1071 2.27 -78.21 7.94
CA ASN C 1071 1.45 -78.50 6.77
C ASN C 1071 0.41 -79.58 7.10
N PHE C 1072 -0.68 -79.58 6.33
CA PHE C 1072 -1.72 -80.58 6.51
C PHE C 1072 -2.49 -80.73 5.20
N THR C 1073 -3.08 -81.90 5.02
CA THR C 1073 -3.90 -82.20 3.86
C THR C 1073 -5.37 -82.10 4.24
N THR C 1074 -6.11 -81.24 3.55
CA THR C 1074 -7.48 -80.92 3.92
C THR C 1074 -8.46 -81.51 2.91
N ALA C 1075 -9.74 -81.17 3.11
CA ALA C 1075 -10.83 -81.53 2.22
C ALA C 1075 -11.99 -80.62 2.55
N PRO C 1076 -12.66 -80.05 1.53
CA PRO C 1076 -13.76 -79.12 1.83
C PRO C 1076 -14.88 -79.72 2.65
N ALA C 1077 -15.20 -80.99 2.43
CA ALA C 1077 -16.30 -81.64 3.12
C ALA C 1077 -15.98 -83.12 3.26
N ILE C 1078 -16.75 -83.79 4.12
CA ILE C 1078 -16.60 -85.23 4.33
C ILE C 1078 -17.96 -85.90 4.18
N CYS C 1079 -17.98 -87.03 3.48
CA CYS C 1079 -19.21 -87.79 3.22
C CYS C 1079 -19.06 -89.17 3.82
N HIS C 1080 -20.01 -89.55 4.68
CA HIS C 1080 -19.98 -90.86 5.33
C HIS C 1080 -21.15 -91.75 4.92
N ASP C 1081 -22.39 -91.33 5.17
CA ASP C 1081 -23.56 -92.10 4.78
C ASP C 1081 -24.16 -91.59 3.47
N GLY C 1082 -23.34 -91.45 2.44
CA GLY C 1082 -23.80 -90.92 1.18
C GLY C 1082 -24.28 -89.48 1.29
N LYS C 1083 -23.94 -88.82 2.39
CA LYS C 1083 -24.34 -87.45 2.65
C LYS C 1083 -23.14 -86.65 3.12
N ALA C 1084 -23.02 -85.42 2.61
CA ALA C 1084 -21.87 -84.59 2.95
C ALA C 1084 -22.00 -84.04 4.37
N HIS C 1085 -20.85 -83.93 5.03
CA HIS C 1085 -20.75 -83.28 6.33
C HIS C 1085 -19.81 -82.09 6.20
N PHE C 1086 -20.08 -81.05 6.98
CA PHE C 1086 -19.28 -79.83 6.94
C PHE C 1086 -18.87 -79.46 8.36
N PRO C 1087 -17.70 -78.84 8.53
CA PRO C 1087 -17.25 -78.48 9.88
C PRO C 1087 -18.12 -77.37 10.45
N ARG C 1088 -18.78 -77.65 11.57
CA ARG C 1088 -19.64 -76.66 12.19
C ARG C 1088 -18.86 -75.42 12.60
N GLU C 1089 -17.71 -75.62 13.25
CA GLU C 1089 -16.77 -74.55 13.56
C GLU C 1089 -15.37 -75.15 13.46
N GLY C 1090 -14.74 -75.00 12.30
CA GLY C 1090 -13.39 -75.48 12.12
C GLY C 1090 -13.14 -75.86 10.67
N VAL C 1091 -12.07 -76.60 10.46
CA VAL C 1091 -11.66 -77.07 9.15
C VAL C 1091 -11.24 -78.53 9.25
N PHE C 1092 -11.55 -79.31 8.22
CA PHE C 1092 -11.20 -80.72 8.22
C PHE C 1092 -9.76 -80.90 7.79
N VAL C 1093 -8.99 -81.64 8.58
CA VAL C 1093 -7.57 -81.87 8.33
C VAL C 1093 -7.28 -83.36 8.43
N SER C 1094 -6.08 -83.74 8.02
CA SER C 1094 -5.63 -85.12 8.09
C SER C 1094 -4.12 -85.16 8.00
N ASN C 1095 -3.47 -85.73 9.02
CA ASN C 1095 -2.02 -85.87 9.01
C ASN C 1095 -1.55 -86.92 8.02
N GLY C 1096 -2.45 -87.70 7.43
CA GLY C 1096 -2.09 -88.69 6.44
C GLY C 1096 -2.84 -89.99 6.58
N THR C 1097 -3.23 -90.33 7.81
CA THR C 1097 -3.92 -91.58 8.09
C THR C 1097 -5.34 -91.38 8.59
N HIS C 1098 -5.52 -90.60 9.65
CA HIS C 1098 -6.83 -90.40 10.27
C HIS C 1098 -7.21 -88.93 10.17
N TRP C 1099 -8.45 -88.66 9.76
CA TRP C 1099 -8.92 -87.30 9.59
C TRP C 1099 -9.30 -86.69 10.94
N PHE C 1100 -9.31 -85.37 10.98
CA PHE C 1100 -9.61 -84.64 12.20
C PHE C 1100 -10.26 -83.31 11.86
N VAL C 1101 -10.95 -82.74 12.85
CA VAL C 1101 -11.51 -81.40 12.76
C VAL C 1101 -10.88 -80.56 13.86
N THR C 1102 -10.47 -79.33 13.52
CA THR C 1102 -9.80 -78.48 14.47
C THR C 1102 -10.12 -77.03 14.16
N GLN C 1103 -9.93 -76.17 15.16
CA GLN C 1103 -10.16 -74.75 14.99
C GLN C 1103 -9.10 -74.15 14.07
N ARG C 1104 -9.43 -72.99 13.50
CA ARG C 1104 -8.62 -72.43 12.42
C ARG C 1104 -7.27 -71.94 12.91
N ASN C 1105 -7.21 -71.40 14.13
CA ASN C 1105 -6.05 -70.63 14.56
C ASN C 1105 -5.21 -71.33 15.63
N PHE C 1106 -5.53 -72.57 15.96
CA PHE C 1106 -4.68 -73.33 16.89
C PHE C 1106 -4.93 -74.82 16.68
N TYR C 1107 -3.91 -75.54 16.23
CA TYR C 1107 -4.06 -76.95 15.94
C TYR C 1107 -4.45 -77.72 17.19
N GLU C 1108 -5.55 -78.45 17.11
CA GLU C 1108 -6.02 -79.31 18.20
C GLU C 1108 -6.93 -80.39 17.61
N PRO C 1109 -6.38 -81.55 17.25
CA PRO C 1109 -7.20 -82.56 16.57
C PRO C 1109 -8.36 -83.03 17.43
N GLN C 1110 -9.49 -83.28 16.77
CA GLN C 1110 -10.66 -83.85 17.41
C GLN C 1110 -11.28 -84.87 16.47
N ILE C 1111 -11.97 -85.85 17.05
CA ILE C 1111 -12.58 -86.92 16.26
C ILE C 1111 -13.86 -86.40 15.63
N ILE C 1112 -14.08 -86.77 14.37
CA ILE C 1112 -15.25 -86.29 13.62
C ILE C 1112 -16.50 -86.92 14.24
N THR C 1113 -17.28 -86.13 14.97
CA THR C 1113 -18.48 -86.61 15.63
C THR C 1113 -19.70 -85.96 15.02
N THR C 1114 -20.85 -86.58 15.25
CA THR C 1114 -22.10 -86.09 14.66
C THR C 1114 -22.45 -84.70 15.17
N ASP C 1115 -22.17 -84.41 16.43
CA ASP C 1115 -22.43 -83.08 16.98
C ASP C 1115 -21.37 -82.06 16.57
N ASN C 1116 -20.27 -82.50 15.97
CA ASN C 1116 -19.23 -81.60 15.51
C ASN C 1116 -19.40 -81.19 14.06
N THR C 1117 -20.47 -81.63 13.40
CA THR C 1117 -20.69 -81.31 12.00
C THR C 1117 -22.18 -81.33 11.72
N PHE C 1118 -22.58 -80.64 10.65
CA PHE C 1118 -23.97 -80.58 10.23
C PHE C 1118 -24.09 -81.09 8.80
N VAL C 1119 -25.04 -81.99 8.58
CA VAL C 1119 -25.27 -82.60 7.28
C VAL C 1119 -26.17 -81.69 6.44
N SER C 1120 -25.90 -81.65 5.13
CA SER C 1120 -26.73 -80.84 4.24
C SER C 1120 -26.55 -81.36 2.82
N GLY C 1121 -27.59 -81.98 2.27
CA GLY C 1121 -27.60 -82.36 0.87
C GLY C 1121 -26.78 -83.61 0.58
N ASN C 1122 -26.82 -84.01 -0.69
CA ASN C 1122 -26.07 -85.15 -1.17
C ASN C 1122 -24.60 -84.78 -1.35
N CYS C 1123 -23.72 -85.77 -1.16
CA CYS C 1123 -22.28 -85.57 -1.24
C CYS C 1123 -21.73 -85.89 -2.63
N ASP C 1124 -22.56 -85.80 -3.66
CA ASP C 1124 -22.12 -86.04 -5.04
C ASP C 1124 -22.05 -84.77 -5.86
N VAL C 1125 -22.21 -83.61 -5.25
CA VAL C 1125 -22.21 -82.33 -5.95
C VAL C 1125 -20.98 -81.49 -5.60
N VAL C 1126 -20.51 -81.56 -4.35
CA VAL C 1126 -19.34 -80.80 -3.93
C VAL C 1126 -18.08 -81.47 -4.46
N ILE C 1127 -17.15 -80.65 -4.94
CA ILE C 1127 -15.89 -81.16 -5.46
C ILE C 1127 -14.86 -81.17 -4.34
N GLY C 1128 -13.86 -82.03 -4.47
CA GLY C 1128 -12.81 -82.17 -3.48
C GLY C 1128 -13.18 -82.98 -2.27
N ILE C 1129 -14.40 -83.51 -2.19
CA ILE C 1129 -14.82 -84.30 -1.04
C ILE C 1129 -14.09 -85.64 -1.02
N VAL C 1130 -14.05 -86.25 0.17
CA VAL C 1130 -13.36 -87.51 0.39
C VAL C 1130 -14.25 -88.44 1.22
N ASN C 1131 -13.92 -89.72 1.20
CA ASN C 1131 -14.59 -90.67 2.08
C ASN C 1131 -13.86 -90.83 3.41
N ASN C 1132 -14.64 -90.95 4.47
CA ASN C 1132 -14.21 -91.40 5.79
C ASN C 1132 -15.49 -91.66 6.57
N THR C 1133 -15.35 -92.12 7.81
CA THR C 1133 -16.50 -92.46 8.63
C THR C 1133 -16.65 -91.42 9.73
N VAL C 1134 -17.86 -90.88 9.86
CA VAL C 1134 -18.17 -89.91 10.89
C VAL C 1134 -18.53 -90.66 12.16
N TYR C 1135 -17.73 -90.49 13.20
CA TYR C 1135 -18.01 -91.16 14.48
C TYR C 1135 -19.31 -90.65 15.06
N ASP C 1136 -20.04 -91.55 15.70
CA ASP C 1136 -21.32 -91.19 16.30
C ASP C 1136 -21.19 -91.14 17.82
N PRO C 1137 -21.46 -90.01 18.47
CA PRO C 1137 -21.48 -89.98 19.92
C PRO C 1137 -22.73 -90.56 20.56
N LEU C 1138 -23.54 -91.28 19.80
CA LEU C 1138 -24.77 -91.88 20.31
C LEU C 1138 -24.79 -93.39 20.20
N GLN C 1139 -24.43 -93.96 19.05
CA GLN C 1139 -24.58 -95.40 18.84
C GLN C 1139 -23.76 -96.24 19.82
N PRO C 1140 -22.45 -96.02 20.00
CA PRO C 1140 -21.73 -96.84 20.99
C PRO C 1140 -22.28 -96.69 22.40
N GLU C 1141 -22.71 -95.50 22.79
CA GLU C 1141 -23.39 -95.34 24.08
C GLU C 1141 -24.71 -96.10 24.09
N LEU C 1142 -25.46 -96.02 23.00
CA LEU C 1142 -26.69 -96.80 22.87
C LEU C 1142 -26.41 -98.29 22.70
N ASP C 1143 -25.36 -98.65 21.95
CA ASP C 1143 -24.99 -100.05 21.83
C ASP C 1143 -24.50 -100.61 23.17
N SER C 1144 -24.01 -99.75 24.06
CA SER C 1144 -23.67 -100.20 25.41
C SER C 1144 -24.91 -100.72 26.12
N PHE C 1145 -26.06 -100.06 25.93
CA PHE C 1145 -27.31 -100.60 26.45
C PHE C 1145 -27.81 -101.77 25.61
N LYS C 1146 -27.55 -101.74 24.30
CA LYS C 1146 -27.78 -102.94 23.48
C LYS C 1146 -26.92 -104.09 23.97
N GLU C 1147 -25.69 -103.80 24.42
CA GLU C 1147 -24.86 -104.80 25.08
C GLU C 1147 -25.51 -105.32 26.35
N GLU C 1148 -26.38 -104.53 26.99
CA GLU C 1148 -27.09 -104.93 28.19
C GLU C 1148 -28.47 -105.51 27.87
N LEU C 1149 -29.22 -104.85 27.00
CA LEU C 1149 -30.60 -105.30 26.72
C LEU C 1149 -30.61 -106.63 25.97
N ASP C 1150 -29.82 -106.73 24.90
CA ASP C 1150 -29.78 -107.97 24.14
C ASP C 1150 -29.17 -109.10 24.95
N LYS C 1151 -28.17 -108.79 25.78
CA LYS C 1151 -27.65 -109.80 26.69
C LYS C 1151 -28.71 -110.24 27.68
N TYR C 1152 -29.54 -109.30 28.17
CA TYR C 1152 -30.65 -109.66 29.04
C TYR C 1152 -31.65 -110.55 28.31
N PHE C 1153 -31.88 -110.28 27.03
CA PHE C 1153 -32.72 -111.18 26.24
C PHE C 1153 -32.10 -112.56 26.13
N LYS C 1154 -30.79 -112.62 25.89
CA LYS C 1154 -30.09 -113.91 25.92
C LYS C 1154 -30.04 -114.46 27.34
N ASN C 1155 -30.06 -113.58 28.34
CA ASN C 1155 -30.12 -114.00 29.73
C ASN C 1155 -31.45 -114.68 30.07
N HIS C 1156 -32.48 -114.46 29.26
CA HIS C 1156 -33.79 -115.04 29.50
C HIS C 1156 -34.22 -116.05 28.44
N THR C 1157 -33.74 -115.93 27.20
CA THR C 1157 -34.12 -116.90 26.17
C THR C 1157 -33.47 -118.26 26.43
N SER C 1158 -32.18 -118.27 26.73
CA SER C 1158 -31.47 -119.54 26.92
C SER C 1158 -32.01 -120.34 28.10
N PRO C 1159 -32.29 -119.77 29.30
CA PRO C 1159 -32.80 -120.66 30.33
C PRO C 1159 -34.27 -120.98 30.16
N GLN D 14 -21.92 49.67 33.67
CA GLN D 14 -21.05 50.12 34.74
C GLN D 14 -21.02 49.10 35.88
N CYS D 15 -19.83 48.83 36.39
CA CYS D 15 -19.63 47.90 37.49
C CYS D 15 -19.21 48.66 38.73
N VAL D 16 -19.30 47.98 39.87
CA VAL D 16 -18.90 48.54 41.16
C VAL D 16 -17.95 47.54 41.82
N ASN D 17 -16.90 48.06 42.46
CA ASN D 17 -16.00 47.21 43.21
C ASN D 17 -16.68 46.75 44.49
N LEU D 18 -17.57 45.76 44.36
CA LEU D 18 -18.36 45.30 45.50
C LEU D 18 -17.48 44.74 46.60
N THR D 19 -16.51 43.90 46.23
CA THR D 19 -15.65 43.17 47.18
C THR D 19 -16.58 42.44 48.15
N THR D 20 -16.39 42.59 49.47
CA THR D 20 -17.22 41.96 50.52
C THR D 20 -17.66 40.55 50.12
N ARG D 21 -16.71 39.77 49.62
CA ARG D 21 -17.01 38.43 49.13
C ARG D 21 -17.06 37.44 50.29
N THR D 22 -18.14 36.68 50.35
CA THR D 22 -18.26 35.55 51.27
C THR D 22 -18.02 34.26 50.49
N GLN D 23 -17.21 33.38 51.05
CA GLN D 23 -16.78 32.17 50.36
C GLN D 23 -16.94 30.97 51.28
N LEU D 24 -17.25 29.84 50.68
CA LEU D 24 -17.40 28.56 51.37
C LEU D 24 -16.52 27.53 50.68
N PRO D 25 -16.08 26.51 51.40
CA PRO D 25 -15.26 25.46 50.79
C PRO D 25 -16.01 24.77 49.65
N PRO D 26 -15.31 24.42 48.58
CA PRO D 26 -15.96 23.75 47.46
C PRO D 26 -16.41 22.34 47.84
N ALA D 27 -17.48 21.89 47.18
CA ALA D 27 -18.00 20.56 47.41
C ALA D 27 -17.54 19.63 46.30
N TYR D 28 -17.67 18.33 46.54
CA TYR D 28 -17.34 17.32 45.54
C TYR D 28 -18.46 16.30 45.47
N THR D 29 -18.77 15.85 44.25
CA THR D 29 -19.85 14.92 44.01
C THR D 29 -19.35 13.82 43.09
N ASN D 30 -19.93 12.63 43.21
CA ASN D 30 -19.58 11.51 42.34
C ASN D 30 -20.52 11.52 41.15
N SER D 31 -20.03 12.05 40.02
CA SER D 31 -20.77 11.97 38.76
C SER D 31 -20.91 10.51 38.38
N PHE D 32 -22.14 10.01 38.44
CA PHE D 32 -22.37 8.59 38.22
C PHE D 32 -22.29 8.24 36.75
N THR D 33 -23.16 8.84 35.94
CA THR D 33 -23.24 8.51 34.52
C THR D 33 -23.34 9.71 33.59
N ARG D 34 -23.68 10.89 34.10
CA ARG D 34 -23.96 12.03 33.23
C ARG D 34 -22.72 12.43 32.44
N GLY D 35 -22.95 13.03 31.28
CA GLY D 35 -21.87 13.49 30.44
C GLY D 35 -21.64 12.65 29.19
N VAL D 36 -22.72 12.27 28.52
CA VAL D 36 -22.65 11.51 27.27
C VAL D 36 -23.40 12.29 26.20
N TYR D 37 -22.74 12.55 25.07
CA TYR D 37 -23.32 13.32 23.99
C TYR D 37 -23.29 12.51 22.71
N TYR D 38 -23.87 13.08 21.66
CA TYR D 38 -23.79 12.47 20.33
C TYR D 38 -22.39 12.71 19.77
N PRO D 39 -21.63 11.65 19.47
CA PRO D 39 -20.21 11.85 19.12
C PRO D 39 -19.99 12.60 17.81
N ASP D 40 -20.95 12.61 16.90
CA ASP D 40 -20.71 13.21 15.59
C ASP D 40 -22.04 13.51 14.91
N LYS D 41 -21.96 13.89 13.64
CA LYS D 41 -23.13 14.25 12.84
C LYS D 41 -23.69 13.03 12.13
N VAL D 42 -23.89 11.94 12.85
CA VAL D 42 -24.19 10.65 12.23
C VAL D 42 -25.34 9.98 12.97
N PHE D 43 -26.23 9.34 12.21
CA PHE D 43 -27.32 8.55 12.74
C PHE D 43 -27.01 7.07 12.58
N ARG D 44 -27.25 6.30 13.63
CA ARG D 44 -27.17 4.85 13.59
C ARG D 44 -28.32 4.26 14.40
N SER D 45 -28.75 3.06 14.03
CA SER D 45 -29.91 2.43 14.66
C SER D 45 -29.58 1.01 15.08
N SER D 46 -29.89 0.69 16.34
CA SER D 46 -29.82 -0.68 16.87
C SER D 46 -28.43 -1.28 16.68
N VAL D 47 -27.39 -0.48 16.94
CA VAL D 47 -26.01 -0.94 16.85
C VAL D 47 -25.23 -0.42 18.05
N LEU D 48 -24.09 -1.05 18.31
CA LEU D 48 -23.16 -0.62 19.35
C LEU D 48 -21.89 -0.12 18.67
N HIS D 49 -21.48 1.11 19.00
CA HIS D 49 -20.35 1.74 18.35
C HIS D 49 -19.30 2.13 19.39
N SER D 50 -18.04 1.84 19.09
CA SER D 50 -16.91 2.22 19.94
C SER D 50 -16.29 3.49 19.36
N THR D 51 -16.24 4.55 20.16
CA THR D 51 -15.69 5.83 19.73
C THR D 51 -14.67 6.33 20.74
N GLN D 52 -13.50 6.73 20.26
CA GLN D 52 -12.46 7.31 21.09
C GLN D 52 -12.53 8.83 20.97
N ASP D 53 -13.05 9.47 22.01
CA ASP D 53 -13.23 10.92 22.00
C ASP D 53 -13.11 11.44 23.43
N LEU D 54 -13.23 12.76 23.56
CA LEU D 54 -13.24 13.40 24.87
C LEU D 54 -14.59 13.17 25.53
N PHE D 55 -14.57 12.67 26.77
CA PHE D 55 -15.79 12.37 27.50
C PHE D 55 -15.61 12.72 28.96
N LEU D 56 -16.67 12.50 29.74
CA LEU D 56 -16.59 12.56 31.19
C LEU D 56 -16.64 11.15 31.74
N PRO D 57 -15.60 10.67 32.42
CA PRO D 57 -15.59 9.28 32.87
C PRO D 57 -16.74 8.98 33.82
N PHE D 58 -17.26 7.75 33.73
CA PHE D 58 -18.32 7.33 34.62
C PHE D 58 -17.81 7.25 36.06
N PHE D 59 -18.69 7.61 37.00
CA PHE D 59 -18.34 7.62 38.42
C PHE D 59 -17.10 8.47 38.69
N SER D 60 -17.02 9.62 38.02
CA SER D 60 -15.90 10.52 38.19
C SER D 60 -16.17 11.48 39.35
N ASN D 61 -15.20 12.35 39.63
CA ASN D 61 -15.33 13.36 40.67
C ASN D 61 -15.57 14.72 40.02
N VAL D 62 -16.66 15.37 40.40
CA VAL D 62 -17.01 16.68 39.86
C VAL D 62 -17.09 17.68 41.00
N THR D 63 -16.75 18.92 40.69
CA THR D 63 -16.74 20.00 41.67
C THR D 63 -18.13 20.63 41.75
N TRP D 64 -18.65 20.74 42.96
CA TRP D 64 -19.99 21.23 43.23
C TRP D 64 -19.90 22.58 43.91
N PHE D 65 -20.57 23.58 43.34
CA PHE D 65 -20.59 24.94 43.85
C PHE D 65 -22.02 25.36 44.11
N HIS D 66 -22.27 25.92 45.30
CA HIS D 66 -23.57 26.46 45.64
C HIS D 66 -23.43 27.95 45.97
N VAL D 67 -24.32 28.76 45.41
CA VAL D 67 -24.33 30.19 45.62
C VAL D 67 -25.72 30.59 46.09
N ILE D 68 -25.79 31.17 47.29
CA ILE D 68 -27.06 31.61 47.86
C ILE D 68 -27.51 32.91 47.21
N LYS D 75 -26.93 36.05 49.83
CA LYS D 75 -25.73 36.29 50.63
C LYS D 75 -24.56 35.44 50.13
N ARG D 76 -24.22 35.59 48.85
CA ARG D 76 -23.12 34.84 48.27
C ARG D 76 -22.61 35.56 47.03
N PHE D 77 -21.29 35.76 46.98
CA PHE D 77 -20.61 36.38 45.83
C PHE D 77 -19.46 35.45 45.45
N ASP D 78 -19.76 34.46 44.61
CA ASP D 78 -18.78 33.45 44.21
C ASP D 78 -18.85 33.27 42.71
N ASN D 79 -17.89 33.85 41.99
CA ASN D 79 -17.75 33.67 40.55
C ASN D 79 -16.31 33.29 40.22
N PRO D 80 -15.84 32.14 40.72
CA PRO D 80 -14.42 31.81 40.59
C PRO D 80 -14.01 31.59 39.15
N VAL D 81 -12.77 31.98 38.85
CA VAL D 81 -12.17 31.68 37.56
C VAL D 81 -11.90 30.18 37.48
N LEU D 82 -12.23 29.59 36.34
CA LEU D 82 -12.16 28.14 36.21
C LEU D 82 -11.08 27.76 35.21
N PRO D 83 -10.04 27.03 35.62
CA PRO D 83 -9.02 26.59 34.66
C PRO D 83 -9.62 25.77 33.52
N PHE D 84 -9.55 26.29 32.30
CA PHE D 84 -10.10 25.61 31.14
C PHE D 84 -9.08 24.63 30.57
N ASN D 85 -9.58 23.48 30.12
CA ASN D 85 -8.73 22.45 29.51
C ASN D 85 -9.55 21.58 28.55
N ASP D 86 -9.35 21.82 27.25
CA ASP D 86 -9.88 21.00 26.15
C ASP D 86 -11.26 20.44 26.42
N GLY D 87 -12.19 21.33 26.75
CA GLY D 87 -13.58 20.89 26.91
C GLY D 87 -13.93 20.68 28.37
N VAL D 88 -15.12 21.17 28.76
CA VAL D 88 -15.58 21.07 30.14
C VAL D 88 -17.05 20.68 30.15
N TYR D 89 -17.48 20.12 31.28
CA TYR D 89 -18.87 19.73 31.51
C TYR D 89 -19.45 20.61 32.60
N PHE D 90 -20.62 21.20 32.33
CA PHE D 90 -21.23 22.19 33.20
C PHE D 90 -22.71 21.86 33.33
N ALA D 91 -23.12 21.44 34.53
CA ALA D 91 -24.52 21.07 34.77
C ALA D 91 -25.05 21.89 35.93
N SER D 92 -26.05 22.73 35.66
CA SER D 92 -26.59 23.65 36.64
C SER D 92 -28.04 23.31 36.94
N ILE D 93 -28.38 23.21 38.22
CA ILE D 93 -29.74 22.97 38.66
C ILE D 93 -30.25 24.26 39.30
N GLU D 94 -31.36 24.78 38.77
CA GLU D 94 -31.85 26.09 39.20
C GLU D 94 -33.27 26.28 38.70
N LYS D 95 -33.88 27.37 39.18
CA LYS D 95 -35.21 27.78 38.76
C LYS D 95 -35.22 29.26 38.37
N SER D 96 -34.34 30.05 38.99
CA SER D 96 -34.32 31.50 38.78
C SER D 96 -33.51 31.91 37.56
N ASN D 97 -32.76 30.98 36.95
CA ASN D 97 -31.92 31.28 35.80
C ASN D 97 -30.91 32.40 36.11
N ILE D 98 -30.31 32.31 37.30
CA ILE D 98 -29.25 33.25 37.66
C ILE D 98 -28.06 33.08 36.72
N ILE D 99 -27.69 31.83 36.41
CA ILE D 99 -26.62 31.59 35.47
C ILE D 99 -27.01 32.14 34.11
N ARG D 100 -26.31 33.18 33.67
CA ARG D 100 -26.62 33.84 32.41
C ARG D 100 -25.71 33.35 31.28
N GLY D 101 -24.40 33.47 31.44
CA GLY D 101 -23.50 33.05 30.41
C GLY D 101 -22.10 32.87 30.94
N TRP D 102 -21.12 33.05 30.04
CA TRP D 102 -19.73 32.87 30.38
C TRP D 102 -18.88 33.80 29.53
N ILE D 103 -17.66 34.06 30.00
CA ILE D 103 -16.69 34.86 29.26
C ILE D 103 -15.40 34.05 29.22
N PHE D 104 -14.97 33.67 28.01
CA PHE D 104 -13.76 32.88 27.80
C PHE D 104 -12.63 33.84 27.45
N GLY D 105 -12.19 34.63 28.43
CA GLY D 105 -11.17 35.62 28.21
C GLY D 105 -9.95 35.45 29.10
N THR D 106 -8.77 35.53 28.52
CA THR D 106 -7.53 35.26 29.25
C THR D 106 -6.98 36.49 29.98
N THR D 107 -7.29 37.70 29.52
CA THR D 107 -6.74 38.89 30.18
C THR D 107 -7.82 39.91 30.55
N LEU D 108 -8.85 40.07 29.74
CA LEU D 108 -9.93 41.02 30.00
C LEU D 108 -9.40 42.45 30.15
N ASP D 109 -8.41 42.81 29.34
CA ASP D 109 -7.78 44.13 29.42
C ASP D 109 -7.79 44.86 28.08
N SER D 110 -8.63 44.41 27.14
CA SER D 110 -8.81 45.04 25.83
C SER D 110 -7.53 45.05 24.99
N LYS D 111 -6.64 44.09 25.20
CA LYS D 111 -5.51 43.93 24.29
C LYS D 111 -5.55 42.52 23.69
N THR D 112 -6.15 41.59 24.43
CA THR D 112 -6.38 40.24 23.93
C THR D 112 -7.88 40.07 23.69
N GLN D 113 -8.23 39.55 22.51
CA GLN D 113 -9.64 39.39 22.15
C GLN D 113 -10.31 38.42 23.12
N SER D 114 -11.48 38.80 23.62
CA SER D 114 -12.16 38.08 24.69
C SER D 114 -13.55 37.63 24.23
N LEU D 115 -13.95 36.45 24.69
CA LEU D 115 -15.26 35.91 24.36
C LEU D 115 -16.36 36.64 25.12
N LEU D 116 -17.58 36.51 24.61
CA LEU D 116 -18.76 37.10 25.24
C LEU D 116 -19.94 36.20 24.91
N ILE D 117 -20.35 35.39 25.88
CA ILE D 117 -21.47 34.48 25.72
C ILE D 117 -22.57 34.97 26.65
N VAL D 118 -23.47 35.79 26.14
CA VAL D 118 -24.51 36.42 26.94
C VAL D 118 -25.85 36.29 26.21
N ASN D 119 -26.88 35.87 26.94
CA ASN D 119 -28.25 35.82 26.44
C ASN D 119 -29.14 36.44 27.52
N ASN D 120 -29.40 37.74 27.40
CA ASN D 120 -30.13 38.43 28.45
C ASN D 120 -31.63 38.12 28.42
N ALA D 121 -32.33 38.50 27.34
CA ALA D 121 -33.73 38.16 27.17
C ALA D 121 -33.99 37.35 25.92
N THR D 122 -33.58 37.85 24.76
CA THR D 122 -33.77 37.15 23.49
C THR D 122 -32.56 37.17 22.58
N ASN D 123 -31.57 38.01 22.83
CA ASN D 123 -30.39 38.10 21.99
C ASN D 123 -29.26 37.28 22.60
N VAL D 124 -28.73 36.33 21.82
CA VAL D 124 -27.54 35.59 22.23
C VAL D 124 -26.36 36.14 21.46
N VAL D 125 -25.68 37.11 22.03
CA VAL D 125 -24.58 37.79 21.34
C VAL D 125 -23.30 37.00 21.57
N ILE D 126 -22.58 36.73 20.49
CA ILE D 126 -21.34 35.98 20.51
C ILE D 126 -20.30 36.81 19.77
N LYS D 127 -19.22 37.17 20.44
CA LYS D 127 -18.22 38.02 19.82
C LYS D 127 -16.88 37.85 20.54
N VAL D 128 -15.80 37.83 19.77
CA VAL D 128 -14.45 37.82 20.29
C VAL D 128 -13.82 39.17 19.93
N CYS D 129 -13.47 39.95 20.94
CA CYS D 129 -12.99 41.31 20.71
C CYS D 129 -12.16 41.74 21.91
N GLU D 130 -11.35 42.76 21.71
CA GLU D 130 -10.56 43.32 22.79
C GLU D 130 -11.49 43.96 23.82
N PHE D 131 -11.64 43.31 24.97
CA PHE D 131 -12.56 43.75 26.00
C PHE D 131 -11.80 44.07 27.27
N GLN D 132 -12.11 45.21 27.87
CA GLN D 132 -11.54 45.61 29.15
C GLN D 132 -12.68 45.53 30.17
N PHE D 133 -12.86 44.35 30.74
CA PHE D 133 -13.94 44.15 31.69
C PHE D 133 -13.60 44.79 33.03
N CYS D 134 -14.54 44.69 33.97
CA CYS D 134 -14.38 45.25 35.30
C CYS D 134 -13.57 44.29 36.17
N ASN D 135 -13.49 44.58 37.47
CA ASN D 135 -12.75 43.71 38.37
C ASN D 135 -13.34 42.30 38.40
N ASP D 136 -14.66 42.22 38.46
CA ASP D 136 -15.38 40.94 38.44
C ASP D 136 -16.73 41.16 37.78
N PRO D 137 -16.91 40.97 36.45
CA PRO D 137 -18.19 41.28 35.79
C PRO D 137 -19.38 40.55 36.43
N PHE D 138 -20.26 41.31 37.10
CA PHE D 138 -21.50 40.71 37.66
C PHE D 138 -22.67 41.44 37.00
N LEU D 139 -23.74 40.72 36.65
CA LEU D 139 -24.97 41.40 36.13
C LEU D 139 -25.96 41.37 37.29
N ASP D 140 -25.50 40.92 38.46
CA ASP D 140 -26.38 40.72 39.64
C ASP D 140 -26.98 42.00 40.23
N HIS D 141 -26.23 43.09 40.37
CA HIS D 141 -26.73 44.27 41.16
C HIS D 141 -27.53 45.30 40.38
N LYS D 142 -28.84 45.41 40.66
CA LYS D 142 -29.68 46.48 40.07
C LYS D 142 -30.88 46.77 40.97
N ASN D 143 -31.11 48.03 41.35
CA ASN D 143 -32.33 48.39 42.14
C ASN D 143 -32.50 47.54 43.40
N ASN D 144 -31.43 47.32 44.17
CA ASN D 144 -31.51 46.60 45.48
C ASN D 144 -32.16 45.22 45.34
N LYS D 145 -33.12 44.89 46.20
CA LYS D 145 -33.74 43.53 46.19
C LYS D 145 -34.47 43.26 44.87
N SER D 146 -35.17 44.25 44.31
CA SER D 146 -35.97 43.99 43.09
C SER D 146 -35.05 43.53 41.95
N TRP D 147 -35.44 42.49 41.23
CA TRP D 147 -34.58 41.93 40.15
C TRP D 147 -34.66 42.77 38.88
N MET D 148 -33.52 43.03 38.23
CA MET D 148 -33.54 43.75 36.92
C MET D 148 -32.23 43.44 36.19
N GLU D 149 -32.21 43.52 34.85
CA GLU D 149 -30.95 43.33 34.09
C GLU D 149 -30.02 44.51 34.38
N SER D 150 -28.71 44.27 34.51
CA SER D 150 -27.80 45.37 34.90
C SER D 150 -26.36 45.11 34.42
N GLU D 151 -25.51 46.14 34.43
CA GLU D 151 -24.08 45.98 34.05
C GLU D 151 -23.94 45.42 32.63
N PHE D 152 -24.80 45.84 31.70
CA PHE D 152 -24.62 45.39 30.30
C PHE D 152 -23.25 45.89 29.83
N ARG D 153 -22.71 46.92 30.51
CA ARG D 153 -21.40 47.45 30.17
C ARG D 153 -20.34 46.70 31.00
N VAL D 154 -20.25 45.39 30.74
CA VAL D 154 -19.26 44.57 31.40
C VAL D 154 -17.85 45.01 31.00
N TYR D 155 -17.64 45.28 29.73
CA TYR D 155 -16.37 45.81 29.23
C TYR D 155 -16.50 47.32 29.05
N SER D 156 -15.46 47.94 28.49
CA SER D 156 -15.47 49.37 28.23
C SER D 156 -15.34 49.70 26.75
N SER D 157 -14.43 49.03 26.04
CA SER D 157 -14.19 49.29 24.64
C SER D 157 -14.12 47.98 23.87
N ALA D 158 -14.38 48.06 22.56
CA ALA D 158 -14.31 46.92 21.65
C ALA D 158 -13.73 47.45 20.33
N ASN D 159 -12.40 47.33 20.19
CA ASN D 159 -11.72 47.99 19.07
C ASN D 159 -11.78 47.14 17.80
N ASN D 160 -11.17 45.96 17.82
CA ASN D 160 -11.04 45.11 16.64
C ASN D 160 -11.79 43.81 16.90
N CYS D 161 -13.07 43.79 16.55
CA CYS D 161 -13.92 42.62 16.71
C CYS D 161 -14.01 41.90 15.37
N THR D 162 -13.65 40.62 15.37
CA THR D 162 -13.61 39.85 14.12
C THR D 162 -14.92 39.12 13.85
N PHE D 163 -15.38 38.33 14.82
CA PHE D 163 -16.55 37.49 14.63
C PHE D 163 -17.73 38.02 15.44
N GLU D 164 -18.90 38.06 14.79
CA GLU D 164 -20.14 38.47 15.43
C GLU D 164 -21.22 37.43 15.12
N TYR D 165 -22.01 37.09 16.13
CA TYR D 165 -23.04 36.07 15.96
C TYR D 165 -24.22 36.38 16.87
N VAL D 166 -25.43 36.10 16.39
CA VAL D 166 -26.66 36.27 17.16
C VAL D 166 -27.57 35.10 16.84
N SER D 167 -28.38 34.69 17.82
CA SER D 167 -29.26 33.55 17.66
C SER D 167 -30.42 33.67 18.64
N GLN D 168 -31.34 32.71 18.56
CA GLN D 168 -32.51 32.67 19.42
C GLN D 168 -32.11 32.31 20.85
N PRO D 169 -32.88 32.76 21.84
CA PRO D 169 -32.56 32.44 23.23
C PRO D 169 -32.93 31.01 23.59
N PHE D 170 -32.35 30.53 24.69
CA PHE D 170 -32.67 29.23 25.22
C PHE D 170 -33.95 29.32 26.06
N LEU D 171 -34.32 28.24 26.73
CA LEU D 171 -35.49 28.25 27.60
C LEU D 171 -35.09 28.92 28.92
N MET D 172 -35.53 30.15 29.09
CA MET D 172 -35.13 30.98 30.22
C MET D 172 -36.18 30.95 31.32
N ASP D 173 -35.90 31.71 32.38
CA ASP D 173 -36.84 31.93 33.47
C ASP D 173 -36.91 33.42 33.76
N LEU D 174 -38.12 33.95 33.85
CA LEU D 174 -38.30 35.39 34.00
C LEU D 174 -37.84 35.86 35.38
N GLU D 175 -37.05 36.93 35.39
CA GLU D 175 -36.57 37.59 36.62
C GLU D 175 -35.84 36.53 37.46
N GLY D 176 -36.06 36.50 38.77
CA GLY D 176 -35.47 35.48 39.61
C GLY D 176 -36.47 34.89 40.57
N LYS D 177 -36.70 33.58 40.47
CA LYS D 177 -37.66 32.87 41.29
C LYS D 177 -36.92 31.89 42.20
N GLN D 178 -37.17 31.99 43.50
CA GLN D 178 -36.49 31.17 44.49
C GLN D 178 -37.34 29.97 44.86
N GLY D 179 -36.73 28.79 44.86
CA GLY D 179 -37.41 27.57 45.23
C GLY D 179 -37.85 26.75 44.02
N ASN D 180 -37.97 25.44 44.25
CA ASN D 180 -38.40 24.48 43.23
C ASN D 180 -37.51 24.57 41.98
N PHE D 181 -36.25 24.21 42.17
CA PHE D 181 -35.27 24.26 41.08
C PHE D 181 -35.50 23.12 40.10
N LYS D 182 -36.63 23.15 39.39
CA LYS D 182 -36.92 22.12 38.41
C LYS D 182 -35.96 22.14 37.24
N ASN D 183 -35.48 23.33 36.85
CA ASN D 183 -34.64 23.45 35.68
C ASN D 183 -33.28 22.80 35.92
N LEU D 184 -32.80 22.06 34.91
CA LEU D 184 -31.46 21.51 34.92
C LEU D 184 -30.90 21.66 33.51
N ARG D 185 -29.87 22.49 33.36
CA ARG D 185 -29.23 22.73 32.07
C ARG D 185 -27.84 22.12 32.09
N GLU D 186 -27.59 21.17 31.19
CA GLU D 186 -26.31 20.48 31.15
C GLU D 186 -25.67 20.71 29.78
N PHE D 187 -24.47 21.26 29.79
CA PHE D 187 -23.73 21.58 28.58
C PHE D 187 -22.35 20.95 28.67
N VAL D 188 -21.75 20.72 27.50
CA VAL D 188 -20.35 20.38 27.40
C VAL D 188 -19.73 21.23 26.29
N PHE D 189 -18.60 21.85 26.59
CA PHE D 189 -17.92 22.77 25.69
C PHE D 189 -16.64 22.13 25.19
N LYS D 190 -16.34 22.33 23.91
CA LYS D 190 -15.03 21.92 23.41
C LYS D 190 -14.63 22.86 22.27
N ASN D 191 -13.32 22.88 22.00
CA ASN D 191 -12.76 23.70 20.92
C ASN D 191 -11.72 22.86 20.20
N ILE D 192 -12.13 22.28 19.07
CA ILE D 192 -11.28 21.39 18.28
C ILE D 192 -11.18 21.92 16.86
N ASP D 193 -9.95 21.99 16.34
CA ASP D 193 -9.68 22.46 14.98
C ASP D 193 -10.27 23.85 14.73
N GLY D 194 -10.10 24.73 15.71
CA GLY D 194 -10.63 26.08 15.61
C GLY D 194 -12.14 26.17 15.66
N TYR D 195 -12.84 25.08 15.96
CA TYR D 195 -14.29 25.07 16.04
C TYR D 195 -14.72 24.90 17.49
N PHE D 196 -15.44 25.88 18.02
CA PHE D 196 -16.03 25.79 19.34
C PHE D 196 -17.40 25.15 19.23
N LYS D 197 -17.54 23.94 19.77
CA LYS D 197 -18.77 23.18 19.75
C LYS D 197 -19.37 23.15 21.13
N ILE D 198 -20.67 23.42 21.22
CA ILE D 198 -21.42 23.36 22.47
C ILE D 198 -22.49 22.29 22.32
N TYR D 199 -22.52 21.34 23.26
CA TYR D 199 -23.50 20.25 23.23
C TYR D 199 -24.38 20.43 24.45
N SER D 200 -25.70 20.48 24.24
CA SER D 200 -26.62 20.96 25.27
C SER D 200 -27.77 20.01 25.51
N LYS D 201 -28.31 20.07 26.72
CA LYS D 201 -29.58 19.45 27.09
C LYS D 201 -30.24 20.30 28.17
N HIS D 202 -31.56 20.41 28.10
CA HIS D 202 -32.34 21.26 28.98
C HIS D 202 -33.54 20.46 29.50
N THR D 203 -33.48 20.05 30.76
CA THR D 203 -34.57 19.29 31.36
C THR D 203 -35.16 20.07 32.52
N PRO D 204 -36.32 20.69 32.37
CA PRO D 204 -36.96 21.32 33.54
C PRO D 204 -37.71 20.29 34.38
N ILE D 205 -37.10 19.13 34.61
CA ILE D 205 -37.73 18.02 35.33
C ILE D 205 -36.76 17.57 36.41
N LEU D 206 -36.89 18.15 37.61
CA LEU D 206 -36.21 17.66 38.80
C LEU D 206 -37.26 17.63 39.91
N VAL D 207 -37.92 16.49 40.10
CA VAL D 207 -38.95 16.37 41.14
C VAL D 207 -38.24 15.82 42.39
N ARG D 208 -37.56 16.70 43.09
CA ARG D 208 -36.88 16.40 44.35
C ARG D 208 -36.23 17.69 44.84
N GLU D 209 -35.73 17.64 46.07
CA GLU D 209 -34.85 18.68 46.56
C GLU D 209 -33.50 18.60 45.84
N PRO D 210 -32.79 19.72 45.71
CA PRO D 210 -31.60 19.73 44.84
C PRO D 210 -30.52 18.71 45.21
N GLU D 211 -29.98 18.83 46.42
CA GLU D 211 -28.89 17.96 46.90
C GLU D 211 -27.83 17.69 45.83
N ASP D 212 -27.65 16.43 45.48
CA ASP D 212 -26.60 16.00 44.57
C ASP D 212 -27.17 15.78 43.17
N LEU D 213 -26.35 15.25 42.28
CA LEU D 213 -26.76 15.00 40.91
C LEU D 213 -27.80 13.88 40.86
N PRO D 214 -28.68 13.91 39.87
CA PRO D 214 -29.70 12.86 39.74
C PRO D 214 -29.12 11.60 39.10
N GLN D 215 -29.95 10.57 39.01
CA GLN D 215 -29.56 9.29 38.44
C GLN D 215 -30.35 9.03 37.17
N GLY D 216 -29.69 8.44 36.18
CA GLY D 216 -30.32 8.11 34.93
C GLY D 216 -29.47 8.62 33.77
N PHE D 217 -29.90 8.25 32.57
CA PHE D 217 -29.23 8.65 31.34
C PHE D 217 -29.82 9.95 30.82
N SER D 218 -29.05 10.62 29.97
CA SER D 218 -29.50 11.85 29.33
C SER D 218 -28.64 12.09 28.10
N ALA D 219 -29.24 11.97 26.92
CA ALA D 219 -28.54 12.29 25.69
C ALA D 219 -28.29 13.80 25.60
N LEU D 220 -27.06 14.15 25.21
CA LEU D 220 -26.65 15.55 25.05
C LEU D 220 -26.59 15.82 23.54
N GLU D 221 -27.65 16.42 23.01
CA GLU D 221 -27.62 16.81 21.62
C GLU D 221 -26.71 18.02 21.43
N PRO D 222 -25.86 18.03 20.40
CA PRO D 222 -25.08 19.24 20.09
C PRO D 222 -25.99 20.42 19.80
N LEU D 223 -25.57 21.59 20.27
CA LEU D 223 -26.39 22.79 20.11
C LEU D 223 -25.96 23.62 18.91
N VAL D 224 -24.72 24.12 18.91
CA VAL D 224 -24.19 24.86 17.78
C VAL D 224 -22.67 24.71 17.75
N ASP D 225 -22.08 25.12 16.63
CA ASP D 225 -20.62 25.11 16.47
C ASP D 225 -20.25 26.40 15.74
N LEU D 226 -19.24 27.09 16.25
CA LEU D 226 -18.80 28.35 15.68
C LEU D 226 -17.31 28.29 15.38
N PRO D 227 -16.88 28.86 14.25
CA PRO D 227 -15.43 28.86 13.93
C PRO D 227 -14.69 30.02 14.58
N ILE D 228 -14.68 30.02 15.91
CA ILE D 228 -14.05 31.10 16.66
C ILE D 228 -12.53 31.05 16.50
N GLY D 229 -11.94 29.89 16.72
CA GLY D 229 -10.53 29.70 16.43
C GLY D 229 -9.55 29.97 17.57
N ILE D 230 -9.87 30.95 18.42
CA ILE D 230 -8.92 31.38 19.44
C ILE D 230 -8.74 30.29 20.50
N ASN D 231 -7.53 30.20 21.03
CA ASN D 231 -7.23 29.30 22.14
C ASN D 231 -7.85 29.84 23.44
N ILE D 232 -8.24 28.91 24.31
CA ILE D 232 -8.85 29.24 25.58
C ILE D 232 -8.14 28.43 26.67
N THR D 233 -7.72 29.11 27.73
CA THR D 233 -7.02 28.47 28.84
C THR D 233 -7.72 28.66 30.17
N ARG D 234 -8.48 29.74 30.34
CA ARG D 234 -9.26 29.97 31.54
C ARG D 234 -10.44 30.86 31.19
N PHE D 235 -11.45 30.89 32.06
CA PHE D 235 -12.64 31.66 31.78
C PHE D 235 -13.40 31.91 33.08
N GLN D 236 -14.47 32.70 32.97
CA GLN D 236 -15.33 33.02 34.10
C GLN D 236 -16.78 32.71 33.72
N THR D 237 -17.56 32.34 34.73
CA THR D 237 -18.98 32.01 34.55
C THR D 237 -19.81 33.22 34.94
N LEU D 238 -20.50 33.79 33.96
CA LEU D 238 -21.33 34.97 34.20
C LEU D 238 -22.69 34.55 34.73
N LEU D 239 -23.06 35.10 35.88
CA LEU D 239 -24.33 34.75 36.52
C LEU D 239 -25.00 36.02 37.03
N ALA D 240 -26.32 35.97 37.14
CA ALA D 240 -27.10 37.10 37.62
C ALA D 240 -27.35 37.00 39.12
N SER D 251 -27.84 51.38 46.03
CA SER D 251 -28.30 50.00 45.96
C SER D 251 -27.35 49.15 45.11
N SER D 252 -26.29 49.79 44.60
CA SER D 252 -25.30 49.08 43.79
C SER D 252 -24.44 48.13 44.61
N SER D 253 -24.47 48.22 45.94
CA SER D 253 -23.72 47.31 46.80
C SER D 253 -24.70 46.49 47.62
N GLY D 254 -24.55 45.16 47.60
CA GLY D 254 -25.42 44.29 48.41
C GLY D 254 -26.66 43.85 47.66
N TRP D 255 -26.78 42.54 47.40
CA TRP D 255 -27.95 42.00 46.66
C TRP D 255 -28.50 40.76 47.37
N THR D 256 -29.82 40.57 47.38
CA THR D 256 -30.41 39.34 47.98
C THR D 256 -30.86 38.41 46.83
N ALA D 257 -30.04 37.40 46.51
CA ALA D 257 -30.37 36.52 45.40
C ALA D 257 -30.77 35.14 45.92
N GLY D 258 -31.42 34.36 45.06
CA GLY D 258 -31.86 33.04 45.43
C GLY D 258 -30.75 32.01 45.37
N ALA D 259 -31.07 30.82 45.85
CA ALA D 259 -30.12 29.73 45.85
C ALA D 259 -29.88 29.21 44.44
N ALA D 260 -28.70 28.61 44.24
CA ALA D 260 -28.32 28.07 42.95
C ALA D 260 -27.20 27.06 43.17
N ALA D 261 -27.19 26.00 42.36
CA ALA D 261 -26.18 24.96 42.45
C ALA D 261 -25.72 24.57 41.05
N TYR D 262 -24.41 24.39 40.90
CA TYR D 262 -23.87 23.98 39.61
C TYR D 262 -22.64 23.11 39.82
N TYR D 263 -22.47 22.14 38.94
CA TYR D 263 -21.40 21.15 38.99
C TYR D 263 -20.56 21.27 37.73
N VAL D 264 -19.25 21.14 37.89
CA VAL D 264 -18.31 21.24 36.78
C VAL D 264 -17.38 20.04 36.80
N GLY D 265 -17.12 19.49 35.62
CA GLY D 265 -16.17 18.40 35.48
C GLY D 265 -15.31 18.61 34.26
N TYR D 266 -14.18 17.90 34.23
CA TYR D 266 -13.28 17.95 33.10
C TYR D 266 -13.48 16.72 32.21
N LEU D 267 -12.82 16.74 31.06
CA LEU D 267 -12.96 15.68 30.08
C LEU D 267 -11.63 14.99 29.86
N GLN D 268 -11.71 13.68 29.62
CA GLN D 268 -10.54 12.86 29.32
C GLN D 268 -10.76 12.12 28.02
N PRO D 269 -9.69 11.80 27.29
CA PRO D 269 -9.85 10.99 26.08
C PRO D 269 -10.09 9.53 26.42
N ARG D 270 -11.27 9.02 26.07
CA ARG D 270 -11.66 7.66 26.42
C ARG D 270 -12.38 7.02 25.25
N THR D 271 -12.39 5.69 25.25
CA THR D 271 -13.15 4.90 24.29
C THR D 271 -14.47 4.49 24.93
N PHE D 272 -15.57 4.91 24.34
CA PHE D 272 -16.91 4.64 24.84
C PHE D 272 -17.67 3.74 23.88
N LEU D 273 -18.40 2.79 24.45
CA LEU D 273 -19.34 1.96 23.71
C LEU D 273 -20.73 2.54 23.88
N LEU D 274 -21.30 3.07 22.79
CA LEU D 274 -22.60 3.69 22.78
C LEU D 274 -23.60 2.78 22.06
N LYS D 275 -24.75 2.56 22.68
CA LYS D 275 -25.79 1.72 22.11
C LYS D 275 -26.88 2.61 21.52
N TYR D 276 -26.90 2.72 20.20
CA TYR D 276 -27.99 3.38 19.50
C TYR D 276 -29.22 2.48 19.52
N ASN D 277 -30.36 3.05 19.86
CA ASN D 277 -31.60 2.27 19.90
C ASN D 277 -32.18 2.20 18.48
N GLU D 278 -33.41 1.71 18.37
CA GLU D 278 -34.07 1.66 17.07
C GLU D 278 -34.37 3.07 16.55
N ASN D 279 -34.60 4.03 17.44
CA ASN D 279 -34.85 5.40 17.03
C ASN D 279 -33.58 6.19 16.79
N GLY D 280 -32.42 5.66 17.17
CA GLY D 280 -31.17 6.35 16.96
C GLY D 280 -30.70 7.25 18.08
N THR D 281 -31.46 7.37 19.16
CA THR D 281 -31.03 8.15 20.31
C THR D 281 -30.22 7.28 21.27
N ILE D 282 -29.32 7.92 22.01
CA ILE D 282 -28.48 7.19 22.95
C ILE D 282 -29.35 6.62 24.06
N THR D 283 -29.21 5.32 24.29
CA THR D 283 -30.01 4.58 25.27
C THR D 283 -29.17 3.88 26.31
N ASP D 284 -27.96 3.44 25.97
CA ASP D 284 -27.03 2.87 26.94
C ASP D 284 -25.61 3.23 26.52
N ALA D 285 -24.70 3.23 27.51
CA ALA D 285 -23.31 3.56 27.23
C ALA D 285 -22.42 2.98 28.32
N VAL D 286 -21.23 2.54 27.91
CA VAL D 286 -20.24 2.03 28.85
C VAL D 286 -18.88 2.59 28.47
N ASP D 287 -17.97 2.65 29.44
CA ASP D 287 -16.63 3.16 29.25
C ASP D 287 -15.62 2.03 29.48
N CYS D 288 -14.71 1.85 28.54
CA CYS D 288 -13.77 0.73 28.60
C CYS D 288 -12.87 0.81 29.83
N ALA D 289 -12.33 1.98 30.12
CA ALA D 289 -11.25 2.13 31.10
C ALA D 289 -11.76 2.36 32.52
N LEU D 290 -13.00 1.96 32.82
CA LEU D 290 -13.54 2.13 34.17
C LEU D 290 -13.37 0.88 35.02
N ASP D 291 -13.91 -0.26 34.58
CA ASP D 291 -13.90 -1.48 35.34
C ASP D 291 -13.47 -2.64 34.46
N PRO D 292 -12.89 -3.70 35.06
CA PRO D 292 -12.61 -4.91 34.26
C PRO D 292 -13.85 -5.48 33.60
N LEU D 293 -14.99 -5.45 34.30
CA LEU D 293 -16.23 -5.87 33.69
C LEU D 293 -16.59 -4.97 32.50
N SER D 294 -16.37 -3.66 32.65
CA SER D 294 -16.58 -2.76 31.53
C SER D 294 -15.64 -3.08 30.39
N GLU D 295 -14.38 -3.41 30.71
CA GLU D 295 -13.41 -3.75 29.67
C GLU D 295 -13.84 -4.97 28.89
N THR D 296 -14.28 -6.02 29.59
CA THR D 296 -14.72 -7.22 28.89
C THR D 296 -16.06 -7.03 28.20
N LYS D 297 -16.88 -6.08 28.66
CA LYS D 297 -18.08 -5.73 27.93
C LYS D 297 -17.74 -5.06 26.60
N CYS D 298 -16.82 -4.10 26.62
CA CYS D 298 -16.54 -3.32 25.42
C CYS D 298 -15.52 -3.97 24.50
N THR D 299 -14.83 -5.02 24.95
CA THR D 299 -13.95 -5.77 24.05
C THR D 299 -14.68 -6.87 23.29
N LEU D 300 -15.93 -7.14 23.65
CA LEU D 300 -16.76 -8.10 22.92
C LEU D 300 -17.86 -7.41 22.12
N LYS D 301 -17.96 -6.09 22.19
CA LYS D 301 -18.98 -5.31 21.50
C LYS D 301 -20.38 -5.81 21.84
N SER D 302 -20.61 -6.02 23.14
CA SER D 302 -21.91 -6.46 23.64
C SER D 302 -22.10 -5.92 25.05
N PHE D 303 -23.34 -5.93 25.50
CA PHE D 303 -23.68 -5.40 26.82
C PHE D 303 -23.94 -6.47 27.86
N THR D 304 -24.37 -7.66 27.45
CA THR D 304 -24.52 -8.81 28.34
C THR D 304 -23.54 -9.88 27.90
N VAL D 305 -22.73 -10.36 28.82
CA VAL D 305 -21.70 -11.35 28.53
C VAL D 305 -21.98 -12.61 29.33
N GLU D 306 -21.83 -13.76 28.68
CA GLU D 306 -22.11 -15.04 29.31
C GLU D 306 -20.94 -15.48 30.20
N LYS D 307 -21.23 -16.44 31.07
CA LYS D 307 -20.24 -16.93 32.00
C LYS D 307 -19.08 -17.60 31.27
N GLY D 308 -17.86 -17.25 31.67
CA GLY D 308 -16.68 -17.84 31.06
C GLY D 308 -15.48 -16.93 31.24
N ILE D 309 -14.33 -17.47 30.84
CA ILE D 309 -13.07 -16.73 30.84
C ILE D 309 -13.03 -15.84 29.60
N TYR D 310 -12.32 -14.71 29.71
CA TYR D 310 -12.14 -13.80 28.60
C TYR D 310 -10.77 -13.14 28.71
N GLN D 311 -10.29 -12.64 27.59
CA GLN D 311 -9.01 -11.96 27.53
C GLN D 311 -9.21 -10.51 27.07
N THR D 312 -8.38 -9.62 27.61
CA THR D 312 -8.54 -8.19 27.41
C THR D 312 -7.16 -7.59 27.20
N SER D 313 -7.08 -6.25 27.26
CA SER D 313 -5.80 -5.54 26.97
C SER D 313 -4.66 -6.06 27.84
N ASN D 314 -3.44 -6.05 27.28
CA ASN D 314 -2.25 -6.55 28.03
C ASN D 314 -1.79 -5.48 29.02
N PHE D 315 -1.60 -5.85 30.30
CA PHE D 315 -1.08 -4.88 31.30
C PHE D 315 0.42 -4.64 31.03
N ARG D 316 0.87 -3.39 31.15
CA ARG D 316 2.30 -3.07 30.98
C ARG D 316 2.71 -2.05 32.04
N VAL D 317 3.98 -2.07 32.47
CA VAL D 317 4.40 -1.19 33.60
C VAL D 317 4.88 0.15 33.02
N GLN D 318 4.19 1.24 33.39
CA GLN D 318 4.58 2.60 32.91
C GLN D 318 5.92 3.00 33.54
N PRO D 319 6.80 3.72 32.82
CA PRO D 319 8.06 4.20 33.39
C PRO D 319 7.84 5.20 34.52
N THR D 320 8.72 5.18 35.53
CA THR D 320 8.56 6.08 36.70
C THR D 320 9.33 7.38 36.48
N GLU D 321 10.49 7.30 35.80
CA GLU D 321 11.32 8.48 35.60
C GLU D 321 12.14 8.28 34.32
N SER D 322 13.05 9.22 34.06
CA SER D 322 13.90 9.16 32.89
C SER D 322 15.32 9.55 33.28
N ILE D 323 16.29 8.80 32.76
CA ILE D 323 17.70 9.06 33.02
C ILE D 323 18.45 9.05 31.69
N VAL D 324 19.33 10.02 31.50
CA VAL D 324 20.13 10.16 30.29
C VAL D 324 21.60 10.15 30.69
N ARG D 325 22.39 9.33 29.99
CA ARG D 325 23.82 9.21 30.24
C ARG D 325 24.59 9.48 28.96
N PHE D 326 25.46 10.48 29.00
CA PHE D 326 26.37 10.84 27.93
C PHE D 326 27.78 10.86 28.49
N PRO D 327 28.80 10.78 27.63
CA PRO D 327 30.18 10.84 28.12
C PRO D 327 30.42 12.10 28.95
N ASN D 328 31.15 11.92 30.05
CA ASN D 328 31.33 13.00 31.03
C ASN D 328 32.20 14.13 30.52
N ILE D 329 32.87 13.97 29.38
CA ILE D 329 33.72 15.03 28.84
C ILE D 329 32.87 16.25 28.51
N THR D 330 33.47 17.43 28.66
CA THR D 330 32.80 18.70 28.38
C THR D 330 33.78 19.60 27.62
N ASN D 331 33.76 19.51 26.30
CA ASN D 331 34.63 20.32 25.45
C ASN D 331 33.81 20.83 24.27
N LEU D 332 34.22 21.99 23.76
CA LEU D 332 33.58 22.60 22.60
C LEU D 332 34.25 22.09 21.34
N CYS D 333 33.45 21.56 20.42
CA CYS D 333 34.00 21.03 19.19
C CYS D 333 34.50 22.16 18.29
N PRO D 334 35.55 21.94 17.51
CA PRO D 334 36.06 22.99 16.62
C PRO D 334 35.14 23.25 15.44
N PHE D 335 33.96 23.81 15.70
CA PHE D 335 32.97 24.09 14.68
C PHE D 335 33.09 25.51 14.12
N ASP D 336 33.09 26.52 15.01
CA ASP D 336 33.06 27.89 14.56
C ASP D 336 34.31 28.24 13.74
N GLU D 337 35.48 27.74 14.16
CA GLU D 337 36.70 28.03 13.42
C GLU D 337 36.62 27.47 12.00
N VAL D 338 35.99 26.31 11.84
CA VAL D 338 35.75 25.77 10.51
C VAL D 338 34.81 26.69 9.73
N PHE D 339 33.73 27.14 10.37
CA PHE D 339 32.75 27.98 9.71
C PHE D 339 33.18 29.45 9.62
N ASN D 340 34.19 29.85 10.39
CA ASN D 340 34.72 31.21 10.32
C ASN D 340 36.15 31.23 9.82
N ALA D 341 36.58 30.18 9.13
CA ALA D 341 37.94 30.13 8.59
C ALA D 341 38.12 31.20 7.52
N THR D 342 39.25 31.90 7.57
CA THR D 342 39.52 32.96 6.61
C THR D 342 39.66 32.40 5.20
N ARG D 343 40.32 31.26 5.06
CA ARG D 343 40.62 30.68 3.76
C ARG D 343 40.03 29.29 3.66
N PHE D 344 39.44 28.98 2.51
CA PHE D 344 38.96 27.64 2.20
C PHE D 344 39.75 27.08 1.02
N ALA D 345 40.04 25.77 1.09
CA ALA D 345 40.78 25.12 0.02
C ALA D 345 39.91 24.98 -1.23
N SER D 346 40.54 24.62 -2.33
CA SER D 346 39.83 24.44 -3.59
C SER D 346 38.94 23.20 -3.52
N VAL D 347 37.95 23.16 -4.41
CA VAL D 347 37.00 22.06 -4.43
C VAL D 347 37.72 20.75 -4.77
N TYR D 348 38.65 20.79 -5.72
CA TYR D 348 39.41 19.60 -6.05
C TYR D 348 40.45 19.26 -4.98
N ALA D 349 40.78 20.21 -4.12
CA ALA D 349 41.76 20.03 -3.06
C ALA D 349 41.10 20.13 -1.69
N TRP D 350 39.95 19.48 -1.55
CA TRP D 350 39.20 19.53 -0.29
C TRP D 350 40.05 18.95 0.84
N ASN D 351 39.95 19.59 2.01
CA ASN D 351 40.70 19.17 3.19
C ASN D 351 39.77 18.51 4.19
N ARG D 352 40.17 17.33 4.68
CA ARG D 352 39.39 16.57 5.63
C ARG D 352 39.98 16.73 7.01
N LYS D 353 39.14 17.03 8.00
CA LYS D 353 39.57 17.27 9.36
C LYS D 353 38.90 16.29 10.32
N ARG D 354 39.64 15.89 11.34
CA ARG D 354 39.13 15.02 12.39
C ARG D 354 38.45 15.84 13.46
N ILE D 355 37.21 15.48 13.78
CA ILE D 355 36.43 16.12 14.83
C ILE D 355 35.95 15.04 15.79
N SER D 356 36.42 15.10 17.03
CA SER D 356 36.08 14.10 18.04
C SER D 356 36.52 14.65 19.39
N ASN D 357 36.25 13.86 20.44
CA ASN D 357 36.66 14.18 21.81
C ASN D 357 36.13 15.56 22.25
N CYS D 358 34.90 15.86 21.87
CA CYS D 358 34.31 17.15 22.19
C CYS D 358 32.79 17.05 22.07
N VAL D 359 32.11 18.04 22.63
CA VAL D 359 30.67 18.17 22.52
C VAL D 359 30.36 19.24 21.50
N ALA D 360 29.60 18.90 20.46
CA ALA D 360 29.28 19.81 19.37
C ALA D 360 27.89 20.40 19.59
N ASP D 361 27.82 21.72 19.57
CA ASP D 361 26.56 22.45 19.72
C ASP D 361 26.19 23.05 18.37
N TYR D 362 25.10 22.56 17.78
CA TYR D 362 24.63 23.07 16.51
C TYR D 362 23.68 24.25 16.66
N SER D 363 23.29 24.59 17.89
CA SER D 363 22.39 25.72 18.10
C SER D 363 23.06 27.04 17.69
N VAL D 364 24.34 27.19 18.01
CA VAL D 364 25.05 28.41 17.63
C VAL D 364 25.16 28.52 16.11
N LEU D 365 25.32 27.38 15.43
CA LEU D 365 25.36 27.40 13.97
C LEU D 365 24.00 27.77 13.39
N TYR D 366 22.92 27.37 14.05
CA TYR D 366 21.58 27.69 13.57
C TYR D 366 21.35 29.19 13.47
N ASN D 367 21.96 29.97 14.35
CA ASN D 367 21.69 31.40 14.45
C ASN D 367 22.42 32.22 13.40
N LEU D 368 23.30 31.62 12.60
CA LEU D 368 24.04 32.38 11.60
C LEU D 368 23.12 32.72 10.43
N ALA D 369 23.01 34.01 10.13
CA ALA D 369 22.03 34.47 9.15
C ALA D 369 22.26 33.95 7.74
N PRO D 370 23.44 34.05 7.13
CA PRO D 370 23.57 33.79 5.69
C PRO D 370 23.64 32.33 5.30
N PHE D 371 23.29 31.39 6.17
CA PHE D 371 23.28 29.98 5.79
C PHE D 371 22.19 29.73 4.76
N PHE D 372 22.53 29.01 3.70
CA PHE D 372 21.62 28.75 2.59
C PHE D 372 21.19 27.30 2.51
N THR D 373 22.13 26.37 2.44
CA THR D 373 21.84 24.95 2.25
C THR D 373 21.90 24.25 3.60
N PHE D 374 20.74 23.83 4.10
CA PHE D 374 20.65 23.05 5.34
C PHE D 374 19.51 22.04 5.17
N LYS D 375 19.84 20.85 4.70
CA LYS D 375 18.87 19.76 4.55
C LYS D 375 19.59 18.45 4.83
N CYS D 376 19.24 17.81 5.94
CA CYS D 376 19.95 16.62 6.41
C CYS D 376 19.10 15.38 6.15
N TYR D 377 19.68 14.43 5.43
CA TYR D 377 18.93 13.30 4.88
C TYR D 377 18.72 12.19 5.91
N GLY D 378 19.81 11.60 6.40
CA GLY D 378 19.71 10.49 7.33
C GLY D 378 19.39 10.91 8.75
N VAL D 379 19.45 12.20 9.05
CA VAL D 379 19.21 12.71 10.39
C VAL D 379 18.27 13.90 10.30
N SER D 380 17.32 13.95 11.23
CA SER D 380 16.44 15.10 11.32
C SER D 380 17.23 16.30 11.82
N PRO D 381 17.19 17.44 11.13
CA PRO D 381 18.04 18.58 11.52
C PRO D 381 17.80 19.07 12.93
N THR D 382 16.55 19.03 13.41
CA THR D 382 16.26 19.49 14.76
C THR D 382 16.73 18.53 15.84
N LYS D 383 17.14 17.31 15.47
CA LYS D 383 17.52 16.28 16.43
C LYS D 383 19.02 16.11 16.55
N LEU D 384 19.80 17.06 16.03
CA LEU D 384 21.25 17.00 16.12
C LEU D 384 21.79 17.43 17.47
N ASN D 385 20.95 17.97 18.36
CA ASN D 385 21.38 18.44 19.66
C ASN D 385 21.19 17.40 20.76
N ASP D 386 20.72 16.20 20.43
CA ASP D 386 20.48 15.19 21.46
C ASP D 386 20.92 13.79 21.03
N LEU D 387 21.73 13.66 19.99
CA LEU D 387 22.20 12.36 19.51
C LEU D 387 23.72 12.37 19.45
N CYS D 388 24.33 11.31 19.97
CA CYS D 388 25.78 11.21 20.06
C CYS D 388 26.36 10.74 18.73
N PHE D 389 27.46 11.37 18.34
CA PHE D 389 28.10 11.15 17.04
C PHE D 389 29.40 10.40 17.25
N THR D 390 29.54 9.25 16.58
CA THR D 390 30.74 8.43 16.74
C THR D 390 31.97 9.14 16.18
N ASN D 391 31.89 9.63 14.94
CA ASN D 391 33.02 10.27 14.29
C ASN D 391 32.57 11.08 13.09
N VAL D 392 32.87 12.37 13.08
CA VAL D 392 32.43 13.27 12.02
C VAL D 392 33.64 13.95 11.39
N TYR D 393 33.58 14.13 10.07
CA TYR D 393 34.64 14.76 9.31
C TYR D 393 34.11 16.01 8.62
N ALA D 394 34.98 17.00 8.44
CA ALA D 394 34.63 18.26 7.81
C ALA D 394 35.50 18.49 6.58
N ASP D 395 34.86 18.91 5.49
CA ASP D 395 35.54 19.22 4.24
C ASP D 395 35.17 20.64 3.83
N SER D 396 36.18 21.46 3.57
CA SER D 396 35.99 22.88 3.28
C SER D 396 36.36 23.18 1.84
N PHE D 397 35.51 23.93 1.15
CA PHE D 397 35.76 24.34 -0.23
C PHE D 397 34.75 25.42 -0.60
N VAL D 398 35.05 26.13 -1.69
CA VAL D 398 34.18 27.17 -2.22
C VAL D 398 33.88 26.85 -3.67
N ILE D 399 32.60 26.91 -4.04
CA ILE D 399 32.15 26.59 -5.39
C ILE D 399 31.24 27.71 -5.89
N ARG D 400 30.86 27.61 -7.17
CA ARG D 400 29.95 28.56 -7.77
C ARG D 400 28.52 28.32 -7.27
N GLY D 401 27.66 29.30 -7.53
CA GLY D 401 26.25 29.14 -7.17
C GLY D 401 25.55 28.06 -7.97
N ASP D 402 25.90 27.93 -9.25
CA ASP D 402 25.26 26.95 -10.11
C ASP D 402 25.63 25.52 -9.75
N GLU D 403 26.74 25.31 -9.05
CA GLU D 403 27.22 23.98 -8.72
C GLU D 403 26.75 23.48 -7.36
N VAL D 404 25.91 24.26 -6.66
CA VAL D 404 25.44 23.83 -5.35
C VAL D 404 24.51 22.63 -5.46
N ARG D 405 23.79 22.50 -6.58
CA ARG D 405 22.86 21.39 -6.75
C ARG D 405 23.56 20.06 -7.03
N GLN D 406 24.76 20.09 -7.60
CA GLN D 406 25.50 18.86 -7.92
C GLN D 406 26.25 18.29 -6.74
N ILE D 407 26.40 19.05 -5.64
CA ILE D 407 27.13 18.56 -4.48
C ILE D 407 26.39 17.40 -3.83
N ALA D 408 25.06 17.45 -3.84
CA ALA D 408 24.28 16.42 -3.16
C ALA D 408 24.56 15.04 -3.78
N PRO D 409 24.63 13.99 -2.97
CA PRO D 409 24.95 12.66 -3.51
C PRO D 409 23.90 12.18 -4.49
N GLY D 410 24.34 11.38 -5.46
CA GLY D 410 23.48 10.83 -6.48
C GLY D 410 23.46 11.63 -7.77
N GLN D 411 23.90 12.88 -7.76
CA GLN D 411 23.94 13.70 -8.95
C GLN D 411 25.33 13.67 -9.57
N THR D 412 25.39 14.04 -10.84
CA THR D 412 26.63 14.02 -11.61
C THR D 412 26.80 15.34 -12.36
N GLY D 413 28.05 15.64 -12.70
CA GLY D 413 28.35 16.85 -13.42
C GLY D 413 29.84 17.03 -13.58
N ASN D 414 30.21 18.17 -14.15
CA ASN D 414 31.63 18.47 -14.35
C ASN D 414 32.37 18.60 -13.03
N ILE D 415 31.76 19.25 -12.03
CA ILE D 415 32.36 19.38 -10.71
C ILE D 415 31.98 18.18 -9.86
N ALA D 416 30.81 17.59 -10.12
CA ALA D 416 30.34 16.48 -9.30
C ALA D 416 31.08 15.18 -9.57
N ASP D 417 31.72 15.06 -10.74
CA ASP D 417 32.42 13.83 -11.10
C ASP D 417 33.94 13.99 -11.15
N TYR D 418 34.45 15.21 -11.28
CA TYR D 418 35.88 15.43 -11.40
C TYR D 418 36.51 16.09 -10.19
N ASN D 419 35.71 16.70 -9.31
CA ASN D 419 36.23 17.41 -8.15
C ASN D 419 35.84 16.75 -6.83
N TYR D 420 34.55 16.56 -6.59
CA TYR D 420 34.09 16.00 -5.33
C TYR D 420 32.83 15.18 -5.57
N LYS D 421 32.75 14.03 -4.89
CA LYS D 421 31.61 13.13 -5.00
C LYS D 421 31.24 12.62 -3.62
N LEU D 422 29.95 12.33 -3.45
CA LEU D 422 29.44 11.81 -2.19
C LEU D 422 28.76 10.46 -2.39
N PRO D 423 28.89 9.54 -1.44
CA PRO D 423 28.24 8.24 -1.59
C PRO D 423 26.73 8.34 -1.45
N ASP D 424 26.05 7.38 -2.08
CA ASP D 424 24.59 7.37 -2.05
C ASP D 424 24.04 7.23 -0.63
N ASP D 425 24.80 6.59 0.25
CA ASP D 425 24.40 6.42 1.65
C ASP D 425 24.95 7.52 2.55
N PHE D 426 25.15 8.73 2.00
CA PHE D 426 25.69 9.84 2.78
C PHE D 426 24.81 10.14 3.99
N THR D 427 25.44 10.35 5.14
CA THR D 427 24.75 10.61 6.39
C THR D 427 24.99 12.05 6.79
N GLY D 428 23.92 12.79 7.05
CA GLY D 428 24.04 14.16 7.49
C GLY D 428 23.68 15.19 6.44
N CYS D 429 24.41 16.28 6.40
CA CYS D 429 24.08 17.39 5.52
C CYS D 429 25.28 18.34 5.40
N VAL D 430 25.25 19.13 4.33
CA VAL D 430 26.26 20.15 4.07
C VAL D 430 25.65 21.51 4.37
N ILE D 431 26.52 22.48 4.63
CA ILE D 431 26.11 23.84 4.93
C ILE D 431 26.82 24.78 3.96
N ALA D 432 26.04 25.61 3.27
CA ALA D 432 26.55 26.56 2.30
C ALA D 432 26.08 27.96 2.65
N TRP D 433 27.01 28.90 2.65
CA TRP D 433 26.67 30.31 2.87
C TRP D 433 27.45 31.17 1.88
N ASN D 434 26.89 32.32 1.54
CA ASN D 434 27.49 33.19 0.55
C ASN D 434 28.79 33.80 1.07
N SER D 435 29.79 33.85 0.21
CA SER D 435 31.06 34.50 0.51
C SER D 435 31.39 35.58 -0.51
N ASN D 436 30.34 36.18 -1.10
CA ASN D 436 30.54 37.29 -2.02
C ASN D 436 31.24 38.45 -1.33
N LYS D 437 30.92 38.69 -0.05
CA LYS D 437 31.57 39.76 0.70
C LYS D 437 33.05 39.47 0.91
N LEU D 438 33.40 38.22 1.17
CA LEU D 438 34.75 37.86 1.58
C LEU D 438 35.61 37.34 0.42
N ASP D 439 35.17 36.25 -0.23
CA ASP D 439 35.99 35.65 -1.28
C ASP D 439 36.03 36.52 -2.52
N SER D 440 34.87 37.00 -2.97
CA SER D 440 34.83 37.83 -4.17
C SER D 440 35.40 39.21 -3.87
N LYS D 441 36.68 39.39 -4.15
CA LYS D 441 37.42 40.60 -3.85
C LYS D 441 37.17 41.63 -4.96
N VAL D 442 37.66 42.86 -4.75
CA VAL D 442 37.46 43.92 -5.73
C VAL D 442 38.05 43.53 -7.08
N SER D 443 39.25 42.95 -7.07
CA SER D 443 39.84 42.49 -8.31
C SER D 443 39.07 41.35 -8.96
N GLY D 444 38.31 40.60 -8.16
CA GLY D 444 37.53 39.49 -8.67
C GLY D 444 38.26 38.18 -8.50
N ASN D 445 37.82 37.37 -7.54
CA ASN D 445 38.61 36.23 -7.08
C ASN D 445 38.85 35.23 -8.20
N TYR D 446 40.10 34.81 -8.35
CA TYR D 446 40.51 33.86 -9.39
C TYR D 446 41.28 32.67 -8.86
N ASN D 447 41.51 32.58 -7.54
CA ASN D 447 42.38 31.54 -7.00
C ASN D 447 41.75 30.16 -7.01
N TYR D 448 40.44 30.05 -6.79
CA TYR D 448 39.78 28.77 -6.65
C TYR D 448 39.86 27.98 -7.96
N LEU D 449 40.05 26.68 -7.84
CA LEU D 449 40.37 25.83 -8.98
C LEU D 449 39.38 24.69 -9.09
N TYR D 450 39.19 24.21 -10.32
CA TYR D 450 38.33 23.08 -10.60
C TYR D 450 38.88 22.34 -11.83
N ARG D 451 38.73 21.02 -11.81
CA ARG D 451 39.26 20.16 -12.85
C ARG D 451 38.17 19.85 -13.87
N LEU D 452 38.50 19.99 -15.15
CA LEU D 452 37.55 19.68 -16.23
C LEU D 452 37.97 18.50 -17.09
N PHE D 453 39.21 18.04 -16.97
CA PHE D 453 39.70 16.89 -17.71
C PHE D 453 40.20 15.83 -16.73
N ARG D 454 39.73 14.60 -16.90
CA ARG D 454 40.15 13.51 -16.03
C ARG D 454 40.02 12.19 -16.80
N LYS D 455 40.93 11.27 -16.52
CA LYS D 455 40.93 9.98 -17.22
C LYS D 455 39.79 9.08 -16.76
N SER D 456 39.21 9.34 -15.59
CA SER D 456 38.10 8.54 -15.11
C SER D 456 37.30 9.36 -14.11
N ASN D 457 36.06 8.93 -13.87
CA ASN D 457 35.20 9.57 -12.89
C ASN D 457 35.55 9.05 -11.50
N LEU D 458 35.94 9.96 -10.61
CA LEU D 458 36.40 9.56 -9.28
C LEU D 458 35.22 9.09 -8.42
N LYS D 459 35.49 8.09 -7.58
CA LYS D 459 34.52 7.62 -6.61
C LYS D 459 34.39 8.65 -5.49
N PRO D 460 33.34 8.55 -4.67
CA PRO D 460 33.16 9.54 -3.60
C PRO D 460 34.35 9.61 -2.66
N PHE D 461 34.65 10.83 -2.22
CA PHE D 461 35.74 11.16 -1.30
C PHE D 461 37.11 10.98 -1.92
N GLU D 462 37.26 11.28 -3.21
CA GLU D 462 38.56 11.19 -3.86
C GLU D 462 39.20 12.56 -3.98
N ARG D 463 40.52 12.60 -3.76
CA ARG D 463 41.31 13.81 -3.97
C ARG D 463 42.57 13.44 -4.74
N ASP D 464 42.97 14.31 -5.66
CA ASP D 464 44.19 14.13 -6.42
C ASP D 464 45.01 15.41 -6.38
N ILE D 465 46.33 15.26 -6.23
CA ILE D 465 47.22 16.40 -6.13
C ILE D 465 47.96 16.66 -7.45
N SER D 466 48.34 15.61 -8.18
CA SER D 466 49.03 15.80 -9.45
C SER D 466 48.10 16.44 -10.46
N THR D 467 48.62 17.43 -11.20
CA THR D 467 47.87 18.13 -12.22
C THR D 467 48.56 18.03 -13.58
N GLU D 468 49.07 16.85 -13.92
CA GLU D 468 49.70 16.64 -15.21
C GLU D 468 48.68 16.75 -16.33
N ILE D 469 49.16 17.16 -17.51
CA ILE D 469 48.26 17.43 -18.63
C ILE D 469 47.54 16.16 -19.05
N TYR D 470 46.23 16.27 -19.26
CA TYR D 470 45.40 15.16 -19.69
C TYR D 470 45.37 15.11 -21.22
N GLN D 471 45.70 13.95 -21.78
CA GLN D 471 45.70 13.78 -23.22
C GLN D 471 44.29 13.55 -23.74
N ALA D 472 43.91 14.31 -24.76
CA ALA D 472 42.60 14.20 -25.38
C ALA D 472 42.63 13.49 -26.73
N GLY D 473 43.60 13.83 -27.58
CA GLY D 473 43.72 13.18 -28.87
C GLY D 473 44.44 11.84 -28.80
N ASN D 474 44.52 11.19 -29.95
CA ASN D 474 45.17 9.89 -30.02
C ASN D 474 46.68 10.00 -29.80
N LYS D 475 47.30 11.07 -30.28
CA LYS D 475 48.75 11.20 -30.19
C LYS D 475 49.16 11.53 -28.75
N PRO D 476 50.04 10.76 -28.15
CA PRO D 476 50.54 11.12 -26.81
C PRO D 476 51.43 12.34 -26.85
N CYS D 477 51.48 13.05 -25.73
CA CYS D 477 52.33 14.22 -25.58
C CYS D 477 53.05 14.14 -24.23
N ASN D 478 54.22 14.78 -24.18
CA ASN D 478 55.03 14.80 -22.97
C ASN D 478 55.61 16.20 -22.79
N GLY D 479 55.91 16.54 -21.53
CA GLY D 479 56.50 17.83 -21.22
C GLY D 479 55.49 18.86 -20.78
N VAL D 480 55.14 19.78 -21.67
CA VAL D 480 54.23 20.87 -21.37
C VAL D 480 52.95 20.69 -22.18
N ALA D 481 51.96 21.53 -21.88
CA ALA D 481 50.68 21.47 -22.58
C ALA D 481 50.83 21.86 -24.04
N GLY D 482 50.00 21.28 -24.89
CA GLY D 482 50.04 21.56 -26.30
C GLY D 482 48.89 20.95 -27.09
N PHE D 483 49.18 20.43 -28.27
CA PHE D 483 48.14 19.87 -29.13
C PHE D 483 47.63 18.55 -28.57
N ASN D 484 46.31 18.37 -28.64
CA ASN D 484 45.60 17.16 -28.22
C ASN D 484 45.76 16.86 -26.73
N CYS D 485 46.24 17.82 -25.94
CA CYS D 485 46.33 17.62 -24.50
C CYS D 485 46.40 18.99 -23.83
N TYR D 486 45.38 19.32 -23.06
CA TYR D 486 45.26 20.60 -22.37
C TYR D 486 45.46 20.38 -20.87
N PHE D 487 45.57 21.48 -20.14
CA PHE D 487 45.74 21.41 -18.69
C PHE D 487 44.40 21.03 -18.05
N PRO D 488 44.32 19.92 -17.31
CA PRO D 488 43.03 19.53 -16.73
C PRO D 488 42.49 20.55 -15.75
N LEU D 489 43.35 21.22 -15.00
CA LEU D 489 42.90 22.12 -13.96
C LEU D 489 42.47 23.45 -14.56
N ARG D 490 41.37 23.99 -14.04
CA ARG D 490 40.84 25.28 -14.47
C ARG D 490 40.55 26.12 -13.24
N SER D 491 40.55 27.44 -13.44
CA SER D 491 40.40 28.39 -12.34
C SER D 491 39.01 29.03 -12.39
N TYR D 492 38.45 29.30 -11.21
CA TYR D 492 37.17 29.97 -11.11
C TYR D 492 37.36 31.48 -11.13
N SER D 493 36.27 32.18 -11.43
CA SER D 493 36.24 33.65 -11.42
C SER D 493 35.08 34.11 -10.57
N PHE D 494 35.35 35.02 -9.63
CA PHE D 494 34.33 35.56 -8.73
C PHE D 494 34.48 37.08 -8.69
N ARG D 495 33.86 37.77 -9.65
CA ARG D 495 33.82 39.22 -9.61
C ARG D 495 32.68 39.69 -8.71
N PRO D 496 32.86 40.82 -8.02
CA PRO D 496 31.75 41.37 -7.22
C PRO D 496 30.58 41.84 -8.05
N THR D 497 30.77 42.08 -9.35
CA THR D 497 29.71 42.55 -10.23
C THR D 497 28.85 41.41 -10.78
N TYR D 498 29.18 40.16 -10.49
CA TYR D 498 28.38 39.05 -10.97
C TYR D 498 26.99 39.07 -10.33
N GLY D 499 26.01 38.62 -11.10
CA GLY D 499 24.64 38.55 -10.62
C GLY D 499 24.34 37.24 -9.92
N VAL D 500 23.05 36.92 -9.85
CA VAL D 500 22.63 35.68 -9.19
C VAL D 500 23.12 34.48 -9.98
N GLY D 501 23.64 33.48 -9.27
CA GLY D 501 24.14 32.28 -9.88
C GLY D 501 25.65 32.20 -10.02
N HIS D 502 26.39 33.19 -9.52
CA HIS D 502 27.84 33.14 -9.57
C HIS D 502 28.50 33.62 -8.29
N GLN D 503 27.74 33.96 -7.25
CA GLN D 503 28.34 34.37 -6.00
C GLN D 503 29.09 33.20 -5.37
N PRO D 504 30.29 33.43 -4.82
CA PRO D 504 31.04 32.34 -4.20
C PRO D 504 30.33 31.83 -2.95
N TYR D 505 30.02 30.53 -2.95
CA TYR D 505 29.33 29.88 -1.85
C TYR D 505 30.31 29.01 -1.10
N ARG D 506 30.48 29.27 0.20
CA ARG D 506 31.36 28.47 1.04
C ARG D 506 30.60 27.25 1.52
N VAL D 507 31.01 26.07 1.06
CA VAL D 507 30.29 24.83 1.32
C VAL D 507 31.17 23.93 2.17
N VAL D 508 30.60 23.44 3.28
CA VAL D 508 31.29 22.52 4.18
C VAL D 508 30.48 21.24 4.29
N VAL D 509 31.16 20.10 4.28
CA VAL D 509 30.53 18.79 4.26
C VAL D 509 30.64 18.17 5.65
N LEU D 510 29.54 17.61 6.14
CA LEU D 510 29.49 16.92 7.42
C LEU D 510 29.09 15.47 7.18
N SER D 511 30.02 14.56 7.39
CA SER D 511 29.79 13.12 7.21
C SER D 511 30.17 12.39 8.49
N PHE D 512 29.35 11.42 8.87
CA PHE D 512 29.55 10.76 10.16
C PHE D 512 28.84 9.41 10.16
N GLU D 513 29.24 8.55 11.09
CA GLU D 513 28.56 7.29 11.34
C GLU D 513 27.47 7.50 12.40
N LEU D 514 26.78 6.42 12.75
CA LEU D 514 25.62 6.52 13.65
C LEU D 514 25.57 5.30 14.56
N LEU D 515 26.05 5.46 15.79
CA LEU D 515 25.84 4.49 16.88
C LEU D 515 26.35 3.09 16.52
N HIS D 516 27.66 3.03 16.26
CA HIS D 516 28.32 1.74 16.08
C HIS D 516 29.70 1.70 16.72
N ALA D 517 30.06 2.68 17.53
CA ALA D 517 31.37 2.77 18.14
C ALA D 517 31.27 3.68 19.36
N PRO D 518 32.23 3.62 20.28
CA PRO D 518 32.19 4.54 21.42
C PRO D 518 32.19 5.99 20.97
N ALA D 519 31.10 6.70 21.24
CA ALA D 519 30.91 8.04 20.69
C ALA D 519 31.90 9.02 21.31
N THR D 520 32.35 9.97 20.48
CA THR D 520 33.21 11.04 20.93
C THR D 520 32.60 12.42 20.74
N VAL D 521 31.50 12.53 20.01
CA VAL D 521 30.80 13.79 19.79
C VAL D 521 29.35 13.60 20.21
N CYS D 522 28.84 14.52 21.03
CA CYS D 522 27.47 14.44 21.52
C CYS D 522 26.88 15.84 21.59
N GLY D 523 25.56 15.90 21.69
CA GLY D 523 24.85 17.15 21.81
C GLY D 523 25.02 17.76 23.19
N PRO D 524 24.61 19.01 23.34
CA PRO D 524 24.75 19.70 24.64
C PRO D 524 23.65 19.31 25.62
N LYS D 525 23.71 18.07 26.09
CA LYS D 525 22.73 17.54 27.03
C LYS D 525 23.43 17.05 28.28
N LYS D 526 22.82 17.28 29.44
CA LYS D 526 23.43 16.95 30.71
C LYS D 526 23.02 15.56 31.17
N SER D 527 23.99 14.82 31.71
CA SER D 527 23.70 13.52 32.28
C SER D 527 22.82 13.65 33.52
N THR D 528 22.01 12.63 33.78
CA THR D 528 21.05 12.70 34.88
C THR D 528 21.24 11.49 35.79
N ASN D 529 22.50 11.23 36.18
CA ASN D 529 22.84 10.18 37.13
C ASN D 529 22.39 8.80 36.66
N LEU D 530 22.54 7.80 37.52
CA LEU D 530 22.20 6.42 37.19
C LEU D 530 21.35 5.81 38.30
N VAL D 531 20.36 5.02 37.91
CA VAL D 531 19.45 4.36 38.85
C VAL D 531 19.40 2.88 38.49
N LYS D 532 19.39 2.02 39.51
CA LYS D 532 19.44 0.58 39.34
C LYS D 532 18.15 -0.07 39.82
N ASN D 533 17.72 -1.11 39.10
CA ASN D 533 16.59 -1.95 39.50
C ASN D 533 15.30 -1.14 39.63
N LYS D 534 14.91 -0.52 38.53
CA LYS D 534 13.66 0.24 38.47
C LYS D 534 13.36 0.56 37.02
N CYS D 535 12.08 0.43 36.65
CA CYS D 535 11.65 0.70 35.28
C CYS D 535 11.83 2.18 34.97
N VAL D 536 12.82 2.51 34.15
CA VAL D 536 13.14 3.89 33.83
C VAL D 536 13.23 4.03 32.31
N ASN D 537 13.13 5.28 31.85
CA ASN D 537 13.29 5.61 30.43
C ASN D 537 14.77 5.87 30.18
N PHE D 538 15.53 4.79 30.04
CA PHE D 538 16.96 4.89 29.90
C PHE D 538 17.34 5.50 28.55
N ASN D 539 18.53 6.09 28.51
CA ASN D 539 19.06 6.66 27.27
C ASN D 539 20.57 6.71 27.39
N PHE D 540 21.26 5.82 26.68
CA PHE D 540 22.72 5.75 26.71
C PHE D 540 23.24 6.09 25.30
N ASN D 541 23.85 7.26 25.17
CA ASN D 541 24.45 7.69 23.90
C ASN D 541 23.42 7.69 22.77
N GLY D 542 22.19 8.07 23.10
CA GLY D 542 21.12 8.05 22.13
C GLY D 542 20.35 6.75 22.04
N LEU D 543 20.74 5.73 22.81
CA LEU D 543 20.05 4.44 22.80
C LEU D 543 18.80 4.56 23.65
N LYS D 544 17.74 5.08 23.05
CA LYS D 544 16.49 5.31 23.76
C LYS D 544 15.66 4.05 23.80
N GLY D 545 15.00 3.83 24.94
CA GLY D 545 14.14 2.67 25.09
C GLY D 545 13.57 2.64 26.49
N THR D 546 12.64 1.71 26.69
CA THR D 546 11.96 1.53 27.97
C THR D 546 12.31 0.16 28.54
N GLY D 547 12.70 0.13 29.80
CA GLY D 547 13.05 -1.13 30.44
C GLY D 547 13.57 -0.89 31.84
N VAL D 548 14.34 -1.86 32.34
CA VAL D 548 14.94 -1.79 33.66
C VAL D 548 16.44 -2.01 33.52
N LEU D 549 17.17 -1.52 34.52
CA LEU D 549 18.62 -1.65 34.58
C LEU D 549 18.98 -2.50 35.78
N THR D 550 19.67 -3.61 35.55
CA THR D 550 20.08 -4.53 36.60
C THR D 550 21.60 -4.65 36.62
N GLU D 551 22.10 -5.43 37.57
CA GLU D 551 23.53 -5.70 37.69
C GLU D 551 23.87 -6.96 36.92
N SER D 552 24.79 -6.83 35.96
CA SER D 552 25.17 -7.92 35.08
C SER D 552 26.49 -8.53 35.51
N ASN D 553 26.75 -9.73 35.00
CA ASN D 553 27.98 -10.44 35.27
C ASN D 553 28.79 -10.76 34.03
N LYS D 554 28.21 -10.64 32.84
CA LYS D 554 28.94 -10.93 31.61
C LYS D 554 30.06 -9.93 31.42
N LYS D 555 31.20 -10.42 30.92
CA LYS D 555 32.38 -9.59 30.70
C LYS D 555 32.40 -9.09 29.27
N PHE D 556 32.66 -7.79 29.11
CA PHE D 556 32.71 -7.16 27.80
C PHE D 556 34.16 -6.95 27.39
N LEU D 557 34.44 -7.19 26.11
CA LEU D 557 35.74 -6.84 25.57
C LEU D 557 35.87 -5.31 25.52
N PRO D 558 37.10 -4.79 25.57
CA PRO D 558 37.27 -3.33 25.67
C PRO D 558 36.63 -2.57 24.52
N PHE D 559 36.50 -3.18 23.35
CA PHE D 559 35.88 -2.53 22.20
C PHE D 559 34.38 -2.79 22.11
N GLN D 560 33.83 -3.65 22.95
CA GLN D 560 32.42 -4.02 22.90
C GLN D 560 31.61 -3.18 23.87
N GLN D 561 30.51 -2.60 23.39
CA GLN D 561 29.64 -1.79 24.24
C GLN D 561 28.18 -2.21 24.13
N PHE D 562 27.80 -2.80 22.99
CA PHE D 562 26.42 -3.17 22.72
C PHE D 562 26.26 -4.67 22.83
N GLY D 563 25.47 -5.11 23.82
CA GLY D 563 25.13 -6.52 23.96
C GLY D 563 23.79 -6.78 23.29
N ARG D 564 23.79 -7.72 22.37
CA ARG D 564 22.59 -8.11 21.62
C ARG D 564 22.15 -9.50 22.04
N ASP D 565 21.13 -10.01 21.37
CA ASP D 565 20.58 -11.33 21.69
C ASP D 565 20.08 -11.96 20.40
N ILE D 566 19.25 -13.00 20.53
CA ILE D 566 18.68 -13.67 19.37
C ILE D 566 17.83 -12.68 18.56
N ALA D 567 17.15 -11.77 19.27
CA ALA D 567 16.39 -10.72 18.60
C ALA D 567 17.27 -9.73 17.85
N ASP D 568 18.58 -9.78 18.07
CA ASP D 568 19.54 -8.90 17.39
C ASP D 568 19.25 -7.43 17.66
N THR D 569 18.83 -7.14 18.88
CA THR D 569 18.64 -5.78 19.35
C THR D 569 19.40 -5.60 20.66
N THR D 570 19.78 -4.36 20.94
CA THR D 570 20.63 -4.08 22.09
C THR D 570 19.88 -4.34 23.40
N ASP D 571 20.53 -5.07 24.32
CA ASP D 571 19.98 -5.28 25.64
C ASP D 571 21.02 -5.24 26.76
N ALA D 572 22.27 -4.91 26.45
CA ALA D 572 23.31 -4.84 27.47
C ALA D 572 24.34 -3.82 27.02
N VAL D 573 24.44 -2.70 27.75
CA VAL D 573 25.35 -1.61 27.41
C VAL D 573 26.18 -1.28 28.63
N ARG D 574 27.10 -0.33 28.46
CA ARG D 574 27.96 0.15 29.53
C ARG D 574 27.82 1.67 29.64
N ASP D 575 27.62 2.14 30.86
CA ASP D 575 27.49 3.58 31.10
C ASP D 575 28.77 4.29 30.69
N PRO D 576 28.69 5.37 29.90
CA PRO D 576 29.92 6.05 29.48
C PRO D 576 30.75 6.60 30.62
N GLN D 577 30.12 7.01 31.73
CA GLN D 577 30.86 7.61 32.83
C GLN D 577 31.74 6.59 33.54
N THR D 578 31.29 5.34 33.64
CA THR D 578 32.01 4.28 34.32
C THR D 578 32.36 3.17 33.33
N LEU D 579 32.85 2.05 33.87
CA LEU D 579 33.14 0.87 33.06
C LEU D 579 32.23 -0.30 33.42
N GLU D 580 31.14 -0.04 34.14
CA GLU D 580 30.22 -1.09 34.55
C GLU D 580 29.29 -1.45 33.39
N ILE D 581 28.97 -2.74 33.30
CA ILE D 581 28.11 -3.28 32.25
C ILE D 581 26.71 -3.43 32.81
N LEU D 582 25.73 -2.83 32.15
CA LEU D 582 24.35 -2.87 32.60
C LEU D 582 23.51 -3.76 31.69
N ASP D 583 22.73 -4.65 32.29
CA ASP D 583 21.80 -5.49 31.56
C ASP D 583 20.46 -4.77 31.46
N ILE D 584 19.86 -4.79 30.27
CA ILE D 584 18.60 -4.11 30.01
C ILE D 584 17.57 -5.16 29.62
N THR D 585 16.48 -5.21 30.37
CA THR D 585 15.35 -6.08 30.07
C THR D 585 14.07 -5.26 30.11
N PRO D 586 13.09 -5.59 29.26
CA PRO D 586 11.82 -4.86 29.27
C PRO D 586 11.06 -5.09 30.57
N CYS D 587 10.16 -4.15 30.85
CA CYS D 587 9.36 -4.20 32.08
C CYS D 587 8.49 -5.46 32.10
N SER D 588 8.00 -5.77 33.30
CA SER D 588 7.20 -6.98 33.52
C SER D 588 5.82 -6.78 32.93
N PHE D 589 5.69 -7.11 31.65
CA PHE D 589 4.42 -7.00 30.94
C PHE D 589 3.60 -8.28 31.14
N GLY D 590 2.51 -8.38 30.40
CA GLY D 590 1.70 -9.59 30.42
C GLY D 590 0.28 -9.28 30.01
N GLY D 591 -0.49 -10.37 29.87
CA GLY D 591 -1.88 -10.25 29.51
C GLY D 591 -2.81 -10.30 30.71
N VAL D 592 -4.02 -9.79 30.52
CA VAL D 592 -5.04 -9.73 31.57
C VAL D 592 -6.22 -10.60 31.15
N SER D 593 -6.62 -11.50 32.04
CA SER D 593 -7.76 -12.39 31.80
C SER D 593 -8.83 -12.08 32.84
N VAL D 594 -10.07 -11.92 32.37
CA VAL D 594 -11.20 -11.56 33.22
C VAL D 594 -12.02 -12.81 33.49
N ILE D 595 -12.17 -13.16 34.75
CA ILE D 595 -13.05 -14.24 35.18
C ILE D 595 -14.38 -13.62 35.56
N THR D 596 -15.47 -14.12 34.98
CA THR D 596 -16.77 -13.56 35.27
C THR D 596 -17.88 -14.58 35.01
N PRO D 597 -18.90 -14.60 35.84
CA PRO D 597 -20.13 -15.33 35.50
C PRO D 597 -21.01 -14.46 34.61
N GLY D 598 -22.16 -14.99 34.23
CA GLY D 598 -23.12 -14.19 33.49
C GLY D 598 -23.52 -12.95 34.28
N THR D 599 -23.54 -11.81 33.59
CA THR D 599 -23.88 -10.55 34.25
C THR D 599 -25.25 -10.61 34.90
N ASN D 600 -26.15 -11.44 34.36
CA ASN D 600 -27.45 -11.64 34.99
C ASN D 600 -27.28 -12.24 36.39
N THR D 601 -26.39 -13.21 36.55
CA THR D 601 -26.18 -13.81 37.86
C THR D 601 -25.58 -12.81 38.84
N SER D 602 -24.57 -12.06 38.42
CA SER D 602 -23.92 -11.09 39.28
C SER D 602 -23.04 -10.17 38.43
N ASN D 603 -22.68 -9.03 39.00
CA ASN D 603 -21.75 -8.09 38.40
C ASN D 603 -20.34 -8.22 38.95
N GLN D 604 -20.14 -9.02 39.99
CA GLN D 604 -18.83 -9.18 40.59
C GLN D 604 -17.96 -10.08 39.73
N VAL D 605 -16.73 -9.63 39.46
CA VAL D 605 -15.82 -10.34 38.57
C VAL D 605 -14.48 -10.52 39.28
N ALA D 606 -13.65 -11.39 38.70
CA ALA D 606 -12.31 -11.65 39.19
C ALA D 606 -11.33 -11.47 38.04
N VAL D 607 -10.14 -10.98 38.35
CA VAL D 607 -9.13 -10.64 37.35
C VAL D 607 -7.92 -11.51 37.56
N LEU D 608 -7.36 -12.01 36.45
CA LEU D 608 -6.15 -12.82 36.47
C LEU D 608 -5.13 -12.21 35.51
N TYR D 609 -3.92 -11.95 36.02
CA TYR D 609 -2.81 -11.48 35.21
C TYR D 609 -1.96 -12.68 34.80
N GLN D 610 -1.93 -12.98 33.51
CA GLN D 610 -1.28 -14.18 33.02
C GLN D 610 0.24 -14.03 33.05
N GLY D 611 0.92 -15.05 33.60
CA GLY D 611 2.37 -15.14 33.53
C GLY D 611 3.13 -14.05 34.25
N VAL D 612 2.75 -13.73 35.48
CA VAL D 612 3.46 -12.74 36.28
C VAL D 612 3.46 -13.19 37.74
N ASN D 613 4.56 -12.92 38.44
CA ASN D 613 4.61 -13.20 39.87
C ASN D 613 3.60 -12.32 40.60
N CYS D 614 3.01 -12.86 41.66
CA CYS D 614 1.92 -12.17 42.33
C CYS D 614 2.39 -10.95 43.11
N THR D 615 3.69 -10.78 43.32
CA THR D 615 4.21 -9.65 44.07
C THR D 615 4.50 -8.43 43.20
N GLU D 616 4.58 -8.59 41.88
CA GLU D 616 4.96 -7.48 41.02
C GLU D 616 3.84 -6.46 40.86
N VAL D 617 2.60 -6.93 40.70
CA VAL D 617 1.46 -6.02 40.57
C VAL D 617 1.31 -5.12 41.79
N PRO D 618 1.43 -5.60 43.03
CA PRO D 618 1.37 -4.67 44.17
C PRO D 618 2.40 -3.55 44.11
N VAL D 619 3.59 -3.83 43.56
CA VAL D 619 4.57 -2.77 43.38
C VAL D 619 4.06 -1.72 42.39
N ALA D 620 3.12 -2.10 41.53
CA ALA D 620 2.60 -1.23 40.49
C ALA D 620 1.31 -0.52 40.88
N ILE D 621 0.93 -0.58 42.16
CA ILE D 621 -0.24 0.14 42.65
C ILE D 621 0.23 1.54 43.03
N HIS D 622 0.29 2.41 42.02
CA HIS D 622 0.70 3.79 42.22
C HIS D 622 0.22 4.61 41.03
N ALA D 623 0.18 5.92 41.21
CA ALA D 623 -0.33 6.81 40.16
C ALA D 623 0.53 6.71 38.91
N ASP D 624 -0.11 6.38 37.79
CA ASP D 624 0.54 6.32 36.48
C ASP D 624 1.74 5.38 36.48
N GLN D 625 1.58 4.20 37.06
CA GLN D 625 2.59 3.16 37.01
C GLN D 625 2.17 1.94 36.22
N LEU D 626 0.88 1.79 35.93
CA LEU D 626 0.37 0.72 35.08
C LEU D 626 -0.42 1.31 33.94
N THR D 627 -0.33 0.67 32.77
CA THR D 627 -1.21 1.03 31.67
C THR D 627 -2.68 0.87 32.04
N PRO D 628 -3.12 -0.20 32.71
CA PRO D 628 -4.46 -0.18 33.30
C PRO D 628 -4.53 0.82 34.45
N THR D 629 -5.74 1.31 34.70
CA THR D 629 -5.95 2.35 35.71
C THR D 629 -6.53 1.81 37.01
N TRP D 630 -7.31 0.73 36.95
CA TRP D 630 -8.01 0.21 38.14
C TRP D 630 -7.06 -0.55 39.05
N ARG D 631 -6.07 0.17 39.58
CA ARG D 631 -5.13 -0.42 40.52
C ARG D 631 -5.74 -0.58 41.91
N VAL D 632 -6.84 0.13 42.20
CA VAL D 632 -7.47 0.01 43.52
C VAL D 632 -8.07 -1.37 43.71
N TYR D 633 -8.40 -2.08 42.63
CA TYR D 633 -8.97 -3.41 42.76
C TYR D 633 -7.96 -4.40 43.33
N SER D 634 -6.67 -4.21 43.03
CA SER D 634 -5.64 -5.11 43.53
C SER D 634 -5.58 -5.10 45.05
N THR D 635 -6.01 -4.02 45.69
CA THR D 635 -6.10 -3.96 47.15
C THR D 635 -7.47 -4.42 47.64
N GLY D 636 -7.89 -5.59 47.19
CA GLY D 636 -9.21 -6.10 47.53
C GLY D 636 -9.20 -7.39 48.33
N SER D 637 -9.71 -8.46 47.73
CA SER D 637 -9.80 -9.74 48.42
C SER D 637 -8.43 -10.42 48.46
N ASN D 638 -8.40 -11.58 49.11
CA ASN D 638 -7.17 -12.35 49.20
C ASN D 638 -6.75 -12.86 47.83
N VAL D 639 -5.44 -12.92 47.61
CA VAL D 639 -4.87 -13.32 46.33
C VAL D 639 -4.49 -14.80 46.38
N PHE D 640 -4.91 -15.54 45.36
CA PHE D 640 -4.55 -16.94 45.21
C PHE D 640 -3.61 -17.08 44.02
N GLN D 641 -2.51 -17.81 44.22
CA GLN D 641 -1.44 -17.90 43.23
C GLN D 641 -1.55 -19.21 42.47
N THR D 642 -1.56 -19.14 41.15
CA THR D 642 -1.60 -20.31 40.28
C THR D 642 -0.41 -20.27 39.33
N ARG D 643 -0.21 -21.37 38.61
CA ARG D 643 0.91 -21.48 37.67
C ARG D 643 0.77 -20.57 36.47
N ALA D 644 -0.42 -20.01 36.22
CA ALA D 644 -0.66 -19.14 35.07
C ALA D 644 -0.78 -17.68 35.49
N GLY D 645 -0.02 -17.27 36.51
CA GLY D 645 -0.16 -15.93 37.05
C GLY D 645 -1.28 -15.85 38.06
N CYS D 646 -1.04 -15.21 39.19
CA CYS D 646 -2.01 -15.23 40.28
C CYS D 646 -3.25 -14.44 39.91
N LEU D 647 -4.41 -14.97 40.28
CA LEU D 647 -5.68 -14.28 40.11
C LEU D 647 -6.03 -13.57 41.41
N ILE D 648 -6.65 -12.39 41.29
CA ILE D 648 -7.00 -11.57 42.43
C ILE D 648 -8.51 -11.40 42.47
N GLY D 649 -9.01 -11.09 43.67
CA GLY D 649 -10.42 -10.88 43.88
C GLY D 649 -11.24 -12.13 44.05
N ALA D 650 -10.63 -13.31 44.10
CA ALA D 650 -11.34 -14.56 44.26
C ALA D 650 -10.72 -15.36 45.39
N GLU D 651 -11.55 -15.81 46.32
CA GLU D 651 -11.10 -16.67 47.39
C GLU D 651 -10.95 -18.11 46.89
N TYR D 652 -10.19 -18.91 47.64
CA TYR D 652 -9.80 -20.24 47.21
C TYR D 652 -10.25 -21.26 48.24
N VAL D 653 -11.26 -22.05 47.89
CA VAL D 653 -11.61 -23.21 48.70
C VAL D 653 -10.68 -24.36 48.37
N ASN D 654 -10.62 -25.35 49.27
CA ASN D 654 -9.67 -26.44 49.15
C ASN D 654 -10.34 -27.81 48.99
N ASN D 655 -11.64 -27.83 48.69
CA ASN D 655 -12.31 -29.08 48.35
C ASN D 655 -12.27 -29.26 46.83
N SER D 656 -13.02 -30.23 46.32
CA SER D 656 -13.02 -30.56 44.91
C SER D 656 -14.38 -30.29 44.30
N TYR D 657 -14.38 -29.84 43.04
CA TYR D 657 -15.62 -29.53 42.33
C TYR D 657 -15.39 -29.75 40.85
N GLU D 658 -16.50 -29.90 40.11
CA GLU D 658 -16.43 -30.02 38.67
C GLU D 658 -15.98 -28.70 38.06
N CYS D 659 -15.14 -28.79 37.03
CA CYS D 659 -14.58 -27.59 36.43
C CYS D 659 -15.64 -26.84 35.64
N ASP D 660 -15.75 -25.53 35.90
CA ASP D 660 -16.71 -24.67 35.22
C ASP D 660 -16.01 -23.65 34.34
N ILE D 661 -15.11 -22.84 34.92
CA ILE D 661 -14.35 -21.86 34.15
C ILE D 661 -12.87 -22.24 34.22
N PRO D 662 -12.29 -22.75 33.14
CA PRO D 662 -10.89 -23.19 33.21
C PRO D 662 -9.95 -22.02 33.42
N ILE D 663 -8.84 -22.30 34.10
CA ILE D 663 -7.80 -21.31 34.35
C ILE D 663 -6.48 -21.84 33.82
N GLY D 664 -6.10 -23.04 34.27
CA GLY D 664 -4.85 -23.66 33.86
C GLY D 664 -4.21 -24.33 35.05
N ALA D 665 -3.45 -25.40 34.77
CA ALA D 665 -2.74 -26.15 35.80
C ALA D 665 -3.68 -26.68 36.87
N GLY D 666 -4.85 -27.14 36.46
CA GLY D 666 -5.76 -27.79 37.39
C GLY D 666 -6.54 -26.87 38.29
N ILE D 667 -6.76 -25.62 37.89
CA ILE D 667 -7.53 -24.66 38.65
C ILE D 667 -8.72 -24.23 37.82
N CYS D 668 -9.92 -24.30 38.41
CA CYS D 668 -11.14 -23.89 37.73
C CYS D 668 -11.99 -23.07 38.67
N ALA D 669 -12.33 -21.85 38.26
CA ALA D 669 -13.13 -20.96 39.07
C ALA D 669 -14.61 -21.15 38.78
N SER D 670 -15.43 -20.84 39.79
CA SER D 670 -16.88 -20.94 39.64
C SER D 670 -17.55 -20.03 40.65
N TYR D 671 -18.82 -19.76 40.42
CA TYR D 671 -19.63 -18.91 41.29
C TYR D 671 -20.50 -19.80 42.18
N GLN D 672 -20.15 -19.88 43.46
CA GLN D 672 -20.90 -20.67 44.43
C GLN D 672 -21.14 -19.80 45.66
N THR D 673 -21.67 -20.40 46.71
CA THR D 673 -21.93 -19.70 47.96
C THR D 673 -20.67 -19.56 48.79
N SER D 686 -22.21 -13.44 51.04
CA SER D 686 -22.47 -14.87 51.12
C SER D 686 -22.11 -15.55 49.80
N GLN D 687 -22.02 -14.77 48.73
CA GLN D 687 -21.70 -15.27 47.41
C GLN D 687 -20.48 -14.54 46.88
N SER D 688 -19.56 -15.30 46.29
CA SER D 688 -18.35 -14.73 45.71
C SER D 688 -17.80 -15.70 44.67
N ILE D 689 -16.89 -15.20 43.85
CA ILE D 689 -16.21 -16.04 42.87
C ILE D 689 -15.12 -16.82 43.58
N ILE D 690 -15.14 -18.15 43.45
CA ILE D 690 -14.22 -19.01 44.17
C ILE D 690 -13.46 -19.87 43.16
N ALA D 691 -12.27 -20.29 43.56
CA ALA D 691 -11.44 -21.17 42.74
C ALA D 691 -11.03 -22.37 43.57
N TYR D 692 -10.74 -23.47 42.90
CA TYR D 692 -10.42 -24.73 43.57
C TYR D 692 -9.55 -25.57 42.65
N THR D 693 -9.37 -26.84 43.01
CA THR D 693 -8.68 -27.81 42.18
C THR D 693 -9.72 -28.71 41.52
N MET D 694 -9.47 -29.08 40.26
CA MET D 694 -10.44 -29.85 39.49
C MET D 694 -10.76 -31.17 40.16
N SER D 695 -12.02 -31.58 40.08
CA SER D 695 -12.45 -32.89 40.56
C SER D 695 -12.62 -33.80 39.35
N LEU D 696 -11.69 -34.73 39.18
CA LEU D 696 -11.73 -35.65 38.04
C LEU D 696 -12.97 -36.53 38.05
N GLY D 697 -13.52 -36.80 39.21
CA GLY D 697 -14.71 -37.63 39.34
C GLY D 697 -14.74 -38.29 40.70
N ALA D 698 -15.91 -38.82 41.05
CA ALA D 698 -16.07 -39.50 42.33
C ALA D 698 -15.22 -40.75 42.36
N GLU D 699 -14.51 -40.95 43.47
CA GLU D 699 -13.66 -42.13 43.62
C GLU D 699 -14.54 -43.38 43.67
N ASN D 700 -14.14 -44.41 42.92
CA ASN D 700 -14.89 -45.65 42.84
C ASN D 700 -13.92 -46.82 42.94
N SER D 701 -14.22 -47.74 43.84
CA SER D 701 -13.40 -48.93 44.06
C SER D 701 -14.07 -50.14 43.44
N VAL D 702 -13.26 -51.10 42.99
CA VAL D 702 -13.75 -52.33 42.38
C VAL D 702 -13.25 -53.49 43.24
N ALA D 703 -14.18 -54.33 43.68
CA ALA D 703 -13.86 -55.47 44.54
C ALA D 703 -13.35 -56.62 43.68
N TYR D 704 -12.06 -56.58 43.39
CA TYR D 704 -11.44 -57.63 42.58
C TYR D 704 -11.13 -58.84 43.43
N SER D 705 -11.44 -60.02 42.89
CA SER D 705 -11.14 -61.29 43.55
C SER D 705 -11.06 -62.37 42.50
N ASN D 706 -10.12 -63.30 42.71
CA ASN D 706 -9.84 -64.30 41.68
C ASN D 706 -10.87 -65.43 41.67
N ASN D 707 -11.97 -65.25 42.39
CA ASN D 707 -13.11 -66.16 42.29
C ASN D 707 -14.44 -65.45 42.32
N SER D 708 -14.46 -64.12 42.17
CA SER D 708 -15.68 -63.33 42.23
C SER D 708 -15.98 -62.74 40.86
N ILE D 709 -17.21 -62.89 40.40
CA ILE D 709 -17.67 -62.35 39.14
C ILE D 709 -18.99 -61.62 39.38
N ALA D 710 -19.26 -60.62 38.55
CA ALA D 710 -20.50 -59.86 38.63
C ALA D 710 -21.26 -60.02 37.32
N ILE D 711 -22.52 -60.41 37.42
CA ILE D 711 -23.39 -60.63 36.27
C ILE D 711 -24.57 -59.68 36.40
N PRO D 712 -24.83 -58.80 35.43
CA PRO D 712 -25.98 -57.90 35.53
C PRO D 712 -27.28 -58.67 35.40
N THR D 713 -28.08 -58.65 36.46
CA THR D 713 -29.34 -59.39 36.50
C THR D 713 -30.50 -58.61 35.88
N ASN D 714 -30.26 -57.36 35.46
CA ASN D 714 -31.30 -56.56 34.85
C ASN D 714 -30.67 -55.65 33.81
N PHE D 715 -31.51 -55.11 32.93
CA PHE D 715 -31.03 -54.28 31.84
C PHE D 715 -31.94 -53.08 31.68
N THR D 716 -31.39 -51.99 31.16
CA THR D 716 -32.15 -50.80 30.84
C THR D 716 -31.73 -50.29 29.47
N ILE D 717 -32.69 -49.70 28.75
CA ILE D 717 -32.46 -49.15 27.43
C ILE D 717 -32.49 -47.64 27.55
N SER D 718 -31.39 -46.99 27.13
CA SER D 718 -31.26 -45.55 27.20
C SER D 718 -30.99 -45.00 25.81
N VAL D 719 -31.44 -43.76 25.58
CA VAL D 719 -31.29 -43.09 24.30
C VAL D 719 -30.35 -41.90 24.50
N THR D 720 -29.24 -41.90 23.76
CA THR D 720 -28.26 -40.83 23.82
C THR D 720 -28.20 -40.13 22.48
N THR D 721 -28.37 -38.80 22.50
CA THR D 721 -28.33 -38.03 21.27
C THR D 721 -26.87 -37.70 20.90
N GLU D 722 -26.70 -37.12 19.71
CA GLU D 722 -25.38 -36.76 19.21
C GLU D 722 -25.51 -35.79 18.05
N ILE D 723 -24.76 -34.69 18.09
CA ILE D 723 -24.90 -33.60 17.13
C ILE D 723 -23.61 -33.51 16.34
N LEU D 724 -23.74 -33.43 15.01
CA LEU D 724 -22.58 -33.34 14.14
C LEU D 724 -22.81 -32.33 13.02
N PRO D 725 -21.99 -31.28 12.93
CA PRO D 725 -22.09 -30.38 11.78
C PRO D 725 -21.77 -31.12 10.49
N VAL D 726 -22.46 -30.75 9.42
CA VAL D 726 -22.26 -31.40 8.13
C VAL D 726 -21.98 -30.45 6.99
N SER D 727 -22.39 -29.18 7.05
CA SER D 727 -22.19 -28.27 5.94
C SER D 727 -22.43 -26.84 6.40
N MET D 728 -21.48 -25.96 6.06
CA MET D 728 -21.58 -24.55 6.39
C MET D 728 -22.45 -23.83 5.35
N THR D 729 -22.37 -22.51 5.36
CA THR D 729 -23.11 -21.70 4.40
C THR D 729 -22.23 -21.38 3.20
N LYS D 730 -22.74 -21.64 2.00
CA LYS D 730 -22.01 -21.32 0.79
C LYS D 730 -21.83 -19.80 0.67
N THR D 731 -20.68 -19.39 0.15
CA THR D 731 -20.35 -17.98 0.04
C THR D 731 -19.65 -17.71 -1.29
N SER D 732 -19.99 -16.58 -1.90
CA SER D 732 -19.33 -16.13 -3.13
C SER D 732 -18.91 -14.67 -2.95
N VAL D 733 -17.77 -14.31 -3.54
CA VAL D 733 -17.18 -12.99 -3.36
C VAL D 733 -16.83 -12.42 -4.71
N ASP D 734 -16.98 -11.10 -4.85
CA ASP D 734 -16.61 -10.38 -6.06
C ASP D 734 -15.31 -9.62 -5.86
N CYS D 735 -14.64 -9.34 -6.97
CA CYS D 735 -13.34 -8.65 -6.92
C CYS D 735 -13.52 -7.13 -7.01
N THR D 736 -14.10 -6.65 -8.11
CA THR D 736 -14.04 -5.22 -8.43
C THR D 736 -14.85 -4.40 -7.45
N MET D 737 -16.12 -4.76 -7.25
CA MET D 737 -17.00 -3.88 -6.48
C MET D 737 -16.76 -3.96 -4.98
N TYR D 738 -16.12 -5.03 -4.49
CA TYR D 738 -15.73 -5.07 -3.09
C TYR D 738 -14.53 -4.18 -2.82
N ILE D 739 -13.62 -4.06 -3.78
CA ILE D 739 -12.40 -3.28 -3.61
C ILE D 739 -12.55 -1.88 -4.20
N CYS D 740 -13.09 -1.78 -5.41
CA CYS D 740 -13.24 -0.51 -6.12
C CYS D 740 -14.67 -0.36 -6.63
N GLY D 741 -15.64 -0.55 -5.74
CA GLY D 741 -17.03 -0.40 -6.12
C GLY D 741 -17.36 1.01 -6.53
N ASP D 742 -18.29 1.13 -7.48
CA ASP D 742 -18.78 2.39 -8.04
C ASP D 742 -17.65 3.38 -8.30
N SER D 743 -16.52 2.89 -8.79
CA SER D 743 -15.34 3.72 -9.05
C SER D 743 -14.59 3.14 -10.24
N THR D 744 -14.83 3.71 -11.42
CA THR D 744 -14.09 3.28 -12.61
C THR D 744 -12.65 3.75 -12.58
N GLU D 745 -12.31 4.71 -11.72
CA GLU D 745 -10.94 5.17 -11.54
C GLU D 745 -10.15 4.28 -10.58
N CYS D 746 -10.76 3.24 -10.03
CA CYS D 746 -10.11 2.28 -9.16
C CYS D 746 -10.07 0.87 -9.74
N SER D 747 -11.17 0.43 -10.36
CA SER D 747 -11.19 -0.90 -10.95
C SER D 747 -10.21 -1.01 -12.11
N ASN D 748 -9.93 0.11 -12.78
CA ASN D 748 -8.98 0.08 -13.88
C ASN D 748 -7.58 -0.30 -13.41
N LEU D 749 -7.13 0.26 -12.28
CA LEU D 749 -5.81 -0.04 -11.76
C LEU D 749 -5.75 -1.34 -10.98
N LEU D 750 -6.90 -1.96 -10.69
CA LEU D 750 -6.89 -3.25 -10.01
C LEU D 750 -6.43 -4.37 -10.95
N LEU D 751 -6.66 -4.21 -12.26
CA LEU D 751 -6.18 -5.19 -13.23
C LEU D 751 -4.66 -5.29 -13.24
N GLN D 752 -3.96 -4.27 -12.74
CA GLN D 752 -2.50 -4.30 -12.64
C GLN D 752 -2.01 -5.43 -11.75
N TYR D 753 -2.85 -5.96 -10.86
CA TYR D 753 -2.49 -7.09 -10.03
C TYR D 753 -2.80 -8.43 -10.69
N GLY D 754 -3.33 -8.41 -11.92
CA GLY D 754 -3.53 -9.64 -12.66
C GLY D 754 -4.64 -10.51 -12.07
N SER D 755 -4.43 -11.82 -12.16
CA SER D 755 -5.40 -12.81 -11.71
C SER D 755 -5.26 -13.14 -10.23
N PHE D 756 -4.72 -12.21 -9.43
CA PHE D 756 -4.51 -12.47 -8.01
C PHE D 756 -5.82 -12.81 -7.32
N CYS D 757 -6.88 -12.02 -7.56
CA CYS D 757 -8.16 -12.31 -6.96
C CYS D 757 -9.09 -13.10 -7.88
N THR D 758 -8.69 -13.33 -9.13
CA THR D 758 -9.40 -14.31 -9.94
C THR D 758 -9.23 -15.71 -9.35
N GLN D 759 -8.09 -15.96 -8.72
CA GLN D 759 -7.88 -17.19 -7.97
C GLN D 759 -8.74 -17.23 -6.71
N LEU D 760 -9.14 -16.06 -6.20
CA LEU D 760 -10.02 -16.02 -5.04
C LEU D 760 -11.36 -16.67 -5.33
N LYS D 761 -11.93 -16.38 -6.50
CA LYS D 761 -13.19 -17.02 -6.87
C LYS D 761 -13.03 -18.52 -7.07
N ARG D 762 -11.87 -18.95 -7.58
CA ARG D 762 -11.63 -20.38 -7.75
C ARG D 762 -11.59 -21.09 -6.40
N ALA D 763 -10.96 -20.47 -5.40
CA ALA D 763 -10.85 -21.11 -4.09
C ALA D 763 -12.21 -21.22 -3.42
N LEU D 764 -12.99 -20.14 -3.41
CA LEU D 764 -14.29 -20.15 -2.75
C LEU D 764 -15.36 -20.86 -3.56
N THR D 765 -15.10 -21.17 -4.83
CA THR D 765 -16.01 -22.04 -5.57
C THR D 765 -15.83 -23.51 -5.18
N GLY D 766 -14.59 -23.90 -4.88
CA GLY D 766 -14.35 -25.27 -4.43
C GLY D 766 -15.04 -25.59 -3.12
N ILE D 767 -14.97 -24.67 -2.17
CA ILE D 767 -15.70 -24.86 -0.92
C ILE D 767 -17.20 -24.82 -1.15
N ALA D 768 -17.67 -24.00 -2.09
CA ALA D 768 -19.10 -23.89 -2.34
C ALA D 768 -19.67 -25.21 -2.84
N VAL D 769 -19.07 -25.78 -3.89
CA VAL D 769 -19.57 -27.04 -4.41
C VAL D 769 -19.38 -28.17 -3.41
N GLU D 770 -18.39 -28.06 -2.53
CA GLU D 770 -18.16 -29.09 -1.52
C GLU D 770 -19.32 -29.20 -0.56
N GLN D 771 -19.88 -28.06 -0.14
CA GLN D 771 -21.02 -28.08 0.77
C GLN D 771 -22.27 -28.67 0.12
N ASP D 772 -22.30 -28.76 -1.21
CA ASP D 772 -23.33 -29.52 -1.89
C ASP D 772 -22.90 -30.95 -2.16
N LYS D 773 -21.67 -31.31 -1.79
CA LYS D 773 -21.20 -32.68 -1.90
C LYS D 773 -21.24 -33.43 -0.58
N ASN D 774 -20.96 -32.74 0.53
CA ASN D 774 -21.07 -33.38 1.84
C ASN D 774 -22.49 -33.88 2.08
N THR D 775 -23.47 -33.01 1.84
CA THR D 775 -24.86 -33.40 2.03
C THR D 775 -25.27 -34.53 1.08
N GLN D 776 -24.60 -34.62 -0.08
CA GLN D 776 -24.91 -35.70 -1.01
C GLN D 776 -24.42 -37.05 -0.49
N GLU D 777 -23.31 -37.07 0.25
CA GLU D 777 -22.72 -38.30 0.73
C GLU D 777 -23.01 -38.58 2.20
N VAL D 778 -23.95 -37.83 2.79
CA VAL D 778 -24.37 -38.06 4.18
C VAL D 778 -25.83 -38.50 4.24
N PHE D 779 -26.73 -37.73 3.66
CA PHE D 779 -28.16 -38.02 3.73
C PHE D 779 -28.67 -38.85 2.57
N ALA D 780 -27.82 -39.23 1.62
CA ALA D 780 -28.31 -39.85 0.39
C ALA D 780 -27.63 -41.18 0.11
N GLN D 781 -27.56 -42.05 1.11
CA GLN D 781 -26.99 -43.39 0.94
C GLN D 781 -28.05 -44.44 0.63
N VAL D 782 -29.17 -44.03 0.02
CA VAL D 782 -30.23 -44.93 -0.39
C VAL D 782 -30.67 -44.56 -1.80
N LYS D 783 -30.92 -45.59 -2.61
CA LYS D 783 -31.41 -45.38 -3.97
C LYS D 783 -32.93 -45.45 -4.05
N GLN D 784 -33.62 -45.62 -2.93
CA GLN D 784 -35.06 -45.67 -2.89
C GLN D 784 -35.56 -44.70 -1.82
N ILE D 785 -36.81 -44.29 -1.95
CA ILE D 785 -37.47 -43.42 -0.98
C ILE D 785 -38.64 -44.22 -0.41
N TYR D 786 -38.38 -44.94 0.68
CA TYR D 786 -39.39 -45.80 1.29
C TYR D 786 -40.40 -44.96 2.05
N LYS D 787 -41.62 -45.51 2.18
CA LYS D 787 -42.68 -44.89 2.95
C LYS D 787 -43.20 -45.89 3.96
N THR D 788 -43.34 -45.46 5.21
CA THR D 788 -43.83 -46.33 6.26
C THR D 788 -45.31 -46.68 6.02
N PRO D 789 -45.73 -47.86 6.48
CA PRO D 789 -47.16 -48.22 6.36
C PRO D 789 -48.03 -47.28 7.18
N PRO D 790 -49.31 -47.14 6.82
CA PRO D 790 -50.16 -46.16 7.53
C PRO D 790 -50.27 -46.41 9.02
N ILE D 791 -50.29 -47.66 9.45
CA ILE D 791 -50.40 -47.97 10.88
C ILE D 791 -49.02 -47.94 11.51
N LYS D 792 -48.93 -47.39 12.72
CA LYS D 792 -47.67 -47.22 13.42
C LYS D 792 -47.64 -48.03 14.71
N TYR D 793 -48.13 -49.27 14.65
CA TYR D 793 -48.11 -50.19 15.78
C TYR D 793 -47.03 -51.24 15.52
N PHE D 794 -45.82 -50.96 15.99
CA PHE D 794 -44.70 -51.88 15.83
C PHE D 794 -44.51 -52.73 17.09
N GLY D 795 -45.51 -53.57 17.37
CA GLY D 795 -45.42 -54.51 18.48
C GLY D 795 -45.20 -53.86 19.83
N GLY D 796 -45.85 -52.73 20.09
CA GLY D 796 -45.71 -52.02 21.34
C GLY D 796 -44.76 -50.85 21.29
N PHE D 797 -43.87 -50.80 20.30
CA PHE D 797 -42.95 -49.68 20.16
C PHE D 797 -43.69 -48.49 19.55
N ASN D 798 -43.43 -47.30 20.10
CA ASN D 798 -44.07 -46.08 19.64
C ASN D 798 -43.00 -45.19 19.00
N PHE D 799 -43.24 -44.80 17.75
CA PHE D 799 -42.27 -44.02 16.98
C PHE D 799 -42.85 -42.68 16.51
N SER D 800 -43.98 -42.26 17.09
CA SER D 800 -44.62 -41.03 16.64
C SER D 800 -43.75 -39.80 16.85
N GLN D 801 -42.77 -39.89 17.76
CA GLN D 801 -41.89 -38.75 18.02
C GLN D 801 -40.79 -38.59 17.00
N ILE D 802 -40.58 -39.59 16.14
CA ILE D 802 -39.52 -39.52 15.15
C ILE D 802 -40.02 -39.66 13.72
N LEU D 803 -41.18 -40.26 13.49
CA LEU D 803 -41.73 -40.33 12.15
C LEU D 803 -42.15 -38.94 11.68
N PRO D 804 -42.12 -38.69 10.38
CA PRO D 804 -42.59 -37.40 9.86
C PRO D 804 -44.05 -37.16 10.22
N ASP D 805 -44.38 -35.89 10.46
CA ASP D 805 -45.71 -35.53 10.91
C ASP D 805 -46.50 -34.94 9.74
N PRO D 806 -47.50 -35.65 9.22
CA PRO D 806 -48.31 -35.08 8.13
C PRO D 806 -49.13 -33.87 8.55
N SER D 807 -49.47 -33.74 9.85
CA SER D 807 -50.29 -32.61 10.28
C SER D 807 -49.59 -31.29 10.03
N LYS D 808 -48.29 -31.22 10.30
CA LYS D 808 -47.53 -30.02 9.98
C LYS D 808 -47.47 -29.86 8.46
N PRO D 809 -47.60 -28.62 7.96
CA PRO D 809 -47.50 -28.42 6.50
C PRO D 809 -46.19 -28.92 5.90
N SER D 810 -45.09 -28.82 6.64
CA SER D 810 -43.81 -29.36 6.20
C SER D 810 -43.62 -30.75 6.78
N LYS D 811 -43.11 -31.66 5.96
CA LYS D 811 -42.89 -33.04 6.41
C LYS D 811 -41.69 -33.12 7.34
N ARG D 812 -41.86 -32.65 8.56
CA ARG D 812 -40.78 -32.64 9.56
C ARG D 812 -41.25 -33.37 10.81
N SER D 813 -40.35 -34.15 11.39
CA SER D 813 -40.68 -34.95 12.56
C SER D 813 -40.85 -34.05 13.78
N PHE D 814 -41.40 -34.64 14.85
CA PHE D 814 -41.60 -33.89 16.09
C PHE D 814 -40.28 -33.41 16.67
N ILE D 815 -39.26 -34.27 16.65
CA ILE D 815 -37.94 -33.86 17.12
C ILE D 815 -37.34 -32.79 16.21
N GLU D 816 -37.62 -32.89 14.90
CA GLU D 816 -37.11 -31.89 13.96
C GLU D 816 -37.57 -30.49 14.32
N ASP D 817 -38.81 -30.35 14.80
CA ASP D 817 -39.34 -29.03 15.11
C ASP D 817 -38.54 -28.34 16.20
N LEU D 818 -38.18 -29.08 17.26
CA LEU D 818 -37.38 -28.51 18.32
C LEU D 818 -36.02 -28.08 17.82
N LEU D 819 -35.38 -28.89 16.98
CA LEU D 819 -34.04 -28.57 16.49
C LEU D 819 -34.06 -27.31 15.65
N PHE D 820 -35.04 -27.18 14.75
CA PHE D 820 -35.09 -26.01 13.88
C PHE D 820 -35.32 -24.73 14.68
N ASN D 821 -36.24 -24.78 15.66
CA ASN D 821 -36.50 -23.60 16.48
C ASN D 821 -35.28 -23.23 17.32
N LYS D 822 -34.59 -24.21 17.90
CA LYS D 822 -33.45 -23.93 18.76
C LYS D 822 -32.23 -23.47 17.99
N VAL D 823 -32.19 -23.64 16.66
CA VAL D 823 -31.08 -23.21 15.84
C VAL D 823 -31.48 -21.91 15.16
N THR D 824 -30.71 -20.86 15.40
CA THR D 824 -30.98 -19.54 14.85
C THR D 824 -29.88 -19.17 13.87
N LEU D 825 -30.28 -18.82 12.64
CA LEU D 825 -29.32 -18.44 11.61
C LEU D 825 -28.71 -17.08 11.91
N LEU D 846 -27.10 -5.91 8.75
CA LEU D 846 -28.07 -6.98 8.56
C LEU D 846 -27.59 -7.96 7.50
N ILE D 847 -28.45 -8.93 7.16
CA ILE D 847 -28.11 -9.89 6.12
C ILE D 847 -28.04 -9.22 4.76
N CYS D 848 -28.83 -8.16 4.56
CA CYS D 848 -28.83 -7.47 3.28
C CYS D 848 -27.55 -6.66 3.08
N ALA D 849 -27.02 -6.08 4.16
CA ALA D 849 -25.82 -5.26 4.05
C ALA D 849 -24.64 -6.05 3.50
N GLN D 850 -24.55 -7.34 3.87
CA GLN D 850 -23.48 -8.18 3.34
C GLN D 850 -23.59 -8.33 1.83
N LYS D 851 -24.82 -8.48 1.33
CA LYS D 851 -25.02 -8.61 -0.12
C LYS D 851 -24.56 -7.37 -0.85
N PHE D 852 -24.86 -6.19 -0.30
CA PHE D 852 -24.52 -4.94 -0.99
C PHE D 852 -23.00 -4.75 -1.07
N LYS D 853 -22.25 -5.43 -0.21
CA LYS D 853 -20.79 -5.39 -0.29
C LYS D 853 -20.23 -6.49 -1.19
N GLY D 854 -21.08 -7.25 -1.85
CA GLY D 854 -20.63 -8.32 -2.73
C GLY D 854 -20.47 -9.66 -2.06
N LEU D 855 -21.03 -9.85 -0.87
CA LEU D 855 -20.88 -11.09 -0.13
C LEU D 855 -22.20 -11.84 -0.17
N THR D 856 -22.41 -12.62 -1.23
CA THR D 856 -23.65 -13.35 -1.45
C THR D 856 -23.66 -14.63 -0.64
N VAL D 857 -24.87 -15.13 -0.39
CA VAL D 857 -25.09 -16.37 0.35
C VAL D 857 -25.94 -17.26 -0.55
N LEU D 858 -25.29 -18.13 -1.33
CA LEU D 858 -26.01 -19.00 -2.22
C LEU D 858 -26.78 -20.06 -1.43
N PRO D 859 -27.92 -20.51 -1.94
CA PRO D 859 -28.68 -21.55 -1.24
C PRO D 859 -28.16 -22.94 -1.61
N PRO D 860 -28.23 -23.88 -0.69
CA PRO D 860 -27.73 -25.23 -0.98
C PRO D 860 -28.57 -25.94 -2.03
N LEU D 861 -27.92 -26.85 -2.76
CA LEU D 861 -28.63 -27.61 -3.79
C LEU D 861 -29.73 -28.45 -3.19
N LEU D 862 -29.44 -29.15 -2.09
CA LEU D 862 -30.44 -29.96 -1.40
C LEU D 862 -31.19 -29.05 -0.45
N THR D 863 -32.38 -28.61 -0.86
CA THR D 863 -33.16 -27.73 -0.01
C THR D 863 -33.65 -28.50 1.22
N ASP D 864 -34.11 -27.74 2.22
CA ASP D 864 -34.43 -28.35 3.51
C ASP D 864 -35.60 -29.31 3.44
N GLU D 865 -36.47 -29.21 2.43
CA GLU D 865 -37.64 -30.08 2.38
C GLU D 865 -37.25 -31.53 2.11
N MET D 866 -36.42 -31.76 1.09
CA MET D 866 -36.02 -33.13 0.78
C MET D 866 -34.98 -33.68 1.75
N ILE D 867 -34.32 -32.81 2.52
CA ILE D 867 -33.44 -33.31 3.57
C ILE D 867 -34.26 -34.07 4.61
N ALA D 868 -35.42 -33.53 5.00
CA ALA D 868 -36.32 -34.27 5.86
C ALA D 868 -37.03 -35.40 5.12
N GLN D 869 -36.89 -35.47 3.80
CA GLN D 869 -37.49 -36.58 3.05
C GLN D 869 -36.54 -37.76 3.00
N TYR D 870 -35.24 -37.51 2.77
CA TYR D 870 -34.25 -38.56 2.94
C TYR D 870 -34.31 -39.16 4.33
N THR D 871 -34.34 -38.30 5.36
CA THR D 871 -34.42 -38.80 6.72
C THR D 871 -35.70 -39.59 6.96
N SER D 872 -36.76 -39.29 6.20
CA SER D 872 -37.95 -40.13 6.27
C SER D 872 -37.67 -41.51 5.70
N ALA D 873 -36.89 -41.59 4.63
CA ALA D 873 -36.52 -42.89 4.06
C ALA D 873 -35.68 -43.68 5.04
N LEU D 874 -34.67 -43.05 5.64
CA LEU D 874 -33.83 -43.74 6.61
C LEU D 874 -34.61 -44.18 7.84
N LEU D 875 -35.72 -43.53 8.14
CA LEU D 875 -36.61 -43.97 9.20
C LEU D 875 -37.74 -44.86 8.68
N ALA D 876 -37.73 -45.20 7.40
CA ALA D 876 -38.71 -46.12 6.84
C ALA D 876 -38.12 -47.48 6.53
N GLY D 877 -36.80 -47.62 6.60
CA GLY D 877 -36.16 -48.90 6.35
C GLY D 877 -35.65 -49.54 7.62
N THR D 878 -35.13 -48.72 8.53
CA THR D 878 -34.58 -49.23 9.79
C THR D 878 -35.65 -49.64 10.78
N ILE D 879 -36.92 -49.34 10.52
CA ILE D 879 -38.00 -49.77 11.40
C ILE D 879 -38.89 -50.83 10.77
N THR D 880 -38.90 -50.97 9.44
CA THR D 880 -39.67 -52.01 8.76
C THR D 880 -38.77 -53.05 8.11
N SER D 881 -37.79 -52.63 7.32
CA SER D 881 -36.92 -53.56 6.62
C SER D 881 -35.66 -53.90 7.39
N GLY D 882 -35.50 -53.38 8.61
CA GLY D 882 -34.28 -53.68 9.35
C GLY D 882 -33.08 -53.01 8.73
N TRP D 883 -31.92 -53.66 8.86
CA TRP D 883 -30.67 -53.15 8.31
C TRP D 883 -30.35 -53.73 6.93
N THR D 884 -31.23 -54.57 6.39
CA THR D 884 -30.93 -55.23 5.12
C THR D 884 -31.07 -54.31 3.92
N PHE D 885 -31.74 -53.16 4.06
CA PHE D 885 -31.89 -52.25 2.94
C PHE D 885 -30.66 -51.37 2.73
N GLY D 886 -29.67 -51.46 3.61
CA GLY D 886 -28.37 -50.85 3.39
C GLY D 886 -27.40 -51.74 2.66
N ALA D 887 -27.86 -52.89 2.17
CA ALA D 887 -26.99 -53.82 1.47
C ALA D 887 -27.60 -54.37 0.19
N GLY D 888 -28.82 -53.99 -0.17
CA GLY D 888 -29.44 -54.50 -1.37
C GLY D 888 -30.96 -54.40 -1.34
N ALA D 889 -31.63 -55.48 -1.72
CA ALA D 889 -33.09 -55.48 -1.75
C ALA D 889 -33.64 -55.36 -0.33
N ALA D 890 -34.59 -54.45 -0.14
CA ALA D 890 -35.20 -54.27 1.17
C ALA D 890 -36.16 -55.41 1.47
N LEU D 891 -35.99 -56.02 2.63
CA LEU D 891 -36.80 -57.16 3.05
C LEU D 891 -37.49 -56.82 4.37
N GLN D 892 -38.81 -57.02 4.42
CA GLN D 892 -39.57 -56.63 5.59
C GLN D 892 -39.49 -57.72 6.67
N ILE D 893 -39.30 -57.28 7.91
CA ILE D 893 -39.38 -58.18 9.07
C ILE D 893 -40.21 -57.52 10.15
N PRO D 894 -40.89 -58.34 10.96
CA PRO D 894 -41.66 -57.77 12.08
C PRO D 894 -40.73 -57.09 13.07
N PHE D 895 -41.07 -55.86 13.43
CA PHE D 895 -40.21 -55.11 14.35
C PHE D 895 -40.14 -55.74 15.73
N ALA D 896 -41.11 -56.58 16.09
CA ALA D 896 -40.99 -57.37 17.30
C ALA D 896 -39.84 -58.35 17.22
N MET D 897 -39.42 -58.73 16.02
CA MET D 897 -38.31 -59.66 15.83
C MET D 897 -36.97 -58.97 15.65
N GLN D 898 -36.95 -57.76 15.10
CA GLN D 898 -35.68 -57.09 14.84
C GLN D 898 -34.91 -56.83 16.13
N MET D 899 -35.62 -56.64 17.24
CA MET D 899 -34.95 -56.57 18.53
C MET D 899 -34.25 -57.88 18.86
N ALA D 900 -34.88 -59.01 18.53
CA ALA D 900 -34.25 -60.30 18.78
C ALA D 900 -33.01 -60.51 17.92
N TYR D 901 -32.81 -59.68 16.89
CA TYR D 901 -31.60 -59.77 16.08
C TYR D 901 -30.51 -58.84 16.59
N ARG D 902 -30.86 -57.59 16.94
CA ARG D 902 -29.90 -56.71 17.58
C ARG D 902 -29.44 -57.28 18.91
N PHE D 903 -30.36 -57.83 19.69
CA PHE D 903 -29.99 -58.44 20.96
C PHE D 903 -29.08 -59.64 20.75
N ASN D 904 -29.26 -60.37 19.65
CA ASN D 904 -28.39 -61.50 19.36
C ASN D 904 -26.96 -61.07 19.14
N GLY D 905 -26.75 -59.95 18.44
CA GLY D 905 -25.41 -59.43 18.25
C GLY D 905 -24.78 -58.82 19.47
N ILE D 906 -25.58 -58.34 20.42
CA ILE D 906 -25.04 -57.80 21.66
C ILE D 906 -24.34 -58.88 22.47
N GLY D 907 -24.99 -60.05 22.58
CA GLY D 907 -24.42 -61.15 23.34
C GLY D 907 -25.47 -61.91 24.11
N VAL D 908 -26.62 -61.29 24.33
CA VAL D 908 -27.72 -61.95 25.02
C VAL D 908 -28.52 -62.78 24.02
N THR D 909 -28.99 -63.94 24.46
CA THR D 909 -29.88 -64.73 23.63
C THR D 909 -31.22 -64.01 23.46
N GLN D 910 -31.87 -64.26 22.32
CA GLN D 910 -33.08 -63.53 21.99
C GLN D 910 -34.25 -63.85 22.92
N ASN D 911 -34.13 -64.89 23.76
CA ASN D 911 -35.24 -65.22 24.66
C ASN D 911 -35.48 -64.14 25.69
N VAL D 912 -34.45 -63.35 26.03
CA VAL D 912 -34.64 -62.28 27.01
C VAL D 912 -35.56 -61.20 26.45
N LEU D 913 -35.63 -61.09 25.13
CA LEU D 913 -36.51 -60.08 24.52
C LEU D 913 -37.98 -60.44 24.70
N TYR D 914 -38.40 -61.57 24.13
CA TYR D 914 -39.82 -61.89 24.06
C TYR D 914 -40.41 -62.09 25.44
N GLU D 915 -39.61 -62.51 26.41
CA GLU D 915 -40.06 -62.58 27.79
C GLU D 915 -40.19 -61.20 28.42
N ASN D 916 -39.64 -60.16 27.81
CA ASN D 916 -39.64 -58.83 28.38
C ASN D 916 -39.96 -57.78 27.32
N GLN D 917 -40.83 -58.12 26.37
CA GLN D 917 -41.13 -57.20 25.28
C GLN D 917 -41.87 -55.97 25.76
N LYS D 918 -42.94 -56.17 26.54
CA LYS D 918 -43.74 -55.04 27.01
C LYS D 918 -42.92 -54.13 27.91
N LEU D 919 -42.06 -54.71 28.74
CA LEU D 919 -41.19 -53.91 29.59
C LEU D 919 -40.25 -53.04 28.76
N ILE D 920 -39.70 -53.59 27.69
CA ILE D 920 -38.78 -52.83 26.84
C ILE D 920 -39.51 -51.71 26.12
N ALA D 921 -40.68 -52.00 25.55
CA ALA D 921 -41.40 -51.00 24.77
C ALA D 921 -41.77 -49.81 25.63
N ASN D 922 -42.27 -50.05 26.84
CA ASN D 922 -42.55 -48.96 27.76
C ASN D 922 -41.27 -48.24 28.17
N GLN D 923 -40.19 -48.99 28.37
CA GLN D 923 -38.90 -48.38 28.66
C GLN D 923 -38.43 -47.52 27.49
N PHE D 924 -38.62 -48.01 26.27
CA PHE D 924 -38.26 -47.21 25.09
C PHE D 924 -39.15 -45.98 24.97
N ASN D 925 -40.46 -46.14 25.22
CA ASN D 925 -41.38 -45.02 25.06
C ASN D 925 -41.04 -43.89 26.02
N SER D 926 -40.72 -44.22 27.27
CA SER D 926 -40.32 -43.20 28.22
C SER D 926 -38.95 -42.62 27.87
N ALA D 927 -38.10 -43.40 27.20
CA ALA D 927 -36.77 -42.91 26.85
C ALA D 927 -36.84 -41.86 25.74
N ILE D 928 -37.64 -42.12 24.71
CA ILE D 928 -37.73 -41.18 23.58
C ILE D 928 -38.40 -39.88 24.02
N GLY D 929 -39.32 -39.94 24.98
CA GLY D 929 -40.00 -38.73 25.41
C GLY D 929 -39.07 -37.74 26.09
N LYS D 930 -38.11 -38.24 26.88
CA LYS D 930 -37.19 -37.35 27.57
C LYS D 930 -36.27 -36.61 26.60
N ILE D 931 -36.02 -37.18 25.43
CA ILE D 931 -35.20 -36.51 24.42
C ILE D 931 -35.87 -35.20 24.00
N GLN D 932 -37.20 -35.20 23.89
CA GLN D 932 -37.92 -33.97 23.61
C GLN D 932 -37.69 -32.93 24.71
N ASP D 933 -37.74 -33.37 25.98
CA ASP D 933 -37.54 -32.44 27.08
C ASP D 933 -36.08 -32.04 27.21
N SER D 934 -35.16 -33.01 27.08
CA SER D 934 -33.74 -32.72 27.28
C SER D 934 -33.22 -31.73 26.24
N LEU D 935 -33.62 -31.91 24.97
CA LEU D 935 -33.13 -31.03 23.91
C LEU D 935 -33.58 -29.59 24.14
N SER D 936 -34.84 -29.39 24.53
CA SER D 936 -35.35 -28.06 24.81
C SER D 936 -35.04 -27.58 26.22
N SER D 937 -34.47 -28.43 27.07
CA SER D 937 -34.15 -28.03 28.43
C SER D 937 -33.09 -26.93 28.45
N THR D 938 -32.05 -27.09 27.64
CA THR D 938 -30.96 -26.13 27.58
C THR D 938 -30.63 -25.79 26.14
N ALA D 939 -30.19 -24.54 25.93
CA ALA D 939 -29.78 -24.09 24.61
C ALA D 939 -28.36 -24.50 24.25
N SER D 940 -27.57 -24.95 25.23
CA SER D 940 -26.20 -25.37 24.98
C SER D 940 -26.10 -26.78 24.42
N ALA D 941 -27.21 -27.53 24.39
CA ALA D 941 -27.18 -28.87 23.81
C ALA D 941 -26.83 -28.81 22.32
N LEU D 942 -27.39 -27.84 21.60
CA LEU D 942 -27.09 -27.64 20.19
C LEU D 942 -25.90 -26.73 19.96
N GLY D 943 -24.98 -26.64 20.92
CA GLY D 943 -23.87 -25.73 20.79
C GLY D 943 -22.96 -26.05 19.61
N LYS D 944 -22.80 -27.35 19.31
CA LYS D 944 -21.92 -27.74 18.22
C LYS D 944 -22.42 -27.28 16.86
N LEU D 945 -23.69 -26.88 16.76
CA LEU D 945 -24.23 -26.33 15.52
C LEU D 945 -24.31 -24.82 15.52
N GLN D 946 -24.55 -24.20 16.67
CA GLN D 946 -24.63 -22.74 16.74
C GLN D 946 -23.30 -22.09 16.35
N ASP D 947 -22.18 -22.65 16.82
CA ASP D 947 -20.89 -22.05 16.53
C ASP D 947 -20.53 -22.15 15.06
N VAL D 948 -21.02 -23.17 14.37
CA VAL D 948 -20.74 -23.31 12.94
C VAL D 948 -21.35 -22.15 12.16
N VAL D 949 -22.60 -21.83 12.46
CA VAL D 949 -23.22 -20.68 11.80
C VAL D 949 -22.74 -19.37 12.43
N ASN D 950 -22.34 -19.41 13.70
CA ASN D 950 -21.81 -18.21 14.34
C ASN D 950 -20.46 -17.82 13.76
N HIS D 951 -19.55 -18.79 13.64
CA HIS D 951 -18.22 -18.49 13.12
C HIS D 951 -18.28 -17.96 11.70
N ASN D 952 -19.13 -18.56 10.86
CA ASN D 952 -19.31 -18.05 9.51
C ASN D 952 -19.90 -16.64 9.54
N ALA D 953 -20.92 -16.43 10.36
CA ALA D 953 -21.51 -15.09 10.47
C ALA D 953 -20.52 -14.10 11.09
N GLN D 954 -19.76 -14.54 12.10
CA GLN D 954 -18.81 -13.64 12.75
C GLN D 954 -17.68 -13.25 11.82
N ALA D 955 -17.23 -14.17 10.97
CA ALA D 955 -16.15 -13.87 10.04
C ALA D 955 -16.55 -12.78 9.07
N LEU D 956 -17.79 -12.82 8.57
CA LEU D 956 -18.26 -11.79 7.66
C LEU D 956 -18.30 -10.42 8.32
N ASN D 957 -18.57 -10.37 9.63
CA ASN D 957 -18.61 -9.08 10.33
C ASN D 957 -17.26 -8.38 10.25
N THR D 958 -16.17 -9.12 10.42
CA THR D 958 -14.84 -8.52 10.30
C THR D 958 -14.58 -8.04 8.87
N LEU D 959 -15.02 -8.81 7.87
CA LEU D 959 -14.74 -8.47 6.49
C LEU D 959 -15.40 -7.15 6.09
N VAL D 960 -16.67 -6.98 6.43
CA VAL D 960 -17.36 -5.74 6.06
C VAL D 960 -16.79 -4.57 6.85
N LYS D 961 -16.43 -4.79 8.11
CA LYS D 961 -15.83 -3.73 8.91
C LYS D 961 -14.40 -3.43 8.48
N GLN D 962 -13.74 -4.37 7.81
CA GLN D 962 -12.35 -4.17 7.42
C GLN D 962 -12.22 -3.12 6.32
N LEU D 963 -13.16 -3.10 5.37
CA LEU D 963 -13.03 -2.18 4.25
C LEU D 963 -13.12 -0.71 4.68
N SER D 964 -13.57 -0.45 5.90
CA SER D 964 -13.60 0.90 6.44
C SER D 964 -12.31 1.27 7.15
N SER D 965 -11.32 0.38 7.18
CA SER D 965 -10.04 0.69 7.80
C SER D 965 -9.18 1.53 6.87
N LYS D 966 -8.24 2.25 7.47
CA LYS D 966 -7.40 3.18 6.72
C LYS D 966 -6.20 2.50 6.05
N PHE D 967 -5.60 1.51 6.72
CA PHE D 967 -4.39 0.86 6.23
C PHE D 967 -3.26 1.86 6.01
N GLY D 968 -3.19 2.87 6.88
CA GLY D 968 -2.18 3.90 6.77
C GLY D 968 -2.43 4.96 5.73
N ALA D 969 -3.57 4.92 5.05
CA ALA D 969 -3.88 5.90 4.02
C ALA D 969 -4.39 7.20 4.64
N ILE D 970 -4.55 8.21 3.80
CA ILE D 970 -5.09 9.49 4.25
C ILE D 970 -6.52 9.31 4.75
N SER D 971 -7.33 8.57 4.00
CA SER D 971 -8.71 8.31 4.38
C SER D 971 -9.15 6.98 3.79
N SER D 972 -9.94 6.23 4.57
CA SER D 972 -10.42 4.94 4.11
C SER D 972 -11.38 5.05 2.93
N VAL D 973 -12.02 6.21 2.75
CA VAL D 973 -12.95 6.38 1.65
C VAL D 973 -12.18 6.35 0.33
N LEU D 974 -12.68 5.57 -0.63
CA LEU D 974 -11.96 5.36 -1.88
C LEU D 974 -11.94 6.64 -2.72
N ASN D 975 -13.08 7.32 -2.83
CA ASN D 975 -13.23 8.41 -3.79
C ASN D 975 -12.48 9.67 -3.35
N ASP D 976 -12.53 10.01 -2.06
CA ASP D 976 -11.97 11.29 -1.62
C ASP D 976 -10.46 11.35 -1.75
N ILE D 977 -9.78 10.21 -1.90
CA ILE D 977 -8.33 10.23 -2.08
C ILE D 977 -7.97 10.94 -3.38
N PHE D 978 -8.68 10.63 -4.46
CA PHE D 978 -8.40 11.26 -5.75
C PHE D 978 -8.89 12.71 -5.77
N SER D 979 -9.98 13.01 -5.06
CA SER D 979 -10.57 14.34 -5.08
C SER D 979 -9.90 15.31 -4.11
N ARG D 980 -8.90 14.86 -3.35
CA ARG D 980 -8.21 15.73 -2.41
C ARG D 980 -6.70 15.74 -2.59
N LEU D 981 -6.13 14.82 -3.35
CA LEU D 981 -4.68 14.74 -3.52
C LEU D 981 -4.34 14.70 -5.00
N ASP D 982 -3.13 15.17 -5.32
CA ASP D 982 -2.66 15.18 -6.70
C ASP D 982 -2.41 13.76 -7.19
N LYS D 983 -2.48 13.59 -8.51
CA LYS D 983 -2.40 12.27 -9.12
C LYS D 983 -0.98 11.72 -9.16
N VAL D 984 0.04 12.54 -8.89
CA VAL D 984 1.42 12.07 -8.99
C VAL D 984 1.70 11.01 -7.93
N GLU D 985 1.18 11.20 -6.71
CA GLU D 985 1.34 10.24 -5.63
C GLU D 985 0.04 9.52 -5.30
N ALA D 986 -1.04 9.81 -6.02
CA ALA D 986 -2.32 9.14 -5.74
C ALA D 986 -2.22 7.65 -5.98
N GLU D 987 -1.54 7.24 -7.05
CA GLU D 987 -1.37 5.81 -7.33
C GLU D 987 -0.62 5.12 -6.19
N VAL D 988 0.45 5.76 -5.70
CA VAL D 988 1.13 5.23 -4.51
C VAL D 988 0.20 5.27 -3.31
N GLN D 989 -0.54 6.37 -3.14
CA GLN D 989 -1.46 6.49 -2.02
C GLN D 989 -2.57 5.44 -2.09
N ILE D 990 -3.12 5.21 -3.29
CA ILE D 990 -4.21 4.25 -3.42
C ILE D 990 -3.71 2.81 -3.39
N ASP D 991 -2.42 2.59 -3.69
CA ASP D 991 -1.90 1.23 -3.75
C ASP D 991 -1.98 0.55 -2.39
N ARG D 992 -1.50 1.22 -1.34
CA ARG D 992 -1.54 0.63 -0.01
C ARG D 992 -2.97 0.52 0.52
N LEU D 993 -3.91 1.28 -0.03
CA LEU D 993 -5.31 1.04 0.26
C LEU D 993 -5.83 -0.19 -0.49
N ILE D 994 -5.34 -0.40 -1.71
CA ILE D 994 -5.75 -1.58 -2.48
C ILE D 994 -5.21 -2.84 -1.84
N THR D 995 -3.91 -2.84 -1.49
CA THR D 995 -3.32 -4.03 -0.88
C THR D 995 -3.91 -4.30 0.49
N GLY D 996 -4.42 -3.27 1.17
CA GLY D 996 -5.06 -3.49 2.46
C GLY D 996 -6.30 -4.35 2.35
N ARG D 997 -7.17 -4.02 1.39
CA ARG D 997 -8.37 -4.80 1.17
C ARG D 997 -8.05 -6.16 0.55
N LEU D 998 -7.12 -6.16 -0.42
CA LEU D 998 -6.75 -7.42 -1.08
C LEU D 998 -6.13 -8.40 -0.10
N GLN D 999 -5.25 -7.93 0.78
CA GLN D 999 -4.66 -8.81 1.78
C GLN D 999 -5.72 -9.29 2.77
N SER D 1000 -6.65 -8.42 3.14
CA SER D 1000 -7.70 -8.82 4.07
C SER D 1000 -8.57 -9.92 3.48
N LEU D 1001 -8.92 -9.80 2.20
CA LEU D 1001 -9.67 -10.87 1.54
C LEU D 1001 -8.87 -12.16 1.51
N GLN D 1002 -7.55 -12.06 1.32
CA GLN D 1002 -6.70 -13.24 1.33
C GLN D 1002 -6.72 -13.92 2.70
N THR D 1003 -6.68 -13.12 3.78
CA THR D 1003 -6.71 -13.70 5.12
C THR D 1003 -8.03 -14.42 5.39
N TYR D 1004 -9.15 -13.84 4.93
CA TYR D 1004 -10.44 -14.47 5.16
C TYR D 1004 -10.56 -15.79 4.40
N VAL D 1005 -10.11 -15.83 3.15
CA VAL D 1005 -10.29 -17.03 2.34
C VAL D 1005 -9.39 -18.15 2.85
N THR D 1006 -8.15 -17.83 3.24
CA THR D 1006 -7.26 -18.87 3.74
C THR D 1006 -7.66 -19.35 5.12
N GLN D 1007 -8.52 -18.61 5.82
CA GLN D 1007 -9.09 -19.12 7.07
C GLN D 1007 -10.38 -19.89 6.80
N GLN D 1008 -11.15 -19.47 5.79
CA GLN D 1008 -12.37 -20.18 5.44
C GLN D 1008 -12.07 -21.59 4.97
N LEU D 1009 -10.95 -21.77 4.25
CA LEU D 1009 -10.55 -23.11 3.83
C LEU D 1009 -10.29 -24.00 5.04
N ILE D 1010 -9.70 -23.45 6.10
CA ILE D 1010 -9.49 -24.22 7.33
C ILE D 1010 -10.81 -24.70 7.88
N ARG D 1011 -11.80 -23.81 7.98
CA ARG D 1011 -13.08 -24.19 8.54
C ARG D 1011 -13.79 -25.22 7.67
N ALA D 1012 -13.51 -25.22 6.37
CA ALA D 1012 -14.02 -26.29 5.52
C ALA D 1012 -13.41 -27.62 5.89
N ALA D 1013 -12.10 -27.64 6.15
CA ALA D 1013 -11.43 -28.89 6.50
C ALA D 1013 -11.98 -29.47 7.80
N GLU D 1014 -12.23 -28.62 8.79
CA GLU D 1014 -12.83 -29.08 10.04
C GLU D 1014 -14.27 -29.50 9.85
N ILE D 1015 -14.90 -29.12 8.74
CA ILE D 1015 -16.25 -29.59 8.42
C ILE D 1015 -16.20 -30.79 7.49
N ARG D 1016 -15.29 -30.78 6.52
CA ARG D 1016 -15.11 -31.94 5.65
C ARG D 1016 -14.74 -33.17 6.46
N ALA D 1017 -13.96 -33.00 7.53
CA ALA D 1017 -13.67 -34.12 8.42
C ALA D 1017 -14.92 -34.58 9.15
N SER D 1018 -15.77 -33.63 9.57
CA SER D 1018 -16.99 -33.99 10.27
C SER D 1018 -17.99 -34.65 9.33
N ALA D 1019 -18.02 -34.22 8.06
CA ALA D 1019 -18.93 -34.83 7.10
C ALA D 1019 -18.60 -36.30 6.88
N ASN D 1020 -17.31 -36.63 6.76
CA ASN D 1020 -16.91 -38.03 6.61
C ASN D 1020 -17.20 -38.84 7.87
N LEU D 1021 -17.03 -38.24 9.05
CA LEU D 1021 -17.36 -38.95 10.29
C LEU D 1021 -18.85 -39.26 10.35
N ALA D 1022 -19.70 -38.29 10.01
CA ALA D 1022 -21.14 -38.52 10.01
C ALA D 1022 -21.51 -39.55 8.95
N ALA D 1023 -20.86 -39.49 7.79
CA ALA D 1023 -21.16 -40.46 6.73
C ALA D 1023 -20.87 -41.88 7.20
N THR D 1024 -19.75 -42.08 7.88
CA THR D 1024 -19.45 -43.39 8.47
C THR D 1024 -20.46 -43.73 9.57
N LYS D 1025 -20.84 -42.74 10.37
CA LYS D 1025 -21.80 -42.97 11.44
C LYS D 1025 -23.13 -43.45 10.87
N MET D 1026 -23.61 -42.82 9.81
CA MET D 1026 -24.86 -43.24 9.20
C MET D 1026 -24.70 -44.59 8.50
N SER D 1027 -23.54 -44.85 7.90
CA SER D 1027 -23.33 -46.12 7.21
C SER D 1027 -23.17 -47.27 8.18
N GLU D 1028 -22.83 -47.00 9.44
CA GLU D 1028 -22.61 -48.06 10.43
C GLU D 1028 -23.65 -48.04 11.54
N CYS D 1029 -23.81 -46.90 12.22
CA CYS D 1029 -24.69 -46.87 13.39
C CYS D 1029 -26.16 -46.89 13.01
N VAL D 1030 -26.52 -46.37 11.85
CA VAL D 1030 -27.93 -46.29 11.44
C VAL D 1030 -28.32 -47.46 10.55
N LEU D 1031 -27.55 -47.70 9.49
CA LEU D 1031 -27.84 -48.78 8.55
C LEU D 1031 -27.45 -50.15 9.10
N GLY D 1032 -27.10 -50.25 10.37
CA GLY D 1032 -26.75 -51.54 10.93
C GLY D 1032 -26.35 -51.41 12.39
N GLN D 1033 -25.91 -52.53 12.95
CA GLN D 1033 -25.42 -52.59 14.31
C GLN D 1033 -23.91 -52.76 14.26
N SER D 1034 -23.19 -51.95 15.05
CA SER D 1034 -21.74 -51.90 15.00
C SER D 1034 -21.14 -52.46 16.28
N LYS D 1035 -20.01 -53.14 16.14
CA LYS D 1035 -19.28 -53.70 17.28
C LYS D 1035 -18.18 -52.77 17.77
N ARG D 1036 -18.07 -51.57 17.22
CA ARG D 1036 -17.08 -50.60 17.71
C ARG D 1036 -17.58 -50.00 19.01
N VAL D 1037 -16.97 -50.39 20.13
CA VAL D 1037 -17.46 -49.99 21.43
C VAL D 1037 -17.32 -48.48 21.61
N ASP D 1038 -18.38 -47.86 22.09
CA ASP D 1038 -18.42 -46.42 22.36
C ASP D 1038 -18.10 -45.61 21.11
N PHE D 1039 -18.59 -46.08 19.96
CA PHE D 1039 -18.53 -45.32 18.73
C PHE D 1039 -19.89 -44.78 18.29
N CYS D 1040 -20.97 -45.43 18.71
CA CYS D 1040 -22.31 -44.96 18.38
C CYS D 1040 -23.13 -44.77 19.64
N GLY D 1041 -22.57 -44.10 20.63
CA GLY D 1041 -23.22 -43.83 21.90
C GLY D 1041 -22.49 -44.49 23.05
N LYS D 1042 -23.07 -44.35 24.24
CA LYS D 1042 -22.49 -44.87 25.47
C LYS D 1042 -23.18 -46.18 25.81
N GLY D 1043 -22.48 -47.29 25.62
CA GLY D 1043 -23.00 -48.61 25.91
C GLY D 1043 -23.13 -49.45 24.66
N TYR D 1044 -23.61 -50.67 24.85
CA TYR D 1044 -23.86 -51.57 23.73
C TYR D 1044 -24.92 -50.97 22.82
N HIS D 1045 -24.77 -51.24 21.51
CA HIS D 1045 -25.52 -50.54 20.48
C HIS D 1045 -26.62 -51.43 19.92
N LEU D 1046 -27.85 -50.91 19.93
CA LEU D 1046 -28.99 -51.61 19.36
C LEU D 1046 -29.29 -51.13 17.93
N MET D 1047 -29.58 -49.85 17.77
CA MET D 1047 -29.72 -49.25 16.44
C MET D 1047 -29.50 -47.76 16.60
N SER D 1048 -29.80 -47.01 15.55
CA SER D 1048 -29.79 -45.57 15.61
C SER D 1048 -30.88 -45.02 14.69
N PHE D 1049 -31.30 -43.79 14.97
CA PHE D 1049 -32.26 -43.09 14.13
C PHE D 1049 -31.72 -41.69 13.87
N PRO D 1050 -31.52 -41.31 12.61
CA PRO D 1050 -31.07 -39.95 12.33
C PRO D 1050 -32.21 -38.94 12.31
N GLN D 1051 -31.85 -37.70 12.56
CA GLN D 1051 -32.78 -36.57 12.47
C GLN D 1051 -32.05 -35.39 11.86
N SER D 1052 -32.71 -34.73 10.92
CA SER D 1052 -32.08 -33.61 10.23
C SER D 1052 -31.97 -32.41 11.17
N ALA D 1053 -31.16 -31.45 10.76
CA ALA D 1053 -30.93 -30.23 11.53
C ALA D 1053 -30.42 -29.15 10.58
N PRO D 1054 -30.57 -27.88 10.94
CA PRO D 1054 -30.02 -26.82 10.09
C PRO D 1054 -28.50 -26.85 10.09
N HIS D 1055 -27.92 -27.08 8.92
CA HIS D 1055 -26.47 -27.13 8.74
C HIS D 1055 -25.84 -28.24 9.59
N GLY D 1056 -26.56 -29.33 9.77
CA GLY D 1056 -26.03 -30.42 10.57
C GLY D 1056 -26.98 -31.59 10.59
N VAL D 1057 -26.52 -32.67 11.23
CA VAL D 1057 -27.30 -33.89 11.41
C VAL D 1057 -27.21 -34.30 12.88
N VAL D 1058 -28.35 -34.75 13.43
CA VAL D 1058 -28.42 -35.18 14.82
C VAL D 1058 -28.93 -36.61 14.84
N PHE D 1059 -28.19 -37.50 15.48
CA PHE D 1059 -28.56 -38.90 15.61
C PHE D 1059 -29.31 -39.15 16.91
N LEU D 1060 -29.98 -40.28 16.97
CA LEU D 1060 -30.59 -40.79 18.20
C LEU D 1060 -30.14 -42.24 18.36
N HIS D 1061 -28.99 -42.45 18.98
CA HIS D 1061 -28.53 -43.79 19.28
C HIS D 1061 -29.38 -44.39 20.39
N VAL D 1062 -29.77 -45.65 20.22
CA VAL D 1062 -30.51 -46.39 21.22
C VAL D 1062 -29.58 -47.44 21.78
N THR D 1063 -28.96 -47.15 22.91
CA THR D 1063 -27.94 -47.99 23.50
C THR D 1063 -28.53 -48.89 24.58
N TYR D 1064 -27.87 -50.02 24.80
CA TYR D 1064 -28.28 -51.01 25.79
C TYR D 1064 -27.27 -50.98 26.92
N VAL D 1065 -27.73 -50.68 28.13
CA VAL D 1065 -26.87 -50.46 29.29
C VAL D 1065 -27.28 -51.45 30.38
N PRO D 1066 -26.35 -52.24 30.92
CA PRO D 1066 -26.71 -53.15 32.00
C PRO D 1066 -27.18 -52.41 33.24
N ALA D 1067 -28.17 -52.99 33.91
CA ALA D 1067 -28.71 -52.42 35.15
C ALA D 1067 -27.97 -53.03 36.34
N GLN D 1068 -28.53 -52.86 37.54
CA GLN D 1068 -27.91 -53.38 38.76
C GLN D 1068 -27.54 -54.85 38.60
N GLU D 1069 -26.54 -55.27 39.37
CA GLU D 1069 -25.93 -56.58 39.21
C GLU D 1069 -25.79 -57.28 40.55
N LYS D 1070 -25.74 -58.61 40.50
CA LYS D 1070 -25.50 -59.44 41.68
C LYS D 1070 -24.19 -60.17 41.50
N ASN D 1071 -23.18 -59.80 42.28
CA ASN D 1071 -21.88 -60.47 42.20
C ASN D 1071 -21.99 -61.92 42.65
N PHE D 1072 -21.27 -62.79 41.96
CA PHE D 1072 -21.35 -64.22 42.20
C PHE D 1072 -19.95 -64.80 42.35
N THR D 1073 -19.89 -66.07 42.71
CA THR D 1073 -18.64 -66.82 42.80
C THR D 1073 -18.53 -67.73 41.57
N THR D 1074 -17.39 -67.67 40.90
CA THR D 1074 -17.22 -68.36 39.63
C THR D 1074 -16.00 -69.27 39.69
N ALA D 1075 -15.97 -70.22 38.75
CA ALA D 1075 -14.82 -71.07 38.49
C ALA D 1075 -14.59 -71.14 36.99
N PRO D 1076 -13.32 -71.25 36.57
CA PRO D 1076 -13.03 -71.28 35.13
C PRO D 1076 -13.39 -72.58 34.45
N ALA D 1077 -13.75 -73.63 35.19
CA ALA D 1077 -13.96 -74.94 34.60
C ALA D 1077 -14.74 -75.81 35.57
N ILE D 1078 -15.08 -77.02 35.12
CA ILE D 1078 -15.76 -78.01 35.93
C ILE D 1078 -15.15 -79.38 35.63
N CYS D 1079 -14.85 -80.15 36.68
CA CYS D 1079 -14.39 -81.52 36.54
C CYS D 1079 -15.45 -82.46 37.13
N HIS D 1080 -16.05 -83.30 36.30
CA HIS D 1080 -17.02 -84.28 36.76
C HIS D 1080 -16.53 -85.71 36.58
N ASP D 1081 -16.23 -86.12 35.36
CA ASP D 1081 -15.66 -87.45 35.11
C ASP D 1081 -14.14 -87.39 34.92
N GLY D 1082 -13.44 -86.75 35.85
CA GLY D 1082 -11.99 -86.66 35.75
C GLY D 1082 -11.51 -85.91 34.54
N LYS D 1083 -12.41 -85.18 33.88
CA LYS D 1083 -12.09 -84.45 32.66
C LYS D 1083 -12.69 -83.06 32.74
N ALA D 1084 -11.97 -82.08 32.17
CA ALA D 1084 -12.41 -80.69 32.26
C ALA D 1084 -13.69 -80.46 31.46
N HIS D 1085 -14.47 -79.49 31.90
CA HIS D 1085 -15.73 -79.12 31.26
C HIS D 1085 -15.79 -77.60 31.18
N PHE D 1086 -15.77 -77.06 29.95
CA PHE D 1086 -15.75 -75.62 29.75
C PHE D 1086 -17.07 -75.16 29.13
N PRO D 1087 -17.54 -73.96 29.47
CA PRO D 1087 -18.83 -73.51 28.92
C PRO D 1087 -18.77 -73.37 27.41
N ARG D 1088 -19.85 -73.79 26.75
CA ARG D 1088 -19.97 -73.58 25.32
C ARG D 1088 -20.01 -72.09 24.99
N GLU D 1089 -20.78 -71.32 25.75
CA GLU D 1089 -20.76 -69.87 25.66
C GLU D 1089 -21.32 -69.33 26.98
N GLY D 1090 -20.48 -68.68 27.77
CA GLY D 1090 -20.86 -68.12 29.04
C GLY D 1090 -19.83 -68.46 30.09
N VAL D 1091 -20.19 -68.20 31.36
CA VAL D 1091 -19.32 -68.45 32.50
C VAL D 1091 -20.10 -69.17 33.58
N PHE D 1092 -19.45 -70.11 34.25
CA PHE D 1092 -20.07 -70.82 35.36
C PHE D 1092 -20.15 -69.93 36.58
N VAL D 1093 -21.33 -69.85 37.18
CA VAL D 1093 -21.54 -69.10 38.41
C VAL D 1093 -22.21 -70.01 39.43
N SER D 1094 -22.05 -69.64 40.70
CA SER D 1094 -22.64 -70.42 41.80
C SER D 1094 -23.16 -69.45 42.85
N ASN D 1095 -24.45 -69.58 43.18
CA ASN D 1095 -25.08 -68.75 44.19
C ASN D 1095 -24.81 -69.24 45.61
N GLY D 1096 -23.84 -70.14 45.79
CA GLY D 1096 -23.45 -70.55 47.13
C GLY D 1096 -23.45 -72.04 47.38
N THR D 1097 -24.43 -72.76 46.82
CA THR D 1097 -24.57 -74.19 47.10
C THR D 1097 -24.43 -75.08 45.88
N HIS D 1098 -24.81 -74.64 44.69
CA HIS D 1098 -24.53 -75.38 43.47
C HIS D 1098 -24.45 -74.42 42.30
N TRP D 1099 -23.89 -74.90 41.19
CA TRP D 1099 -23.43 -74.06 40.11
C TRP D 1099 -24.48 -73.95 39.00
N PHE D 1100 -24.25 -72.97 38.12
CA PHE D 1100 -25.09 -72.77 36.95
C PHE D 1100 -24.23 -72.20 35.83
N VAL D 1101 -24.72 -72.35 34.61
CA VAL D 1101 -24.13 -71.70 33.44
C VAL D 1101 -25.11 -70.64 32.94
N THR D 1102 -24.62 -69.42 32.76
CA THR D 1102 -25.48 -68.30 32.44
C THR D 1102 -24.93 -67.58 31.20
N GLN D 1103 -25.66 -66.55 30.78
CA GLN D 1103 -25.31 -65.79 29.58
C GLN D 1103 -24.20 -64.79 29.93
N ARG D 1104 -23.91 -63.90 28.99
CA ARG D 1104 -22.82 -62.95 29.18
C ARG D 1104 -23.27 -61.71 29.95
N ASN D 1105 -24.37 -61.09 29.50
CA ASN D 1105 -24.79 -59.80 30.04
C ASN D 1105 -26.21 -59.83 30.56
N PHE D 1106 -26.67 -60.99 31.03
CA PHE D 1106 -28.00 -61.09 31.64
C PHE D 1106 -28.05 -62.36 32.48
N TYR D 1107 -28.41 -62.22 33.75
CA TYR D 1107 -28.44 -63.37 34.65
C TYR D 1107 -29.61 -64.28 34.28
N GLU D 1108 -29.30 -65.53 33.94
CA GLU D 1108 -30.31 -66.54 33.63
C GLU D 1108 -29.71 -67.90 33.90
N PRO D 1109 -29.77 -68.36 35.15
CA PRO D 1109 -29.11 -69.63 35.49
C PRO D 1109 -29.69 -70.80 34.72
N GLN D 1110 -28.82 -71.74 34.39
CA GLN D 1110 -29.21 -72.96 33.69
C GLN D 1110 -28.47 -74.13 34.30
N ILE D 1111 -29.05 -75.32 34.15
CA ILE D 1111 -28.40 -76.53 34.66
C ILE D 1111 -27.27 -76.93 33.74
N ILE D 1112 -26.14 -77.32 34.32
CA ILE D 1112 -24.99 -77.73 33.53
C ILE D 1112 -25.35 -78.98 32.73
N THR D 1113 -25.11 -78.93 31.42
CA THR D 1113 -25.57 -79.98 30.52
C THR D 1113 -24.52 -80.17 29.43
N THR D 1114 -24.47 -81.39 28.88
CA THR D 1114 -23.58 -81.66 27.75
C THR D 1114 -23.87 -80.74 26.58
N ASP D 1115 -25.11 -80.27 26.45
CA ASP D 1115 -25.43 -79.29 25.41
C ASP D 1115 -24.68 -77.97 25.64
N ASN D 1116 -24.55 -77.56 26.90
CA ASN D 1116 -23.94 -76.29 27.25
C ASN D 1116 -22.43 -76.40 27.46
N THR D 1117 -21.84 -77.57 27.25
CA THR D 1117 -20.45 -77.79 27.63
C THR D 1117 -19.78 -78.72 26.63
N PHE D 1118 -18.51 -78.44 26.34
CA PHE D 1118 -17.69 -79.30 25.50
C PHE D 1118 -16.43 -79.68 26.28
N VAL D 1119 -16.08 -80.96 26.24
CA VAL D 1119 -14.96 -81.46 27.01
C VAL D 1119 -13.64 -81.04 26.36
N SER D 1120 -12.59 -80.94 27.19
CA SER D 1120 -11.25 -80.67 26.67
C SER D 1120 -10.24 -81.20 27.70
N GLY D 1121 -9.67 -82.37 27.41
CA GLY D 1121 -8.63 -82.92 28.24
C GLY D 1121 -9.09 -83.30 29.64
N ASN D 1122 -8.11 -83.58 30.49
CA ASN D 1122 -8.38 -83.92 31.89
C ASN D 1122 -8.57 -82.64 32.70
N CYS D 1123 -8.65 -82.79 34.02
CA CYS D 1123 -8.95 -81.68 34.91
C CYS D 1123 -7.86 -81.51 35.97
N ASP D 1124 -6.61 -81.59 35.55
CA ASP D 1124 -5.48 -81.38 36.46
C ASP D 1124 -4.63 -80.18 36.08
N VAL D 1125 -4.36 -79.98 34.78
CA VAL D 1125 -3.56 -78.84 34.35
C VAL D 1125 -4.31 -77.54 34.58
N VAL D 1126 -5.63 -77.55 34.41
CA VAL D 1126 -6.43 -76.33 34.55
C VAL D 1126 -6.42 -75.89 36.01
N ILE D 1127 -6.11 -74.63 36.25
CA ILE D 1127 -6.09 -74.07 37.58
C ILE D 1127 -7.49 -73.54 37.92
N GLY D 1128 -7.83 -73.59 39.21
CA GLY D 1128 -9.10 -73.08 39.67
C GLY D 1128 -10.30 -73.95 39.37
N ILE D 1129 -10.10 -75.16 38.85
CA ILE D 1129 -11.23 -76.03 38.54
C ILE D 1129 -11.92 -76.45 39.83
N VAL D 1130 -13.19 -76.82 39.72
CA VAL D 1130 -14.02 -77.18 40.86
C VAL D 1130 -14.83 -78.42 40.51
N ASN D 1131 -15.13 -79.23 41.53
CA ASN D 1131 -15.90 -80.45 41.31
C ASN D 1131 -17.38 -80.15 41.24
N ASN D 1132 -18.08 -80.85 40.35
CA ASN D 1132 -19.53 -80.75 40.21
C ASN D 1132 -19.99 -81.92 39.33
N THR D 1133 -21.28 -81.97 39.06
CA THR D 1133 -21.87 -82.98 38.20
C THR D 1133 -22.59 -82.31 37.03
N VAL D 1134 -22.63 -83.02 35.91
CA VAL D 1134 -23.27 -82.54 34.69
C VAL D 1134 -24.37 -83.50 34.31
N TYR D 1135 -25.58 -82.98 34.13
CA TYR D 1135 -26.76 -83.78 33.83
C TYR D 1135 -26.86 -83.96 32.32
N ASP D 1136 -26.58 -85.17 31.85
CA ASP D 1136 -26.68 -85.45 30.43
C ASP D 1136 -28.14 -85.51 29.99
N PRO D 1137 -28.46 -85.03 28.80
CA PRO D 1137 -29.80 -85.25 28.24
C PRO D 1137 -30.10 -86.71 27.98
N LEU D 1138 -29.07 -87.55 27.85
CA LEU D 1138 -29.26 -88.99 27.72
C LEU D 1138 -29.57 -89.65 29.05
N GLN D 1139 -29.29 -88.98 30.17
CA GLN D 1139 -29.60 -89.55 31.49
C GLN D 1139 -31.08 -89.85 31.66
N PRO D 1140 -32.02 -88.95 31.36
CA PRO D 1140 -33.44 -89.35 31.41
C PRO D 1140 -33.81 -90.38 30.38
N GLU D 1141 -33.09 -90.42 29.24
CA GLU D 1141 -33.35 -91.45 28.24
C GLU D 1141 -33.12 -92.84 28.81
N LEU D 1142 -32.16 -93.00 29.71
CA LEU D 1142 -31.94 -94.28 30.38
C LEU D 1142 -32.68 -94.39 31.70
N ASP D 1143 -32.99 -93.27 32.36
CA ASP D 1143 -33.72 -93.33 33.61
C ASP D 1143 -35.18 -93.72 33.38
N SER D 1144 -35.82 -93.12 32.38
CA SER D 1144 -37.23 -93.35 32.13
C SER D 1144 -37.52 -94.56 31.25
N PHE D 1145 -36.51 -95.13 30.60
CA PHE D 1145 -36.72 -96.26 29.70
C PHE D 1145 -36.07 -97.54 30.18
N LYS D 1146 -34.80 -97.49 30.62
CA LYS D 1146 -34.11 -98.72 30.97
C LYS D 1146 -34.75 -99.36 32.21
N GLU D 1147 -35.08 -98.54 33.21
CA GLU D 1147 -35.83 -99.04 34.36
C GLU D 1147 -37.21 -99.51 33.95
N GLU D 1148 -37.86 -98.77 33.04
CA GLU D 1148 -39.12 -99.23 32.48
C GLU D 1148 -38.94 -100.56 31.74
N LEU D 1149 -37.86 -100.67 30.97
CA LEU D 1149 -37.52 -101.95 30.37
C LEU D 1149 -37.16 -102.98 31.45
N ASP D 1150 -36.45 -102.55 32.48
CA ASP D 1150 -36.19 -103.43 33.62
C ASP D 1150 -37.49 -103.81 34.32
N LYS D 1151 -38.42 -102.85 34.42
CA LYS D 1151 -39.76 -103.19 34.88
C LYS D 1151 -40.42 -104.19 33.95
N TYR D 1152 -40.27 -103.99 32.64
CA TYR D 1152 -40.73 -104.98 31.68
C TYR D 1152 -39.94 -106.28 31.80
N PHE D 1153 -38.63 -106.17 32.06
CA PHE D 1153 -37.83 -107.36 32.31
C PHE D 1153 -38.32 -108.11 33.54
N LYS D 1154 -38.60 -107.39 34.62
CA LYS D 1154 -39.19 -108.03 35.80
C LYS D 1154 -40.60 -108.52 35.50
N ASN D 1155 -41.34 -107.79 34.64
CA ASN D 1155 -42.61 -108.29 34.14
C ASN D 1155 -42.42 -109.53 33.26
N HIS D 1156 -41.21 -109.77 32.77
CA HIS D 1156 -40.93 -110.88 31.87
C HIS D 1156 -40.08 -111.97 32.51
N THR D 1157 -39.08 -111.62 33.31
CA THR D 1157 -38.21 -112.63 33.92
C THR D 1157 -38.90 -113.34 35.07
N SER D 1158 -39.64 -112.60 35.91
CA SER D 1158 -40.29 -113.22 37.06
C SER D 1158 -41.31 -114.29 36.70
N PRO D 1159 -42.20 -114.09 35.70
CA PRO D 1159 -43.12 -115.21 35.45
C PRO D 1159 -42.48 -116.33 34.65
N GLN E 14 -6.98 23.28 -58.67
CA GLN E 14 -7.99 23.57 -59.70
C GLN E 14 -8.91 22.38 -59.91
N CYS E 15 -10.20 22.59 -59.66
CA CYS E 15 -11.19 21.55 -59.83
C CYS E 15 -12.47 22.15 -60.39
N VAL E 16 -13.30 21.28 -60.96
CA VAL E 16 -14.56 21.68 -61.59
C VAL E 16 -15.72 21.29 -60.68
N ASN E 17 -16.75 22.12 -60.65
CA ASN E 17 -17.97 21.85 -59.88
C ASN E 17 -18.84 20.89 -60.68
N LEU E 18 -18.47 19.60 -60.62
CA LEU E 18 -19.22 18.58 -61.34
C LEU E 18 -20.66 18.48 -60.83
N THR E 19 -20.83 18.48 -59.51
CA THR E 19 -22.14 18.31 -58.88
C THR E 19 -22.85 17.07 -59.41
N THR E 20 -24.02 17.28 -60.04
CA THR E 20 -24.85 16.22 -60.64
C THR E 20 -24.82 14.94 -59.81
N ARG E 21 -25.00 15.10 -58.50
CA ARG E 21 -24.94 13.98 -57.57
C ARG E 21 -26.30 13.31 -57.46
N THR E 22 -26.29 11.98 -57.44
CA THR E 22 -27.50 11.18 -57.29
C THR E 22 -27.51 10.50 -55.93
N GLN E 23 -28.68 10.45 -55.32
CA GLN E 23 -28.86 9.90 -53.99
C GLN E 23 -29.47 8.50 -54.07
N LEU E 24 -28.79 7.53 -53.48
CA LEU E 24 -29.24 6.15 -53.44
C LEU E 24 -29.23 5.64 -52.01
N PRO E 25 -30.18 4.77 -51.66
CA PRO E 25 -30.21 4.27 -50.28
C PRO E 25 -29.06 3.31 -50.02
N PRO E 26 -28.60 3.19 -48.78
CA PRO E 26 -27.54 2.23 -48.46
C PRO E 26 -28.10 0.86 -48.09
N ALA E 27 -27.22 -0.10 -47.84
CA ALA E 27 -27.60 -1.42 -47.37
C ALA E 27 -26.87 -1.73 -46.08
N TYR E 28 -27.21 -2.85 -45.47
CA TYR E 28 -26.58 -3.29 -44.23
C TYR E 28 -26.12 -4.74 -44.37
N THR E 29 -25.02 -5.05 -43.69
CA THR E 29 -24.51 -6.41 -43.64
C THR E 29 -24.00 -6.68 -42.23
N ASN E 30 -23.88 -7.95 -41.88
CA ASN E 30 -23.36 -8.35 -40.57
C ASN E 30 -21.88 -8.72 -40.68
N SER E 31 -21.09 -8.26 -39.71
CA SER E 31 -19.66 -8.52 -39.70
C SER E 31 -19.40 -9.87 -39.04
N PHE E 32 -18.86 -10.82 -39.82
CA PHE E 32 -18.64 -12.16 -39.28
C PHE E 32 -17.34 -12.24 -38.49
N THR E 33 -16.21 -12.03 -39.16
CA THR E 33 -14.90 -12.24 -38.55
C THR E 33 -13.88 -11.14 -38.86
N ARG E 34 -14.02 -10.43 -39.97
CA ARG E 34 -13.02 -9.45 -40.37
C ARG E 34 -12.88 -8.35 -39.32
N GLY E 35 -11.65 -7.87 -39.16
CA GLY E 35 -11.35 -6.88 -38.15
C GLY E 35 -10.42 -7.43 -37.08
N VAL E 36 -9.55 -8.35 -37.45
CA VAL E 36 -8.63 -9.00 -36.53
C VAL E 36 -7.23 -8.47 -36.83
N TYR E 37 -6.83 -7.42 -36.10
CA TYR E 37 -5.51 -6.85 -36.24
C TYR E 37 -4.71 -7.07 -34.96
N TYR E 38 -3.42 -7.30 -35.11
CA TYR E 38 -2.56 -7.57 -33.97
C TYR E 38 -2.55 -6.36 -33.04
N PRO E 39 -2.85 -6.54 -31.75
CA PRO E 39 -2.95 -5.38 -30.85
C PRO E 39 -1.67 -4.58 -30.73
N ASP E 40 -0.52 -5.24 -30.80
CA ASP E 40 0.76 -4.55 -30.65
C ASP E 40 1.82 -5.35 -31.36
N LYS E 41 2.98 -4.72 -31.56
CA LYS E 41 4.09 -5.35 -32.25
C LYS E 41 4.83 -6.29 -31.31
N VAL E 42 4.10 -7.23 -30.70
CA VAL E 42 4.66 -8.20 -29.77
C VAL E 42 4.37 -9.59 -30.31
N PHE E 43 5.39 -10.43 -30.36
CA PHE E 43 5.26 -11.78 -30.90
C PHE E 43 4.87 -12.76 -29.81
N ARG E 44 4.02 -13.71 -30.16
CA ARG E 44 3.57 -14.76 -29.25
C ARG E 44 3.74 -16.10 -29.94
N SER E 45 3.57 -17.18 -29.18
CA SER E 45 3.81 -18.53 -29.71
C SER E 45 2.81 -19.49 -29.09
N SER E 46 1.71 -19.74 -29.80
CA SER E 46 0.72 -20.75 -29.43
C SER E 46 0.18 -20.54 -28.01
N VAL E 47 -0.10 -19.28 -27.68
CA VAL E 47 -0.64 -18.93 -26.37
C VAL E 47 -1.98 -18.23 -26.56
N LEU E 48 -2.64 -17.94 -25.44
CA LEU E 48 -3.89 -17.19 -25.43
C LEU E 48 -3.65 -15.86 -24.74
N HIS E 49 -4.06 -14.77 -25.37
CA HIS E 49 -3.85 -13.43 -24.83
C HIS E 49 -5.17 -12.72 -24.64
N SER E 50 -5.32 -12.06 -23.50
CA SER E 50 -6.48 -11.23 -23.21
C SER E 50 -6.09 -9.76 -23.33
N THR E 51 -6.86 -9.01 -24.11
CA THR E 51 -6.54 -7.61 -24.36
C THR E 51 -7.81 -6.78 -24.32
N GLN E 52 -7.63 -5.46 -24.19
CA GLN E 52 -8.72 -4.49 -24.23
C GLN E 52 -8.31 -3.37 -25.16
N ASP E 53 -8.91 -3.31 -26.34
CA ASP E 53 -8.47 -2.36 -27.37
C ASP E 53 -9.69 -1.85 -28.13
N LEU E 54 -9.44 -1.22 -29.27
CA LEU E 54 -10.49 -0.75 -30.15
C LEU E 54 -10.65 -1.76 -31.28
N PHE E 55 -11.69 -2.59 -31.19
CA PHE E 55 -11.89 -3.68 -32.14
C PHE E 55 -13.24 -3.54 -32.82
N LEU E 56 -13.52 -4.47 -33.73
CA LEU E 56 -14.79 -4.50 -34.44
C LEU E 56 -15.67 -5.57 -33.82
N PRO E 57 -16.74 -5.21 -33.12
CA PRO E 57 -17.60 -6.22 -32.52
C PRO E 57 -18.20 -7.15 -33.58
N PHE E 58 -18.24 -8.44 -33.25
CA PHE E 58 -18.78 -9.41 -34.18
C PHE E 58 -20.28 -9.24 -34.35
N PHE E 59 -20.77 -9.57 -35.55
CA PHE E 59 -22.18 -9.44 -35.91
C PHE E 59 -22.66 -8.00 -35.72
N SER E 60 -21.95 -7.08 -36.37
CA SER E 60 -22.27 -5.67 -36.35
C SER E 60 -22.73 -5.23 -37.72
N ASN E 61 -23.58 -4.19 -37.74
CA ASN E 61 -24.19 -3.68 -38.97
C ASN E 61 -23.18 -2.79 -39.68
N VAL E 62 -22.42 -3.38 -40.59
CA VAL E 62 -21.58 -2.59 -41.49
C VAL E 62 -22.45 -2.02 -42.60
N THR E 63 -22.29 -0.73 -42.86
CA THR E 63 -23.06 -0.03 -43.87
C THR E 63 -22.41 -0.22 -45.23
N TRP E 64 -23.20 -0.64 -46.22
CA TRP E 64 -22.72 -1.06 -47.52
C TRP E 64 -23.23 -0.10 -48.58
N PHE E 65 -22.30 0.40 -49.41
CA PHE E 65 -22.62 1.29 -50.51
C PHE E 65 -22.07 0.71 -51.81
N HIS E 66 -22.76 1.02 -52.90
CA HIS E 66 -22.41 0.54 -54.23
C HIS E 66 -22.39 1.70 -55.20
N VAL E 67 -21.47 1.64 -56.16
CA VAL E 67 -21.35 2.62 -57.24
C VAL E 67 -21.56 1.89 -58.55
N ILE E 68 -22.52 2.36 -59.34
CA ILE E 68 -22.87 1.73 -60.62
C ILE E 68 -21.80 2.04 -61.66
N LYS E 75 -23.47 5.66 -63.21
CA LYS E 75 -24.54 6.59 -62.85
C LYS E 75 -24.60 6.79 -61.34
N ARG E 76 -23.45 6.71 -60.69
CA ARG E 76 -23.37 6.83 -59.24
C ARG E 76 -22.18 7.69 -58.85
N PHE E 77 -22.47 8.75 -58.08
CA PHE E 77 -21.42 9.62 -57.53
C PHE E 77 -21.72 9.75 -56.03
N ASP E 78 -21.22 8.78 -55.25
CA ASP E 78 -21.42 8.75 -53.80
C ASP E 78 -20.08 8.52 -53.13
N ASN E 79 -19.39 9.61 -52.80
CA ASN E 79 -18.17 9.56 -51.99
C ASN E 79 -18.28 10.59 -50.86
N PRO E 80 -19.21 10.39 -49.93
CA PRO E 80 -19.41 11.37 -48.86
C PRO E 80 -18.42 11.18 -47.73
N VAL E 81 -18.12 12.28 -47.05
CA VAL E 81 -17.20 12.24 -45.92
C VAL E 81 -17.78 11.35 -44.82
N LEU E 82 -17.03 10.32 -44.45
CA LEU E 82 -17.48 9.40 -43.42
C LEU E 82 -17.19 10.02 -42.05
N PRO E 83 -18.18 10.08 -41.15
CA PRO E 83 -17.92 10.67 -39.83
C PRO E 83 -17.04 9.76 -38.98
N PHE E 84 -15.78 10.16 -38.80
CA PHE E 84 -14.84 9.35 -38.04
C PHE E 84 -15.24 9.34 -36.57
N ASN E 85 -15.30 8.16 -35.97
CA ASN E 85 -15.73 8.00 -34.58
C ASN E 85 -14.95 6.84 -33.97
N ASP E 86 -13.85 7.15 -33.28
CA ASP E 86 -13.07 6.18 -32.52
C ASP E 86 -12.61 5.01 -33.39
N GLY E 87 -11.90 5.35 -34.46
CA GLY E 87 -11.40 4.34 -35.38
C GLY E 87 -12.47 3.86 -36.34
N VAL E 88 -12.11 3.65 -37.60
CA VAL E 88 -13.06 3.19 -38.60
C VAL E 88 -12.48 1.98 -39.32
N TYR E 89 -13.39 1.13 -39.79
CA TYR E 89 -13.04 -0.06 -40.55
C TYR E 89 -13.69 0.04 -41.93
N PHE E 90 -12.88 -0.10 -42.97
CA PHE E 90 -13.33 0.04 -44.35
C PHE E 90 -13.06 -1.26 -45.07
N ALA E 91 -14.01 -1.69 -45.90
CA ALA E 91 -13.85 -2.86 -46.74
C ALA E 91 -14.25 -2.49 -48.16
N SER E 92 -13.62 -3.15 -49.14
CA SER E 92 -13.96 -2.90 -50.53
C SER E 92 -13.71 -4.15 -51.35
N ILE E 93 -14.71 -4.54 -52.13
CA ILE E 93 -14.55 -5.60 -53.13
C ILE E 93 -14.39 -4.89 -54.47
N GLU E 94 -13.17 -4.93 -55.01
CA GLU E 94 -12.74 -3.96 -56.00
C GLU E 94 -11.89 -4.62 -57.07
N LYS E 95 -11.97 -4.07 -58.29
CA LYS E 95 -11.05 -4.39 -59.37
C LYS E 95 -10.56 -3.17 -60.14
N SER E 96 -11.29 -2.05 -60.14
CA SER E 96 -10.88 -0.88 -60.90
C SER E 96 -10.08 0.12 -60.08
N ASN E 97 -9.88 -0.14 -58.79
CA ASN E 97 -9.09 0.73 -57.92
C ASN E 97 -9.65 2.16 -57.90
N ILE E 98 -10.89 2.27 -57.41
CA ILE E 98 -11.51 3.59 -57.28
C ILE E 98 -10.75 4.47 -56.29
N ILE E 99 -10.16 3.88 -55.25
CA ILE E 99 -9.36 4.65 -54.31
C ILE E 99 -8.09 5.13 -54.98
N ARG E 100 -7.77 6.40 -54.79
CA ARG E 100 -6.56 7.01 -55.34
C ARG E 100 -5.61 7.52 -54.25
N GLY E 101 -6.12 8.08 -53.16
CA GLY E 101 -5.23 8.62 -52.16
C GLY E 101 -5.97 9.09 -50.94
N TRP E 102 -5.19 9.61 -49.98
CA TRP E 102 -5.71 10.09 -48.70
C TRP E 102 -5.17 11.51 -48.51
N ILE E 103 -5.89 12.50 -49.01
CA ILE E 103 -5.49 13.90 -48.88
C ILE E 103 -6.53 14.61 -48.02
N PHE E 104 -6.09 15.17 -46.89
CA PHE E 104 -7.05 15.63 -45.91
C PHE E 104 -6.42 16.62 -44.96
N GLY E 105 -7.19 17.66 -44.61
CA GLY E 105 -6.85 18.62 -43.58
C GLY E 105 -8.02 18.83 -42.65
N THR E 106 -8.22 20.08 -42.26
CA THR E 106 -9.36 20.44 -41.41
C THR E 106 -10.11 21.68 -41.87
N THR E 107 -9.54 22.50 -42.75
CA THR E 107 -10.21 23.70 -43.23
C THR E 107 -10.13 23.91 -44.74
N LEU E 108 -9.24 23.21 -45.44
CA LEU E 108 -9.11 23.31 -46.90
C LEU E 108 -8.86 24.76 -47.33
N ASP E 109 -7.92 25.43 -46.64
CA ASP E 109 -7.61 26.81 -46.95
C ASP E 109 -6.11 27.11 -46.95
N SER E 110 -5.26 26.09 -46.95
CA SER E 110 -3.81 26.26 -46.97
C SER E 110 -3.34 27.10 -45.78
N LYS E 111 -3.93 26.86 -44.61
CA LYS E 111 -3.54 27.58 -43.40
C LYS E 111 -3.22 26.61 -42.28
N THR E 112 -3.94 25.49 -42.22
CA THR E 112 -3.79 24.50 -41.16
C THR E 112 -3.05 23.27 -41.67
N GLN E 113 -2.39 22.57 -40.75
CA GLN E 113 -1.62 21.38 -41.10
C GLN E 113 -2.53 20.31 -41.70
N SER E 114 -1.98 19.57 -42.66
CA SER E 114 -2.77 18.58 -43.39
C SER E 114 -1.83 17.51 -43.93
N LEU E 115 -2.39 16.32 -44.14
CA LEU E 115 -1.65 15.15 -44.58
C LEU E 115 -2.07 14.78 -46.00
N LEU E 116 -1.07 14.58 -46.86
CA LEU E 116 -1.28 14.15 -48.23
C LEU E 116 -0.61 12.80 -48.42
N ILE E 117 -1.39 11.80 -48.84
CA ILE E 117 -0.91 10.45 -49.13
C ILE E 117 -1.29 10.18 -50.57
N VAL E 118 -0.32 10.21 -51.47
CA VAL E 118 -0.57 10.00 -52.89
C VAL E 118 0.09 8.70 -53.32
N ASN E 119 -0.70 7.79 -53.87
CA ASN E 119 -0.19 6.55 -54.44
C ASN E 119 -1.00 6.24 -55.71
N ASN E 120 -0.50 6.69 -56.85
CA ASN E 120 -1.20 6.56 -58.12
C ASN E 120 -0.66 5.42 -58.97
N ALA E 121 0.62 5.44 -59.30
CA ALA E 121 1.21 4.43 -60.16
C ALA E 121 2.29 3.60 -59.45
N THR E 122 3.35 4.24 -58.96
CA THR E 122 4.45 3.51 -58.35
C THR E 122 4.96 4.11 -57.05
N ASN E 123 4.54 5.32 -56.67
CA ASN E 123 5.03 5.98 -55.48
C ASN E 123 3.98 5.98 -54.37
N VAL E 124 4.43 6.25 -53.16
CA VAL E 124 3.57 6.60 -52.04
C VAL E 124 4.23 7.78 -51.36
N VAL E 125 3.76 8.99 -51.66
CA VAL E 125 4.31 10.19 -51.05
C VAL E 125 3.40 10.61 -49.89
N ILE E 126 4.01 10.70 -48.71
CA ILE E 126 3.39 11.23 -47.51
C ILE E 126 3.98 12.61 -47.25
N LYS E 127 3.10 13.58 -47.02
CA LYS E 127 3.47 14.98 -46.93
C LYS E 127 2.65 15.66 -45.84
N VAL E 128 3.31 16.51 -45.06
CA VAL E 128 2.66 17.33 -44.04
C VAL E 128 2.82 18.78 -44.46
N CYS E 129 1.72 19.44 -44.81
CA CYS E 129 1.80 20.81 -45.31
C CYS E 129 0.41 21.44 -45.27
N GLU E 130 0.32 22.64 -45.81
CA GLU E 130 -0.95 23.35 -45.96
C GLU E 130 -1.23 23.56 -47.43
N PHE E 131 -2.46 23.28 -47.86
CA PHE E 131 -2.81 23.32 -49.26
C PHE E 131 -4.27 23.74 -49.41
N GLN E 132 -4.59 24.25 -50.60
CA GLN E 132 -5.95 24.65 -50.95
C GLN E 132 -6.64 23.45 -51.61
N PHE E 133 -7.21 22.58 -50.79
CA PHE E 133 -7.85 21.38 -51.30
C PHE E 133 -9.22 21.70 -51.89
N CYS E 134 -9.57 20.95 -52.93
CA CYS E 134 -10.86 21.13 -53.58
C CYS E 134 -11.98 20.61 -52.71
N ASN E 135 -13.14 21.28 -52.80
CA ASN E 135 -14.31 20.81 -52.07
C ASN E 135 -14.81 19.49 -52.62
N ASP E 136 -14.74 19.31 -53.94
CA ASP E 136 -15.17 18.08 -54.61
C ASP E 136 -14.06 17.60 -55.53
N PRO E 137 -12.95 17.00 -55.00
CA PRO E 137 -11.82 16.61 -55.86
C PRO E 137 -12.24 15.52 -56.86
N PHE E 138 -12.08 15.78 -58.16
CA PHE E 138 -12.56 14.80 -59.17
C PHE E 138 -11.44 14.37 -60.11
N LEU E 139 -11.29 13.07 -60.31
CA LEU E 139 -10.35 12.59 -61.37
C LEU E 139 -11.08 11.52 -62.17
N ASP E 140 -12.30 11.18 -61.75
CA ASP E 140 -13.09 10.11 -62.42
C ASP E 140 -13.44 10.51 -63.86
N HIS E 141 -13.90 11.74 -64.05
CA HIS E 141 -14.62 12.08 -65.30
C HIS E 141 -13.63 12.57 -66.36
N LYS E 142 -12.74 11.71 -66.84
CA LYS E 142 -11.82 12.11 -67.94
C LYS E 142 -11.78 11.00 -69.00
N ASN E 143 -11.95 11.35 -70.27
CA ASN E 143 -11.81 10.36 -71.39
C ASN E 143 -12.76 9.18 -71.19
N ASN E 144 -13.98 9.39 -70.68
CA ASN E 144 -14.99 8.30 -70.54
C ASN E 144 -14.42 7.09 -69.80
N LYS E 145 -14.59 5.89 -70.35
CA LYS E 145 -14.14 4.64 -69.67
C LYS E 145 -12.62 4.63 -69.50
N SER E 146 -11.86 5.08 -70.51
CA SER E 146 -10.38 5.15 -70.39
C SER E 146 -10.03 6.14 -69.27
N TRP E 147 -9.06 5.80 -68.42
CA TRP E 147 -8.77 6.68 -67.27
C TRP E 147 -7.38 7.32 -67.41
N MET E 148 -7.31 8.65 -67.26
CA MET E 148 -6.00 9.36 -67.28
C MET E 148 -6.02 10.27 -66.05
N GLU E 149 -4.85 10.63 -65.50
CA GLU E 149 -4.86 11.44 -64.26
C GLU E 149 -5.58 12.76 -64.57
N SER E 150 -6.53 13.15 -63.72
CA SER E 150 -7.33 14.37 -64.01
C SER E 150 -7.24 15.33 -62.81
N GLU E 151 -6.88 16.59 -63.06
CA GLU E 151 -6.77 17.59 -61.96
C GLU E 151 -6.08 16.93 -60.76
N PHE E 152 -5.03 16.13 -61.02
CA PHE E 152 -4.35 15.41 -59.95
C PHE E 152 -3.93 16.35 -58.84
N ARG E 153 -3.42 17.53 -59.20
CA ARG E 153 -3.01 18.54 -58.23
C ARG E 153 -4.26 19.33 -57.82
N VAL E 154 -5.03 18.74 -56.89
CA VAL E 154 -6.21 19.42 -56.38
C VAL E 154 -5.81 20.67 -55.60
N TYR E 155 -4.60 20.66 -55.02
CA TYR E 155 -4.10 21.80 -54.28
C TYR E 155 -3.53 22.86 -55.21
N SER E 156 -3.37 24.07 -54.68
CA SER E 156 -2.88 25.20 -55.45
C SER E 156 -1.53 25.72 -54.95
N SER E 157 -1.43 26.06 -53.66
CA SER E 157 -0.23 26.67 -53.12
C SER E 157 0.08 26.05 -51.76
N ALA E 158 1.35 26.14 -51.38
CA ALA E 158 1.84 25.58 -50.12
C ALA E 158 2.20 26.71 -49.16
N ASN E 159 1.90 26.50 -47.88
CA ASN E 159 2.24 27.47 -46.84
C ASN E 159 3.52 27.10 -46.11
N ASN E 160 3.59 25.90 -45.53
CA ASN E 160 4.80 25.44 -44.85
C ASN E 160 4.77 23.91 -44.81
N CYS E 161 5.61 23.28 -45.63
CA CYS E 161 5.67 21.83 -45.68
C CYS E 161 6.86 21.34 -44.85
N THR E 162 6.64 20.27 -44.09
CA THR E 162 7.63 19.75 -43.16
C THR E 162 8.13 18.36 -43.51
N PHE E 163 7.23 17.41 -43.73
CA PHE E 163 7.58 16.01 -43.90
C PHE E 163 7.28 15.56 -45.33
N GLU E 164 8.19 14.78 -45.91
CA GLU E 164 8.01 14.21 -47.24
C GLU E 164 8.73 12.88 -47.29
N TYR E 165 7.99 11.80 -47.57
CA TYR E 165 8.60 10.48 -47.61
C TYR E 165 7.90 9.62 -48.66
N VAL E 166 8.68 8.75 -49.32
CA VAL E 166 8.18 7.93 -50.42
C VAL E 166 8.34 6.45 -50.05
N SER E 167 7.29 5.67 -50.30
CA SER E 167 7.27 4.25 -49.99
C SER E 167 6.57 3.48 -51.10
N GLN E 168 6.67 2.15 -51.03
CA GLN E 168 6.13 1.27 -52.06
C GLN E 168 4.61 1.17 -51.94
N PRO E 169 3.89 1.15 -53.08
CA PRO E 169 2.42 1.19 -53.02
C PRO E 169 1.73 -0.16 -52.91
N PHE E 170 0.41 -0.13 -52.78
CA PHE E 170 -0.39 -1.34 -52.67
C PHE E 170 -0.61 -1.95 -54.07
N LEU E 171 -1.46 -2.96 -54.15
CA LEU E 171 -1.77 -3.64 -55.40
C LEU E 171 -2.96 -2.96 -56.05
N MET E 172 -2.75 -2.38 -57.22
CA MET E 172 -3.79 -1.71 -57.99
C MET E 172 -3.96 -2.40 -59.34
N ASP E 173 -4.78 -1.77 -60.20
CA ASP E 173 -5.07 -2.29 -61.52
C ASP E 173 -5.04 -1.14 -62.53
N LEU E 174 -4.97 -1.49 -63.80
CA LEU E 174 -4.79 -0.53 -64.89
C LEU E 174 -6.12 -0.29 -65.58
N GLU E 175 -6.52 0.98 -65.66
CA GLU E 175 -7.89 1.41 -66.01
C GLU E 175 -8.85 0.61 -65.12
N GLY E 176 -9.95 0.09 -65.67
CA GLY E 176 -10.90 -0.69 -64.89
C GLY E 176 -11.95 -1.36 -65.75
N LYS E 177 -12.55 -2.42 -65.23
CA LYS E 177 -13.57 -3.18 -65.96
C LYS E 177 -14.82 -3.31 -65.11
N GLN E 178 -15.96 -3.46 -65.79
CA GLN E 178 -17.27 -3.46 -65.13
C GLN E 178 -17.56 -4.86 -64.60
N GLY E 179 -16.82 -5.24 -63.58
CA GLY E 179 -17.04 -6.50 -62.90
C GLY E 179 -15.73 -7.22 -62.66
N ASN E 180 -15.86 -8.50 -62.30
CA ASN E 180 -14.73 -9.38 -62.02
C ASN E 180 -13.82 -8.79 -60.95
N PHE E 181 -14.40 -8.62 -59.76
CA PHE E 181 -13.67 -8.06 -58.63
C PHE E 181 -12.65 -9.09 -58.14
N LYS E 182 -11.40 -8.91 -58.55
CA LYS E 182 -10.32 -9.80 -58.17
C LYS E 182 -9.55 -9.31 -56.95
N ASN E 183 -9.97 -8.22 -56.32
CA ASN E 183 -9.29 -7.67 -55.17
C ASN E 183 -10.27 -7.47 -54.03
N LEU E 184 -9.81 -7.72 -52.81
CA LEU E 184 -10.59 -7.42 -51.61
C LEU E 184 -9.66 -6.70 -50.63
N ARG E 185 -9.89 -5.41 -50.44
CA ARG E 185 -9.00 -4.56 -49.67
C ARG E 185 -9.73 -4.07 -48.42
N GLU E 186 -9.13 -4.31 -47.24
CA GLU E 186 -9.74 -3.94 -45.97
C GLU E 186 -8.73 -3.15 -45.17
N PHE E 187 -9.16 -1.99 -44.64
CA PHE E 187 -8.31 -1.09 -43.89
C PHE E 187 -8.94 -0.77 -42.56
N VAL E 188 -8.11 -0.41 -41.59
CA VAL E 188 -8.55 0.14 -40.32
C VAL E 188 -7.72 1.37 -40.00
N PHE E 189 -8.42 2.44 -39.60
CA PHE E 189 -7.82 3.72 -39.25
C PHE E 189 -8.09 3.98 -37.77
N LYS E 190 -7.05 4.41 -37.05
CA LYS E 190 -7.19 4.66 -35.62
C LYS E 190 -6.50 5.96 -35.24
N ASN E 191 -7.28 6.90 -34.67
CA ASN E 191 -6.75 8.13 -34.07
C ASN E 191 -6.86 8.00 -32.56
N ILE E 192 -5.74 8.14 -31.87
CA ILE E 192 -5.75 8.31 -30.42
C ILE E 192 -4.41 8.87 -29.97
N ASP E 193 -4.48 9.86 -29.07
CA ASP E 193 -3.30 10.48 -28.46
C ASP E 193 -2.32 10.99 -29.52
N GLY E 194 -2.85 11.67 -30.53
CA GLY E 194 -2.02 12.17 -31.60
C GLY E 194 -1.38 11.10 -32.46
N TYR E 195 -1.88 9.87 -32.38
CA TYR E 195 -1.31 8.74 -33.11
C TYR E 195 -2.33 8.25 -34.14
N PHE E 196 -1.83 7.92 -35.32
CA PHE E 196 -2.62 7.57 -36.50
C PHE E 196 -2.14 6.23 -37.03
N LYS E 197 -2.94 5.19 -36.82
CA LYS E 197 -2.61 3.83 -37.24
C LYS E 197 -3.39 3.49 -38.49
N ILE E 198 -2.68 3.13 -39.55
CA ILE E 198 -3.25 2.52 -40.75
C ILE E 198 -2.82 1.07 -40.77
N TYR E 199 -3.78 0.16 -40.61
CA TYR E 199 -3.51 -1.26 -40.82
C TYR E 199 -4.36 -1.75 -41.98
N SER E 200 -3.82 -2.69 -42.76
CA SER E 200 -4.49 -3.09 -43.98
C SER E 200 -4.29 -4.58 -44.24
N LYS E 201 -5.17 -5.13 -45.07
CA LYS E 201 -5.09 -6.51 -45.52
C LYS E 201 -5.76 -6.61 -46.87
N HIS E 202 -5.05 -7.18 -47.84
CA HIS E 202 -5.53 -7.30 -49.21
C HIS E 202 -5.47 -8.76 -49.64
N THR E 203 -6.60 -9.25 -50.17
CA THR E 203 -6.67 -10.59 -50.74
C THR E 203 -6.89 -10.48 -52.25
N PRO E 204 -5.96 -10.94 -53.08
CA PRO E 204 -6.15 -10.86 -54.53
C PRO E 204 -6.96 -12.02 -55.08
N ILE E 205 -7.08 -12.07 -56.41
CA ILE E 205 -7.79 -13.10 -57.17
C ILE E 205 -9.06 -13.57 -56.48
N LEU E 206 -9.88 -12.61 -56.04
CA LEU E 206 -11.13 -12.95 -55.36
C LEU E 206 -12.07 -13.58 -56.37
N VAL E 207 -12.45 -14.85 -56.11
CA VAL E 207 -13.37 -15.58 -56.97
C VAL E 207 -14.80 -15.52 -56.47
N ARG E 208 -15.06 -14.86 -55.34
CA ARG E 208 -16.40 -14.69 -54.81
C ARG E 208 -16.93 -13.35 -55.28
N GLU E 209 -17.73 -13.38 -56.35
CA GLU E 209 -18.23 -12.18 -57.01
C GLU E 209 -19.43 -11.55 -56.30
N PRO E 210 -20.53 -12.30 -55.96
CA PRO E 210 -21.77 -11.66 -55.51
C PRO E 210 -21.72 -11.07 -54.10
N GLU E 211 -20.69 -10.25 -53.84
CA GLU E 211 -20.51 -9.52 -52.57
C GLU E 211 -20.57 -10.54 -51.44
N ASP E 212 -21.35 -10.28 -50.38
CA ASP E 212 -21.57 -11.25 -49.29
C ASP E 212 -20.25 -11.68 -48.67
N LEU E 213 -19.62 -10.71 -47.99
CA LEU E 213 -18.30 -10.81 -47.38
C LEU E 213 -18.09 -12.19 -46.74
N PRO E 214 -17.06 -12.92 -47.17
CA PRO E 214 -16.87 -14.29 -46.70
C PRO E 214 -16.42 -14.32 -45.25
N GLN E 215 -16.68 -15.47 -44.61
CA GLN E 215 -16.29 -15.69 -43.23
C GLN E 215 -14.85 -16.21 -43.19
N GLY E 216 -14.42 -16.64 -42.02
CA GLY E 216 -13.06 -17.11 -41.84
C GLY E 216 -12.16 -16.03 -41.26
N PHE E 217 -11.07 -16.47 -40.63
CA PHE E 217 -10.15 -15.58 -39.95
C PHE E 217 -9.04 -15.15 -40.90
N SER E 218 -8.79 -13.84 -40.96
CA SER E 218 -7.70 -13.28 -41.74
C SER E 218 -7.04 -12.20 -40.91
N ALA E 219 -5.71 -12.26 -40.80
CA ALA E 219 -4.99 -11.30 -39.99
C ALA E 219 -4.94 -9.95 -40.69
N LEU E 220 -5.06 -8.89 -39.89
CA LEU E 220 -5.00 -7.51 -40.37
C LEU E 220 -3.67 -6.95 -39.86
N GLU E 221 -2.60 -7.21 -40.62
CA GLU E 221 -1.27 -6.85 -40.17
C GLU E 221 -1.10 -5.34 -40.15
N PRO E 222 -0.34 -4.81 -39.19
CA PRO E 222 -0.08 -3.37 -39.16
C PRO E 222 0.70 -2.91 -40.38
N LEU E 223 0.41 -1.70 -40.84
CA LEU E 223 1.13 -1.09 -41.96
C LEU E 223 1.93 0.13 -41.53
N VAL E 224 1.28 1.18 -41.05
CA VAL E 224 1.96 2.46 -40.86
C VAL E 224 1.41 3.14 -39.61
N ASP E 225 2.31 3.82 -38.88
CA ASP E 225 1.95 4.63 -37.72
C ASP E 225 2.48 6.04 -37.91
N LEU E 226 1.67 7.03 -37.53
CA LEU E 226 2.01 8.44 -37.67
C LEU E 226 1.84 9.17 -36.35
N PRO E 227 2.89 9.76 -35.78
CA PRO E 227 2.76 10.62 -34.60
C PRO E 227 2.56 12.09 -34.96
N ILE E 228 1.55 12.37 -35.78
CA ILE E 228 1.33 13.73 -36.25
C ILE E 228 0.86 14.64 -35.13
N GLY E 229 -0.10 14.17 -34.33
CA GLY E 229 -0.63 14.99 -33.26
C GLY E 229 -1.77 15.90 -33.68
N ILE E 230 -2.51 15.50 -34.71
CA ILE E 230 -3.67 16.27 -35.17
C ILE E 230 -4.90 15.39 -35.07
N ASN E 231 -6.09 15.99 -35.18
CA ASN E 231 -7.34 15.24 -35.13
C ASN E 231 -8.01 15.35 -36.50
N ILE E 232 -8.18 14.22 -37.17
CA ILE E 232 -8.70 14.18 -38.54
C ILE E 232 -10.19 13.89 -38.47
N THR E 233 -11.01 14.91 -38.69
CA THR E 233 -12.46 14.81 -38.63
C THR E 233 -13.14 14.90 -39.98
N ARG E 234 -12.47 15.43 -41.01
CA ARG E 234 -13.07 15.63 -42.33
C ARG E 234 -12.09 15.11 -43.38
N PHE E 235 -12.22 13.83 -43.71
CA PHE E 235 -11.39 13.18 -44.71
C PHE E 235 -12.24 12.25 -45.56
N GLN E 236 -11.76 12.00 -46.79
CA GLN E 236 -12.45 11.10 -47.69
C GLN E 236 -11.44 10.60 -48.73
N THR E 237 -11.82 9.51 -49.40
CA THR E 237 -10.99 8.91 -50.44
C THR E 237 -11.42 9.43 -51.80
N LEU E 238 -10.44 9.55 -52.70
CA LEU E 238 -10.72 10.07 -54.08
C LEU E 238 -11.41 8.96 -54.87
N LEU E 239 -12.29 9.32 -55.80
CA LEU E 239 -13.06 8.29 -56.55
C LEU E 239 -12.85 8.43 -58.06
N ALA E 240 -12.62 7.31 -58.75
CA ALA E 240 -12.46 7.34 -60.24
C ALA E 240 -12.66 5.93 -60.80
N SER E 251 -15.50 17.88 -71.10
CA SER E 251 -14.70 16.69 -70.84
C SER E 251 -14.55 16.45 -69.34
N SER E 252 -14.72 17.51 -68.55
CA SER E 252 -14.63 17.42 -67.10
C SER E 252 -15.78 16.63 -66.49
N SER E 253 -16.86 16.41 -67.24
CA SER E 253 -17.99 15.62 -66.76
C SER E 253 -18.35 14.59 -67.82
N GLY E 254 -18.83 13.43 -67.38
CA GLY E 254 -19.15 12.32 -68.31
C GLY E 254 -18.25 11.13 -68.06
N TRP E 255 -18.80 10.04 -67.48
CA TRP E 255 -17.98 8.85 -67.15
C TRP E 255 -18.74 7.56 -67.53
N THR E 256 -18.02 6.47 -67.77
CA THR E 256 -18.69 5.17 -68.04
C THR E 256 -18.92 4.47 -66.70
N ALA E 257 -20.14 3.97 -66.44
CA ALA E 257 -20.45 3.42 -65.12
C ALA E 257 -19.55 2.23 -64.81
N GLY E 258 -18.99 2.22 -63.61
CA GLY E 258 -18.14 1.14 -63.16
C GLY E 258 -18.58 0.63 -61.80
N ALA E 259 -18.81 -0.68 -61.72
CA ALA E 259 -19.30 -1.28 -60.48
C ALA E 259 -18.25 -1.20 -59.38
N ALA E 260 -18.73 -0.96 -58.16
CA ALA E 260 -17.87 -0.90 -56.98
C ALA E 260 -18.73 -1.12 -55.75
N ALA E 261 -18.16 -1.80 -54.74
CA ALA E 261 -18.89 -2.05 -53.50
C ALA E 261 -17.95 -1.92 -52.32
N TYR E 262 -18.39 -1.17 -51.31
CA TYR E 262 -17.57 -0.94 -50.13
C TYR E 262 -18.47 -0.93 -48.89
N TYR E 263 -17.83 -1.14 -47.74
CA TYR E 263 -18.48 -1.23 -46.45
C TYR E 263 -17.73 -0.38 -45.44
N VAL E 264 -18.49 0.20 -44.50
CA VAL E 264 -17.94 1.03 -43.45
C VAL E 264 -18.49 0.56 -42.10
N GLY E 265 -17.63 0.53 -41.10
CA GLY E 265 -18.02 0.13 -39.77
C GLY E 265 -17.27 0.93 -38.72
N TYR E 266 -17.90 1.06 -37.56
CA TYR E 266 -17.36 1.86 -36.47
C TYR E 266 -16.84 0.93 -35.37
N LEU E 267 -15.55 1.04 -35.08
CA LEU E 267 -14.94 0.22 -34.04
C LEU E 267 -15.35 0.72 -32.66
N GLN E 268 -15.33 -0.19 -31.70
CA GLN E 268 -15.74 0.07 -30.33
C GLN E 268 -14.68 -0.47 -29.38
N PRO E 269 -14.55 0.13 -28.19
CA PRO E 269 -13.63 -0.46 -27.19
C PRO E 269 -14.14 -1.78 -26.65
N ARG E 270 -13.47 -2.86 -27.03
CA ARG E 270 -13.87 -4.21 -26.66
C ARG E 270 -12.70 -4.95 -26.00
N THR E 271 -13.05 -5.86 -25.11
CA THR E 271 -12.12 -6.83 -24.54
C THR E 271 -12.21 -8.12 -25.35
N PHE E 272 -11.07 -8.63 -25.78
CA PHE E 272 -11.00 -9.78 -26.66
C PHE E 272 -9.99 -10.79 -26.14
N LEU E 273 -10.17 -12.04 -26.57
CA LEU E 273 -9.20 -13.10 -26.36
C LEU E 273 -8.72 -13.57 -27.72
N LEU E 274 -7.40 -13.62 -27.89
CA LEU E 274 -6.76 -13.94 -29.16
C LEU E 274 -5.94 -15.22 -28.99
N LYS E 275 -6.09 -16.14 -29.93
CA LYS E 275 -5.40 -17.42 -29.90
C LYS E 275 -4.29 -17.40 -30.94
N TYR E 276 -3.04 -17.44 -30.49
CA TYR E 276 -1.90 -17.56 -31.38
C TYR E 276 -1.61 -19.03 -31.64
N ASN E 277 -0.85 -19.29 -32.70
CA ASN E 277 -0.49 -20.64 -33.08
C ASN E 277 1.01 -20.85 -32.89
N GLU E 278 1.46 -22.08 -33.20
CA GLU E 278 2.89 -22.38 -33.09
C GLU E 278 3.72 -21.53 -34.05
N ASN E 279 3.11 -21.08 -35.15
CA ASN E 279 3.78 -20.16 -36.06
C ASN E 279 3.73 -18.71 -35.59
N GLY E 280 2.95 -18.42 -34.55
CA GLY E 280 2.89 -17.09 -33.99
C GLY E 280 1.84 -16.17 -34.59
N THR E 281 1.15 -16.60 -35.64
CA THR E 281 0.13 -15.76 -36.27
C THR E 281 -1.23 -16.02 -35.63
N ILE E 282 -2.02 -14.95 -35.53
CA ILE E 282 -3.35 -15.05 -34.92
C ILE E 282 -4.27 -15.80 -35.87
N THR E 283 -4.84 -16.90 -35.40
CA THR E 283 -5.76 -17.70 -36.19
C THR E 283 -7.18 -17.75 -35.65
N ASP E 284 -7.41 -17.34 -34.41
CA ASP E 284 -8.76 -17.38 -33.85
C ASP E 284 -8.89 -16.31 -32.78
N ALA E 285 -10.13 -15.92 -32.51
CA ALA E 285 -10.42 -14.87 -31.56
C ALA E 285 -11.81 -15.09 -30.99
N VAL E 286 -12.09 -14.40 -29.88
CA VAL E 286 -13.40 -14.47 -29.26
C VAL E 286 -13.65 -13.20 -28.46
N ASP E 287 -14.85 -12.66 -28.59
CA ASP E 287 -15.24 -11.49 -27.81
C ASP E 287 -15.50 -11.87 -26.36
N CYS E 288 -15.37 -10.89 -25.47
CA CYS E 288 -15.56 -11.11 -24.05
C CYS E 288 -16.87 -10.56 -23.52
N ALA E 289 -17.53 -9.65 -24.25
CA ALA E 289 -18.79 -9.07 -23.78
C ALA E 289 -19.86 -9.11 -24.87
N LEU E 290 -19.76 -10.06 -25.79
CA LEU E 290 -20.75 -10.17 -26.87
C LEU E 290 -21.87 -11.14 -26.51
N ASP E 291 -21.53 -12.38 -26.23
CA ASP E 291 -22.50 -13.41 -25.88
C ASP E 291 -22.09 -14.09 -24.59
N PRO E 292 -23.06 -14.57 -23.80
CA PRO E 292 -22.70 -15.26 -22.55
C PRO E 292 -21.82 -16.48 -22.75
N LEU E 293 -21.99 -17.21 -23.86
CA LEU E 293 -21.08 -18.31 -24.15
C LEU E 293 -19.67 -17.80 -24.39
N SER E 294 -19.53 -16.79 -25.25
CA SER E 294 -18.23 -16.15 -25.44
C SER E 294 -17.76 -15.48 -24.17
N GLU E 295 -18.68 -14.94 -23.36
CA GLU E 295 -18.30 -14.28 -22.12
C GLU E 295 -17.67 -15.27 -21.14
N THR E 296 -18.26 -16.46 -21.00
CA THR E 296 -17.68 -17.46 -20.12
C THR E 296 -16.47 -18.13 -20.74
N LYS E 297 -16.34 -18.12 -22.08
CA LYS E 297 -15.07 -18.48 -22.69
C LYS E 297 -13.98 -17.52 -22.28
N CYS E 298 -14.29 -16.22 -22.26
CA CYS E 298 -13.33 -15.21 -21.84
C CYS E 298 -12.98 -15.34 -20.37
N THR E 299 -13.98 -15.62 -19.53
CA THR E 299 -13.73 -15.69 -18.09
C THR E 299 -12.74 -16.79 -17.74
N LEU E 300 -12.86 -17.95 -18.39
CA LEU E 300 -11.99 -19.09 -18.11
C LEU E 300 -10.72 -19.09 -18.93
N LYS E 301 -10.49 -18.06 -19.75
CA LYS E 301 -9.29 -17.95 -20.58
C LYS E 301 -9.10 -19.20 -21.46
N SER E 302 -10.20 -19.69 -22.02
CA SER E 302 -10.14 -20.86 -22.89
C SER E 302 -11.24 -20.75 -23.94
N PHE E 303 -11.02 -21.43 -25.06
CA PHE E 303 -11.97 -21.43 -26.16
C PHE E 303 -13.01 -22.54 -26.06
N THR E 304 -12.92 -23.39 -25.05
CA THR E 304 -13.89 -24.45 -24.82
C THR E 304 -14.26 -24.50 -23.35
N VAL E 305 -15.54 -24.68 -23.07
CA VAL E 305 -16.05 -24.79 -21.71
C VAL E 305 -16.85 -26.07 -21.59
N GLU E 306 -16.71 -26.76 -20.47
CA GLU E 306 -17.40 -28.02 -20.26
C GLU E 306 -18.75 -27.78 -19.59
N LYS E 307 -19.49 -28.87 -19.40
CA LYS E 307 -20.83 -28.79 -18.85
C LYS E 307 -20.79 -28.44 -17.36
N GLY E 308 -21.58 -27.45 -16.97
CA GLY E 308 -21.64 -27.01 -15.60
C GLY E 308 -21.99 -25.54 -15.52
N ILE E 309 -21.99 -25.04 -14.29
CA ILE E 309 -22.27 -23.63 -14.02
C ILE E 309 -20.94 -22.88 -13.95
N TYR E 310 -21.00 -21.58 -14.26
CA TYR E 310 -19.81 -20.74 -14.20
C TYR E 310 -20.22 -19.33 -13.81
N GLN E 311 -19.62 -18.81 -12.76
CA GLN E 311 -19.85 -17.43 -12.35
C GLN E 311 -18.83 -16.52 -13.05
N THR E 312 -19.29 -15.36 -13.50
CA THR E 312 -18.40 -14.50 -14.32
C THR E 312 -18.48 -13.03 -13.87
N SER E 313 -18.41 -12.10 -14.82
CA SER E 313 -18.45 -10.65 -14.49
C SER E 313 -19.81 -10.32 -13.85
N ASN E 314 -19.80 -9.50 -12.80
CA ASN E 314 -21.06 -9.20 -12.07
C ASN E 314 -21.98 -8.30 -12.88
N PHE E 315 -23.30 -8.45 -12.70
CA PHE E 315 -24.28 -7.55 -13.35
C PHE E 315 -24.09 -6.17 -12.72
N ARG E 316 -24.22 -5.09 -13.49
CA ARG E 316 -24.12 -3.73 -12.89
C ARG E 316 -25.09 -2.78 -13.62
N VAL E 317 -25.58 -1.76 -12.92
CA VAL E 317 -26.35 -0.65 -13.57
C VAL E 317 -25.51 0.63 -13.53
N GLN E 318 -25.25 1.23 -14.70
CA GLN E 318 -24.44 2.47 -14.77
C GLN E 318 -25.25 3.66 -14.25
N PRO E 319 -24.63 4.64 -13.55
CA PRO E 319 -25.36 5.83 -13.08
C PRO E 319 -25.78 6.77 -14.21
N THR E 320 -27.07 7.13 -14.24
CA THR E 320 -27.61 8.01 -15.31
C THR E 320 -27.11 9.45 -15.25
N GLU E 321 -27.07 10.08 -14.07
CA GLU E 321 -26.72 11.52 -13.99
C GLU E 321 -26.48 12.00 -12.55
N SER E 322 -26.74 13.28 -12.27
CA SER E 322 -26.53 13.84 -10.94
C SER E 322 -27.83 14.46 -10.44
N ILE E 323 -27.88 14.70 -9.13
CA ILE E 323 -29.08 15.24 -8.50
C ILE E 323 -28.71 16.42 -7.62
N VAL E 324 -29.69 16.90 -6.86
CA VAL E 324 -29.57 18.06 -5.96
C VAL E 324 -28.26 18.00 -5.16
N ARG E 325 -27.58 19.14 -5.07
CA ARG E 325 -26.23 19.25 -4.52
C ARG E 325 -26.14 20.43 -3.56
N PHE E 326 -27.08 20.52 -2.62
CA PHE E 326 -27.10 21.55 -1.58
C PHE E 326 -27.17 22.96 -2.19
N PRO E 327 -28.18 23.26 -3.02
CA PRO E 327 -28.32 24.64 -3.51
C PRO E 327 -29.19 25.52 -2.62
N ASN E 328 -30.10 24.90 -1.86
CA ASN E 328 -31.19 25.64 -1.23
C ASN E 328 -30.68 26.59 -0.17
N ILE E 329 -29.87 26.12 0.76
CA ILE E 329 -29.36 26.98 1.82
C ILE E 329 -28.25 27.86 1.22
N THR E 330 -28.46 29.18 1.28
CA THR E 330 -27.52 30.12 0.67
C THR E 330 -27.73 31.48 1.33
N ASN E 331 -26.70 31.97 2.02
CA ASN E 331 -26.77 33.28 2.64
C ASN E 331 -26.57 34.37 1.59
N LEU E 332 -26.53 35.62 2.04
CA LEU E 332 -26.37 36.76 1.13
C LEU E 332 -25.50 37.81 1.81
N CYS E 333 -24.30 37.99 1.29
CA CYS E 333 -23.47 39.10 1.75
C CYS E 333 -24.09 40.42 1.28
N PRO E 334 -24.04 41.47 2.10
CA PRO E 334 -24.68 42.73 1.73
C PRO E 334 -23.93 43.46 0.62
N PHE E 335 -23.82 42.83 -0.55
CA PHE E 335 -23.09 43.44 -1.65
C PHE E 335 -23.81 44.66 -2.19
N ASP E 336 -25.15 44.60 -2.31
CA ASP E 336 -25.90 45.71 -2.88
C ASP E 336 -25.77 46.96 -2.01
N GLU E 337 -25.79 46.79 -0.68
CA GLU E 337 -25.67 47.94 0.20
C GLU E 337 -24.34 48.66 0.01
N VAL E 338 -23.25 47.91 -0.14
CA VAL E 338 -21.95 48.52 -0.39
C VAL E 338 -21.93 49.22 -1.74
N PHE E 339 -22.43 48.54 -2.77
CA PHE E 339 -22.38 49.10 -4.11
C PHE E 339 -23.38 50.22 -4.32
N ASN E 340 -24.61 50.05 -3.82
CA ASN E 340 -25.67 51.03 -4.02
C ASN E 340 -25.78 52.02 -2.86
N ALA E 341 -24.73 52.16 -2.05
CA ALA E 341 -24.73 53.17 -1.01
C ALA E 341 -24.76 54.56 -1.64
N THR E 342 -25.60 55.43 -1.08
CA THR E 342 -25.79 56.77 -1.65
C THR E 342 -24.50 57.57 -1.63
N ARG E 343 -23.75 57.49 -0.53
CA ARG E 343 -22.53 58.26 -0.37
C ARG E 343 -21.40 57.33 0.07
N PHE E 344 -20.27 57.39 -0.63
CA PHE E 344 -19.08 56.63 -0.28
C PHE E 344 -18.13 57.48 0.55
N ALA E 345 -17.26 56.80 1.28
CA ALA E 345 -16.27 57.48 2.10
C ALA E 345 -15.21 58.14 1.23
N SER E 346 -14.54 59.14 1.80
CA SER E 346 -13.51 59.85 1.08
C SER E 346 -12.32 58.93 0.81
N VAL E 347 -11.53 59.30 -0.20
CA VAL E 347 -10.36 58.51 -0.56
C VAL E 347 -9.36 58.50 0.59
N TYR E 348 -9.09 59.68 1.17
CA TYR E 348 -8.23 59.75 2.35
C TYR E 348 -8.89 59.17 3.59
N ALA E 349 -10.22 59.07 3.60
CA ALA E 349 -10.97 58.52 4.72
C ALA E 349 -11.63 57.20 4.35
N TRP E 350 -10.89 56.34 3.65
CA TRP E 350 -11.44 55.07 3.17
C TRP E 350 -11.88 54.21 4.34
N ASN E 351 -13.04 53.58 4.18
CA ASN E 351 -13.59 52.68 5.19
C ASN E 351 -13.37 51.23 4.78
N ARG E 352 -13.08 50.38 5.76
CA ARG E 352 -12.85 48.96 5.54
C ARG E 352 -14.05 48.19 6.10
N LYS E 353 -14.86 47.64 5.21
CA LYS E 353 -16.08 46.94 5.62
C LYS E 353 -15.83 45.44 5.74
N ARG E 354 -16.40 44.85 6.78
CA ARG E 354 -16.24 43.42 7.04
C ARG E 354 -17.26 42.62 6.24
N ILE E 355 -16.78 41.62 5.53
CA ILE E 355 -17.64 40.66 4.82
C ILE E 355 -17.32 39.28 5.38
N SER E 356 -18.27 38.68 6.07
CA SER E 356 -18.06 37.39 6.70
C SER E 356 -19.40 36.76 7.04
N ASN E 357 -19.38 35.45 7.27
CA ASN E 357 -20.55 34.69 7.68
C ASN E 357 -21.71 34.87 6.71
N CYS E 358 -21.40 34.87 5.42
CA CYS E 358 -22.42 35.04 4.39
C CYS E 358 -21.95 34.42 3.10
N VAL E 359 -22.89 34.22 2.19
CA VAL E 359 -22.60 33.69 0.85
C VAL E 359 -22.65 34.86 -0.12
N ALA E 360 -21.53 35.12 -0.80
CA ALA E 360 -21.41 36.25 -1.70
C ALA E 360 -21.74 35.80 -3.12
N ASP E 361 -22.80 36.37 -3.68
CA ASP E 361 -23.18 36.13 -5.07
C ASP E 361 -22.71 37.31 -5.90
N TYR E 362 -21.84 37.04 -6.86
CA TYR E 362 -21.26 38.08 -7.70
C TYR E 362 -22.07 38.35 -8.96
N SER E 363 -23.24 37.71 -9.11
CA SER E 363 -24.03 37.89 -10.32
C SER E 363 -24.44 39.35 -10.52
N VAL E 364 -25.04 39.95 -9.49
CA VAL E 364 -25.39 41.37 -9.58
C VAL E 364 -24.13 42.22 -9.67
N LEU E 365 -23.06 41.81 -9.00
CA LEU E 365 -21.76 42.46 -9.18
C LEU E 365 -21.31 42.35 -10.63
N TYR E 366 -21.65 41.25 -11.30
CA TYR E 366 -21.26 41.02 -12.68
C TYR E 366 -22.35 41.43 -13.67
N ASN E 367 -23.49 41.90 -13.19
CA ASN E 367 -24.63 42.21 -14.06
C ASN E 367 -24.77 43.69 -14.38
N LEU E 368 -24.39 44.58 -13.47
CA LEU E 368 -24.65 46.00 -13.67
C LEU E 368 -23.83 46.54 -14.84
N ALA E 369 -24.51 47.24 -15.75
CA ALA E 369 -23.87 47.68 -16.99
C ALA E 369 -22.72 48.65 -16.78
N PRO E 370 -22.85 49.73 -15.99
CA PRO E 370 -21.75 50.72 -15.93
C PRO E 370 -20.44 50.18 -15.38
N PHE E 371 -20.40 48.95 -14.87
CA PHE E 371 -19.16 48.36 -14.39
C PHE E 371 -18.26 48.06 -15.60
N PHE E 372 -17.25 48.91 -15.81
CA PHE E 372 -16.34 48.78 -16.93
C PHE E 372 -14.95 48.36 -16.52
N THR E 373 -14.32 49.10 -15.59
CA THR E 373 -12.97 48.79 -15.12
C THR E 373 -13.07 47.69 -14.08
N PHE E 374 -13.16 46.45 -14.57
CA PHE E 374 -13.27 45.25 -13.73
C PHE E 374 -12.20 44.26 -14.20
N LYS E 375 -10.99 44.41 -13.68
CA LYS E 375 -9.88 43.51 -13.98
C LYS E 375 -9.30 42.99 -12.68
N CYS E 376 -9.13 41.67 -12.60
CA CYS E 376 -8.67 41.02 -11.37
C CYS E 376 -7.37 40.27 -11.63
N TYR E 377 -6.49 40.25 -10.63
CA TYR E 377 -5.12 39.81 -10.79
C TYR E 377 -4.86 38.47 -10.10
N GLY E 378 -5.14 38.40 -8.79
CA GLY E 378 -4.90 37.17 -8.05
C GLY E 378 -5.79 36.01 -8.45
N VAL E 379 -7.05 36.29 -8.78
CA VAL E 379 -8.01 35.25 -9.14
C VAL E 379 -8.71 35.65 -10.43
N SER E 380 -9.22 34.66 -11.14
CA SER E 380 -9.97 34.92 -12.36
C SER E 380 -11.31 35.55 -12.00
N PRO E 381 -11.69 36.67 -12.65
CA PRO E 381 -12.90 37.38 -12.23
C PRO E 381 -14.19 36.59 -12.42
N THR E 382 -14.19 35.56 -13.26
CA THR E 382 -15.40 34.80 -13.55
C THR E 382 -15.59 33.59 -12.64
N LYS E 383 -14.71 33.40 -11.65
CA LYS E 383 -14.78 32.23 -10.77
C LYS E 383 -14.75 32.62 -9.30
N LEU E 384 -15.28 33.80 -8.97
CA LEU E 384 -15.45 34.21 -7.59
C LEU E 384 -16.70 33.63 -6.94
N ASN E 385 -17.60 33.04 -7.71
CA ASN E 385 -18.88 32.55 -7.21
C ASN E 385 -18.82 31.09 -6.78
N ASP E 386 -17.65 30.46 -6.83
CA ASP E 386 -17.49 29.07 -6.42
C ASP E 386 -16.22 28.91 -5.60
N LEU E 387 -15.98 29.82 -4.67
CA LEU E 387 -14.81 29.77 -3.80
C LEU E 387 -15.21 30.16 -2.39
N CYS E 388 -14.42 29.73 -1.43
CA CYS E 388 -14.61 30.04 -0.02
C CYS E 388 -13.48 30.92 0.47
N PHE E 389 -13.82 32.06 1.07
CA PHE E 389 -12.86 33.00 1.62
C PHE E 389 -13.17 33.25 3.09
N THR E 390 -12.13 33.25 3.92
CA THR E 390 -12.32 33.45 5.35
C THR E 390 -12.60 34.90 5.72
N ASN E 391 -12.09 35.85 4.94
CA ASN E 391 -12.28 37.26 5.25
C ASN E 391 -12.16 38.09 3.98
N VAL E 392 -13.09 39.02 3.80
CA VAL E 392 -13.10 39.93 2.65
C VAL E 392 -13.22 41.35 3.17
N TYR E 393 -12.58 42.29 2.49
CA TYR E 393 -12.61 43.70 2.85
C TYR E 393 -13.19 44.52 1.71
N ALA E 394 -13.94 45.57 2.06
CA ALA E 394 -14.55 46.46 1.09
C ALA E 394 -14.14 47.89 1.39
N ASP E 395 -13.58 48.57 0.39
CA ASP E 395 -13.20 49.97 0.48
C ASP E 395 -13.87 50.73 -0.65
N SER E 396 -14.87 51.54 -0.31
CA SER E 396 -15.67 52.27 -1.29
C SER E 396 -15.31 53.75 -1.24
N PHE E 397 -15.02 54.32 -2.41
CA PHE E 397 -14.70 55.74 -2.54
C PHE E 397 -14.86 56.14 -4.00
N VAL E 398 -14.73 57.43 -4.25
CA VAL E 398 -14.92 58.02 -5.58
C VAL E 398 -13.63 58.70 -5.99
N ILE E 399 -13.15 58.43 -7.20
CA ILE E 399 -11.93 59.02 -7.72
C ILE E 399 -12.21 59.62 -9.10
N ARG E 400 -11.30 60.50 -9.51
CA ARG E 400 -11.36 61.10 -10.84
C ARG E 400 -10.86 60.10 -11.88
N GLY E 401 -11.22 60.33 -13.15
CA GLY E 401 -10.77 59.44 -14.24
C GLY E 401 -9.27 59.47 -14.41
N ASP E 402 -8.65 60.64 -14.20
CA ASP E 402 -7.19 60.77 -14.43
C ASP E 402 -6.42 60.07 -13.31
N GLU E 403 -7.13 59.58 -12.28
CA GLU E 403 -6.49 58.91 -11.16
C GLU E 403 -6.84 57.44 -11.08
N VAL E 404 -7.55 56.90 -12.06
CA VAL E 404 -7.93 55.49 -12.04
C VAL E 404 -6.71 54.60 -12.20
N ARG E 405 -5.75 55.04 -13.01
CA ARG E 405 -4.55 54.20 -13.29
C ARG E 405 -3.75 53.95 -12.00
N GLN E 406 -3.85 54.84 -11.02
CA GLN E 406 -3.05 54.70 -9.80
C GLN E 406 -3.63 53.69 -8.82
N ILE E 407 -4.75 53.04 -9.17
CA ILE E 407 -5.39 52.08 -8.27
C ILE E 407 -4.76 50.68 -8.35
N ALA E 408 -4.12 50.35 -9.47
CA ALA E 408 -3.51 49.04 -9.61
C ALA E 408 -2.42 48.84 -8.56
N PRO E 409 -2.21 47.60 -8.11
CA PRO E 409 -1.20 47.35 -7.08
C PRO E 409 0.19 47.75 -7.56
N GLY E 410 0.97 48.31 -6.64
CA GLY E 410 2.31 48.75 -6.96
C GLY E 410 2.40 50.03 -7.76
N GLN E 411 1.28 50.73 -7.96
CA GLN E 411 1.29 51.96 -8.74
C GLN E 411 1.74 53.14 -7.88
N THR E 412 2.56 54.00 -8.48
CA THR E 412 3.08 55.18 -7.81
C THR E 412 2.63 56.43 -8.53
N GLY E 413 2.21 57.43 -7.76
CA GLY E 413 1.73 58.68 -8.33
C GLY E 413 1.39 59.71 -7.28
N ASN E 414 0.28 60.42 -7.47
CA ASN E 414 -0.15 61.43 -6.52
C ASN E 414 -1.14 60.87 -5.50
N ILE E 415 -2.27 60.35 -5.98
CA ILE E 415 -3.24 59.74 -5.08
C ILE E 415 -2.72 58.42 -4.53
N ALA E 416 -1.94 57.68 -5.32
CA ALA E 416 -1.44 56.38 -4.90
C ALA E 416 -0.34 56.46 -3.85
N ASP E 417 0.21 57.65 -3.61
CA ASP E 417 1.31 57.81 -2.67
C ASP E 417 0.97 58.60 -1.43
N TYR E 418 -0.02 59.50 -1.50
CA TYR E 418 -0.35 60.35 -0.38
C TYR E 418 -1.75 60.13 0.19
N ASN E 419 -2.61 59.38 -0.50
CA ASN E 419 -3.97 59.13 -0.01
C ASN E 419 -4.22 57.66 0.26
N TYR E 420 -3.98 56.79 -0.72
CA TYR E 420 -4.27 55.37 -0.54
C TYR E 420 -3.37 54.57 -1.47
N LYS E 421 -2.77 53.49 -0.95
CA LYS E 421 -1.86 52.66 -1.72
C LYS E 421 -2.22 51.20 -1.52
N LEU E 422 -2.02 50.39 -2.58
CA LEU E 422 -2.31 48.97 -2.54
C LEU E 422 -1.02 48.16 -2.46
N PRO E 423 -1.04 47.01 -1.78
CA PRO E 423 0.17 46.20 -1.65
C PRO E 423 0.59 45.62 -2.99
N ASP E 424 1.90 45.37 -3.11
CA ASP E 424 2.44 44.77 -4.33
C ASP E 424 1.88 43.37 -4.55
N ASP E 425 1.56 42.66 -3.47
CA ASP E 425 0.98 41.31 -3.53
C ASP E 425 -0.52 41.35 -3.24
N PHE E 426 -1.20 42.39 -3.71
CA PHE E 426 -2.63 42.53 -3.48
C PHE E 426 -3.40 41.38 -4.11
N THR E 427 -4.30 40.79 -3.33
CA THR E 427 -5.16 39.70 -3.78
C THR E 427 -6.59 40.20 -3.85
N GLY E 428 -7.20 40.12 -5.03
CA GLY E 428 -8.53 40.62 -5.30
C GLY E 428 -8.49 41.60 -6.45
N CYS E 429 -9.48 42.48 -6.48
CA CYS E 429 -9.57 43.49 -7.53
C CYS E 429 -10.55 44.57 -7.11
N VAL E 430 -10.70 45.59 -7.96
CA VAL E 430 -11.56 46.73 -7.70
C VAL E 430 -12.51 46.90 -8.89
N ILE E 431 -13.59 47.63 -8.64
CA ILE E 431 -14.62 47.90 -9.64
C ILE E 431 -14.83 49.41 -9.70
N ALA E 432 -14.78 49.96 -10.90
CA ALA E 432 -14.99 51.38 -11.12
C ALA E 432 -16.14 51.60 -12.08
N TRP E 433 -17.02 52.54 -11.77
CA TRP E 433 -18.15 52.87 -12.62
C TRP E 433 -18.50 54.35 -12.45
N ASN E 434 -19.16 54.89 -13.46
CA ASN E 434 -19.46 56.32 -13.48
C ASN E 434 -20.56 56.66 -12.48
N SER E 435 -20.43 57.83 -11.86
CA SER E 435 -21.45 58.36 -10.96
C SER E 435 -21.66 59.85 -11.18
N ASN E 436 -21.45 60.33 -12.41
CA ASN E 436 -21.61 61.74 -12.70
C ASN E 436 -23.06 62.19 -12.49
N LYS E 437 -24.01 61.37 -12.91
CA LYS E 437 -25.42 61.73 -12.75
C LYS E 437 -25.81 61.75 -11.27
N LEU E 438 -25.23 60.87 -10.46
CA LEU E 438 -25.63 60.73 -9.06
C LEU E 438 -24.76 61.57 -8.13
N ASP E 439 -23.46 61.30 -8.10
CA ASP E 439 -22.58 61.98 -7.15
C ASP E 439 -22.43 63.46 -7.47
N SER E 440 -22.15 63.77 -8.74
CA SER E 440 -21.92 65.16 -9.12
C SER E 440 -23.25 65.91 -9.18
N LYS E 441 -23.35 66.99 -8.41
CA LYS E 441 -24.54 67.82 -8.43
C LYS E 441 -24.64 68.57 -9.75
N VAL E 442 -25.82 69.14 -10.01
CA VAL E 442 -25.99 69.97 -11.20
C VAL E 442 -25.05 71.17 -11.13
N SER E 443 -24.87 71.70 -9.92
CA SER E 443 -23.85 72.72 -9.71
C SER E 443 -22.46 72.17 -9.52
N GLY E 444 -22.35 70.88 -9.18
CA GLY E 444 -21.05 70.26 -8.97
C GLY E 444 -20.70 70.12 -7.50
N ASN E 445 -20.31 68.91 -7.10
CA ASN E 445 -19.96 68.68 -5.71
C ASN E 445 -18.47 68.91 -5.46
N TYR E 446 -18.16 69.45 -4.27
CA TYR E 446 -16.78 69.65 -3.82
C TYR E 446 -16.48 68.77 -2.60
N ASN E 447 -17.05 67.57 -2.57
CA ASN E 447 -17.03 66.73 -1.38
C ASN E 447 -15.67 66.13 -1.07
N TYR E 448 -14.97 65.57 -2.05
CA TYR E 448 -13.80 64.73 -1.80
C TYR E 448 -12.55 65.59 -1.66
N LEU E 449 -11.80 65.35 -0.58
CA LEU E 449 -10.53 66.03 -0.31
C LEU E 449 -9.42 65.00 -0.38
N TYR E 450 -8.31 65.36 -1.04
CA TYR E 450 -7.18 64.46 -1.19
C TYR E 450 -5.91 65.15 -0.72
N ARG E 451 -4.96 64.33 -0.28
CA ARG E 451 -3.69 64.85 0.23
C ARG E 451 -2.90 65.56 -0.85
N LEU E 452 -2.24 66.65 -0.46
CA LEU E 452 -1.32 67.38 -1.32
C LEU E 452 0.12 67.32 -0.83
N PHE E 453 0.35 67.67 0.44
CA PHE E 453 1.68 67.67 1.03
C PHE E 453 1.72 66.67 2.18
N ARG E 454 2.69 65.77 2.12
CA ARG E 454 2.89 64.80 3.18
C ARG E 454 4.37 64.68 3.50
N LYS E 455 4.66 64.37 4.76
CA LYS E 455 6.06 64.26 5.18
C LYS E 455 6.78 63.13 4.47
N SER E 456 6.11 61.99 4.31
CA SER E 456 6.70 60.84 3.64
C SER E 456 5.60 60.00 3.02
N ASN E 457 5.99 59.12 2.10
CA ASN E 457 5.04 58.24 1.45
C ASN E 457 4.47 57.24 2.45
N LEU E 458 3.26 56.76 2.14
CA LEU E 458 2.52 55.89 3.03
C LEU E 458 2.58 54.45 2.53
N LYS E 459 2.69 53.51 3.47
CA LYS E 459 2.68 52.10 3.14
C LYS E 459 1.28 51.66 2.73
N PRO E 460 1.16 50.54 2.01
CA PRO E 460 -0.17 50.07 1.60
C PRO E 460 -1.07 49.78 2.80
N PHE E 461 -2.34 50.10 2.65
CA PHE E 461 -3.39 49.82 3.63
C PHE E 461 -3.20 50.54 4.95
N GLU E 462 -2.28 51.51 5.02
CA GLU E 462 -2.14 52.27 6.26
C GLU E 462 -3.29 53.26 6.41
N ARG E 463 -3.56 53.63 7.66
CA ARG E 463 -4.63 54.56 7.98
C ARG E 463 -4.04 55.84 8.57
N ASP E 464 -4.49 56.98 8.06
CA ASP E 464 -4.14 58.28 8.60
C ASP E 464 -5.34 59.20 8.44
N ILE E 465 -5.68 59.92 9.51
CA ILE E 465 -6.88 60.74 9.52
C ILE E 465 -6.50 62.19 9.81
N SER E 466 -5.39 62.37 10.52
CA SER E 466 -4.95 63.72 10.88
C SER E 466 -4.66 64.54 9.62
N THR E 467 -5.18 65.76 9.58
CA THR E 467 -5.00 66.67 8.47
C THR E 467 -4.25 67.93 8.90
N GLU E 468 -3.19 67.76 9.70
CA GLU E 468 -2.40 68.88 10.16
C GLU E 468 -1.71 69.56 8.97
N ILE E 469 -1.60 70.89 9.05
CA ILE E 469 -1.00 71.63 7.96
C ILE E 469 0.46 71.25 7.80
N TYR E 470 0.94 71.31 6.56
CA TYR E 470 2.31 70.92 6.22
C TYR E 470 3.17 72.16 6.08
N GLN E 471 4.28 72.20 6.82
CA GLN E 471 5.21 73.32 6.77
C GLN E 471 6.13 73.16 5.56
N ALA E 472 6.03 74.11 4.63
CA ALA E 472 6.85 74.04 3.42
C ALA E 472 8.31 74.40 3.70
N GLY E 473 8.54 75.43 4.52
CA GLY E 473 9.88 75.89 4.82
C GLY E 473 10.51 75.14 5.98
N ASN E 474 11.77 75.49 6.25
CA ASN E 474 12.50 74.88 7.36
C ASN E 474 11.87 75.24 8.69
N LYS E 475 11.47 76.50 8.85
CA LYS E 475 10.86 76.92 10.11
C LYS E 475 9.47 76.33 10.23
N PRO E 476 9.15 75.64 11.33
CA PRO E 476 7.81 75.09 11.50
C PRO E 476 6.75 76.19 11.56
N CYS E 477 5.59 75.88 11.02
CA CYS E 477 4.46 76.82 10.98
C CYS E 477 3.35 76.29 11.87
N ASN E 478 2.87 77.15 12.77
CA ASN E 478 1.81 76.77 13.70
C ASN E 478 0.79 77.90 13.75
N GLY E 479 -0.45 77.54 14.11
CA GLY E 479 -1.53 78.50 14.15
C GLY E 479 -2.46 78.41 12.95
N VAL E 480 -2.32 79.33 12.01
CA VAL E 480 -3.14 79.36 10.81
C VAL E 480 -2.24 79.21 9.59
N ALA E 481 -2.84 78.80 8.48
CA ALA E 481 -2.11 78.61 7.24
C ALA E 481 -1.66 79.96 6.68
N GLY E 482 -0.56 79.91 5.94
CA GLY E 482 0.01 81.12 5.37
C GLY E 482 1.31 80.87 4.64
N PHE E 483 2.33 81.70 4.91
CA PHE E 483 3.63 81.53 4.29
C PHE E 483 4.34 80.30 4.86
N ASN E 484 4.97 79.53 3.97
CA ASN E 484 5.72 78.33 4.32
C ASN E 484 4.86 77.25 4.97
N CYS E 485 3.53 77.36 4.83
CA CYS E 485 2.63 76.33 5.35
C CYS E 485 1.30 76.45 4.61
N TYR E 486 0.96 75.41 3.84
CA TYR E 486 -0.26 75.40 3.06
C TYR E 486 -1.10 74.19 3.45
N PHE E 487 -2.40 74.29 3.21
CA PHE E 487 -3.29 73.19 3.55
C PHE E 487 -3.06 72.03 2.58
N PRO E 488 -2.75 70.84 3.10
CA PRO E 488 -2.47 69.69 2.21
C PRO E 488 -3.70 69.03 1.60
N LEU E 489 -4.87 69.66 1.67
CA LEU E 489 -6.10 69.08 1.15
C LEU E 489 -6.68 69.99 0.08
N ARG E 490 -7.08 69.39 -1.04
CA ARG E 490 -7.76 70.09 -2.12
C ARG E 490 -9.06 69.37 -2.45
N SER E 491 -10.11 70.14 -2.67
CA SER E 491 -11.44 69.60 -2.93
C SER E 491 -11.59 69.26 -4.40
N TYR E 492 -12.13 68.08 -4.69
CA TYR E 492 -12.41 67.69 -6.07
C TYR E 492 -13.53 68.55 -6.64
N SER E 493 -13.38 68.95 -7.89
CA SER E 493 -14.40 69.71 -8.60
C SER E 493 -14.98 68.82 -9.68
N PHE E 494 -16.22 68.37 -9.47
CA PHE E 494 -16.92 67.50 -10.40
C PHE E 494 -18.13 68.27 -10.94
N ARG E 495 -17.90 69.06 -11.99
CA ARG E 495 -18.95 69.83 -12.63
C ARG E 495 -19.48 69.10 -13.85
N PRO E 496 -20.76 69.31 -14.20
CA PRO E 496 -21.30 68.67 -15.40
C PRO E 496 -20.59 69.09 -16.68
N THR E 497 -20.01 70.29 -16.73
CA THR E 497 -19.30 70.76 -17.90
C THR E 497 -17.90 70.19 -18.03
N TYR E 498 -17.39 69.51 -16.99
CA TYR E 498 -16.07 68.92 -17.05
C TYR E 498 -16.03 67.78 -18.07
N GLY E 499 -14.87 67.63 -18.71
CA GLY E 499 -14.70 66.62 -19.74
C GLY E 499 -14.52 65.23 -19.15
N VAL E 500 -14.34 64.26 -20.06
CA VAL E 500 -14.14 62.89 -19.65
C VAL E 500 -12.85 62.77 -18.84
N GLY E 501 -12.91 61.98 -17.77
CA GLY E 501 -11.82 61.86 -16.84
C GLY E 501 -11.92 62.77 -15.62
N HIS E 502 -12.86 63.72 -15.64
CA HIS E 502 -13.11 64.60 -14.50
C HIS E 502 -14.45 64.33 -13.85
N GLN E 503 -15.09 63.21 -14.16
CA GLN E 503 -16.37 62.86 -13.56
C GLN E 503 -16.17 62.00 -12.32
N PRO E 504 -17.10 62.05 -11.37
CA PRO E 504 -16.99 61.19 -10.18
C PRO E 504 -17.20 59.73 -10.55
N TYR E 505 -16.14 58.94 -10.46
CA TYR E 505 -16.18 57.52 -10.77
C TYR E 505 -15.99 56.74 -9.47
N ARG E 506 -17.08 56.16 -8.97
CA ARG E 506 -17.03 55.41 -7.72
C ARG E 506 -16.19 54.15 -7.90
N VAL E 507 -15.33 53.87 -6.92
CA VAL E 507 -14.47 52.70 -6.93
C VAL E 507 -14.62 51.97 -5.62
N VAL E 508 -14.87 50.66 -5.69
CA VAL E 508 -14.92 49.79 -4.52
C VAL E 508 -13.76 48.82 -4.61
N VAL E 509 -13.05 48.65 -3.50
CA VAL E 509 -11.86 47.80 -3.44
C VAL E 509 -12.23 46.51 -2.71
N LEU E 510 -11.93 45.38 -3.34
CA LEU E 510 -12.21 44.07 -2.78
C LEU E 510 -10.89 43.36 -2.50
N SER E 511 -10.53 43.27 -1.23
CA SER E 511 -9.31 42.60 -0.80
C SER E 511 -9.66 41.45 0.13
N PHE E 512 -9.08 40.28 -0.14
CA PHE E 512 -9.42 39.09 0.62
C PHE E 512 -8.27 38.10 0.53
N GLU E 513 -8.28 37.14 1.45
CA GLU E 513 -7.29 36.06 1.47
C GLU E 513 -7.77 34.93 0.55
N LEU E 514 -7.03 33.82 0.54
CA LEU E 514 -7.39 32.65 -0.27
C LEU E 514 -7.36 31.42 0.64
N LEU E 515 -8.46 31.18 1.35
CA LEU E 515 -8.65 30.02 2.20
C LEU E 515 -7.46 29.82 3.15
N HIS E 516 -7.21 30.85 3.97
CA HIS E 516 -6.12 30.82 4.93
C HIS E 516 -6.62 30.67 6.37
N ALA E 517 -7.90 30.38 6.56
CA ALA E 517 -8.52 30.27 7.87
C ALA E 517 -9.90 29.65 7.70
N PRO E 518 -10.62 29.29 8.79
CA PRO E 518 -12.00 28.83 8.64
C PRO E 518 -12.84 29.80 7.81
N ALA E 519 -13.33 29.33 6.67
CA ALA E 519 -13.97 30.20 5.70
C ALA E 519 -15.27 30.77 6.24
N THR E 520 -15.47 32.07 6.01
CA THR E 520 -16.70 32.76 6.37
C THR E 520 -17.51 33.21 5.18
N VAL E 521 -16.87 33.45 4.03
CA VAL E 521 -17.54 33.85 2.80
C VAL E 521 -17.31 32.74 1.79
N CYS E 522 -18.41 32.18 1.28
CA CYS E 522 -18.35 31.10 0.31
C CYS E 522 -19.26 31.41 -0.86
N GLY E 523 -18.86 30.95 -2.05
CA GLY E 523 -19.66 31.12 -3.24
C GLY E 523 -20.90 30.24 -3.21
N PRO E 524 -21.95 30.68 -3.90
CA PRO E 524 -23.17 29.86 -3.96
C PRO E 524 -22.91 28.52 -4.63
N LYS E 525 -23.58 27.49 -4.12
CA LYS E 525 -23.43 26.14 -4.65
C LYS E 525 -24.37 25.93 -5.83
N LYS E 526 -23.96 25.06 -6.74
CA LYS E 526 -24.71 24.86 -7.99
C LYS E 526 -26.07 24.23 -7.70
N SER E 527 -27.03 24.56 -8.56
CA SER E 527 -28.43 24.17 -8.37
C SER E 527 -28.80 23.07 -9.36
N THR E 528 -29.17 21.90 -8.82
CA THR E 528 -29.72 20.81 -9.61
C THR E 528 -30.92 20.23 -8.87
N ASN E 529 -31.82 19.62 -9.63
CA ASN E 529 -33.06 19.12 -9.05
C ASN E 529 -32.91 17.67 -8.62
N LEU E 530 -33.64 17.31 -7.58
CA LEU E 530 -33.60 15.96 -7.03
C LEU E 530 -34.33 14.99 -7.96
N VAL E 531 -33.76 13.79 -8.12
CA VAL E 531 -34.34 12.73 -8.93
C VAL E 531 -34.51 11.50 -8.04
N LYS E 532 -35.71 10.94 -8.04
CA LYS E 532 -36.06 9.82 -7.19
C LYS E 532 -36.16 8.53 -7.99
N ASN E 533 -35.71 7.43 -7.39
CA ASN E 533 -35.81 6.09 -7.97
C ASN E 533 -35.07 6.01 -9.31
N LYS E 534 -33.77 6.31 -9.26
CA LYS E 534 -32.94 6.30 -10.45
C LYS E 534 -31.48 6.28 -10.03
N CYS E 535 -30.69 5.44 -10.69
CA CYS E 535 -29.27 5.31 -10.36
C CYS E 535 -28.55 6.60 -10.72
N VAL E 536 -28.16 7.37 -9.69
CA VAL E 536 -27.56 8.69 -9.88
C VAL E 536 -26.28 8.79 -9.07
N ASN E 537 -25.41 9.70 -9.49
CA ASN E 537 -24.17 9.98 -8.79
C ASN E 537 -24.37 11.19 -7.87
N PHE E 538 -25.12 10.93 -6.79
CA PHE E 538 -25.45 12.00 -5.85
C PHE E 538 -24.20 12.48 -5.11
N ASN E 539 -24.18 13.77 -4.82
CA ASN E 539 -23.05 14.44 -4.16
C ASN E 539 -23.55 15.34 -3.04
N PHE E 540 -24.41 14.79 -2.19
CA PHE E 540 -25.01 15.55 -1.10
C PHE E 540 -23.95 16.13 -0.17
N ASN E 541 -23.78 17.46 -0.20
CA ASN E 541 -22.82 18.15 0.66
C ASN E 541 -21.42 17.55 0.53
N GLY E 542 -21.08 17.08 -0.67
CA GLY E 542 -19.81 16.44 -0.90
C GLY E 542 -19.78 14.93 -0.66
N LEU E 543 -20.87 14.36 -0.16
CA LEU E 543 -20.94 12.92 0.08
C LEU E 543 -21.19 12.21 -1.24
N LYS E 544 -20.11 11.95 -1.97
CA LYS E 544 -20.22 11.28 -3.26
C LYS E 544 -20.74 9.85 -3.08
N GLY E 545 -21.56 9.40 -4.02
CA GLY E 545 -22.07 8.05 -3.97
C GLY E 545 -22.93 7.77 -5.19
N THR E 546 -23.34 6.51 -5.31
CA THR E 546 -24.14 6.06 -6.43
C THR E 546 -25.20 5.09 -5.93
N GLY E 547 -26.41 5.20 -6.48
CA GLY E 547 -27.48 4.30 -6.14
C GLY E 547 -28.82 4.89 -6.47
N VAL E 548 -29.87 4.19 -6.03
CA VAL E 548 -31.25 4.60 -6.22
C VAL E 548 -31.83 5.01 -4.87
N LEU E 549 -32.57 6.11 -4.86
CA LEU E 549 -33.09 6.69 -3.63
C LEU E 549 -34.61 6.57 -3.61
N THR E 550 -35.14 6.08 -2.48
CA THR E 550 -36.57 5.92 -2.29
C THR E 550 -36.99 6.61 -1.00
N GLU E 551 -38.29 6.59 -0.74
CA GLU E 551 -38.80 7.10 0.53
C GLU E 551 -38.36 6.19 1.67
N SER E 552 -37.90 6.80 2.76
CA SER E 552 -37.41 6.08 3.92
C SER E 552 -38.35 6.30 5.09
N ASN E 553 -38.85 5.21 5.67
CA ASN E 553 -39.69 5.28 6.86
C ASN E 553 -38.87 5.48 8.13
N LYS E 554 -37.55 5.38 8.05
CA LYS E 554 -36.70 5.60 9.22
C LYS E 554 -36.80 7.06 9.67
N LYS E 555 -36.74 7.27 10.97
CA LYS E 555 -36.86 8.62 11.53
C LYS E 555 -35.51 9.18 11.90
N PHE E 556 -35.23 10.40 11.46
CA PHE E 556 -34.05 11.15 11.88
C PHE E 556 -34.46 12.20 12.89
N LEU E 557 -33.68 12.32 13.97
CA LEU E 557 -33.82 13.47 14.84
C LEU E 557 -33.43 14.73 14.07
N PRO E 558 -33.96 15.89 14.46
CA PRO E 558 -33.65 17.12 13.71
C PRO E 558 -32.16 17.40 13.63
N PHE E 559 -31.37 16.96 14.61
CA PHE E 559 -29.92 17.12 14.53
C PHE E 559 -29.31 16.17 13.51
N GLN E 560 -29.70 14.90 13.54
CA GLN E 560 -28.99 13.88 12.77
C GLN E 560 -29.11 14.14 11.28
N GLN E 561 -28.02 13.88 10.56
CA GLN E 561 -27.93 14.17 9.14
C GLN E 561 -27.76 12.92 8.29
N PHE E 562 -26.78 12.08 8.60
CA PHE E 562 -26.45 10.91 7.80
C PHE E 562 -26.72 9.64 8.61
N GLY E 563 -27.41 8.69 7.98
CA GLY E 563 -27.61 7.38 8.59
C GLY E 563 -26.55 6.39 8.12
N ARG E 564 -26.11 5.55 9.05
CA ARG E 564 -25.09 4.55 8.78
C ARG E 564 -25.59 3.18 9.20
N ASP E 565 -25.13 2.15 8.48
CA ASP E 565 -25.55 0.78 8.70
C ASP E 565 -24.46 0.03 9.48
N ILE E 566 -24.67 -1.27 9.65
CA ILE E 566 -23.67 -2.11 10.31
C ILE E 566 -22.38 -2.14 9.49
N ALA E 567 -22.51 -2.16 8.16
CA ALA E 567 -21.35 -2.13 7.28
C ALA E 567 -20.58 -0.82 7.32
N ASP E 568 -21.02 0.15 8.12
CA ASP E 568 -20.33 1.43 8.31
C ASP E 568 -20.22 2.19 6.98
N THR E 569 -21.37 2.48 6.40
CA THR E 569 -21.45 3.32 5.20
C THR E 569 -22.79 4.05 5.20
N THR E 570 -22.84 5.15 4.46
CA THR E 570 -24.04 5.97 4.43
C THR E 570 -25.17 5.24 3.70
N ASP E 571 -26.38 5.39 4.23
CA ASP E 571 -27.56 4.79 3.60
C ASP E 571 -28.77 5.71 3.55
N ALA E 572 -28.77 6.83 4.28
CA ALA E 572 -29.89 7.77 4.24
C ALA E 572 -29.34 9.18 4.37
N VAL E 573 -29.84 10.09 3.55
CA VAL E 573 -29.40 11.48 3.55
C VAL E 573 -30.62 12.37 3.63
N ARG E 574 -30.44 13.55 4.22
CA ARG E 574 -31.48 14.56 4.33
C ARG E 574 -31.27 15.60 3.24
N ASP E 575 -32.27 15.76 2.38
CA ASP E 575 -32.19 16.73 1.30
C ASP E 575 -32.15 18.15 1.87
N PRO E 576 -31.18 18.98 1.48
CA PRO E 576 -31.17 20.37 1.98
C PRO E 576 -32.44 21.14 1.69
N GLN E 577 -33.03 20.96 0.51
CA GLN E 577 -34.22 21.72 0.16
C GLN E 577 -35.46 21.13 0.81
N THR E 578 -35.55 19.80 0.89
CA THR E 578 -36.71 19.12 1.46
C THR E 578 -36.26 18.28 2.64
N LEU E 579 -36.89 18.52 3.80
CA LEU E 579 -36.49 17.84 5.03
C LEU E 579 -36.77 16.35 4.98
N GLU E 580 -37.51 15.88 3.98
CA GLU E 580 -37.79 14.45 3.83
C GLU E 580 -36.49 13.67 3.72
N ILE E 581 -36.44 12.51 4.38
CA ILE E 581 -35.24 11.69 4.41
C ILE E 581 -35.26 10.70 3.26
N LEU E 582 -34.19 10.68 2.48
CA LEU E 582 -34.04 9.76 1.37
C LEU E 582 -33.56 8.39 1.90
N ASP E 583 -33.29 7.48 0.97
CA ASP E 583 -32.87 6.12 1.31
C ASP E 583 -31.90 5.64 0.24
N ILE E 584 -30.60 5.77 0.53
CA ILE E 584 -29.57 5.34 -0.41
C ILE E 584 -29.45 3.81 -0.38
N THR E 585 -29.45 3.21 -1.56
CA THR E 585 -29.17 1.79 -1.72
C THR E 585 -28.53 1.59 -3.09
N PRO E 586 -27.56 0.69 -3.20
CA PRO E 586 -26.86 0.52 -4.47
C PRO E 586 -27.79 0.07 -5.59
N CYS E 587 -27.34 0.26 -6.82
CA CYS E 587 -28.12 -0.08 -8.00
C CYS E 587 -28.30 -1.59 -8.10
N SER E 588 -29.14 -2.01 -9.04
CA SER E 588 -29.34 -3.43 -9.30
C SER E 588 -28.05 -4.06 -9.79
N PHE E 589 -27.69 -5.19 -9.21
CA PHE E 589 -26.44 -5.87 -9.55
C PHE E 589 -26.59 -7.34 -9.14
N GLY E 590 -25.46 -8.06 -9.15
CA GLY E 590 -25.45 -9.44 -8.74
C GLY E 590 -24.58 -10.31 -9.61
N GLY E 591 -24.30 -11.53 -9.17
CA GLY E 591 -23.48 -12.44 -9.95
C GLY E 591 -24.26 -12.99 -11.14
N VAL E 592 -23.55 -13.15 -12.25
CA VAL E 592 -24.12 -13.68 -13.49
C VAL E 592 -23.62 -15.11 -13.66
N SER E 593 -24.56 -16.05 -13.72
CA SER E 593 -24.24 -17.46 -13.87
C SER E 593 -24.73 -17.93 -15.23
N VAL E 594 -23.89 -18.67 -15.95
CA VAL E 594 -24.21 -19.20 -17.26
C VAL E 594 -24.41 -20.71 -17.14
N ILE E 595 -25.53 -21.20 -17.65
CA ILE E 595 -25.85 -22.62 -17.64
C ILE E 595 -25.53 -23.16 -19.03
N THR E 596 -24.45 -23.92 -19.15
CA THR E 596 -24.03 -24.38 -20.46
C THR E 596 -23.89 -25.89 -20.49
N PRO E 597 -24.35 -26.53 -21.56
CA PRO E 597 -24.01 -27.94 -21.78
C PRO E 597 -22.62 -28.05 -22.40
N GLY E 598 -22.24 -29.24 -22.84
CA GLY E 598 -20.98 -29.39 -23.52
C GLY E 598 -20.91 -28.49 -24.74
N THR E 599 -19.78 -27.80 -24.89
CA THR E 599 -19.62 -26.86 -26.01
C THR E 599 -19.77 -27.56 -27.34
N ASN E 600 -19.22 -28.78 -27.46
CA ASN E 600 -19.39 -29.55 -28.68
C ASN E 600 -20.83 -30.01 -28.86
N THR E 601 -21.51 -30.34 -27.76
CA THR E 601 -22.86 -30.86 -27.85
C THR E 601 -23.83 -29.82 -28.39
N SER E 602 -23.76 -28.59 -27.89
CA SER E 602 -24.69 -27.55 -28.28
C SER E 602 -24.06 -26.19 -27.98
N ASN E 603 -24.80 -25.13 -28.28
CA ASN E 603 -24.31 -23.77 -28.08
C ASN E 603 -25.27 -22.88 -27.31
N GLN E 604 -26.55 -23.22 -27.20
CA GLN E 604 -27.45 -22.45 -26.34
C GLN E 604 -26.97 -22.52 -24.90
N VAL E 605 -26.97 -21.37 -24.23
CA VAL E 605 -26.48 -21.27 -22.86
C VAL E 605 -27.48 -20.44 -22.07
N ALA E 606 -28.32 -21.11 -21.28
CA ALA E 606 -29.22 -20.40 -20.38
C ALA E 606 -28.42 -19.66 -19.32
N VAL E 607 -28.97 -18.56 -18.82
CA VAL E 607 -28.31 -17.71 -17.84
C VAL E 607 -29.16 -17.62 -16.60
N LEU E 608 -28.54 -17.78 -15.44
CA LEU E 608 -29.19 -17.61 -14.15
C LEU E 608 -28.66 -16.35 -13.48
N TYR E 609 -29.57 -15.51 -13.01
CA TYR E 609 -29.23 -14.29 -12.29
C TYR E 609 -29.32 -14.54 -10.80
N GLN E 610 -28.30 -14.11 -10.07
CA GLN E 610 -28.15 -14.43 -8.66
C GLN E 610 -28.70 -13.31 -7.79
N GLY E 611 -29.62 -13.65 -6.90
CA GLY E 611 -30.07 -12.74 -5.87
C GLY E 611 -30.72 -11.46 -6.35
N VAL E 612 -31.64 -11.56 -7.30
CA VAL E 612 -32.37 -10.40 -7.81
C VAL E 612 -33.79 -10.81 -8.13
N ASN E 613 -34.73 -9.91 -7.87
CA ASN E 613 -36.11 -10.12 -8.29
C ASN E 613 -36.17 -10.15 -9.80
N CYS E 614 -36.91 -11.13 -10.34
CA CYS E 614 -36.90 -11.35 -11.78
C CYS E 614 -37.59 -10.23 -12.55
N THR E 615 -38.39 -9.39 -11.88
CA THR E 615 -39.01 -8.24 -12.51
C THR E 615 -38.13 -7.00 -12.48
N GLU E 616 -36.96 -7.08 -11.84
CA GLU E 616 -36.07 -5.92 -11.76
C GLU E 616 -35.14 -5.84 -12.97
N VAL E 617 -34.63 -6.98 -13.44
CA VAL E 617 -33.72 -7.00 -14.58
C VAL E 617 -34.40 -6.54 -15.87
N PRO E 618 -35.71 -6.72 -16.08
CA PRO E 618 -36.34 -6.02 -17.20
C PRO E 618 -36.26 -4.50 -17.09
N VAL E 619 -36.35 -3.97 -15.87
CA VAL E 619 -36.20 -2.53 -15.68
C VAL E 619 -34.77 -2.10 -15.98
N ALA E 620 -33.80 -2.95 -15.66
CA ALA E 620 -32.40 -2.61 -15.87
C ALA E 620 -32.04 -2.44 -17.35
N ILE E 621 -32.85 -3.00 -18.25
CA ILE E 621 -32.52 -2.94 -19.68
C ILE E 621 -32.49 -1.49 -20.15
N HIS E 622 -31.33 -1.04 -20.60
CA HIS E 622 -31.17 0.27 -21.21
C HIS E 622 -29.77 0.37 -21.79
N ALA E 623 -29.65 1.10 -22.88
CA ALA E 623 -28.34 1.33 -23.49
C ALA E 623 -27.47 2.18 -22.57
N ASP E 624 -26.19 1.84 -22.52
CA ASP E 624 -25.21 2.52 -21.67
C ASP E 624 -25.56 2.44 -20.18
N GLN E 625 -26.53 1.59 -19.83
CA GLN E 625 -26.94 1.43 -18.45
C GLN E 625 -26.65 0.04 -17.89
N LEU E 626 -26.38 -0.94 -18.74
CA LEU E 626 -26.03 -2.30 -18.31
C LEU E 626 -24.64 -2.63 -18.83
N THR E 627 -23.77 -3.08 -17.92
CA THR E 627 -22.43 -3.50 -18.33
C THR E 627 -22.45 -4.62 -19.35
N PRO E 628 -23.24 -5.69 -19.20
CA PRO E 628 -23.34 -6.67 -20.28
C PRO E 628 -24.10 -6.11 -21.48
N THR E 629 -23.52 -6.29 -22.67
CA THR E 629 -24.17 -5.90 -23.90
C THR E 629 -25.15 -6.94 -24.41
N TRP E 630 -25.13 -8.14 -23.83
CA TRP E 630 -26.08 -9.20 -24.18
C TRP E 630 -27.40 -9.03 -23.42
N ARG E 631 -27.98 -7.84 -23.53
CA ARG E 631 -29.26 -7.55 -22.88
C ARG E 631 -30.44 -8.25 -23.54
N VAL E 632 -30.20 -9.10 -24.53
CA VAL E 632 -31.31 -9.74 -25.25
C VAL E 632 -32.04 -10.73 -24.35
N TYR E 633 -31.31 -11.45 -23.49
CA TYR E 633 -31.95 -12.47 -22.67
C TYR E 633 -32.87 -11.87 -21.61
N SER E 634 -32.62 -10.62 -21.20
CA SER E 634 -33.49 -10.02 -20.20
C SER E 634 -34.93 -9.94 -20.70
N THR E 635 -35.11 -9.52 -21.95
CA THR E 635 -36.37 -9.73 -22.67
C THR E 635 -36.24 -10.95 -23.58
N GLY E 636 -35.97 -12.10 -22.94
CA GLY E 636 -35.66 -13.30 -23.68
C GLY E 636 -36.75 -14.36 -23.62
N SER E 637 -36.33 -15.62 -23.53
CA SER E 637 -37.25 -16.75 -23.53
C SER E 637 -38.02 -16.79 -22.21
N ASN E 638 -38.85 -17.82 -22.05
CA ASN E 638 -39.64 -17.97 -20.84
C ASN E 638 -38.74 -18.12 -19.62
N VAL E 639 -39.06 -17.38 -18.57
CA VAL E 639 -38.22 -17.33 -17.37
C VAL E 639 -38.91 -18.07 -16.24
N PHE E 640 -38.09 -18.64 -15.35
CA PHE E 640 -38.56 -19.34 -14.17
C PHE E 640 -37.81 -18.79 -12.97
N GLN E 641 -38.54 -18.49 -11.89
CA GLN E 641 -37.96 -17.87 -10.71
C GLN E 641 -37.80 -18.90 -9.59
N THR E 642 -36.59 -18.93 -9.00
CA THR E 642 -36.30 -19.82 -7.89
C THR E 642 -35.75 -19.03 -6.71
N ARG E 643 -35.28 -19.73 -5.67
CA ARG E 643 -34.66 -19.06 -4.53
C ARG E 643 -33.31 -18.46 -4.88
N ALA E 644 -32.68 -18.92 -5.96
CA ALA E 644 -31.38 -18.40 -6.41
C ALA E 644 -31.54 -17.40 -7.54
N GLY E 645 -32.61 -16.60 -7.52
CA GLY E 645 -32.93 -15.75 -8.64
C GLY E 645 -33.69 -16.52 -9.70
N CYS E 646 -33.94 -15.84 -10.81
CA CYS E 646 -34.62 -16.45 -11.94
C CYS E 646 -33.64 -16.71 -13.06
N LEU E 647 -33.66 -17.93 -13.59
CA LEU E 647 -32.83 -18.30 -14.72
C LEU E 647 -33.58 -18.02 -16.01
N ILE E 648 -32.86 -17.53 -17.01
CA ILE E 648 -33.45 -17.15 -18.29
C ILE E 648 -32.76 -17.92 -19.40
N GLY E 649 -33.52 -18.37 -20.39
CA GLY E 649 -33.02 -19.19 -21.47
C GLY E 649 -33.31 -20.66 -21.30
N ALA E 650 -33.97 -21.07 -20.22
CA ALA E 650 -34.34 -22.45 -19.98
C ALA E 650 -35.80 -22.52 -19.57
N GLU E 651 -36.55 -23.43 -20.19
CA GLU E 651 -37.96 -23.61 -19.89
C GLU E 651 -38.10 -24.61 -18.75
N TYR E 652 -38.83 -24.22 -17.71
CA TYR E 652 -39.03 -25.07 -16.54
C TYR E 652 -40.03 -26.15 -16.88
N VAL E 653 -39.60 -27.40 -16.79
CA VAL E 653 -40.48 -28.54 -16.96
C VAL E 653 -40.79 -29.13 -15.59
N ASN E 654 -42.08 -29.39 -15.36
CA ASN E 654 -42.58 -29.80 -14.05
C ASN E 654 -42.57 -31.31 -13.83
N ASN E 655 -42.05 -32.09 -14.77
CA ASN E 655 -41.76 -33.49 -14.49
C ASN E 655 -40.44 -33.59 -13.73
N SER E 656 -40.02 -34.82 -13.42
CA SER E 656 -38.88 -35.06 -12.54
C SER E 656 -37.78 -35.81 -13.27
N TYR E 657 -36.54 -35.39 -13.05
CA TYR E 657 -35.36 -36.02 -13.61
C TYR E 657 -34.21 -35.94 -12.60
N GLU E 658 -33.22 -36.81 -12.79
CA GLU E 658 -32.06 -36.80 -11.91
C GLU E 658 -31.15 -35.63 -12.27
N CYS E 659 -30.44 -35.13 -11.25
CA CYS E 659 -29.67 -33.90 -11.41
C CYS E 659 -28.47 -34.11 -12.32
N ASP E 660 -28.30 -33.17 -13.27
CA ASP E 660 -27.13 -33.12 -14.12
C ASP E 660 -26.28 -31.89 -13.86
N ILE E 661 -26.87 -30.70 -13.88
CA ILE E 661 -26.17 -29.46 -13.57
C ILE E 661 -26.82 -28.81 -12.36
N PRO E 662 -26.13 -28.71 -11.24
CA PRO E 662 -26.74 -28.15 -10.04
C PRO E 662 -27.06 -26.67 -10.19
N ILE E 663 -28.12 -26.24 -9.52
CA ILE E 663 -28.53 -24.84 -9.52
C ILE E 663 -28.63 -24.35 -8.09
N GLY E 664 -29.42 -25.04 -7.28
CA GLY E 664 -29.69 -24.63 -5.92
C GLY E 664 -31.19 -24.67 -5.67
N ALA E 665 -31.57 -24.88 -4.40
CA ALA E 665 -32.98 -24.95 -3.99
C ALA E 665 -33.74 -25.98 -4.80
N GLY E 666 -33.12 -27.14 -5.02
CA GLY E 666 -33.79 -28.23 -5.71
C GLY E 666 -34.08 -27.98 -7.17
N ILE E 667 -33.14 -27.38 -7.90
CA ILE E 667 -33.28 -27.13 -9.33
C ILE E 667 -32.04 -27.66 -10.03
N CYS E 668 -32.23 -28.35 -11.14
CA CYS E 668 -31.12 -28.91 -11.90
C CYS E 668 -31.43 -28.82 -13.39
N ALA E 669 -30.70 -27.97 -14.09
CA ALA E 669 -30.86 -27.81 -15.53
C ALA E 669 -30.10 -28.91 -16.27
N SER E 670 -30.61 -29.28 -17.44
CA SER E 670 -29.99 -30.32 -18.25
C SER E 670 -30.37 -30.12 -19.70
N TYR E 671 -29.61 -30.78 -20.58
CA TYR E 671 -29.84 -30.71 -22.02
C TYR E 671 -30.61 -31.96 -22.45
N GLN E 672 -31.92 -31.82 -22.62
CA GLN E 672 -32.76 -32.94 -23.00
C GLN E 672 -33.60 -32.59 -24.22
N THR E 673 -34.53 -33.47 -24.59
CA THR E 673 -35.42 -33.23 -25.72
C THR E 673 -36.42 -32.14 -25.40
N SER E 686 -36.28 -28.74 -30.67
CA SER E 686 -35.94 -30.14 -30.46
C SER E 686 -35.23 -30.33 -29.12
N GLN E 687 -33.93 -30.08 -29.11
CA GLN E 687 -33.11 -30.20 -27.92
C GLN E 687 -32.79 -28.81 -27.38
N SER E 688 -33.09 -28.59 -26.11
CA SER E 688 -32.88 -27.30 -25.48
C SER E 688 -32.44 -27.53 -24.04
N ILE E 689 -32.44 -26.47 -23.25
CA ILE E 689 -32.06 -26.52 -21.85
C ILE E 689 -33.32 -26.43 -21.00
N ILE E 690 -33.51 -27.42 -20.14
CA ILE E 690 -34.69 -27.49 -19.27
C ILE E 690 -34.21 -27.67 -17.84
N ALA E 691 -34.77 -26.87 -16.93
CA ALA E 691 -34.49 -26.97 -15.50
C ALA E 691 -35.67 -27.62 -14.82
N TYR E 692 -35.42 -28.71 -14.10
CA TYR E 692 -36.46 -29.46 -13.42
C TYR E 692 -36.22 -29.43 -11.92
N THR E 693 -37.07 -30.12 -11.18
CA THR E 693 -36.92 -30.25 -9.74
C THR E 693 -36.09 -31.49 -9.42
N MET E 694 -35.35 -31.42 -8.31
CA MET E 694 -34.53 -32.54 -7.88
C MET E 694 -35.37 -33.80 -7.73
N SER E 695 -34.90 -34.90 -8.30
CA SER E 695 -35.54 -36.20 -8.15
C SER E 695 -34.69 -37.04 -7.20
N LEU E 696 -35.32 -37.57 -6.16
CA LEU E 696 -34.61 -38.32 -5.14
C LEU E 696 -34.60 -39.82 -5.40
N GLY E 697 -35.10 -40.25 -6.57
CA GLY E 697 -35.21 -41.66 -6.87
C GLY E 697 -36.66 -42.12 -6.80
N ALA E 698 -37.00 -43.17 -7.54
CA ALA E 698 -38.36 -43.67 -7.54
C ALA E 698 -38.71 -44.22 -6.16
N GLU E 699 -39.93 -43.92 -5.70
CA GLU E 699 -40.36 -44.40 -4.40
C GLU E 699 -40.53 -45.91 -4.42
N ASN E 700 -40.54 -46.50 -3.23
CA ASN E 700 -40.63 -47.96 -3.11
C ASN E 700 -41.30 -48.26 -1.77
N SER E 701 -42.59 -48.57 -1.82
CA SER E 701 -43.30 -48.96 -0.61
C SER E 701 -42.81 -50.31 -0.12
N VAL E 702 -42.93 -50.50 1.19
CA VAL E 702 -42.55 -51.77 1.84
C VAL E 702 -43.82 -52.36 2.45
N ALA E 703 -44.13 -53.59 2.07
CA ALA E 703 -45.33 -54.28 2.54
C ALA E 703 -45.04 -54.91 3.91
N TYR E 704 -44.75 -54.05 4.87
CA TYR E 704 -44.45 -54.50 6.22
C TYR E 704 -45.68 -55.10 6.88
N SER E 705 -45.49 -56.20 7.59
CA SER E 705 -46.57 -56.84 8.32
C SER E 705 -45.99 -57.54 9.53
N ASN E 706 -46.75 -57.54 10.62
CA ASN E 706 -46.27 -58.08 11.89
C ASN E 706 -46.32 -59.61 11.95
N ASN E 707 -46.51 -60.28 10.81
CA ASN E 707 -46.31 -61.72 10.75
C ASN E 707 -45.65 -62.14 9.45
N SER E 708 -44.99 -61.22 8.75
CA SER E 708 -44.42 -61.47 7.43
C SER E 708 -42.93 -61.22 7.44
N ILE E 709 -42.18 -62.08 6.76
CA ILE E 709 -40.73 -61.91 6.60
C ILE E 709 -40.36 -62.29 5.17
N ALA E 710 -39.36 -61.58 4.64
CA ALA E 710 -38.87 -61.82 3.28
C ALA E 710 -37.43 -62.31 3.38
N ILE E 711 -37.13 -63.39 2.65
CA ILE E 711 -35.79 -63.97 2.67
C ILE E 711 -35.30 -64.19 1.24
N PRO E 712 -34.09 -63.77 0.90
CA PRO E 712 -33.60 -63.96 -0.46
C PRO E 712 -33.39 -65.44 -0.77
N THR E 713 -34.03 -65.92 -1.83
CA THR E 713 -33.87 -67.29 -2.28
C THR E 713 -32.68 -67.46 -3.21
N ASN E 714 -32.00 -66.38 -3.55
CA ASN E 714 -30.85 -66.43 -4.45
C ASN E 714 -29.92 -65.28 -4.09
N PHE E 715 -28.67 -65.39 -4.53
CA PHE E 715 -27.66 -64.40 -4.24
C PHE E 715 -26.82 -64.13 -5.48
N THR E 716 -26.24 -62.94 -5.54
CA THR E 716 -25.37 -62.55 -6.64
C THR E 716 -24.12 -61.89 -6.08
N ILE E 717 -23.04 -61.98 -6.85
CA ILE E 717 -21.77 -61.36 -6.49
C ILE E 717 -21.46 -60.29 -7.53
N SER E 718 -21.33 -59.05 -7.08
CA SER E 718 -21.07 -57.91 -7.95
C SER E 718 -19.80 -57.21 -7.47
N VAL E 719 -18.91 -56.90 -8.40
CA VAL E 719 -17.64 -56.27 -8.08
C VAL E 719 -17.80 -54.75 -8.18
N THR E 720 -17.63 -54.07 -7.05
CA THR E 720 -17.75 -52.62 -6.98
C THR E 720 -16.36 -52.01 -6.90
N THR E 721 -16.17 -50.89 -7.58
CA THR E 721 -14.89 -50.20 -7.61
C THR E 721 -14.89 -49.02 -6.64
N GLU E 722 -13.70 -48.50 -6.38
CA GLU E 722 -13.52 -47.37 -5.48
C GLU E 722 -12.15 -46.77 -5.71
N ILE E 723 -12.07 -45.45 -5.77
CA ILE E 723 -10.86 -44.74 -6.15
C ILE E 723 -10.52 -43.73 -5.07
N LEU E 724 -9.26 -43.72 -4.63
CA LEU E 724 -8.79 -42.79 -3.60
C LEU E 724 -7.41 -42.27 -3.98
N PRO E 725 -7.19 -40.96 -3.92
CA PRO E 725 -5.84 -40.44 -4.11
C PRO E 725 -4.95 -40.77 -2.92
N VAL E 726 -3.65 -40.90 -3.19
CA VAL E 726 -2.72 -41.26 -2.14
C VAL E 726 -1.62 -40.21 -2.01
N SER E 727 -1.31 -39.53 -3.11
CA SER E 727 -0.22 -38.56 -3.08
C SER E 727 -0.32 -37.63 -4.29
N MET E 728 0.13 -36.40 -4.09
CA MET E 728 0.27 -35.43 -5.17
C MET E 728 1.74 -35.34 -5.57
N THR E 729 2.01 -34.54 -6.60
CA THR E 729 3.37 -34.36 -7.07
C THR E 729 4.18 -33.53 -6.08
N LYS E 730 5.33 -34.04 -5.67
CA LYS E 730 6.24 -33.25 -4.85
C LYS E 730 6.79 -32.09 -5.67
N THR E 731 6.82 -30.91 -5.05
CA THR E 731 7.25 -29.71 -5.74
C THR E 731 8.19 -28.91 -4.86
N SER E 732 9.05 -28.11 -5.51
CA SER E 732 10.01 -27.26 -4.82
C SER E 732 10.12 -25.94 -5.57
N VAL E 733 10.43 -24.87 -4.82
CA VAL E 733 10.51 -23.53 -5.36
C VAL E 733 11.83 -22.89 -4.93
N ASP E 734 12.51 -22.25 -5.88
CA ASP E 734 13.74 -21.54 -5.58
C ASP E 734 13.44 -20.20 -4.93
N CYS E 735 14.30 -19.81 -3.98
CA CYS E 735 14.16 -18.52 -3.32
C CYS E 735 14.29 -17.35 -4.28
N THR E 736 15.48 -17.19 -4.86
CA THR E 736 15.83 -15.95 -5.55
C THR E 736 15.44 -15.96 -7.02
N MET E 737 15.53 -17.10 -7.70
CA MET E 737 15.32 -17.10 -9.14
C MET E 737 13.89 -16.74 -9.51
N TYR E 738 12.92 -17.18 -8.71
CA TYR E 738 11.54 -16.79 -8.96
C TYR E 738 11.33 -15.29 -8.71
N ILE E 739 11.95 -14.76 -7.66
CA ILE E 739 11.71 -13.38 -7.24
C ILE E 739 12.71 -12.45 -7.91
N CYS E 740 14.00 -12.67 -7.66
CA CYS E 740 15.05 -11.78 -8.15
C CYS E 740 15.91 -12.43 -9.21
N GLY E 741 15.38 -13.39 -9.95
CA GLY E 741 16.16 -14.03 -11.00
C GLY E 741 16.51 -13.03 -12.11
N ASP E 742 17.61 -13.31 -12.80
CA ASP E 742 18.17 -12.56 -13.93
C ASP E 742 18.81 -11.27 -13.40
N SER E 743 18.71 -10.98 -12.11
CA SER E 743 19.24 -9.75 -11.52
C SER E 743 20.00 -10.09 -10.25
N THR E 744 21.34 -10.08 -10.34
CA THR E 744 22.14 -10.32 -9.15
C THR E 744 22.01 -9.15 -8.16
N GLU E 745 21.79 -7.94 -8.67
CA GLU E 745 21.59 -6.80 -7.78
C GLU E 745 20.29 -6.93 -6.99
N CYS E 746 19.28 -7.56 -7.59
CA CYS E 746 18.07 -7.87 -6.84
C CYS E 746 18.36 -8.84 -5.70
N SER E 747 19.19 -9.85 -5.95
CA SER E 747 19.53 -10.81 -4.91
C SER E 747 20.27 -10.14 -3.76
N ASN E 748 20.96 -9.03 -4.04
CA ASN E 748 21.67 -8.32 -2.99
C ASN E 748 20.71 -7.75 -1.96
N LEU E 749 19.61 -7.15 -2.42
CA LEU E 749 18.64 -6.55 -1.51
C LEU E 749 17.59 -7.53 -1.03
N LEU E 750 17.58 -8.76 -1.53
CA LEU E 750 16.60 -9.73 -1.10
C LEU E 750 16.87 -10.21 0.33
N LEU E 751 18.09 -10.01 0.81
CA LEU E 751 18.46 -10.51 2.14
C LEU E 751 17.87 -9.65 3.25
N GLN E 752 17.24 -8.52 2.89
CA GLN E 752 16.71 -7.62 3.91
C GLN E 752 15.43 -8.13 4.54
N TYR E 753 14.94 -9.29 4.06
CA TYR E 753 13.66 -9.81 4.57
C TYR E 753 13.83 -11.00 5.50
N GLY E 754 15.04 -11.22 6.04
CA GLY E 754 15.25 -12.26 7.02
C GLY E 754 14.92 -13.67 6.54
N SER E 755 14.16 -14.40 7.33
CA SER E 755 13.78 -15.78 7.00
C SER E 755 12.57 -15.78 6.07
N PHE E 756 12.72 -15.08 4.95
CA PHE E 756 11.64 -14.92 3.98
C PHE E 756 11.34 -16.20 3.22
N CYS E 757 12.36 -16.99 2.85
CA CYS E 757 12.12 -18.23 2.13
C CYS E 757 12.68 -19.46 2.81
N THR E 758 13.74 -19.33 3.61
CA THR E 758 14.23 -20.50 4.34
C THR E 758 13.17 -21.06 5.26
N GLN E 759 12.24 -20.21 5.72
CA GLN E 759 11.03 -20.71 6.35
C GLN E 759 10.06 -21.28 5.31
N LEU E 760 9.95 -20.62 4.16
CA LEU E 760 9.08 -21.10 3.10
C LEU E 760 9.59 -22.42 2.52
N LYS E 761 10.88 -22.48 2.17
CA LYS E 761 11.43 -23.69 1.57
C LYS E 761 11.34 -24.87 2.51
N ARG E 762 11.38 -24.63 3.82
CA ARG E 762 11.23 -25.70 4.78
C ARG E 762 9.80 -26.23 4.83
N ALA E 763 8.81 -25.41 4.46
CA ALA E 763 7.43 -25.87 4.45
C ALA E 763 7.18 -26.84 3.31
N LEU E 764 7.65 -26.50 2.10
CA LEU E 764 7.45 -27.39 0.96
C LEU E 764 8.25 -28.67 1.10
N THR E 765 9.45 -28.58 1.67
CA THR E 765 10.24 -29.79 1.92
C THR E 765 9.53 -30.74 2.85
N GLY E 766 8.89 -30.22 3.90
CA GLY E 766 8.10 -31.07 4.78
C GLY E 766 6.95 -31.73 4.05
N ILE E 767 6.34 -31.02 3.09
CA ILE E 767 5.28 -31.60 2.28
C ILE E 767 5.84 -32.70 1.38
N ALA E 768 6.98 -32.44 0.74
CA ALA E 768 7.55 -33.40 -0.19
C ALA E 768 7.90 -34.70 0.51
N VAL E 769 8.53 -34.64 1.67
CA VAL E 769 8.86 -35.86 2.39
C VAL E 769 7.60 -36.54 2.92
N GLU E 770 6.60 -35.74 3.34
CA GLU E 770 5.35 -36.32 3.81
C GLU E 770 4.63 -37.05 2.69
N GLN E 771 4.73 -36.53 1.46
CA GLN E 771 4.08 -37.18 0.32
C GLN E 771 4.60 -38.61 0.13
N ASP E 772 5.91 -38.80 0.32
CA ASP E 772 6.46 -40.15 0.26
C ASP E 772 5.94 -41.00 1.41
N LYS E 773 5.77 -40.41 2.60
CA LYS E 773 5.29 -41.17 3.74
C LYS E 773 3.89 -41.73 3.51
N ASN E 774 3.06 -41.01 2.75
CA ASN E 774 1.72 -41.51 2.45
C ASN E 774 1.78 -42.83 1.70
N THR E 775 2.66 -42.91 0.68
CA THR E 775 2.79 -44.14 -0.08
C THR E 775 3.36 -45.28 0.76
N GLN E 776 4.18 -44.97 1.77
CA GLN E 776 4.76 -46.00 2.62
C GLN E 776 3.75 -46.64 3.56
N GLU E 777 2.54 -46.07 3.69
CA GLU E 777 1.53 -46.62 4.57
C GLU E 777 0.39 -47.30 3.83
N VAL E 778 0.23 -47.05 2.54
CA VAL E 778 -0.86 -47.62 1.76
C VAL E 778 -0.43 -48.88 1.03
N PHE E 779 0.80 -48.90 0.54
CA PHE E 779 1.29 -50.03 -0.25
C PHE E 779 2.32 -50.88 0.48
N ALA E 780 2.98 -50.34 1.50
CA ALA E 780 4.07 -51.02 2.19
C ALA E 780 3.63 -51.58 3.54
N GLN E 781 2.40 -52.07 3.63
CA GLN E 781 1.90 -52.66 4.85
C GLN E 781 2.33 -54.11 5.04
N VAL E 782 2.98 -54.71 4.04
CA VAL E 782 3.54 -56.05 4.16
C VAL E 782 4.99 -56.00 3.70
N LYS E 783 5.88 -56.61 4.47
CA LYS E 783 7.30 -56.60 4.17
C LYS E 783 7.78 -57.88 3.50
N GLN E 784 6.88 -58.82 3.25
CA GLN E 784 7.21 -60.05 2.53
C GLN E 784 6.60 -59.97 1.14
N ILE E 785 7.45 -60.00 0.12
CA ILE E 785 7.01 -59.92 -1.27
C ILE E 785 6.64 -61.32 -1.71
N TYR E 786 5.34 -61.62 -1.71
CA TYR E 786 4.88 -62.93 -2.14
C TYR E 786 4.82 -63.00 -3.66
N LYS E 787 4.85 -64.22 -4.18
CA LYS E 787 4.76 -64.47 -5.61
C LYS E 787 3.69 -65.54 -5.84
N THR E 788 2.79 -65.28 -6.76
CA THR E 788 1.76 -66.25 -7.09
C THR E 788 2.39 -67.48 -7.76
N PRO E 789 1.87 -68.67 -7.48
CA PRO E 789 2.39 -69.87 -8.13
C PRO E 789 2.16 -69.82 -9.62
N PRO E 790 2.99 -70.49 -10.42
CA PRO E 790 2.84 -70.40 -11.88
C PRO E 790 1.48 -70.90 -12.36
N ILE E 791 0.91 -71.92 -11.72
CA ILE E 791 -0.40 -72.40 -12.11
C ILE E 791 -1.47 -71.38 -11.70
N LYS E 792 -2.58 -71.37 -12.43
CA LYS E 792 -3.63 -70.38 -12.23
C LYS E 792 -4.99 -71.05 -12.15
N TYR E 793 -5.08 -72.19 -11.48
CA TYR E 793 -6.34 -72.88 -11.26
C TYR E 793 -6.79 -72.62 -9.83
N PHE E 794 -7.46 -71.49 -9.62
CA PHE E 794 -7.98 -71.13 -8.30
C PHE E 794 -9.44 -71.57 -8.16
N GLY E 795 -9.67 -72.86 -8.36
CA GLY E 795 -10.99 -73.44 -8.17
C GLY E 795 -12.08 -72.84 -9.03
N GLY E 796 -11.80 -72.62 -10.31
CA GLY E 796 -12.76 -72.08 -11.24
C GLY E 796 -12.72 -70.58 -11.40
N PHE E 797 -12.39 -69.85 -10.34
CA PHE E 797 -12.27 -68.40 -10.43
C PHE E 797 -11.10 -68.03 -11.35
N ASN E 798 -11.27 -66.95 -12.09
CA ASN E 798 -10.29 -66.50 -13.08
C ASN E 798 -9.77 -65.14 -12.65
N PHE E 799 -8.54 -65.12 -12.14
CA PHE E 799 -7.91 -63.91 -11.62
C PHE E 799 -6.95 -63.27 -12.59
N SER E 800 -6.89 -63.76 -13.84
CA SER E 800 -5.90 -63.27 -14.79
C SER E 800 -6.05 -61.78 -15.09
N GLN E 801 -7.24 -61.22 -14.91
CA GLN E 801 -7.47 -59.81 -15.19
C GLN E 801 -6.84 -58.89 -14.16
N ILE E 802 -6.38 -59.41 -13.03
CA ILE E 802 -5.73 -58.58 -12.01
C ILE E 802 -4.36 -59.09 -11.60
N LEU E 803 -4.02 -60.35 -11.82
CA LEU E 803 -2.67 -60.81 -11.56
C LEU E 803 -1.71 -60.22 -12.59
N PRO E 804 -0.44 -60.03 -12.22
CA PRO E 804 0.52 -59.47 -13.17
C PRO E 804 0.65 -60.33 -14.42
N ASP E 805 0.81 -59.67 -15.56
CA ASP E 805 1.01 -60.36 -16.84
C ASP E 805 2.43 -60.13 -17.30
N PRO E 806 3.31 -61.13 -17.25
CA PRO E 806 4.72 -60.91 -17.61
C PRO E 806 4.95 -60.68 -19.10
N SER E 807 3.95 -60.89 -19.95
CA SER E 807 4.14 -60.66 -21.38
C SER E 807 4.46 -59.20 -21.66
N LYS E 808 3.76 -58.28 -21.01
CA LYS E 808 4.10 -56.87 -21.14
C LYS E 808 5.43 -56.60 -20.44
N PRO E 809 6.28 -55.74 -21.01
CA PRO E 809 7.54 -55.40 -20.34
C PRO E 809 7.35 -54.81 -18.96
N SER E 810 6.29 -54.02 -18.75
CA SER E 810 5.96 -53.51 -17.44
C SER E 810 5.15 -54.55 -16.67
N LYS E 811 5.59 -54.88 -15.47
CA LYS E 811 4.94 -55.92 -14.67
C LYS E 811 3.61 -55.42 -14.11
N ARG E 812 2.63 -55.21 -14.98
CA ARG E 812 1.33 -54.68 -14.58
C ARG E 812 0.22 -55.55 -15.15
N SER E 813 -0.92 -55.53 -14.48
CA SER E 813 -2.06 -56.35 -14.87
C SER E 813 -2.83 -55.68 -16.01
N PHE E 814 -3.85 -56.39 -16.49
CA PHE E 814 -4.68 -55.84 -17.57
C PHE E 814 -5.41 -54.58 -17.13
N ILE E 815 -5.97 -54.60 -15.92
CA ILE E 815 -6.73 -53.44 -15.45
C ILE E 815 -5.81 -52.26 -15.19
N GLU E 816 -4.63 -52.51 -14.63
CA GLU E 816 -3.69 -51.43 -14.35
C GLU E 816 -3.23 -50.72 -15.62
N ASP E 817 -3.30 -51.40 -16.77
CA ASP E 817 -2.96 -50.74 -18.04
C ASP E 817 -3.96 -49.63 -18.36
N LEU E 818 -5.25 -49.87 -18.12
CA LEU E 818 -6.26 -48.87 -18.45
C LEU E 818 -6.09 -47.62 -17.61
N LEU E 819 -5.78 -47.78 -16.32
CA LEU E 819 -5.69 -46.63 -15.43
C LEU E 819 -4.62 -45.66 -15.87
N PHE E 820 -3.45 -46.19 -16.29
CA PHE E 820 -2.36 -45.31 -16.72
C PHE E 820 -2.67 -44.62 -18.04
N ASN E 821 -3.53 -45.21 -18.87
CA ASN E 821 -3.94 -44.59 -20.11
C ASN E 821 -5.17 -43.72 -19.96
N LYS E 822 -5.71 -43.61 -18.73
CA LYS E 822 -6.83 -42.74 -18.45
C LYS E 822 -6.47 -41.56 -17.55
N VAL E 823 -5.28 -41.55 -16.97
CA VAL E 823 -4.80 -40.44 -16.15
C VAL E 823 -3.64 -39.79 -16.87
N THR E 824 -3.81 -38.53 -17.25
CA THR E 824 -2.81 -37.77 -17.98
C THR E 824 -2.14 -36.78 -17.04
N LEU E 825 -0.82 -36.83 -16.97
CA LEU E 825 -0.07 -35.95 -16.08
C LEU E 825 0.17 -34.59 -16.75
N LEU E 846 5.70 -28.34 -23.71
CA LEU E 846 6.70 -27.29 -23.58
C LEU E 846 6.35 -26.39 -22.41
N ILE E 847 5.10 -26.50 -21.93
CA ILE E 847 4.68 -25.71 -20.77
C ILE E 847 5.50 -26.08 -19.54
N CYS E 848 5.83 -27.37 -19.40
CA CYS E 848 6.71 -27.78 -18.31
C CYS E 848 8.10 -27.16 -18.45
N ALA E 849 8.60 -27.08 -19.68
CA ALA E 849 9.91 -26.46 -19.91
C ALA E 849 9.89 -24.97 -19.62
N GLN E 850 8.72 -24.34 -19.59
CA GLN E 850 8.64 -22.92 -19.24
C GLN E 850 9.03 -22.67 -17.79
N LYS E 851 9.05 -23.71 -16.95
CA LYS E 851 9.37 -23.56 -15.53
C LYS E 851 10.87 -23.31 -15.38
N PHE E 852 11.29 -22.15 -15.89
CA PHE E 852 12.64 -21.63 -15.69
C PHE E 852 12.72 -20.75 -14.45
N LYS E 853 11.60 -20.53 -13.77
CA LYS E 853 11.53 -19.64 -12.62
C LYS E 853 11.81 -20.36 -11.31
N GLY E 854 12.54 -21.47 -11.33
CA GLY E 854 12.87 -22.20 -10.13
C GLY E 854 11.86 -23.24 -9.70
N LEU E 855 10.78 -23.42 -10.45
CA LEU E 855 9.78 -24.42 -10.11
C LEU E 855 10.15 -25.77 -10.70
N THR E 856 10.22 -26.80 -9.85
CA THR E 856 10.61 -28.12 -10.28
C THR E 856 9.60 -29.14 -9.77
N VAL E 857 9.78 -30.38 -10.20
CA VAL E 857 8.91 -31.49 -9.81
C VAL E 857 9.82 -32.63 -9.39
N LEU E 858 10.00 -32.78 -8.08
CA LEU E 858 10.83 -33.87 -7.57
C LEU E 858 10.13 -35.20 -7.84
N PRO E 859 10.83 -36.19 -8.42
CA PRO E 859 10.19 -37.47 -8.67
C PRO E 859 9.91 -38.19 -7.36
N PRO E 860 8.84 -38.99 -7.30
CA PRO E 860 8.53 -39.71 -6.08
C PRO E 860 9.56 -40.79 -5.79
N LEU E 861 9.68 -41.14 -4.50
CA LEU E 861 10.66 -42.14 -4.09
C LEU E 861 10.40 -43.48 -4.74
N LEU E 862 9.14 -43.92 -4.76
CA LEU E 862 8.78 -45.23 -5.27
C LEU E 862 8.52 -45.14 -6.76
N THR E 863 9.43 -45.70 -7.56
CA THR E 863 9.22 -45.79 -9.00
C THR E 863 7.98 -46.63 -9.28
N ASP E 864 7.22 -46.23 -10.30
CA ASP E 864 5.98 -46.95 -10.60
C ASP E 864 6.23 -48.41 -10.91
N GLU E 865 7.42 -48.75 -11.41
CA GLU E 865 7.74 -50.14 -11.70
C GLU E 865 7.86 -50.99 -10.44
N MET E 866 7.97 -50.38 -9.26
CA MET E 866 8.02 -51.12 -8.01
C MET E 866 6.81 -50.91 -7.12
N ILE E 867 6.07 -49.80 -7.31
CA ILE E 867 4.81 -49.64 -6.58
C ILE E 867 3.80 -50.67 -7.07
N ALA E 868 3.98 -51.18 -8.28
CA ALA E 868 3.14 -52.26 -8.76
C ALA E 868 3.61 -53.62 -8.26
N GLN E 869 4.79 -53.67 -7.65
CA GLN E 869 5.24 -54.93 -7.05
C GLN E 869 4.52 -55.20 -5.74
N TYR E 870 4.27 -54.15 -4.95
CA TYR E 870 3.47 -54.32 -3.74
C TYR E 870 2.04 -54.76 -4.09
N THR E 871 1.43 -54.14 -5.10
CA THR E 871 0.10 -54.54 -5.50
C THR E 871 0.09 -55.95 -6.06
N SER E 872 1.27 -56.48 -6.41
CA SER E 872 1.37 -57.89 -6.74
C SER E 872 1.67 -58.74 -5.51
N ALA E 873 2.28 -58.14 -4.49
CA ALA E 873 2.48 -58.85 -3.23
C ALA E 873 1.17 -58.96 -2.46
N LEU E 874 0.39 -57.88 -2.41
CA LEU E 874 -0.91 -57.94 -1.75
C LEU E 874 -1.82 -58.95 -2.43
N LEU E 875 -1.85 -58.94 -3.76
CA LEU E 875 -2.69 -59.88 -4.49
C LEU E 875 -2.23 -61.32 -4.27
N ALA E 876 -0.92 -61.56 -4.28
CA ALA E 876 -0.42 -62.91 -4.08
C ALA E 876 -0.75 -63.47 -2.70
N GLY E 877 -0.84 -62.61 -1.69
CA GLY E 877 -1.11 -63.07 -0.34
C GLY E 877 -2.58 -63.17 -0.01
N THR E 878 -3.43 -62.50 -0.79
CA THR E 878 -4.86 -62.47 -0.52
C THR E 878 -5.65 -63.48 -1.35
N ILE E 879 -4.97 -64.31 -2.13
CA ILE E 879 -5.66 -65.34 -2.92
C ILE E 879 -5.10 -66.71 -2.59
N THR E 880 -3.87 -66.76 -2.09
CA THR E 880 -3.23 -68.02 -1.69
C THR E 880 -3.21 -68.20 -0.19
N SER E 881 -2.77 -67.19 0.55
CA SER E 881 -2.61 -67.30 1.99
C SER E 881 -3.84 -66.85 2.77
N GLY E 882 -4.94 -66.53 2.09
CA GLY E 882 -6.11 -66.06 2.81
C GLY E 882 -5.88 -64.66 3.36
N TRP E 883 -6.38 -64.43 4.58
CA TRP E 883 -6.21 -63.14 5.23
C TRP E 883 -5.36 -63.25 6.50
N THR E 884 -4.72 -64.39 6.74
CA THR E 884 -3.83 -64.53 7.88
C THR E 884 -2.49 -63.84 7.65
N PHE E 885 -2.05 -63.70 6.40
CA PHE E 885 -0.74 -63.13 6.11
C PHE E 885 -0.66 -61.65 6.47
N GLY E 886 -1.77 -61.00 6.76
CA GLY E 886 -1.77 -59.66 7.28
C GLY E 886 -1.71 -59.58 8.79
N ALA E 887 -1.54 -60.71 9.46
CA ALA E 887 -1.50 -60.74 10.92
C ALA E 887 -0.40 -61.64 11.47
N GLY E 888 0.43 -62.25 10.64
CA GLY E 888 1.48 -63.12 11.11
C GLY E 888 2.13 -63.93 10.01
N ALA E 889 2.35 -65.22 10.26
CA ALA E 889 2.95 -66.08 9.25
C ALA E 889 1.93 -66.44 8.18
N ALA E 890 2.33 -66.33 6.91
CA ALA E 890 1.45 -66.67 5.81
C ALA E 890 1.16 -68.16 5.82
N LEU E 891 -0.11 -68.52 5.61
CA LEU E 891 -0.56 -69.91 5.69
C LEU E 891 -1.37 -70.23 4.44
N GLN E 892 -0.93 -71.22 3.68
CA GLN E 892 -1.61 -71.55 2.43
C GLN E 892 -2.96 -72.19 2.71
N ILE E 893 -3.97 -71.77 1.95
CA ILE E 893 -5.33 -72.28 2.05
C ILE E 893 -5.93 -72.29 0.65
N PRO E 894 -6.50 -73.41 0.20
CA PRO E 894 -7.08 -73.43 -1.16
C PRO E 894 -8.18 -72.40 -1.29
N PHE E 895 -8.18 -71.70 -2.44
CA PHE E 895 -9.13 -70.61 -2.62
C PHE E 895 -10.56 -71.10 -2.73
N ALA E 896 -10.78 -72.35 -3.16
CA ALA E 896 -12.11 -72.91 -3.15
C ALA E 896 -12.67 -73.06 -1.74
N MET E 897 -11.80 -73.00 -0.72
CA MET E 897 -12.20 -73.13 0.67
C MET E 897 -12.22 -71.80 1.41
N GLN E 898 -11.29 -70.91 1.09
CA GLN E 898 -11.19 -69.64 1.81
C GLN E 898 -12.46 -68.81 1.68
N MET E 899 -13.17 -68.92 0.55
CA MET E 899 -14.44 -68.23 0.41
C MET E 899 -15.46 -68.74 1.41
N ALA E 900 -15.41 -70.04 1.73
CA ALA E 900 -16.33 -70.58 2.73
C ALA E 900 -16.14 -69.89 4.08
N TYR E 901 -14.89 -69.61 4.44
CA TYR E 901 -14.63 -68.79 5.62
C TYR E 901 -15.23 -67.41 5.45
N ARG E 902 -15.10 -66.83 4.26
CA ARG E 902 -15.60 -65.48 4.04
C ARG E 902 -17.12 -65.45 4.11
N PHE E 903 -17.80 -66.46 3.57
CA PHE E 903 -19.25 -66.55 3.74
C PHE E 903 -19.62 -66.72 5.21
N ASN E 904 -18.84 -67.51 5.95
CA ASN E 904 -19.14 -67.74 7.36
C ASN E 904 -19.17 -66.44 8.15
N GLY E 905 -18.38 -65.45 7.73
CA GLY E 905 -18.45 -64.14 8.35
C GLY E 905 -19.69 -63.36 7.96
N ILE E 906 -20.16 -63.53 6.73
CA ILE E 906 -21.35 -62.82 6.28
C ILE E 906 -22.58 -63.26 7.07
N GLY E 907 -22.74 -64.57 7.28
CA GLY E 907 -23.89 -65.08 7.99
C GLY E 907 -24.43 -66.36 7.38
N VAL E 908 -24.18 -66.56 6.08
CA VAL E 908 -24.59 -67.78 5.41
C VAL E 908 -23.61 -68.89 5.76
N THR E 909 -24.15 -70.08 6.01
CA THR E 909 -23.30 -71.23 6.30
C THR E 909 -22.46 -71.58 5.09
N GLN E 910 -21.27 -72.13 5.34
CA GLN E 910 -20.30 -72.36 4.27
C GLN E 910 -20.81 -73.30 3.19
N ASN E 911 -21.83 -74.10 3.47
CA ASN E 911 -22.32 -75.04 2.47
C ASN E 911 -22.90 -74.33 1.26
N VAL E 912 -23.42 -73.11 1.45
CA VAL E 912 -24.04 -72.40 0.33
C VAL E 912 -23.01 -72.07 -0.75
N LEU E 913 -21.72 -72.06 -0.38
CA LEU E 913 -20.68 -71.88 -1.39
C LEU E 913 -20.46 -73.15 -2.18
N TYR E 914 -20.25 -74.27 -1.47
CA TYR E 914 -19.87 -75.52 -2.14
C TYR E 914 -21.00 -76.05 -3.03
N GLU E 915 -22.25 -75.84 -2.64
CA GLU E 915 -23.37 -76.26 -3.48
C GLU E 915 -23.45 -75.44 -4.76
N ASN E 916 -22.83 -74.26 -4.80
CA ASN E 916 -22.93 -73.37 -5.95
C ASN E 916 -21.57 -72.79 -6.30
N GLN E 917 -20.54 -73.65 -6.30
CA GLN E 917 -19.19 -73.17 -6.60
C GLN E 917 -19.06 -72.74 -8.06
N LYS E 918 -19.54 -73.56 -8.99
CA LYS E 918 -19.46 -73.21 -10.40
C LYS E 918 -20.31 -71.98 -10.70
N LEU E 919 -21.50 -71.89 -10.10
CA LEU E 919 -22.37 -70.75 -10.33
C LEU E 919 -21.71 -69.44 -9.88
N ILE E 920 -21.03 -69.47 -8.74
CA ILE E 920 -20.33 -68.28 -8.26
C ILE E 920 -19.19 -67.92 -9.19
N ALA E 921 -18.47 -68.92 -9.69
CA ALA E 921 -17.33 -68.64 -10.56
C ALA E 921 -17.76 -67.89 -11.81
N ASN E 922 -18.85 -68.33 -12.43
CA ASN E 922 -19.37 -67.64 -13.62
C ASN E 922 -19.95 -66.27 -13.28
N GLN E 923 -20.35 -66.03 -12.04
CA GLN E 923 -20.79 -64.70 -11.63
C GLN E 923 -19.65 -63.85 -11.11
N PHE E 924 -18.46 -64.42 -10.96
CA PHE E 924 -17.28 -63.65 -10.58
C PHE E 924 -16.32 -63.47 -11.75
N ASN E 925 -16.20 -64.49 -12.61
CA ASN E 925 -15.42 -64.32 -13.83
C ASN E 925 -16.03 -63.26 -14.73
N SER E 926 -17.35 -63.28 -14.88
CA SER E 926 -18.02 -62.23 -15.64
C SER E 926 -17.96 -60.88 -14.94
N ALA E 927 -18.10 -60.87 -13.62
CA ALA E 927 -18.10 -59.61 -12.88
C ALA E 927 -16.76 -58.90 -12.99
N ILE E 928 -15.66 -59.65 -12.89
CA ILE E 928 -14.34 -59.02 -12.97
C ILE E 928 -14.09 -58.48 -14.36
N GLY E 929 -14.62 -59.13 -15.40
CA GLY E 929 -14.46 -58.63 -16.74
C GLY E 929 -15.18 -57.33 -17.00
N LYS E 930 -16.35 -57.14 -16.36
CA LYS E 930 -17.13 -55.93 -16.58
C LYS E 930 -16.41 -54.68 -16.09
N ILE E 931 -15.57 -54.81 -15.05
CA ILE E 931 -14.88 -53.65 -14.49
C ILE E 931 -13.92 -53.06 -15.52
N GLN E 932 -13.36 -53.89 -16.39
CA GLN E 932 -12.46 -53.39 -17.43
C GLN E 932 -13.18 -52.39 -18.33
N ASP E 933 -14.38 -52.74 -18.79
CA ASP E 933 -15.13 -51.83 -19.65
C ASP E 933 -15.64 -50.62 -18.88
N SER E 934 -16.06 -50.83 -17.63
CA SER E 934 -16.67 -49.74 -16.86
C SER E 934 -15.71 -48.58 -16.66
N LEU E 935 -14.45 -48.88 -16.34
CA LEU E 935 -13.48 -47.80 -16.12
C LEU E 935 -13.15 -47.07 -17.41
N SER E 936 -13.01 -47.81 -18.51
CA SER E 936 -12.61 -47.22 -19.78
C SER E 936 -13.79 -46.74 -20.62
N SER E 937 -15.02 -46.98 -20.19
CA SER E 937 -16.18 -46.52 -20.96
C SER E 937 -16.23 -44.99 -21.01
N THR E 938 -15.98 -44.35 -19.87
CA THR E 938 -16.02 -42.89 -19.78
C THR E 938 -14.81 -42.40 -19.00
N ALA E 939 -14.41 -41.16 -19.28
CA ALA E 939 -13.28 -40.55 -18.59
C ALA E 939 -13.65 -39.97 -17.23
N SER E 940 -14.94 -39.94 -16.89
CA SER E 940 -15.38 -39.41 -15.61
C SER E 940 -15.28 -40.42 -14.48
N ALA E 941 -14.93 -41.67 -14.77
CA ALA E 941 -14.76 -42.66 -13.71
C ALA E 941 -13.58 -42.34 -12.81
N LEU E 942 -12.51 -41.77 -13.38
CA LEU E 942 -11.31 -41.43 -12.65
C LEU E 942 -11.31 -40.00 -12.16
N GLY E 943 -12.49 -39.43 -11.89
CA GLY E 943 -12.57 -38.02 -11.54
C GLY E 943 -11.81 -37.66 -10.28
N LYS E 944 -11.82 -38.55 -9.29
CA LYS E 944 -11.16 -38.26 -8.03
C LYS E 944 -9.66 -38.09 -8.23
N LEU E 945 -9.05 -38.93 -9.06
CA LEU E 945 -7.62 -38.83 -9.33
C LEU E 945 -7.26 -37.68 -10.27
N GLN E 946 -8.21 -37.23 -11.10
CA GLN E 946 -7.87 -36.29 -12.16
C GLN E 946 -7.61 -34.88 -11.62
N ASP E 947 -8.41 -34.43 -10.64
CA ASP E 947 -8.23 -33.08 -10.13
C ASP E 947 -7.03 -32.94 -9.20
N VAL E 948 -6.53 -34.05 -8.66
CA VAL E 948 -5.32 -33.99 -7.84
C VAL E 948 -4.13 -33.54 -8.67
N VAL E 949 -3.99 -34.10 -9.87
CA VAL E 949 -2.92 -33.66 -10.78
C VAL E 949 -3.32 -32.42 -11.56
N ASN E 950 -4.60 -32.05 -11.55
CA ASN E 950 -5.03 -30.85 -12.27
C ASN E 950 -4.85 -29.60 -11.41
N HIS E 951 -5.33 -29.64 -10.17
CA HIS E 951 -5.18 -28.48 -9.28
C HIS E 951 -3.72 -28.13 -9.07
N ASN E 952 -2.86 -29.15 -8.89
CA ASN E 952 -1.44 -28.90 -8.79
C ASN E 952 -0.89 -28.26 -10.06
N ALA E 953 -1.21 -28.85 -11.22
CA ALA E 953 -0.72 -28.31 -12.48
C ALA E 953 -1.37 -26.99 -12.86
N GLN E 954 -2.44 -26.59 -12.17
CA GLN E 954 -3.09 -25.31 -12.43
C GLN E 954 -2.60 -24.23 -11.48
N ALA E 955 -2.28 -24.60 -10.24
CA ALA E 955 -1.72 -23.63 -9.31
C ALA E 955 -0.36 -23.12 -9.78
N LEU E 956 0.46 -24.02 -10.35
CA LEU E 956 1.75 -23.60 -10.89
C LEU E 956 1.58 -22.59 -12.02
N ASN E 957 0.58 -22.80 -12.88
CA ASN E 957 0.35 -21.86 -13.98
C ASN E 957 0.03 -20.47 -13.45
N THR E 958 -0.79 -20.38 -12.40
CA THR E 958 -1.07 -19.08 -11.78
C THR E 958 0.20 -18.48 -11.21
N LEU E 959 1.02 -19.28 -10.55
CA LEU E 959 2.25 -18.77 -9.94
C LEU E 959 3.19 -18.23 -11.01
N VAL E 960 3.33 -18.96 -12.13
CA VAL E 960 4.13 -18.46 -13.24
C VAL E 960 3.49 -17.20 -13.82
N LYS E 961 2.17 -17.18 -13.97
CA LYS E 961 1.50 -16.01 -14.51
C LYS E 961 1.57 -14.83 -13.56
N GLN E 962 1.64 -15.08 -12.26
CA GLN E 962 1.56 -14.00 -11.28
C GLN E 962 2.82 -13.12 -11.25
N LEU E 963 3.92 -13.57 -11.86
CA LEU E 963 5.10 -12.72 -11.89
C LEU E 963 5.00 -11.67 -12.99
N SER E 964 4.04 -11.84 -13.90
CA SER E 964 3.81 -10.83 -14.93
C SER E 964 3.12 -9.59 -14.39
N SER E 965 2.51 -9.66 -13.22
CA SER E 965 1.83 -8.52 -12.64
C SER E 965 2.83 -7.43 -12.25
N LYS E 966 2.47 -6.19 -12.53
CA LYS E 966 3.30 -5.05 -12.17
C LYS E 966 3.26 -4.74 -10.68
N PHE E 967 2.20 -5.18 -9.98
CA PHE E 967 2.04 -4.97 -8.54
C PHE E 967 2.12 -3.51 -8.16
N GLY E 968 1.60 -2.63 -9.03
CA GLY E 968 1.60 -1.21 -8.76
C GLY E 968 2.90 -0.50 -9.08
N ALA E 969 3.92 -1.21 -9.55
CA ALA E 969 5.18 -0.60 -9.89
C ALA E 969 5.12 -0.01 -11.30
N ILE E 970 6.21 0.65 -11.71
CA ILE E 970 6.25 1.25 -13.04
C ILE E 970 6.28 0.17 -14.12
N SER E 971 7.00 -0.92 -13.87
CA SER E 971 7.10 -2.01 -14.83
C SER E 971 7.03 -3.33 -14.08
N SER E 972 7.30 -4.42 -14.80
CA SER E 972 7.21 -5.76 -14.24
C SER E 972 8.47 -6.59 -14.47
N VAL E 973 9.55 -5.98 -14.93
CA VAL E 973 10.83 -6.66 -15.14
C VAL E 973 11.90 -5.95 -14.32
N LEU E 974 12.74 -6.72 -13.64
CA LEU E 974 13.68 -6.13 -12.69
C LEU E 974 14.73 -5.29 -13.41
N ASN E 975 15.22 -5.76 -14.55
CA ASN E 975 16.35 -5.10 -15.21
C ASN E 975 16.00 -3.68 -15.64
N ASP E 976 14.78 -3.48 -16.16
CA ASP E 976 14.38 -2.15 -16.60
C ASP E 976 14.30 -1.17 -15.44
N ILE E 977 13.90 -1.67 -14.25
CA ILE E 977 13.81 -0.79 -13.09
C ILE E 977 15.19 -0.26 -12.72
N PHE E 978 16.20 -1.12 -12.72
CA PHE E 978 17.55 -0.68 -12.42
C PHE E 978 18.08 0.25 -13.50
N SER E 979 17.85 -0.09 -14.77
CA SER E 979 18.43 0.64 -15.88
C SER E 979 17.80 2.01 -16.11
N ARG E 980 16.64 2.30 -15.52
CA ARG E 980 15.93 3.53 -15.81
C ARG E 980 15.63 4.39 -14.59
N LEU E 981 15.97 3.94 -13.39
CA LEU E 981 15.61 4.66 -12.17
C LEU E 981 16.82 4.78 -11.26
N ASP E 982 16.91 5.91 -10.57
CA ASP E 982 17.99 6.14 -9.62
C ASP E 982 17.87 5.19 -8.44
N LYS E 983 19.02 4.69 -7.97
CA LYS E 983 19.03 3.69 -6.91
C LYS E 983 18.47 4.22 -5.59
N VAL E 984 18.43 5.55 -5.43
CA VAL E 984 17.85 6.11 -4.21
C VAL E 984 16.36 5.82 -4.14
N GLU E 985 15.68 5.81 -5.29
CA GLU E 985 14.25 5.56 -5.34
C GLU E 985 13.88 4.32 -6.14
N ALA E 986 14.83 3.67 -6.81
CA ALA E 986 14.54 2.39 -7.45
C ALA E 986 14.13 1.33 -6.46
N GLU E 987 14.62 1.41 -5.22
CA GLU E 987 14.22 0.45 -4.19
C GLU E 987 12.72 0.54 -3.91
N VAL E 988 12.17 1.76 -3.91
CA VAL E 988 10.74 1.94 -3.63
C VAL E 988 9.91 1.23 -4.68
N GLN E 989 10.25 1.39 -5.96
CA GLN E 989 9.57 0.65 -7.01
C GLN E 989 9.79 -0.85 -6.83
N ILE E 990 11.02 -1.25 -6.50
CA ILE E 990 11.33 -2.65 -6.25
C ILE E 990 10.61 -3.14 -5.00
N ASP E 991 10.46 -2.26 -4.00
CA ASP E 991 9.79 -2.64 -2.76
C ASP E 991 8.38 -3.15 -3.03
N ARG E 992 7.63 -2.44 -3.87
CA ARG E 992 6.30 -2.90 -4.23
C ARG E 992 6.33 -4.16 -5.08
N LEU E 993 7.50 -4.53 -5.61
CA LEU E 993 7.62 -5.71 -6.46
C LEU E 993 8.10 -6.92 -5.67
N ILE E 994 9.10 -6.74 -4.82
CA ILE E 994 9.57 -7.85 -3.98
C ILE E 994 8.47 -8.29 -3.02
N THR E 995 7.88 -7.33 -2.31
CA THR E 995 6.81 -7.66 -1.37
C THR E 995 5.60 -8.24 -2.11
N GLY E 996 5.32 -7.72 -3.30
CA GLY E 996 4.21 -8.26 -4.08
C GLY E 996 4.46 -9.68 -4.54
N ARG E 997 5.66 -9.96 -5.04
CA ARG E 997 5.96 -11.31 -5.53
C ARG E 997 6.14 -12.28 -4.38
N LEU E 998 6.82 -11.87 -3.31
CA LEU E 998 7.03 -12.76 -2.18
C LEU E 998 5.71 -13.14 -1.53
N GLN E 999 4.81 -12.17 -1.36
CA GLN E 999 3.49 -12.47 -0.82
C GLN E 999 2.71 -13.40 -1.74
N SER E 1000 2.80 -13.18 -3.05
CA SER E 1000 2.13 -14.05 -3.99
C SER E 1000 2.70 -15.47 -3.94
N LEU E 1001 4.01 -15.59 -3.69
CA LEU E 1001 4.59 -16.92 -3.50
C LEU E 1001 4.11 -17.55 -2.19
N GLN E 1002 3.89 -16.73 -1.17
CA GLN E 1002 3.43 -17.26 0.11
C GLN E 1002 2.05 -17.88 0.01
N THR E 1003 1.13 -17.24 -0.71
CA THR E 1003 -0.21 -17.77 -0.84
C THR E 1003 -0.25 -19.07 -1.62
N TYR E 1004 0.77 -19.34 -2.44
CA TYR E 1004 0.83 -20.63 -3.12
C TYR E 1004 1.24 -21.74 -2.16
N VAL E 1005 2.19 -21.46 -1.27
CA VAL E 1005 2.60 -22.45 -0.29
C VAL E 1005 1.45 -22.79 0.65
N THR E 1006 0.75 -21.77 1.13
CA THR E 1006 -0.40 -22.02 2.01
C THR E 1006 -1.48 -22.80 1.27
N GLN E 1007 -1.66 -22.54 -0.02
CA GLN E 1007 -2.59 -23.33 -0.80
C GLN E 1007 -2.13 -24.77 -0.97
N GLN E 1008 -0.86 -25.06 -0.63
CA GLN E 1008 -0.37 -26.43 -0.71
C GLN E 1008 -0.55 -27.16 0.62
N LEU E 1009 -0.32 -26.46 1.74
CA LEU E 1009 -0.54 -27.08 3.04
C LEU E 1009 -1.98 -27.52 3.22
N ILE E 1010 -2.94 -26.77 2.65
CA ILE E 1010 -4.34 -27.19 2.72
C ILE E 1010 -4.52 -28.52 2.01
N ARG E 1011 -3.94 -28.65 0.82
CA ARG E 1011 -4.06 -29.90 0.07
C ARG E 1011 -3.29 -31.03 0.76
N ALA E 1012 -2.12 -30.71 1.33
CA ALA E 1012 -1.37 -31.73 2.05
C ALA E 1012 -2.14 -32.25 3.25
N ALA E 1013 -2.96 -31.40 3.88
CA ALA E 1013 -3.80 -31.83 4.98
C ALA E 1013 -5.07 -32.54 4.51
N GLU E 1014 -5.38 -32.49 3.22
CA GLU E 1014 -6.52 -33.18 2.67
C GLU E 1014 -6.15 -34.56 2.15
N ILE E 1015 -5.05 -34.64 1.37
CA ILE E 1015 -4.56 -35.94 0.92
C ILE E 1015 -4.19 -36.81 2.11
N ARG E 1016 -3.57 -36.22 3.14
CA ARG E 1016 -3.26 -36.97 4.35
C ARG E 1016 -4.52 -37.55 4.97
N ALA E 1017 -5.64 -36.84 4.88
CA ALA E 1017 -6.92 -37.37 5.32
C ALA E 1017 -7.49 -38.39 4.35
N SER E 1018 -6.94 -38.49 3.14
CA SER E 1018 -7.34 -39.50 2.18
C SER E 1018 -6.39 -40.69 2.16
N ALA E 1019 -5.10 -40.46 2.35
CA ALA E 1019 -4.14 -41.56 2.44
C ALA E 1019 -4.45 -42.43 3.65
N ASN E 1020 -4.73 -41.80 4.80
CA ASN E 1020 -5.08 -42.56 5.99
C ASN E 1020 -6.36 -43.37 5.78
N LEU E 1021 -7.36 -42.78 5.15
CA LEU E 1021 -8.55 -43.55 4.80
C LEU E 1021 -8.20 -44.67 3.83
N ALA E 1022 -7.36 -44.38 2.84
CA ALA E 1022 -6.90 -45.43 1.94
C ALA E 1022 -6.09 -46.49 2.69
N ALA E 1023 -5.25 -46.06 3.63
CA ALA E 1023 -4.51 -47.01 4.44
C ALA E 1023 -5.42 -47.87 5.28
N THR E 1024 -6.53 -47.33 5.78
CA THR E 1024 -7.50 -48.12 6.50
C THR E 1024 -8.21 -49.11 5.59
N LYS E 1025 -8.53 -48.70 4.36
CA LYS E 1025 -9.10 -49.62 3.39
C LYS E 1025 -8.17 -50.79 3.12
N MET E 1026 -6.89 -50.50 2.91
CA MET E 1026 -5.92 -51.56 2.65
C MET E 1026 -5.77 -52.48 3.86
N SER E 1027 -5.80 -51.91 5.06
CA SER E 1027 -5.63 -52.71 6.27
C SER E 1027 -6.83 -53.61 6.51
N GLU E 1028 -8.04 -53.09 6.31
CA GLU E 1028 -9.26 -53.82 6.65
C GLU E 1028 -9.90 -54.55 5.48
N CYS E 1029 -10.20 -53.83 4.40
CA CYS E 1029 -10.92 -54.44 3.28
C CYS E 1029 -10.04 -55.47 2.56
N VAL E 1030 -8.74 -55.22 2.46
CA VAL E 1030 -7.85 -56.09 1.69
C VAL E 1030 -7.25 -57.17 2.56
N LEU E 1031 -6.51 -56.77 3.59
CA LEU E 1031 -5.78 -57.72 4.43
C LEU E 1031 -6.71 -58.63 5.24
N GLY E 1032 -7.98 -58.28 5.36
CA GLY E 1032 -8.92 -59.11 6.07
C GLY E 1032 -10.34 -58.93 5.58
N GLN E 1033 -11.32 -59.22 6.44
CA GLN E 1033 -12.72 -58.98 6.14
C GLN E 1033 -13.31 -58.08 7.22
N SER E 1034 -14.12 -57.12 6.80
CA SER E 1034 -14.71 -56.15 7.70
C SER E 1034 -16.22 -56.25 7.67
N LYS E 1035 -16.84 -56.37 8.84
CA LYS E 1035 -18.29 -56.43 8.95
C LYS E 1035 -18.95 -55.06 8.97
N ARG E 1036 -18.16 -53.99 8.91
CA ARG E 1036 -18.73 -52.65 8.90
C ARG E 1036 -19.51 -52.41 7.62
N VAL E 1037 -20.76 -52.01 7.75
CA VAL E 1037 -21.65 -51.84 6.60
C VAL E 1037 -21.23 -50.61 5.82
N ASP E 1038 -21.24 -50.74 4.48
CA ASP E 1038 -20.94 -49.63 3.57
C ASP E 1038 -19.56 -49.02 3.86
N PHE E 1039 -18.55 -49.89 3.96
CA PHE E 1039 -17.18 -49.45 4.10
C PHE E 1039 -16.25 -50.07 3.07
N CYS E 1040 -16.55 -51.28 2.60
CA CYS E 1040 -15.75 -51.93 1.57
C CYS E 1040 -16.66 -52.40 0.45
N GLY E 1041 -17.56 -51.54 0.00
CA GLY E 1041 -18.48 -51.85 -1.08
C GLY E 1041 -19.92 -51.59 -0.66
N LYS E 1042 -20.80 -51.65 -1.67
CA LYS E 1042 -22.22 -51.42 -1.48
C LYS E 1042 -22.87 -52.78 -1.19
N GLY E 1043 -22.96 -53.10 0.11
CA GLY E 1043 -23.55 -54.36 0.52
C GLY E 1043 -22.63 -55.17 1.41
N TYR E 1044 -22.93 -56.45 1.55
CA TYR E 1044 -22.05 -57.34 2.32
C TYR E 1044 -20.70 -57.45 1.63
N HIS E 1045 -19.64 -57.44 2.43
CA HIS E 1045 -18.28 -57.42 1.90
C HIS E 1045 -17.66 -58.81 2.00
N LEU E 1046 -17.01 -59.23 0.91
CA LEU E 1046 -16.38 -60.54 0.85
C LEU E 1046 -14.86 -60.45 0.83
N MET E 1047 -14.29 -59.64 -0.07
CA MET E 1047 -12.84 -59.49 -0.18
C MET E 1047 -12.55 -58.24 -0.99
N SER E 1048 -11.28 -58.04 -1.32
CA SER E 1048 -10.89 -56.88 -2.10
C SER E 1048 -9.55 -57.18 -2.79
N PHE E 1049 -9.29 -56.42 -3.84
CA PHE E 1049 -8.02 -56.52 -4.55
C PHE E 1049 -7.53 -55.12 -4.91
N PRO E 1050 -6.45 -54.65 -4.29
CA PRO E 1050 -5.93 -53.32 -4.64
C PRO E 1050 -5.35 -53.31 -6.03
N GLN E 1051 -5.40 -52.13 -6.66
CA GLN E 1051 -4.81 -51.93 -7.98
C GLN E 1051 -4.07 -50.59 -7.98
N SER E 1052 -2.87 -50.59 -8.57
CA SER E 1052 -2.06 -49.39 -8.59
C SER E 1052 -2.62 -48.37 -9.56
N ALA E 1053 -2.49 -47.10 -9.22
CA ALA E 1053 -3.00 -46.00 -10.00
C ALA E 1053 -1.99 -44.86 -9.95
N PRO E 1054 -1.98 -43.99 -10.97
CA PRO E 1054 -1.08 -42.83 -10.93
C PRO E 1054 -1.53 -41.85 -9.85
N HIS E 1055 -0.64 -41.59 -8.89
CA HIS E 1055 -0.91 -40.69 -7.78
C HIS E 1055 -2.16 -41.10 -7.00
N GLY E 1056 -2.32 -42.41 -6.80
CA GLY E 1056 -3.45 -42.90 -6.05
C GLY E 1056 -3.55 -44.41 -6.11
N VAL E 1057 -4.60 -44.92 -5.49
CA VAL E 1057 -4.88 -46.35 -5.46
C VAL E 1057 -6.33 -46.56 -5.83
N VAL E 1058 -6.61 -47.73 -6.41
CA VAL E 1058 -7.96 -48.11 -6.82
C VAL E 1058 -8.24 -49.50 -6.28
N PHE E 1059 -9.38 -49.65 -5.63
CA PHE E 1059 -9.77 -50.92 -5.02
C PHE E 1059 -10.80 -51.62 -5.89
N LEU E 1060 -10.89 -52.94 -5.72
CA LEU E 1060 -11.88 -53.78 -6.39
C LEU E 1060 -12.62 -54.57 -5.32
N HIS E 1061 -13.65 -53.96 -4.74
CA HIS E 1061 -14.44 -54.63 -3.73
C HIS E 1061 -15.30 -55.72 -4.37
N VAL E 1062 -15.34 -56.88 -3.71
CA VAL E 1062 -16.19 -57.99 -4.13
C VAL E 1062 -17.27 -58.13 -3.10
N THR E 1063 -18.53 -57.98 -3.51
CA THR E 1063 -19.64 -57.85 -2.59
C THR E 1063 -20.64 -58.99 -2.77
N TYR E 1064 -21.28 -59.37 -1.67
CA TYR E 1064 -22.37 -60.33 -1.67
C TYR E 1064 -23.67 -59.56 -1.59
N VAL E 1065 -24.53 -59.70 -2.59
CA VAL E 1065 -25.77 -58.95 -2.71
C VAL E 1065 -26.92 -59.94 -2.81
N PRO E 1066 -27.89 -59.90 -1.91
CA PRO E 1066 -29.03 -60.80 -2.01
C PRO E 1066 -29.83 -60.54 -3.28
N ALA E 1067 -30.21 -61.62 -3.95
CA ALA E 1067 -30.93 -61.55 -5.21
C ALA E 1067 -32.43 -61.56 -4.92
N GLN E 1068 -33.25 -61.79 -5.96
CA GLN E 1068 -34.70 -61.83 -5.82
C GLN E 1068 -35.12 -62.69 -4.63
N GLU E 1069 -36.17 -62.26 -3.95
CA GLU E 1069 -36.57 -62.84 -2.68
C GLU E 1069 -38.03 -63.25 -2.71
N LYS E 1070 -38.37 -64.18 -1.84
CA LYS E 1070 -39.75 -64.60 -1.62
C LYS E 1070 -40.12 -64.32 -0.17
N ASN E 1071 -41.27 -63.72 0.04
CA ASN E 1071 -41.75 -63.41 1.38
C ASN E 1071 -42.48 -64.61 1.97
N PHE E 1072 -42.42 -64.72 3.30
CA PHE E 1072 -43.00 -65.85 4.01
C PHE E 1072 -43.72 -65.37 5.25
N THR E 1073 -44.49 -66.26 5.86
CA THR E 1073 -45.15 -66.00 7.12
C THR E 1073 -44.28 -66.51 8.26
N THR E 1074 -44.01 -65.65 9.23
CA THR E 1074 -43.08 -65.96 10.31
C THR E 1074 -43.81 -66.01 11.65
N ALA E 1075 -43.04 -66.34 12.69
CA ALA E 1075 -43.52 -66.39 14.04
C ALA E 1075 -42.29 -66.29 14.94
N PRO E 1076 -42.27 -65.35 15.90
CA PRO E 1076 -41.07 -65.19 16.72
C PRO E 1076 -40.68 -66.43 17.51
N ALA E 1077 -41.64 -67.22 17.97
CA ALA E 1077 -41.34 -68.39 18.79
C ALA E 1077 -42.23 -69.54 18.34
N ILE E 1078 -42.21 -70.63 19.11
CA ILE E 1078 -42.98 -71.82 18.80
C ILE E 1078 -43.10 -72.64 20.07
N CYS E 1079 -44.28 -73.21 20.29
CA CYS E 1079 -44.58 -73.98 21.50
C CYS E 1079 -44.99 -75.38 21.10
N HIS E 1080 -44.29 -76.39 21.63
CA HIS E 1080 -44.58 -77.78 21.30
C HIS E 1080 -45.08 -78.57 22.51
N ASP E 1081 -44.28 -78.68 23.57
CA ASP E 1081 -44.70 -79.37 24.80
C ASP E 1081 -45.15 -78.39 25.86
N GLY E 1082 -46.06 -77.47 25.53
CA GLY E 1082 -46.42 -76.43 26.48
C GLY E 1082 -45.25 -75.58 26.93
N LYS E 1083 -44.18 -75.53 26.13
CA LYS E 1083 -42.92 -74.92 26.52
C LYS E 1083 -42.31 -74.21 25.32
N ALA E 1084 -41.86 -72.98 25.53
CA ALA E 1084 -41.41 -72.15 24.43
C ALA E 1084 -40.17 -72.73 23.75
N HIS E 1085 -40.10 -72.54 22.44
CA HIS E 1085 -38.97 -73.01 21.63
C HIS E 1085 -38.50 -71.88 20.74
N PHE E 1086 -37.19 -71.77 20.56
CA PHE E 1086 -36.58 -70.65 19.87
C PHE E 1086 -35.60 -71.15 18.82
N PRO E 1087 -35.31 -70.34 17.80
CA PRO E 1087 -34.25 -70.71 16.86
C PRO E 1087 -32.88 -70.47 17.48
N ARG E 1088 -32.03 -71.50 17.47
CA ARG E 1088 -30.70 -71.36 18.03
C ARG E 1088 -29.90 -70.32 17.26
N GLU E 1089 -29.94 -70.39 15.93
CA GLU E 1089 -29.50 -69.29 15.07
C GLU E 1089 -30.28 -69.42 13.76
N GLY E 1090 -31.06 -68.40 13.44
CA GLY E 1090 -31.91 -68.44 12.28
C GLY E 1090 -33.28 -67.87 12.60
N VAL E 1091 -34.21 -68.08 11.66
CA VAL E 1091 -35.55 -67.54 11.76
C VAL E 1091 -36.55 -68.64 11.43
N PHE E 1092 -37.76 -68.50 11.94
CA PHE E 1092 -38.83 -69.46 11.68
C PHE E 1092 -39.68 -68.98 10.52
N VAL E 1093 -39.88 -69.84 9.52
CA VAL E 1093 -40.69 -69.53 8.35
C VAL E 1093 -41.57 -70.71 8.01
N SER E 1094 -42.64 -70.43 7.28
CA SER E 1094 -43.54 -71.46 6.80
C SER E 1094 -44.07 -71.05 5.43
N ASN E 1095 -44.19 -72.04 4.54
CA ASN E 1095 -44.73 -71.81 3.21
C ASN E 1095 -46.25 -71.89 3.17
N GLY E 1096 -46.89 -72.15 4.31
CA GLY E 1096 -48.33 -72.21 4.37
C GLY E 1096 -48.86 -73.43 5.10
N THR E 1097 -48.16 -74.55 4.99
CA THR E 1097 -48.60 -75.79 5.61
C THR E 1097 -47.98 -76.00 6.99
N HIS E 1098 -46.65 -76.05 7.05
CA HIS E 1098 -45.96 -76.26 8.31
C HIS E 1098 -44.61 -75.57 8.27
N TRP E 1099 -44.06 -75.34 9.46
CA TRP E 1099 -43.01 -74.35 9.65
C TRP E 1099 -41.64 -74.93 9.34
N PHE E 1100 -40.67 -74.03 9.14
CA PHE E 1100 -39.29 -74.40 8.84
C PHE E 1100 -38.36 -73.35 9.43
N VAL E 1101 -37.12 -73.77 9.70
CA VAL E 1101 -36.06 -72.90 10.17
C VAL E 1101 -35.05 -72.74 9.04
N THR E 1102 -34.54 -71.51 8.88
CA THR E 1102 -33.63 -71.21 7.78
C THR E 1102 -32.65 -70.12 8.21
N GLN E 1103 -31.58 -70.00 7.43
CA GLN E 1103 -30.61 -68.94 7.67
C GLN E 1103 -31.20 -67.57 7.30
N ARG E 1104 -30.52 -66.52 7.73
CA ARG E 1104 -31.06 -65.18 7.56
C ARG E 1104 -30.92 -64.67 6.13
N ASN E 1105 -29.94 -65.16 5.38
CA ASN E 1105 -29.61 -64.58 4.08
C ASN E 1105 -29.73 -65.58 2.93
N PHE E 1106 -30.31 -66.76 3.17
CA PHE E 1106 -30.49 -67.74 2.11
C PHE E 1106 -31.56 -68.72 2.55
N TYR E 1107 -32.63 -68.82 1.77
CA TYR E 1107 -33.77 -69.67 2.14
C TYR E 1107 -33.36 -71.13 1.99
N GLU E 1108 -33.00 -71.75 3.10
CA GLU E 1108 -32.61 -73.16 3.15
C GLU E 1108 -33.39 -73.82 4.27
N PRO E 1109 -34.67 -74.14 4.03
CA PRO E 1109 -35.52 -74.65 5.11
C PRO E 1109 -35.04 -75.99 5.65
N GLN E 1110 -35.24 -76.18 6.95
CA GLN E 1110 -34.91 -77.42 7.63
C GLN E 1110 -36.06 -77.81 8.54
N ILE E 1111 -36.17 -79.11 8.83
CA ILE E 1111 -37.18 -79.59 9.75
C ILE E 1111 -36.84 -79.10 11.15
N ILE E 1112 -37.85 -78.62 11.88
CA ILE E 1112 -37.62 -78.13 13.24
C ILE E 1112 -37.13 -79.29 14.11
N THR E 1113 -35.98 -79.09 14.74
CA THR E 1113 -35.33 -80.14 15.49
C THR E 1113 -34.77 -79.57 16.78
N THR E 1114 -34.67 -80.42 17.80
CA THR E 1114 -34.18 -79.98 19.10
C THR E 1114 -32.76 -79.45 19.04
N ASP E 1115 -31.95 -79.90 18.06
CA ASP E 1115 -30.59 -79.40 17.94
C ASP E 1115 -30.56 -77.92 17.58
N ASN E 1116 -31.46 -77.47 16.70
CA ASN E 1116 -31.53 -76.07 16.31
C ASN E 1116 -32.40 -75.24 17.25
N THR E 1117 -32.72 -75.74 18.44
CA THR E 1117 -33.72 -75.09 19.28
C THR E 1117 -33.36 -75.25 20.75
N PHE E 1118 -33.49 -74.17 21.51
CA PHE E 1118 -33.29 -74.20 22.96
C PHE E 1118 -34.55 -73.67 23.65
N VAL E 1119 -34.93 -74.33 24.73
CA VAL E 1119 -36.14 -73.98 25.46
C VAL E 1119 -35.86 -72.83 26.42
N SER E 1120 -36.87 -71.97 26.61
CA SER E 1120 -36.78 -70.88 27.58
C SER E 1120 -38.18 -70.62 28.14
N GLY E 1121 -38.50 -71.26 29.26
CA GLY E 1121 -39.76 -71.01 29.94
C GLY E 1121 -40.95 -71.59 29.19
N ASN E 1122 -42.13 -71.35 29.77
CA ASN E 1122 -43.38 -71.78 29.17
C ASN E 1122 -43.81 -70.80 28.08
N CYS E 1123 -44.75 -71.23 27.25
CA CYS E 1123 -45.18 -70.48 26.07
C CYS E 1123 -46.45 -69.67 26.32
N ASP E 1124 -46.64 -69.18 27.55
CA ASP E 1124 -47.80 -68.37 27.88
C ASP E 1124 -47.45 -66.90 28.10
N VAL E 1125 -46.24 -66.48 27.73
CA VAL E 1125 -45.81 -65.11 27.96
C VAL E 1125 -45.32 -64.49 26.65
N VAL E 1126 -44.95 -65.33 25.69
CA VAL E 1126 -44.40 -64.82 24.44
C VAL E 1126 -45.53 -64.30 23.54
N ILE E 1127 -45.28 -63.14 22.92
CA ILE E 1127 -46.25 -62.48 22.06
C ILE E 1127 -46.15 -63.09 20.66
N GLY E 1128 -47.29 -63.49 20.11
CA GLY E 1128 -47.33 -63.97 18.74
C GLY E 1128 -46.79 -65.35 18.51
N ILE E 1129 -46.75 -66.19 19.54
CA ILE E 1129 -46.26 -67.56 19.37
C ILE E 1129 -47.28 -68.40 18.63
N VAL E 1130 -46.80 -69.46 17.97
CA VAL E 1130 -47.64 -70.32 17.15
C VAL E 1130 -47.41 -71.76 17.59
N ASN E 1131 -48.41 -72.61 17.32
CA ASN E 1131 -48.33 -74.02 17.69
C ASN E 1131 -47.80 -74.85 16.53
N ASN E 1132 -46.92 -75.78 16.84
CA ASN E 1132 -46.38 -76.73 15.88
C ASN E 1132 -45.68 -77.83 16.67
N THR E 1133 -44.97 -78.71 15.96
CA THR E 1133 -44.25 -79.82 16.57
C THR E 1133 -42.76 -79.67 16.32
N VAL E 1134 -41.97 -80.16 17.28
CA VAL E 1134 -40.52 -80.14 17.19
C VAL E 1134 -40.03 -81.57 17.25
N TYR E 1135 -39.29 -82.00 16.22
CA TYR E 1135 -38.80 -83.37 16.15
C TYR E 1135 -37.54 -83.51 16.98
N ASP E 1136 -37.54 -84.48 17.89
CA ASP E 1136 -36.35 -84.79 18.65
C ASP E 1136 -35.41 -85.64 17.81
N PRO E 1137 -34.13 -85.24 17.67
CA PRO E 1137 -33.20 -86.09 16.91
C PRO E 1137 -32.96 -87.43 17.55
N LEU E 1138 -33.23 -87.57 18.85
CA LEU E 1138 -33.12 -88.84 19.54
C LEU E 1138 -34.35 -89.73 19.32
N GLN E 1139 -35.45 -89.14 18.85
CA GLN E 1139 -36.65 -89.93 18.54
C GLN E 1139 -36.43 -90.98 17.46
N PRO E 1140 -35.81 -90.70 16.32
CA PRO E 1140 -35.67 -91.74 15.29
C PRO E 1140 -34.85 -92.95 15.71
N GLU E 1141 -34.01 -92.83 16.74
CA GLU E 1141 -33.23 -93.95 17.22
C GLU E 1141 -33.83 -94.60 18.47
N LEU E 1142 -35.06 -94.23 18.83
CA LEU E 1142 -35.79 -94.98 19.85
C LEU E 1142 -37.01 -95.67 19.30
N ASP E 1143 -37.78 -95.02 18.42
CA ASP E 1143 -38.94 -95.68 17.82
C ASP E 1143 -38.52 -96.89 17.00
N SER E 1144 -37.32 -96.85 16.43
CA SER E 1144 -36.74 -98.01 15.74
C SER E 1144 -35.95 -98.89 16.69
N PHE E 1145 -35.87 -98.54 17.97
CA PHE E 1145 -35.19 -99.37 18.97
C PHE E 1145 -36.09 -99.76 20.13
N LYS E 1146 -36.93 -98.85 20.63
CA LYS E 1146 -37.90 -99.25 21.64
C LYS E 1146 -38.87 -100.27 21.08
N GLU E 1147 -39.37 -100.05 19.87
CA GLU E 1147 -40.17 -101.07 19.19
C GLU E 1147 -39.33 -102.29 18.84
N GLU E 1148 -38.08 -102.08 18.45
CA GLU E 1148 -37.16 -103.19 18.24
C GLU E 1148 -36.96 -103.97 19.54
N LEU E 1149 -36.81 -103.26 20.65
CA LEU E 1149 -36.83 -103.92 21.95
C LEU E 1149 -38.19 -104.59 22.18
N ASP E 1150 -39.28 -103.88 21.88
CA ASP E 1150 -40.61 -104.47 22.00
C ASP E 1150 -40.75 -105.69 21.10
N LYS E 1151 -40.18 -105.62 19.90
CA LYS E 1151 -40.16 -106.80 19.02
C LYS E 1151 -39.41 -107.95 19.67
N TYR E 1152 -38.30 -107.64 20.35
CA TYR E 1152 -37.56 -108.69 21.07
C TYR E 1152 -38.42 -109.30 22.18
N PHE E 1153 -39.14 -108.47 22.94
CA PHE E 1153 -40.10 -109.00 23.89
C PHE E 1153 -41.21 -109.77 23.18
N LYS E 1154 -41.75 -109.21 22.09
CA LYS E 1154 -42.76 -109.91 21.33
C LYS E 1154 -42.22 -111.22 20.76
N ASN E 1155 -40.92 -111.28 20.49
CA ASN E 1155 -40.31 -112.53 20.04
C ASN E 1155 -40.23 -113.57 21.14
N HIS E 1156 -40.32 -113.17 22.42
CA HIS E 1156 -40.21 -114.11 23.52
C HIS E 1156 -41.43 -114.15 24.42
N THR E 1157 -42.37 -113.20 24.31
CA THR E 1157 -43.60 -113.31 25.07
C THR E 1157 -44.50 -114.40 24.52
N SER E 1158 -44.65 -114.47 23.19
CA SER E 1158 -45.52 -115.49 22.59
C SER E 1158 -45.04 -116.91 22.85
N PRO E 1159 -43.74 -117.26 22.72
CA PRO E 1159 -43.41 -118.65 23.06
C PRO E 1159 -43.32 -118.88 24.56
N VAL F 1 59.51 41.12 0.67
CA VAL F 1 59.45 41.03 -0.82
C VAL F 1 60.64 41.78 -1.41
N GLN F 2 61.75 41.08 -1.66
CA GLN F 2 62.96 41.71 -2.24
C GLN F 2 62.63 42.24 -3.64
N LEU F 3 61.83 41.48 -4.42
CA LEU F 3 61.41 41.90 -5.79
C LEU F 3 62.63 41.98 -6.72
N VAL F 4 63.00 40.86 -7.36
CA VAL F 4 64.14 40.88 -8.31
C VAL F 4 63.60 41.14 -9.73
N GLN F 5 64.24 42.03 -10.50
CA GLN F 5 63.82 42.30 -11.90
C GLN F 5 65.06 42.32 -12.78
N SER F 6 64.90 42.11 -14.09
CA SER F 6 66.05 42.12 -15.03
C SER F 6 66.58 43.55 -15.21
N GLY F 7 67.65 43.71 -15.98
CA GLY F 7 68.23 45.02 -16.19
C GLY F 7 67.58 45.78 -17.35
N ALA F 8 68.02 47.03 -17.52
CA ALA F 8 67.52 47.86 -18.60
C ALA F 8 68.00 47.33 -19.94
N GLU F 9 67.12 47.38 -20.96
CA GLU F 9 67.49 46.80 -22.28
C GLU F 9 67.07 47.75 -23.41
N VAL F 10 67.95 47.90 -24.42
CA VAL F 10 67.64 48.77 -25.60
C VAL F 10 68.07 47.98 -26.84
N LYS F 11 67.17 47.12 -27.35
CA LYS F 11 67.54 46.25 -28.50
C LYS F 11 67.17 46.91 -29.83
N LYS F 12 66.51 48.09 -29.79
CA LYS F 12 66.10 48.85 -31.01
C LYS F 12 64.74 48.36 -31.51
N PRO F 13 63.99 49.14 -32.34
CA PRO F 13 62.71 48.67 -32.90
C PRO F 13 62.83 47.47 -33.84
N GLY F 14 61.84 46.58 -33.82
CA GLY F 14 61.85 45.39 -34.70
C GLY F 14 62.70 44.26 -34.14
N SER F 15 63.17 44.41 -32.89
CA SER F 15 64.02 43.36 -32.26
C SER F 15 63.19 42.52 -31.29
N SER F 16 63.57 42.47 -30.02
CA SER F 16 62.86 41.59 -29.04
C SER F 16 62.75 42.25 -27.66
N VAL F 17 61.92 41.70 -26.76
CA VAL F 17 61.76 42.24 -25.39
C VAL F 17 62.03 41.12 -24.37
N LYS F 18 62.85 41.39 -23.34
CA LYS F 18 63.13 40.38 -22.29
C LYS F 18 62.88 41.01 -20.91
N VAL F 19 61.90 40.50 -20.17
CA VAL F 19 61.60 41.04 -18.80
C VAL F 19 61.34 39.89 -17.83
N SER F 20 62.37 39.44 -17.11
CA SER F 20 62.18 38.42 -16.09
C SER F 20 62.01 39.08 -14.73
N CYS F 21 60.99 38.66 -14.00
CA CYS F 21 60.68 39.20 -12.67
C CYS F 21 60.75 38.06 -11.67
N LYS F 22 61.78 38.07 -10.82
CA LYS F 22 62.05 36.97 -9.92
C LYS F 22 61.46 37.25 -8.54
N ALA F 23 60.70 36.28 -8.04
CA ALA F 23 60.18 36.33 -6.67
C ALA F 23 61.26 35.91 -5.69
N SER F 24 61.26 36.55 -4.51
CA SER F 24 62.31 36.25 -3.50
C SER F 24 61.78 36.56 -2.09
N GLY F 25 61.99 35.64 -1.14
CA GLY F 25 61.53 35.83 0.21
C GLY F 25 60.05 35.58 0.43
N ASP F 26 59.46 34.82 -0.49
CA ASP F 26 58.00 34.59 -0.42
C ASP F 26 57.64 33.34 -1.21
N THR F 27 56.36 32.99 -1.24
CA THR F 27 55.88 31.84 -1.99
C THR F 27 55.38 32.29 -3.35
N PHE F 28 56.05 31.83 -4.41
CA PHE F 28 55.69 32.26 -5.76
C PHE F 28 54.42 31.57 -6.25
N SER F 29 54.15 30.35 -5.77
CA SER F 29 52.98 29.62 -6.24
C SER F 29 51.68 30.35 -5.91
N SER F 30 51.70 31.22 -4.90
CA SER F 30 50.55 32.03 -4.53
C SER F 30 50.74 33.50 -4.81
N TYR F 31 51.92 33.93 -5.26
CA TYR F 31 52.21 35.33 -5.53
C TYR F 31 52.56 35.48 -7.01
N THR F 32 51.79 36.31 -7.71
CA THR F 32 52.05 36.59 -9.12
C THR F 32 52.71 37.96 -9.26
N PHE F 33 53.05 38.32 -10.51
CA PHE F 33 53.66 39.64 -10.78
C PHE F 33 53.06 40.23 -12.06
N SER F 34 51.96 40.99 -11.92
CA SER F 34 51.29 41.61 -13.09
C SER F 34 52.18 42.72 -13.67
N TRP F 35 52.05 43.02 -14.96
CA TRP F 35 53.00 43.99 -15.60
C TRP F 35 52.36 45.35 -15.89
N VAL F 36 53.02 46.44 -15.50
CA VAL F 36 52.55 47.82 -15.82
C VAL F 36 53.73 48.59 -16.43
N ARG F 37 53.48 49.36 -17.49
CA ARG F 37 54.56 50.19 -18.11
C ARG F 37 54.22 51.66 -17.89
N GLN F 38 55.23 52.54 -17.83
CA GLN F 38 54.90 53.98 -17.71
C GLN F 38 55.29 54.70 -19.01
N ALA F 39 54.31 55.28 -19.71
CA ALA F 39 54.63 56.09 -20.90
C ALA F 39 55.10 57.46 -20.40
N PRO F 40 56.16 58.13 -20.95
CA PRO F 40 56.62 59.37 -20.34
C PRO F 40 55.51 60.43 -20.38
N GLY F 41 55.15 60.98 -19.22
CA GLY F 41 54.12 62.04 -19.15
C GLY F 41 52.71 61.49 -19.23
N GLN F 42 52.55 60.17 -19.38
CA GLN F 42 51.20 59.56 -19.54
C GLN F 42 50.85 58.71 -18.32
N GLY F 43 51.72 58.69 -17.31
CA GLY F 43 51.43 57.94 -16.06
C GLY F 43 51.52 56.44 -16.23
N LEU F 44 50.89 55.68 -15.32
CA LEU F 44 50.95 54.23 -15.38
C LEU F 44 50.08 53.71 -16.52
N GLU F 45 50.49 52.60 -17.15
CA GLU F 45 49.71 51.99 -18.26
C GLU F 45 49.65 50.47 -18.08
N TRP F 46 48.45 49.90 -17.88
CA TRP F 46 48.32 48.43 -17.62
C TRP F 46 48.62 47.61 -18.87
N MET F 47 49.37 46.51 -18.73
CA MET F 47 49.62 45.62 -19.90
C MET F 47 49.10 44.20 -19.64
N GLY F 48 49.03 43.74 -18.39
CA GLY F 48 48.61 42.34 -18.20
C GLY F 48 48.84 41.76 -16.83
N ARG F 49 48.28 40.58 -16.56
CA ARG F 49 48.40 39.88 -15.29
C ARG F 49 48.59 38.38 -15.56
N SER F 50 49.25 37.70 -14.62
CA SER F 50 49.59 36.30 -14.77
C SER F 50 49.10 35.50 -13.59
N ILE F 51 48.92 34.20 -13.81
CA ILE F 51 48.57 33.26 -12.76
C ILE F 51 49.60 32.13 -12.77
N PRO F 52 50.48 32.05 -11.75
CA PRO F 52 51.51 30.99 -11.76
C PRO F 52 50.94 29.59 -11.81
N ILE F 53 49.81 29.35 -11.13
CA ILE F 53 49.18 28.04 -11.19
C ILE F 53 48.32 27.94 -12.44
N VAL F 54 48.18 26.72 -12.96
CA VAL F 54 47.43 26.42 -14.18
C VAL F 54 48.08 27.05 -15.40
N GLY F 55 48.44 28.33 -15.30
CA GLY F 55 49.06 29.03 -16.40
C GLY F 55 48.21 30.06 -17.09
N LYS F 56 47.03 30.37 -16.55
CA LYS F 56 46.16 31.36 -17.17
C LYS F 56 46.76 32.75 -17.06
N ALA F 57 46.43 33.62 -18.02
CA ALA F 57 46.93 34.98 -18.03
C ALA F 57 45.91 35.88 -18.72
N ILE F 58 45.99 37.18 -18.44
CA ILE F 58 45.10 38.18 -19.02
C ILE F 58 45.96 39.30 -19.60
N TYR F 59 45.66 39.70 -20.83
CA TYR F 59 46.46 40.77 -21.49
C TYR F 59 45.60 42.04 -21.63
N ALA F 60 46.25 43.18 -21.87
CA ALA F 60 45.51 44.46 -22.02
C ALA F 60 44.63 44.40 -23.27
N GLN F 61 43.45 45.01 -23.22
CA GLN F 61 42.53 45.04 -24.40
C GLN F 61 43.22 45.78 -25.55
N GLU F 62 43.95 46.86 -25.24
CA GLU F 62 44.67 47.63 -26.28
C GLU F 62 45.75 46.73 -26.89
N PHE F 63 46.49 46.00 -26.04
CA PHE F 63 47.57 45.09 -26.51
C PHE F 63 46.96 43.88 -27.24
N GLN F 64 47.66 43.37 -28.25
CA GLN F 64 47.20 42.17 -28.99
C GLN F 64 47.72 40.90 -28.30
N GLY F 65 47.60 39.75 -28.96
CA GLY F 65 48.10 38.47 -28.41
C GLY F 65 49.62 38.43 -28.42
N ARG F 66 50.26 39.41 -29.06
CA ARG F 66 51.74 39.44 -29.19
C ARG F 66 52.41 39.47 -27.81
N VAL F 67 51.85 40.23 -26.86
CA VAL F 67 52.43 40.21 -25.48
C VAL F 67 52.26 38.81 -24.91
N THR F 68 53.32 38.27 -24.27
CA THR F 68 53.28 36.88 -23.75
C THR F 68 53.77 36.85 -22.31
N ILE F 69 52.87 36.57 -21.36
CA ILE F 69 53.24 36.51 -19.95
C ILE F 69 53.06 35.08 -19.46
N SER F 70 54.11 34.53 -18.84
CA SER F 70 54.08 33.18 -18.30
C SER F 70 54.76 33.18 -16.94
N ALA F 71 54.66 32.06 -16.24
CA ALA F 71 55.27 31.94 -14.93
C ALA F 71 55.95 30.57 -14.79
N ASP F 72 57.05 30.56 -14.05
CA ASP F 72 57.81 29.35 -13.74
C ASP F 72 57.87 29.22 -12.23
N ARG F 73 57.23 28.18 -11.70
CA ARG F 73 57.17 27.99 -10.25
C ARG F 73 58.51 27.48 -9.71
N SER F 74 59.17 26.60 -10.47
CA SER F 74 60.43 26.01 -10.02
C SER F 74 61.50 27.07 -9.79
N THR F 75 61.64 27.99 -10.74
CA THR F 75 62.58 29.09 -10.58
C THR F 75 61.94 30.34 -9.99
N THR F 76 60.62 30.31 -9.76
CA THR F 76 59.88 31.44 -9.17
C THR F 76 60.10 32.73 -9.96
N THR F 77 59.84 32.66 -11.27
CA THR F 77 60.01 33.80 -12.15
C THR F 77 58.75 34.06 -12.96
N VAL F 78 58.59 35.31 -13.38
CA VAL F 78 57.54 35.71 -14.31
C VAL F 78 58.22 36.21 -15.57
N TYR F 79 57.89 35.59 -16.71
CA TYR F 79 58.54 35.97 -17.99
C TYR F 79 57.56 36.77 -18.86
N MET F 80 57.94 37.99 -19.25
CA MET F 80 57.09 38.80 -20.14
C MET F 80 57.85 39.10 -21.44
N GLU F 81 57.23 38.82 -22.60
CA GLU F 81 57.87 39.16 -23.90
C GLU F 81 56.86 39.94 -24.75
N LEU F 82 57.25 41.07 -25.33
CA LEU F 82 56.34 41.80 -26.24
C LEU F 82 56.90 41.70 -27.67
N SER F 83 56.12 41.12 -28.58
CA SER F 83 56.56 41.01 -30.00
C SER F 83 56.67 42.40 -30.62
N SER F 84 55.71 43.28 -30.34
CA SER F 84 55.71 44.65 -30.92
C SER F 84 56.89 45.46 -30.38
N LEU F 85 57.51 46.28 -31.24
CA LEU F 85 58.61 47.17 -30.78
C LEU F 85 58.59 48.46 -31.61
N ARG F 86 57.99 49.52 -31.06
CA ARG F 86 57.87 50.81 -31.80
C ARG F 86 58.35 51.95 -30.90
N SER F 87 58.41 53.17 -31.42
CA SER F 87 58.83 54.34 -30.66
C SER F 87 57.95 54.56 -29.44
N ASP F 88 56.65 54.24 -29.57
CA ASP F 88 55.70 54.44 -28.44
C ASP F 88 55.99 53.44 -27.33
N ASP F 89 56.60 52.29 -27.67
CA ASP F 89 56.86 51.22 -26.66
C ASP F 89 57.83 51.71 -25.58
N THR F 90 58.84 52.51 -25.94
CA THR F 90 59.80 53.09 -24.95
C THR F 90 59.09 53.35 -23.63
N ALA F 91 59.44 52.60 -22.57
CA ALA F 91 58.81 52.79 -21.24
C ALA F 91 59.60 52.03 -20.18
N VAL F 92 59.23 52.19 -18.91
CA VAL F 92 59.88 51.41 -17.81
C VAL F 92 58.88 50.33 -17.41
N TYR F 93 59.29 49.06 -17.44
CA TYR F 93 58.31 47.96 -17.19
C TYR F 93 58.41 47.50 -15.74
N TYR F 94 57.33 47.62 -14.98
CA TYR F 94 57.35 47.30 -13.53
C TYR F 94 56.37 46.15 -13.24
N CYS F 95 56.80 45.14 -12.48
CA CYS F 95 55.90 44.03 -12.10
C CYS F 95 55.72 44.00 -10.58
N ALA F 96 54.49 43.83 -10.12
CA ALA F 96 54.17 44.05 -8.69
C ALA F 96 53.44 42.83 -8.12
N ARG F 97 53.67 42.49 -6.85
CA ARG F 97 52.90 41.40 -6.20
C ARG F 97 51.46 41.93 -6.10
N ASP F 98 50.46 41.15 -6.52
CA ASP F 98 49.12 41.74 -6.54
C ASP F 98 48.45 41.62 -5.18
N GLN F 99 48.83 42.51 -4.26
CA GLN F 99 48.12 42.70 -3.00
C GLN F 99 48.02 41.42 -2.16
N SER F 100 46.81 40.90 -2.00
CA SER F 100 46.57 39.77 -1.12
C SER F 100 45.40 38.96 -1.67
N GLY F 101 44.84 38.09 -0.83
CA GLY F 101 43.75 37.22 -1.25
C GLY F 101 44.18 36.20 -2.28
N PHE F 102 45.34 35.57 -2.03
CA PHE F 102 46.06 34.68 -2.94
C PHE F 102 46.72 35.45 -4.08
N ASP F 103 46.70 36.79 -4.00
CA ASP F 103 47.62 37.66 -4.73
C ASP F 103 47.48 37.52 -6.25
N PHE F 104 46.30 37.87 -6.75
CA PHE F 104 46.07 38.08 -8.18
C PHE F 104 45.37 39.40 -8.46
N PHE F 105 45.17 40.24 -7.43
CA PHE F 105 44.21 41.34 -7.52
C PHE F 105 44.85 42.65 -7.04
N TYR F 106 45.17 43.51 -8.01
CA TYR F 106 45.52 44.92 -7.78
C TYR F 106 46.92 45.09 -7.20
N TYR F 107 47.61 46.13 -7.66
CA TYR F 107 49.04 46.29 -7.45
C TYR F 107 49.35 46.92 -6.10
N ASP F 108 50.34 46.35 -5.40
CA ASP F 108 50.87 46.97 -4.18
C ASP F 108 52.34 47.31 -4.28
N HIS F 109 53.20 46.29 -4.45
CA HIS F 109 54.67 46.55 -4.38
C HIS F 109 55.35 46.32 -5.74
N TRP F 110 55.61 47.39 -6.48
CA TRP F 110 56.33 47.27 -7.78
C TRP F 110 57.82 46.97 -7.56
N GLY F 111 58.46 46.33 -8.53
CA GLY F 111 59.91 46.04 -8.44
C GLY F 111 60.74 47.21 -8.95
N GLN F 112 62.06 47.02 -9.08
CA GLN F 112 62.95 48.13 -9.52
C GLN F 112 62.53 48.60 -10.92
N GLY F 113 62.12 47.67 -11.79
CA GLY F 113 61.62 48.05 -13.13
C GLY F 113 62.68 47.92 -14.21
N THR F 114 62.26 47.83 -15.47
CA THR F 114 63.21 47.68 -16.60
C THR F 114 62.95 48.76 -17.66
N LEU F 115 63.81 49.77 -17.72
CA LEU F 115 63.66 50.86 -18.73
C LEU F 115 64.01 50.30 -20.10
N VAL F 116 63.03 50.26 -21.01
CA VAL F 116 63.32 49.80 -22.40
C VAL F 116 63.23 51.04 -23.31
N ALA F 117 64.29 51.32 -24.06
CA ALA F 117 64.28 52.47 -25.00
C ALA F 117 64.21 51.94 -26.43
N VAL F 118 63.23 52.37 -27.23
CA VAL F 118 63.05 51.79 -28.60
C VAL F 118 63.12 52.92 -29.62
N GLN G 1 47.42 60.53 -22.69
CA GLN G 1 46.94 59.37 -23.44
C GLN G 1 46.11 58.45 -22.55
N SER G 2 46.37 58.52 -21.25
CA SER G 2 45.65 57.69 -20.29
C SER G 2 44.17 58.10 -20.23
N VAL G 3 43.32 57.12 -19.90
CA VAL G 3 41.89 57.38 -19.82
C VAL G 3 41.59 58.37 -18.71
N LEU G 4 42.21 58.17 -17.54
CA LEU G 4 42.04 59.09 -16.43
C LEU G 4 43.00 60.27 -16.58
N THR G 5 42.49 61.48 -16.34
CA THR G 5 43.22 62.72 -16.55
C THR G 5 43.62 63.33 -15.21
N GLN G 6 44.88 63.71 -15.09
CA GLN G 6 45.43 64.35 -13.92
C GLN G 6 46.21 65.59 -14.33
N PRO G 7 46.37 66.56 -13.42
CA PRO G 7 47.17 67.74 -13.76
C PRO G 7 48.61 67.32 -14.02
N PRO G 8 49.33 68.07 -14.86
CA PRO G 8 50.71 67.66 -15.18
C PRO G 8 51.68 67.84 -14.03
N SER G 9 51.59 68.95 -13.28
CA SER G 9 52.48 69.17 -12.16
C SER G 9 51.86 70.21 -11.25
N ALA G 10 51.68 69.86 -9.97
CA ALA G 10 51.15 70.76 -8.97
C ALA G 10 52.22 71.03 -7.93
N SER G 11 52.44 72.31 -7.62
CA SER G 11 53.49 72.73 -6.70
C SER G 11 52.88 73.48 -5.52
N GLY G 12 53.60 73.47 -4.40
CA GLY G 12 53.16 74.16 -3.22
C GLY G 12 54.30 74.40 -2.26
N THR G 13 54.10 75.37 -1.38
CA THR G 13 55.09 75.68 -0.37
C THR G 13 55.14 74.57 0.68
N PRO G 14 56.28 74.40 1.36
CA PRO G 14 56.33 73.41 2.45
C PRO G 14 55.33 73.73 3.54
N GLY G 15 54.59 72.71 4.00
CA GLY G 15 53.55 72.92 5.03
C GLY G 15 52.17 73.11 4.43
N GLN G 16 52.10 73.58 3.18
CA GLN G 16 50.79 73.88 2.53
C GLN G 16 50.09 72.59 2.08
N ARG G 17 48.77 72.67 1.84
CA ARG G 17 48.00 71.49 1.37
C ARG G 17 47.86 71.55 -0.16
N VAL G 18 48.18 70.46 -0.85
CA VAL G 18 48.12 70.42 -2.34
C VAL G 18 47.06 69.40 -2.78
N THR G 19 46.19 69.77 -3.73
CA THR G 19 45.10 68.87 -4.17
C THR G 19 45.39 68.33 -5.58
N ILE G 20 45.34 67.00 -5.74
CA ILE G 20 45.57 66.38 -7.05
C ILE G 20 44.24 65.81 -7.53
N SER G 21 43.86 66.19 -8.75
CA SER G 21 42.55 65.84 -9.30
C SER G 21 42.65 64.67 -10.28
N CYS G 22 41.57 63.91 -10.36
CA CYS G 22 41.46 62.79 -11.30
C CYS G 22 40.03 62.79 -11.82
N SER G 23 39.87 63.02 -13.11
CA SER G 23 38.55 63.16 -13.73
C SER G 23 38.31 62.03 -14.73
N GLY G 24 37.06 61.58 -14.80
CA GLY G 24 36.67 60.54 -15.73
C GLY G 24 35.17 60.36 -15.82
N SER G 25 34.72 59.14 -16.08
CA SER G 25 33.31 58.81 -16.19
C SER G 25 32.92 57.86 -15.07
N GLY G 26 31.62 57.57 -14.99
CA GLY G 26 31.11 56.68 -13.96
C GLY G 26 31.39 55.21 -14.17
N SER G 27 31.85 54.83 -15.37
CA SER G 27 32.17 53.43 -15.64
C SER G 27 33.33 52.93 -14.78
N ASN G 28 34.34 53.77 -14.59
CA ASN G 28 35.52 53.41 -13.82
C ASN G 28 35.66 54.19 -12.51
N ILE G 29 35.17 55.42 -12.46
CA ILE G 29 35.24 56.21 -11.24
C ILE G 29 33.97 56.08 -10.42
N GLY G 30 32.82 56.21 -11.06
CA GLY G 30 31.57 56.05 -10.34
C GLY G 30 31.32 54.62 -9.90
N SER G 31 31.63 53.66 -10.77
CA SER G 31 31.37 52.25 -10.48
C SER G 31 32.47 51.57 -9.68
N ASN G 32 33.71 52.08 -9.75
CA ASN G 32 34.83 51.47 -9.05
C ASN G 32 35.59 52.55 -8.27
N THR G 33 36.16 52.13 -7.15
CA THR G 33 36.84 53.07 -6.26
C THR G 33 38.12 53.61 -6.92
N ILE G 34 38.50 54.81 -6.50
CA ILE G 34 39.72 55.48 -6.98
C ILE G 34 40.82 55.25 -5.95
N ASN G 35 42.02 55.02 -6.44
CA ASN G 35 43.18 54.85 -5.57
C ASN G 35 44.34 55.69 -6.09
N TRP G 36 45.24 56.06 -5.20
CA TRP G 36 46.32 56.96 -5.53
C TRP G 36 47.66 56.32 -5.19
N TYR G 37 48.52 56.22 -6.20
CA TYR G 37 49.89 55.74 -6.04
C TYR G 37 50.86 56.90 -6.16
N GLN G 38 51.99 56.78 -5.46
CA GLN G 38 53.07 57.74 -5.55
C GLN G 38 54.38 57.01 -5.83
N GLN G 39 55.19 57.58 -6.71
CA GLN G 39 56.53 57.05 -6.95
C GLN G 39 57.52 58.21 -6.82
N LEU G 40 58.51 58.03 -5.96
CA LEU G 40 59.54 59.04 -5.80
C LEU G 40 60.49 59.01 -7.01
N PRO G 41 61.08 60.15 -7.37
CA PRO G 41 61.96 60.18 -8.54
C PRO G 41 63.13 59.21 -8.39
N GLY G 42 63.15 58.19 -9.26
CA GLY G 42 64.26 57.21 -9.24
C GLY G 42 63.95 56.01 -8.35
N THR G 43 62.71 55.88 -7.86
CA THR G 43 62.38 54.77 -6.91
C THR G 43 61.10 54.06 -7.36
N ALA G 44 60.95 52.79 -6.96
CA ALA G 44 59.73 52.01 -7.29
C ALA G 44 58.51 52.63 -6.59
N PRO G 45 57.32 52.67 -7.24
CA PRO G 45 56.13 53.28 -6.64
C PRO G 45 55.64 52.56 -5.37
N LYS G 46 55.23 53.32 -4.37
CA LYS G 46 54.68 52.72 -3.12
C LYS G 46 53.22 53.14 -2.99
N VAL G 47 52.38 52.25 -2.44
CA VAL G 47 50.92 52.53 -2.30
C VAL G 47 50.73 53.74 -1.38
N LEU G 48 49.87 54.68 -1.78
CA LEU G 48 49.56 55.81 -0.87
C LEU G 48 48.14 55.60 -0.33
N ILE G 49 47.14 55.59 -1.21
CA ILE G 49 45.76 55.36 -0.79
C ILE G 49 45.13 54.31 -1.69
N TYR G 50 44.36 53.42 -1.05
CA TYR G 50 43.61 52.37 -1.78
C TYR G 50 42.18 52.39 -1.23
N ARG G 51 41.16 52.24 -2.08
CA ARG G 51 39.74 52.25 -1.70
C ARG G 51 39.31 53.57 -1.07
N ASN G 52 40.12 54.61 -1.24
CA ASN G 52 39.77 56.00 -0.93
C ASN G 52 39.68 56.31 0.56
N ASN G 53 39.78 55.30 1.42
CA ASN G 53 39.61 55.58 2.85
C ASN G 53 40.70 55.01 3.75
N GLU G 54 41.15 53.78 3.46
CA GLU G 54 42.18 53.13 4.31
C GLU G 54 43.58 53.38 3.75
N ARG G 55 44.61 53.32 4.59
CA ARG G 55 46.02 53.55 4.16
C ARG G 55 46.88 52.44 4.78
N PRO G 56 48.09 52.13 4.26
CA PRO G 56 48.87 51.01 4.79
C PRO G 56 49.67 51.34 6.06
N SER G 57 49.02 51.84 7.12
CA SER G 57 49.67 52.09 8.45
C SER G 57 50.72 53.21 8.44
N GLY G 58 51.80 53.06 7.66
CA GLY G 58 52.89 54.05 7.68
C GLY G 58 52.45 55.42 7.20
N VAL G 59 51.61 55.47 6.17
CA VAL G 59 51.17 56.76 5.58
C VAL G 59 50.70 57.74 6.68
N PRO G 60 51.24 58.99 6.82
CA PRO G 60 50.70 59.93 7.81
C PRO G 60 49.29 60.38 7.46
N ASP G 61 48.60 60.91 8.46
CA ASP G 61 47.17 61.30 8.28
C ASP G 61 46.98 62.41 7.26
N ARG G 62 48.05 63.11 6.89
CA ARG G 62 47.88 64.26 5.97
C ARG G 62 47.31 63.76 4.63
N PHE G 63 47.79 62.61 4.15
CA PHE G 63 47.32 62.06 2.85
C PHE G 63 45.88 61.54 2.99
N SER G 64 44.93 62.17 2.30
CA SER G 64 43.54 61.72 2.31
C SER G 64 43.00 61.74 0.90
N GLY G 65 41.97 60.94 0.67
CA GLY G 65 41.35 60.85 -0.65
C GLY G 65 39.84 60.97 -0.56
N SER G 66 39.26 61.60 -1.57
CA SER G 66 37.82 61.76 -1.65
C SER G 66 37.36 61.47 -3.07
N LYS G 67 36.20 60.82 -3.19
CA LYS G 67 35.62 60.50 -4.49
C LYS G 67 34.19 60.99 -4.52
N SER G 68 33.87 61.82 -5.52
CA SER G 68 32.53 62.36 -5.70
C SER G 68 32.07 62.07 -7.12
N GLY G 69 31.17 61.10 -7.27
CA GLY G 69 30.64 60.77 -8.57
C GLY G 69 31.72 60.30 -9.52
N THR G 70 32.03 61.14 -10.52
CA THR G 70 33.02 60.83 -11.54
C THR G 70 34.33 61.61 -11.33
N SER G 71 34.53 62.18 -10.15
CA SER G 71 35.73 62.95 -9.87
C SER G 71 36.39 62.43 -8.60
N ALA G 72 37.71 62.64 -8.49
CA ALA G 72 38.45 62.24 -7.31
C ALA G 72 39.48 63.31 -6.98
N SER G 73 39.71 63.52 -5.69
CA SER G 73 40.66 64.51 -5.22
C SER G 73 41.49 63.93 -4.08
N LEU G 74 42.81 64.00 -4.23
CA LEU G 74 43.73 63.53 -3.15
C LEU G 74 44.35 64.79 -2.53
N THR G 75 43.97 65.11 -1.28
CA THR G 75 44.60 66.26 -0.60
C THR G 75 45.84 65.76 0.13
N ILE G 76 47.02 66.01 -0.44
CA ILE G 76 48.28 65.48 0.18
C ILE G 76 48.46 66.13 1.55
N SER G 77 48.32 67.46 1.64
CA SER G 77 48.37 68.20 2.94
C SER G 77 49.79 68.19 3.55
N GLY G 78 50.07 69.05 4.52
CA GLY G 78 51.36 68.98 5.22
C GLY G 78 52.53 68.82 4.27
N LEU G 79 52.65 69.68 3.26
CA LEU G 79 53.71 69.46 2.23
C LEU G 79 55.08 69.38 2.91
N GLN G 80 55.89 68.39 2.53
CA GLN G 80 57.26 68.29 3.07
C GLN G 80 58.22 68.21 1.89
N SER G 81 59.54 68.22 2.13
CA SER G 81 60.49 68.22 1.03
C SER G 81 60.45 66.92 0.23
N GLU G 82 60.03 65.82 0.86
CA GLU G 82 60.05 64.49 0.18
C GLU G 82 58.75 64.25 -0.59
N ASP G 83 57.82 65.20 -0.53
CA ASP G 83 56.52 65.05 -1.23
C ASP G 83 56.76 64.93 -2.74
N GLU G 84 57.73 65.70 -3.27
CA GLU G 84 58.07 65.65 -4.72
C GLU G 84 58.01 64.21 -5.23
N ALA G 85 57.01 63.87 -6.05
CA ALA G 85 56.84 62.53 -6.59
C ALA G 85 55.83 62.58 -7.74
N TYR G 86 55.77 61.48 -8.48
CA TYR G 86 54.74 61.27 -9.49
C TYR G 86 53.53 60.61 -8.83
N TYR G 87 52.36 61.24 -9.03
CA TYR G 87 51.10 60.74 -8.42
C TYR G 87 50.17 60.23 -9.52
N HIS G 88 49.68 59.00 -9.38
CA HIS G 88 48.84 58.36 -10.40
C HIS G 88 47.53 57.92 -9.76
N CYS G 89 46.42 58.25 -10.41
CA CYS G 89 45.10 57.76 -9.98
C CYS G 89 44.72 56.53 -10.78
N ALA G 90 44.23 55.51 -10.07
CA ALA G 90 43.98 54.19 -10.64
C ALA G 90 42.59 53.72 -10.27
N ALA G 91 41.99 52.95 -11.16
CA ALA G 91 40.67 52.38 -10.92
C ALA G 91 40.40 51.24 -11.89
N TRP G 92 39.55 50.31 -11.46
CA TRP G 92 39.04 49.30 -12.38
C TRP G 92 38.06 49.93 -13.36
N ASP G 93 38.13 49.50 -14.61
CA ASP G 93 37.26 49.98 -15.67
C ASP G 93 36.46 48.80 -16.20
N ASP G 94 35.13 48.91 -16.17
CA ASP G 94 34.27 47.84 -16.67
C ASP G 94 34.21 47.83 -18.19
N SER G 95 34.28 48.99 -18.83
CA SER G 95 34.30 49.03 -20.29
C SER G 95 35.55 48.33 -20.83
N LEU G 96 36.70 48.56 -20.21
CA LEU G 96 37.92 47.85 -20.56
C LEU G 96 38.13 46.60 -19.73
N ASN G 97 37.35 46.41 -18.67
CA ASN G 97 37.44 45.24 -17.79
C ASN G 97 38.86 45.04 -17.28
N GLY G 98 39.47 46.12 -16.81
CA GLY G 98 40.83 46.06 -16.32
C GLY G 98 41.28 47.32 -15.62
N PRO G 99 42.49 47.29 -15.06
CA PRO G 99 43.00 48.49 -14.39
C PRO G 99 43.33 49.60 -15.39
N VAL G 100 42.94 50.82 -15.03
CA VAL G 100 43.30 52.01 -15.80
C VAL G 100 43.89 53.02 -14.82
N PHE G 101 44.74 53.89 -15.35
CA PHE G 101 45.54 54.78 -14.53
C PHE G 101 45.50 56.19 -15.09
N GLY G 102 45.83 57.16 -14.24
CA GLY G 102 45.83 58.55 -14.62
C GLY G 102 47.09 58.97 -15.37
N GLY G 103 47.12 60.24 -15.75
CA GLY G 103 48.25 60.80 -16.47
C GLY G 103 49.47 61.09 -15.62
N GLY G 104 49.31 61.19 -14.31
CA GLY G 104 50.43 61.44 -13.43
C GLY G 104 50.70 62.92 -13.19
N THR G 105 50.81 63.30 -11.92
CA THR G 105 51.09 64.68 -11.53
C THR G 105 52.43 64.73 -10.81
N LYS G 106 53.28 65.67 -11.20
CA LYS G 106 54.58 65.85 -10.59
C LYS G 106 54.47 66.87 -9.47
N LEU G 107 54.49 66.37 -8.22
CA LEU G 107 54.47 67.27 -7.06
C LEU G 107 55.83 67.98 -7.00
N THR G 108 55.84 69.27 -6.69
CA THR G 108 57.06 70.05 -6.58
C THR G 108 57.10 70.75 -5.23
N VAL G 109 58.28 70.75 -4.60
CA VAL G 109 58.49 71.40 -3.32
C VAL G 109 59.14 72.75 -3.58
N LEU G 110 58.44 73.82 -3.27
CA LEU G 110 58.92 75.17 -3.52
C LEU G 110 59.82 75.63 -2.38
N GLY G 111 60.56 76.70 -2.64
CA GLY G 111 61.47 77.27 -1.65
C GLY G 111 60.76 78.07 -0.58
N VAL H 1 -33.15 74.42 9.07
CA VAL H 1 -31.88 75.15 9.37
C VAL H 1 -32.22 76.59 9.80
N GLN H 2 -31.61 77.07 10.88
CA GLN H 2 -31.84 78.47 11.32
C GLN H 2 -30.58 79.28 11.01
N LEU H 3 -30.71 80.38 10.28
CA LEU H 3 -29.52 81.18 9.87
C LEU H 3 -29.44 82.46 10.69
N VAL H 4 -28.99 82.36 11.95
CA VAL H 4 -28.85 83.56 12.82
C VAL H 4 -27.85 84.51 12.16
N GLN H 5 -28.20 85.79 12.03
CA GLN H 5 -27.29 86.77 11.35
C GLN H 5 -27.09 88.00 12.26
N SER H 6 -25.99 88.73 12.07
CA SER H 6 -25.69 89.91 12.91
C SER H 6 -26.70 91.02 12.63
N GLY H 7 -26.77 92.03 13.52
CA GLY H 7 -27.71 93.12 13.35
C GLY H 7 -27.32 94.06 12.22
N ALA H 8 -28.22 95.01 11.96
CA ALA H 8 -27.97 96.00 10.92
C ALA H 8 -26.82 96.93 11.32
N GLU H 9 -25.95 97.23 10.34
CA GLU H 9 -24.76 98.08 10.63
C GLU H 9 -24.67 99.20 9.60
N VAL H 10 -24.22 100.39 10.01
CA VAL H 10 -24.02 101.51 9.05
C VAL H 10 -22.51 101.84 9.03
N LYS H 11 -21.88 101.90 7.86
CA LYS H 11 -20.40 102.14 7.91
C LYS H 11 -19.89 102.97 6.72
N LYS H 12 -18.98 103.91 6.97
CA LYS H 12 -18.49 104.84 5.92
C LYS H 12 -17.61 104.10 4.90
N PRO H 13 -17.35 104.67 3.71
CA PRO H 13 -16.56 103.98 2.68
C PRO H 13 -15.14 103.67 3.15
N GLY H 14 -14.70 102.42 2.96
CA GLY H 14 -13.33 102.02 3.35
C GLY H 14 -13.24 101.60 4.81
N SER H 15 -14.31 101.85 5.59
CA SER H 15 -14.34 101.40 7.01
C SER H 15 -14.37 99.87 7.06
N SER H 16 -15.08 99.21 6.13
CA SER H 16 -15.21 97.72 6.08
C SER H 16 -16.30 97.23 7.06
N VAL H 17 -17.03 96.18 6.70
CA VAL H 17 -18.15 95.66 7.55
C VAL H 17 -17.93 94.18 7.87
N LYS H 18 -18.06 93.78 9.14
CA LYS H 18 -17.90 92.36 9.56
C LYS H 18 -19.28 91.77 9.85
N VAL H 19 -19.75 90.86 8.99
CA VAL H 19 -21.05 90.23 9.19
C VAL H 19 -20.85 88.79 9.60
N SER H 20 -21.59 88.36 10.63
CA SER H 20 -21.50 87.00 11.15
C SER H 20 -22.81 86.26 10.92
N CYS H 21 -22.72 85.09 10.29
CA CYS H 21 -23.86 84.21 10.12
C CYS H 21 -23.61 82.94 10.95
N LYS H 22 -24.52 82.66 11.87
CA LYS H 22 -24.37 81.55 12.79
C LYS H 22 -25.10 80.31 12.29
N ALA H 23 -24.69 79.16 12.81
CA ALA H 23 -25.27 77.88 12.45
C ALA H 23 -25.89 77.22 13.67
N SER H 24 -26.98 76.50 13.46
CA SER H 24 -27.69 75.82 14.54
C SER H 24 -28.45 74.64 13.96
N GLY H 25 -28.53 73.57 14.75
CA GLY H 25 -29.23 72.36 14.34
C GLY H 25 -28.44 71.44 13.44
N ASP H 26 -27.22 71.82 13.09
CA ASP H 26 -26.39 71.00 12.16
C ASP H 26 -24.91 71.28 12.37
N THR H 27 -24.06 70.26 12.22
CA THR H 27 -22.61 70.46 12.31
C THR H 27 -22.15 71.37 11.18
N PHE H 28 -21.22 72.25 11.47
CA PHE H 28 -20.76 73.20 10.45
C PHE H 28 -19.58 72.67 9.64
N SER H 29 -18.96 71.57 10.07
CA SER H 29 -17.74 71.10 9.44
C SER H 29 -17.94 70.70 7.98
N SER H 30 -19.10 70.15 7.62
CA SER H 30 -19.34 69.68 6.27
C SER H 30 -20.39 70.48 5.52
N TYR H 31 -20.83 71.61 6.06
CA TYR H 31 -21.89 72.39 5.46
C TYR H 31 -21.38 73.81 5.21
N THR H 32 -21.90 74.44 4.15
CA THR H 32 -21.48 75.76 3.73
C THR H 32 -22.64 76.75 3.74
N PHE H 33 -22.32 78.01 4.06
CA PHE H 33 -23.35 79.07 4.08
C PHE H 33 -23.00 80.08 2.99
N SER H 34 -23.55 79.90 1.78
CA SER H 34 -23.24 80.81 0.65
C SER H 34 -23.81 82.20 0.91
N TRP H 35 -23.14 83.25 0.42
CA TRP H 35 -23.57 84.64 0.74
C TRP H 35 -24.04 85.40 -0.51
N VAL H 36 -25.18 86.10 -0.43
CA VAL H 36 -25.67 86.95 -1.56
C VAL H 36 -26.20 88.27 -0.95
N ARG H 37 -26.03 89.40 -1.64
CA ARG H 37 -26.54 90.70 -1.12
C ARG H 37 -27.64 91.24 -2.05
N GLN H 38 -28.75 91.71 -1.47
CA GLN H 38 -29.86 92.27 -2.28
C GLN H 38 -29.96 93.78 -2.06
N ALA H 39 -29.89 94.57 -3.14
CA ALA H 39 -30.07 96.04 -3.00
C ALA H 39 -31.53 96.31 -2.61
N PRO H 40 -31.88 97.26 -1.69
CA PRO H 40 -33.28 97.41 -1.29
C PRO H 40 -34.13 97.80 -2.51
N GLY H 41 -35.33 97.19 -2.65
CA GLY H 41 -36.18 97.44 -3.82
C GLY H 41 -35.47 97.07 -5.11
N GLN H 42 -34.67 96.00 -5.09
CA GLN H 42 -33.88 95.58 -6.28
C GLN H 42 -33.60 94.08 -6.20
N GLY H 43 -33.06 93.47 -7.26
CA GLY H 43 -32.85 92.01 -7.27
C GLY H 43 -31.64 91.58 -6.45
N LEU H 44 -31.51 90.27 -6.21
CA LEU H 44 -30.35 89.73 -5.43
C LEU H 44 -29.08 89.88 -6.27
N GLU H 45 -27.92 90.01 -5.62
CA GLU H 45 -26.62 90.08 -6.35
C GLU H 45 -25.68 89.03 -5.75
N TRP H 46 -25.25 88.05 -6.57
CA TRP H 46 -24.41 86.95 -6.02
C TRP H 46 -23.09 87.48 -5.45
N MET H 47 -22.67 86.97 -4.30
CA MET H 47 -21.36 87.37 -3.71
C MET H 47 -20.43 86.16 -3.74
N GLY H 48 -20.86 85.01 -3.19
CA GLY H 48 -20.02 83.83 -3.29
C GLY H 48 -20.33 82.82 -2.22
N ARG H 49 -19.30 82.05 -1.86
CA ARG H 49 -19.44 80.95 -0.93
C ARG H 49 -18.07 80.65 -0.33
N SER H 50 -18.06 80.08 0.87
CA SER H 50 -16.83 79.67 1.53
C SER H 50 -17.00 78.28 2.12
N ILE H 51 -15.96 77.46 2.01
CA ILE H 51 -15.94 76.11 2.58
C ILE H 51 -15.29 76.17 3.95
N PRO H 52 -15.95 75.65 5.00
CA PRO H 52 -15.32 75.67 6.33
C PRO H 52 -13.99 74.96 6.39
N ILE H 53 -13.84 73.83 5.69
CA ILE H 53 -12.58 73.12 5.69
C ILE H 53 -11.68 73.68 4.59
N VAL H 54 -10.37 73.45 4.74
CA VAL H 54 -9.33 73.91 3.81
C VAL H 54 -9.27 75.43 3.78
N GLY H 55 -10.41 76.09 3.63
CA GLY H 55 -10.45 77.54 3.60
C GLY H 55 -10.61 78.15 2.23
N LYS H 56 -10.69 77.34 1.18
CA LYS H 56 -10.90 77.89 -0.16
C LYS H 56 -12.32 78.43 -0.29
N ALA H 57 -12.43 79.63 -0.86
CA ALA H 57 -13.72 80.29 -1.03
C ALA H 57 -13.83 80.79 -2.46
N ILE H 58 -15.04 80.72 -3.02
CA ILE H 58 -15.32 81.22 -4.35
C ILE H 58 -16.02 82.56 -4.24
N TYR H 59 -15.58 83.52 -5.04
CA TYR H 59 -16.11 84.88 -5.05
C TYR H 59 -16.70 85.19 -6.42
N ALA H 60 -17.09 86.45 -6.61
CA ALA H 60 -17.67 86.87 -7.91
C ALA H 60 -16.60 87.64 -8.71
N GLN H 61 -16.82 87.79 -10.02
CA GLN H 61 -15.85 88.50 -10.90
C GLN H 61 -15.72 89.97 -10.45
N GLU H 62 -16.83 90.60 -10.06
CA GLU H 62 -16.81 92.04 -9.69
C GLU H 62 -15.94 92.27 -8.46
N PHE H 63 -16.01 91.38 -7.46
CA PHE H 63 -15.26 91.58 -6.19
C PHE H 63 -13.75 91.54 -6.43
N GLN H 64 -13.28 90.63 -7.28
CA GLN H 64 -11.81 90.49 -7.56
C GLN H 64 -11.06 90.28 -6.23
N GLY H 65 -11.65 89.54 -5.30
CA GLY H 65 -10.95 89.11 -4.07
C GLY H 65 -10.90 90.20 -3.01
N ARG H 66 -11.61 91.31 -3.23
CA ARG H 66 -11.59 92.44 -2.25
C ARG H 66 -12.26 91.98 -0.95
N VAL H 67 -13.24 91.08 -1.03
CA VAL H 67 -13.96 90.61 0.18
C VAL H 67 -13.23 89.40 0.75
N THR H 68 -13.28 89.18 2.07
CA THR H 68 -12.70 87.98 2.65
C THR H 68 -13.76 87.25 3.47
N ILE H 69 -13.62 85.93 3.55
CA ILE H 69 -14.51 85.09 4.35
C ILE H 69 -13.67 84.20 5.25
N SER H 70 -14.09 84.09 6.51
CA SER H 70 -13.48 83.16 7.45
C SER H 70 -14.54 82.22 7.99
N ALA H 71 -14.24 80.92 7.92
CA ALA H 71 -15.20 79.91 8.37
C ALA H 71 -14.44 78.81 9.08
N ASP H 72 -14.69 78.65 10.37
CA ASP H 72 -14.07 77.60 11.18
C ASP H 72 -15.14 76.61 11.61
N ARG H 73 -14.81 75.32 11.53
CA ARG H 73 -15.80 74.28 11.80
C ARG H 73 -16.23 74.28 13.27
N SER H 74 -15.33 74.66 14.18
CA SER H 74 -15.68 74.63 15.60
C SER H 74 -16.61 75.78 15.97
N THR H 75 -16.34 76.97 15.45
CA THR H 75 -17.15 78.13 15.84
C THR H 75 -18.53 78.10 15.20
N THR H 76 -18.69 77.33 14.11
CA THR H 76 -19.96 77.23 13.39
C THR H 76 -20.48 78.61 12.98
N THR H 77 -19.58 79.47 12.54
CA THR H 77 -19.93 80.84 12.15
C THR H 77 -19.16 81.23 10.90
N VAL H 78 -19.84 81.90 9.98
CA VAL H 78 -19.23 82.42 8.75
C VAL H 78 -19.10 83.93 8.91
N TYR H 79 -17.88 84.43 8.74
CA TYR H 79 -17.59 85.85 8.91
C TYR H 79 -17.21 86.44 7.55
N MET H 80 -17.92 87.50 7.15
CA MET H 80 -17.67 88.14 5.83
C MET H 80 -17.23 89.59 6.03
N GLU H 81 -16.02 89.94 5.60
CA GLU H 81 -15.57 91.36 5.68
C GLU H 81 -15.47 91.93 4.25
N LEU H 82 -16.30 92.93 3.93
CA LEU H 82 -16.31 93.51 2.55
C LEU H 82 -14.99 94.21 2.24
N SER H 83 -14.39 94.91 3.22
CA SER H 83 -13.11 95.67 3.02
C SER H 83 -13.35 96.98 2.27
N SER H 84 -13.98 96.93 1.10
CA SER H 84 -14.20 98.16 0.27
C SER H 84 -15.68 98.54 0.34
N LEU H 85 -15.98 99.82 0.59
CA LEU H 85 -17.40 100.23 0.75
C LEU H 85 -17.79 101.36 -0.21
N ARG H 86 -19.05 101.42 -0.62
CA ARG H 86 -19.55 102.45 -1.52
C ARG H 86 -21.07 102.49 -1.41
N SER H 87 -21.67 103.49 -2.07
CA SER H 87 -23.12 103.65 -2.01
C SER H 87 -23.84 102.44 -2.57
N ASP H 88 -23.27 101.78 -3.59
CA ASP H 88 -23.88 100.57 -4.12
C ASP H 88 -23.81 99.41 -3.14
N ASP H 89 -22.88 99.47 -2.18
CA ASP H 89 -22.74 98.38 -1.16
C ASP H 89 -23.92 98.43 -0.20
N THR H 90 -24.67 99.54 -0.15
CA THR H 90 -25.87 99.60 0.67
C THR H 90 -26.86 98.55 0.20
N ALA H 91 -26.99 97.47 0.98
CA ALA H 91 -27.86 96.35 0.57
C ALA H 91 -28.18 95.48 1.77
N VAL H 92 -29.13 94.54 1.63
CA VAL H 92 -29.43 93.60 2.73
C VAL H 92 -28.66 92.32 2.41
N TYR H 93 -27.81 91.85 3.34
CA TYR H 93 -26.95 90.68 3.03
C TYR H 93 -27.63 89.41 3.54
N TYR H 94 -27.95 88.48 2.64
CA TYR H 94 -28.69 87.25 3.02
C TYR H 94 -27.79 86.02 2.82
N CYS H 95 -27.76 85.14 3.82
CA CYS H 95 -26.93 83.91 3.72
C CYS H 95 -27.88 82.71 3.56
N ALA H 96 -27.62 81.83 2.59
CA ALA H 96 -28.61 80.75 2.33
C ALA H 96 -28.02 79.35 2.40
N ARG H 97 -28.89 78.35 2.63
CA ARG H 97 -28.46 76.92 2.66
C ARG H 97 -28.07 76.52 1.23
N ASP H 98 -27.44 75.37 1.03
CA ASP H 98 -26.96 74.99 -0.30
C ASP H 98 -27.50 73.63 -0.74
N GLN H 99 -28.81 73.42 -0.61
CA GLN H 99 -29.48 72.15 -0.97
C GLN H 99 -28.87 71.04 -0.12
N SER H 100 -28.50 69.91 -0.70
CA SER H 100 -27.96 68.76 0.04
C SER H 100 -26.90 68.11 -0.83
N GLY H 101 -26.55 66.86 -0.51
CA GLY H 101 -25.48 66.18 -1.20
C GLY H 101 -24.14 66.83 -0.92
N PHE H 102 -23.76 66.84 0.36
CA PHE H 102 -22.64 67.55 0.97
C PHE H 102 -22.91 69.05 1.03
N ASP H 103 -24.03 69.53 0.47
CA ASP H 103 -24.59 70.83 0.81
C ASP H 103 -23.60 71.97 0.54
N PHE H 104 -23.19 72.12 -0.72
CA PHE H 104 -22.17 73.08 -1.07
C PHE H 104 -22.64 74.19 -2.02
N PHE H 105 -23.38 73.86 -3.08
CA PHE H 105 -23.74 74.86 -4.08
C PHE H 105 -25.25 75.09 -4.05
N TYR H 106 -25.68 76.09 -4.83
CA TYR H 106 -27.07 76.53 -4.90
C TYR H 106 -27.51 77.18 -3.60
N TYR H 107 -28.67 77.84 -3.62
CA TYR H 107 -29.20 78.55 -2.47
C TYR H 107 -30.57 77.97 -2.13
N ASP H 108 -30.68 77.35 -0.96
CA ASP H 108 -31.87 76.62 -0.55
C ASP H 108 -32.76 77.38 0.40
N HIS H 109 -32.17 77.98 1.45
CA HIS H 109 -32.98 78.68 2.49
C HIS H 109 -32.24 79.94 2.96
N TRP H 110 -32.73 81.13 2.58
CA TRP H 110 -32.02 82.40 2.93
C TRP H 110 -32.15 82.75 4.41
N GLY H 111 -31.20 83.52 4.95
CA GLY H 111 -31.23 83.97 6.34
C GLY H 111 -32.05 85.24 6.50
N GLN H 112 -32.24 85.71 7.73
CA GLN H 112 -33.07 86.92 7.99
C GLN H 112 -32.46 88.12 7.25
N GLY H 113 -31.13 88.23 7.22
CA GLY H 113 -30.48 89.30 6.44
C GLY H 113 -29.98 90.44 7.31
N THR H 114 -29.02 91.22 6.79
CA THR H 114 -28.46 92.38 7.54
C THR H 114 -28.32 93.58 6.59
N LEU H 115 -28.93 94.71 6.94
CA LEU H 115 -28.91 95.88 6.07
C LEU H 115 -27.69 96.74 6.38
N VAL H 116 -26.88 96.99 5.35
CA VAL H 116 -25.70 97.83 5.45
C VAL H 116 -25.93 99.07 4.60
N ALA H 117 -25.88 100.23 5.25
CA ALA H 117 -26.07 101.53 4.56
C ALA H 117 -24.72 102.25 4.52
N VAL H 118 -24.27 102.65 3.33
CA VAL H 118 -23.00 103.31 3.16
C VAL H 118 -23.18 104.66 2.47
N GLN I 1 -28.59 96.16 -14.29
CA GLN I 1 -27.33 95.64 -13.78
C GLN I 1 -27.34 94.11 -13.78
N SER I 2 -28.47 93.52 -13.41
CA SER I 2 -28.59 92.07 -13.38
C SER I 2 -28.57 91.50 -14.79
N VAL I 3 -27.89 90.35 -14.94
CA VAL I 3 -27.86 89.68 -16.23
C VAL I 3 -29.27 89.23 -16.62
N LEU I 4 -30.05 88.75 -15.66
CA LEU I 4 -31.42 88.32 -15.88
C LEU I 4 -32.36 89.50 -15.66
N THR I 5 -33.26 89.72 -16.62
CA THR I 5 -34.16 90.86 -16.60
C THR I 5 -35.56 90.42 -16.18
N GLN I 6 -36.16 91.17 -15.26
CA GLN I 6 -37.49 90.90 -14.76
C GLN I 6 -38.34 92.16 -14.83
N PRO I 7 -39.66 92.02 -14.96
CA PRO I 7 -40.52 93.19 -14.91
C PRO I 7 -40.46 93.83 -13.54
N PRO I 8 -40.63 95.16 -13.47
CA PRO I 8 -40.50 95.84 -12.17
C PRO I 8 -41.71 95.67 -11.26
N SER I 9 -42.89 95.38 -11.80
CA SER I 9 -44.07 95.22 -10.97
C SER I 9 -45.09 94.37 -11.72
N ALA I 10 -45.77 93.49 -10.99
CA ALA I 10 -46.83 92.65 -11.54
C ALA I 10 -48.06 92.80 -10.68
N SER I 11 -49.21 93.04 -11.31
CA SER I 11 -50.47 93.24 -10.61
C SER I 11 -51.55 92.37 -11.22
N GLY I 12 -52.49 91.94 -10.39
CA GLY I 12 -53.60 91.13 -10.86
C GLY I 12 -54.61 90.92 -9.76
N THR I 13 -55.82 90.53 -10.17
CA THR I 13 -56.89 90.27 -9.23
C THR I 13 -56.64 88.95 -8.51
N PRO I 14 -57.14 88.80 -7.29
CA PRO I 14 -56.99 87.53 -6.58
C PRO I 14 -57.68 86.40 -7.33
N GLY I 15 -57.06 85.22 -7.28
CA GLY I 15 -57.59 84.06 -7.97
C GLY I 15 -57.25 83.98 -9.45
N GLN I 16 -56.48 84.93 -9.97
CA GLN I 16 -56.11 84.94 -11.38
C GLN I 16 -54.69 84.42 -11.58
N ARG I 17 -54.52 83.67 -12.68
CA ARG I 17 -53.18 83.13 -13.01
C ARG I 17 -52.29 84.27 -13.52
N VAL I 18 -51.16 84.51 -12.85
CA VAL I 18 -50.22 85.60 -13.26
C VAL I 18 -48.90 84.97 -13.73
N THR I 19 -48.36 85.46 -14.84
CA THR I 19 -47.11 84.94 -15.37
C THR I 19 -45.99 85.95 -15.13
N ILE I 20 -44.85 85.45 -14.65
CA ILE I 20 -43.66 86.26 -14.42
C ILE I 20 -42.58 85.76 -15.38
N SER I 21 -42.03 86.66 -16.17
CA SER I 21 -41.07 86.32 -17.21
C SER I 21 -39.66 86.79 -16.84
N CYS I 22 -38.68 85.98 -17.23
CA CYS I 22 -37.28 86.30 -16.98
C CYS I 22 -36.47 85.99 -18.23
N SER I 23 -35.60 86.91 -18.62
CA SER I 23 -34.78 86.79 -19.82
C SER I 23 -33.31 86.89 -19.46
N GLY I 24 -32.51 85.97 -19.98
CA GLY I 24 -31.07 85.97 -19.73
C GLY I 24 -30.27 85.75 -20.99
N SER I 25 -29.38 84.74 -20.97
CA SER I 25 -28.56 84.40 -22.11
C SER I 25 -28.53 82.89 -22.27
N GLY I 26 -28.07 82.45 -23.45
CA GLY I 26 -27.99 81.03 -23.71
C GLY I 26 -27.04 80.30 -22.77
N SER I 27 -25.90 80.92 -22.48
CA SER I 27 -24.95 80.34 -21.54
C SER I 27 -25.42 80.44 -20.09
N ASN I 28 -26.49 81.19 -19.82
CA ASN I 28 -26.98 81.39 -18.47
C ASN I 28 -28.29 80.65 -18.23
N ILE I 29 -29.30 80.85 -19.08
CA ILE I 29 -30.60 80.21 -18.92
C ILE I 29 -30.77 79.05 -19.89
N GLY I 30 -30.32 79.21 -21.13
CA GLY I 30 -30.48 78.17 -22.13
C GLY I 30 -29.55 76.99 -22.00
N SER I 31 -28.55 77.07 -21.12
CA SER I 31 -27.59 75.99 -20.94
C SER I 31 -27.90 75.11 -19.74
N ASN I 32 -28.35 75.70 -18.63
CA ASN I 32 -28.64 74.94 -17.42
C ASN I 32 -29.96 75.44 -16.83
N THR I 33 -30.24 75.05 -15.60
CA THR I 33 -31.53 75.27 -14.99
C THR I 33 -31.75 76.74 -14.63
N ILE I 34 -33.03 77.10 -14.52
CA ILE I 34 -33.46 78.36 -13.95
C ILE I 34 -34.15 78.09 -12.63
N ASN I 35 -34.12 79.07 -11.74
CA ASN I 35 -34.71 78.92 -10.41
C ASN I 35 -35.48 80.17 -10.03
N TRP I 36 -36.71 79.97 -9.58
CA TRP I 36 -37.59 81.04 -9.13
C TRP I 36 -37.66 81.02 -7.61
N TYR I 37 -37.44 82.17 -6.98
CA TYR I 37 -37.49 82.30 -5.53
C TYR I 37 -38.50 83.36 -5.14
N GLN I 38 -39.24 83.09 -4.05
CA GLN I 38 -40.27 84.06 -3.56
C GLN I 38 -39.83 84.65 -2.22
N GLN I 39 -39.61 85.97 -2.17
CA GLN I 39 -39.24 86.63 -0.89
C GLN I 39 -40.44 87.41 -0.37
N LEU I 40 -40.92 87.09 0.83
CA LEU I 40 -42.05 87.86 1.42
C LEU I 40 -41.50 89.22 1.91
N PRO I 41 -42.25 90.36 1.85
CA PRO I 41 -41.67 91.67 2.20
C PRO I 41 -41.12 91.67 3.61
N GLY I 42 -39.81 91.92 3.72
CA GLY I 42 -39.15 91.97 5.01
C GLY I 42 -38.73 90.64 5.58
N THR I 43 -38.88 89.55 4.83
CA THR I 43 -38.54 88.21 5.32
C THR I 43 -37.44 87.61 4.46
N ALA I 44 -37.00 86.41 4.85
CA ALA I 44 -35.95 85.70 4.08
C ALA I 44 -36.51 85.21 2.75
N PRO I 45 -35.80 85.38 1.60
CA PRO I 45 -36.26 84.84 0.33
C PRO I 45 -36.38 83.31 0.42
N LYS I 46 -37.45 82.74 -0.16
CA LYS I 46 -37.67 81.27 -0.06
C LYS I 46 -37.75 80.67 -1.46
N VAL I 47 -37.06 79.54 -1.70
CA VAL I 47 -37.02 78.95 -3.08
C VAL I 47 -38.38 78.42 -3.51
N LEU I 48 -39.10 79.17 -4.36
CA LEU I 48 -40.42 78.71 -4.87
C LEU I 48 -40.28 77.50 -5.81
N ILE I 49 -39.33 77.54 -6.75
CA ILE I 49 -39.22 76.46 -7.79
C ILE I 49 -37.74 76.17 -8.06
N TYR I 50 -37.39 74.92 -8.41
CA TYR I 50 -35.99 74.61 -8.79
C TYR I 50 -35.96 73.52 -9.88
N ARG I 51 -34.86 73.43 -10.64
CA ARG I 51 -34.69 72.42 -11.67
C ARG I 51 -35.80 72.48 -12.71
N ASN I 52 -36.47 73.64 -12.80
CA ASN I 52 -37.42 73.98 -13.85
C ASN I 52 -38.69 73.13 -13.84
N ASN I 53 -38.77 72.14 -12.94
CA ASN I 53 -39.93 71.24 -12.98
C ASN I 53 -40.59 70.99 -11.64
N GLU I 54 -39.89 71.06 -10.52
CA GLU I 54 -40.47 70.68 -9.23
C GLU I 54 -40.35 71.84 -8.24
N ARG I 55 -40.80 71.60 -7.00
CA ARG I 55 -40.76 72.63 -5.94
C ARG I 55 -39.96 72.12 -4.74
N PRO I 56 -38.97 72.88 -4.21
CA PRO I 56 -38.11 72.41 -3.11
C PRO I 56 -38.78 72.20 -1.75
N SER I 57 -39.70 73.11 -1.36
CA SER I 57 -40.29 73.05 0.01
C SER I 57 -41.59 72.23 0.03
N GLY I 58 -41.92 71.57 -1.08
CA GLY I 58 -43.32 71.12 -1.27
C GLY I 58 -44.27 72.31 -1.29
N VAL I 59 -43.85 73.40 -1.94
CA VAL I 59 -44.71 74.62 -2.07
C VAL I 59 -46.04 74.22 -2.72
N PRO I 60 -47.17 75.00 -2.67
CA PRO I 60 -48.43 74.49 -3.23
C PRO I 60 -48.29 74.12 -4.70
N ASP I 61 -49.24 73.30 -5.17
CA ASP I 61 -49.25 72.83 -6.54
C ASP I 61 -49.61 73.92 -7.54
N ARG I 62 -50.02 75.10 -7.05
CA ARG I 62 -50.49 76.19 -7.95
C ARG I 62 -49.31 77.01 -8.50
N PHE I 63 -48.10 76.76 -7.99
CA PHE I 63 -46.93 77.57 -8.43
C PHE I 63 -46.09 76.75 -9.42
N SER I 64 -46.36 76.90 -10.73
CA SER I 64 -45.66 76.10 -11.72
C SER I 64 -44.60 76.94 -12.42
N GLY I 65 -43.64 76.26 -13.02
CA GLY I 65 -42.55 76.94 -13.72
C GLY I 65 -42.15 76.19 -14.96
N SER I 66 -41.57 76.94 -15.91
CA SER I 66 -41.12 76.38 -17.17
C SER I 66 -39.91 77.15 -17.66
N LYS I 67 -39.07 76.49 -18.44
CA LYS I 67 -37.88 77.09 -19.02
C LYS I 67 -37.82 76.75 -20.51
N SER I 68 -37.85 77.78 -21.34
CA SER I 68 -37.77 77.62 -22.80
C SER I 68 -36.58 78.44 -23.29
N GLY I 69 -35.48 77.75 -23.56
CA GLY I 69 -34.27 78.44 -24.04
C GLY I 69 -33.78 79.43 -23.01
N THR I 70 -33.61 80.67 -23.44
CA THR I 70 -33.17 81.75 -22.57
C THR I 70 -34.30 82.37 -21.76
N SER I 71 -35.54 81.92 -21.95
CA SER I 71 -36.69 82.48 -21.27
C SER I 71 -37.13 81.56 -20.13
N ALA I 72 -37.57 82.17 -19.03
CA ALA I 72 -38.09 81.46 -17.88
C ALA I 72 -39.45 82.03 -17.52
N SER I 73 -40.44 81.16 -17.34
CA SER I 73 -41.79 81.58 -17.00
C SER I 73 -42.22 80.95 -15.69
N LEU I 74 -42.86 81.76 -14.84
CA LEU I 74 -43.38 81.26 -13.54
C LEU I 74 -44.89 81.52 -13.52
N THR I 75 -45.69 80.48 -13.71
CA THR I 75 -47.17 80.67 -13.77
C THR I 75 -47.74 80.41 -12.37
N ILE I 76 -48.47 81.38 -11.83
CA ILE I 76 -49.06 81.26 -10.46
C ILE I 76 -50.57 81.27 -10.61
N SER I 77 -51.28 80.27 -10.08
CA SER I 77 -52.75 80.17 -10.27
C SER I 77 -53.45 80.26 -8.92
N GLY I 78 -54.76 80.57 -8.90
CA GLY I 78 -55.47 80.76 -7.62
C GLY I 78 -54.80 81.84 -6.79
N LEU I 79 -54.43 82.96 -7.42
CA LEU I 79 -53.72 84.07 -6.74
C LEU I 79 -54.37 84.42 -5.40
N GLN I 80 -53.56 84.74 -4.38
CA GLN I 80 -54.06 85.13 -3.08
C GLN I 80 -53.36 86.41 -2.63
N SER I 81 -53.96 87.08 -1.64
CA SER I 81 -53.42 88.35 -1.17
C SER I 81 -52.03 88.18 -0.58
N GLU I 82 -51.76 87.05 0.07
CA GLU I 82 -50.44 86.81 0.66
C GLU I 82 -49.37 86.53 -0.38
N ASP I 83 -49.76 86.39 -1.65
CA ASP I 83 -48.78 86.03 -2.70
C ASP I 83 -47.99 87.28 -3.14
N GLU I 84 -48.46 88.48 -2.77
CA GLU I 84 -47.74 89.70 -3.12
C GLU I 84 -46.36 89.68 -2.50
N ALA I 85 -45.32 89.56 -3.32
CA ALA I 85 -43.97 89.37 -2.80
C ALA I 85 -42.96 89.59 -3.93
N TYR I 86 -41.69 89.54 -3.56
CA TYR I 86 -40.60 89.61 -4.52
C TYR I 86 -40.41 88.23 -5.16
N TYR I 87 -40.23 88.27 -6.49
CA TYR I 87 -39.96 87.01 -7.23
C TYR I 87 -38.64 87.22 -7.97
N HIS I 88 -37.69 86.30 -7.81
CA HIS I 88 -36.37 86.44 -8.39
C HIS I 88 -36.00 85.21 -9.20
N CYS I 89 -35.42 85.44 -10.38
CA CYS I 89 -34.95 84.37 -11.24
C CYS I 89 -33.43 84.32 -11.19
N ALA I 90 -32.88 83.13 -10.99
CA ALA I 90 -31.44 82.96 -10.93
C ALA I 90 -31.03 81.74 -11.75
N ALA I 91 -29.78 81.76 -12.19
CA ALA I 91 -29.24 80.66 -12.98
C ALA I 91 -27.72 80.65 -12.87
N TRP I 92 -27.14 79.48 -13.09
CA TRP I 92 -25.69 79.36 -13.11
C TRP I 92 -25.17 79.58 -14.52
N ASP I 93 -24.11 80.39 -14.63
CA ASP I 93 -23.49 80.66 -15.92
C ASP I 93 -22.00 80.38 -15.86
N ASP I 94 -21.48 79.83 -16.95
CA ASP I 94 -20.06 79.52 -17.07
C ASP I 94 -19.22 80.73 -17.45
N SER I 95 -19.82 81.73 -18.08
CA SER I 95 -19.09 82.95 -18.41
C SER I 95 -18.62 83.65 -17.14
N LEU I 96 -19.51 83.76 -16.14
CA LEU I 96 -19.14 84.25 -14.82
C LEU I 96 -18.82 83.13 -13.85
N ASN I 97 -19.08 81.88 -14.22
CA ASN I 97 -18.73 80.69 -13.42
C ASN I 97 -19.36 80.77 -12.03
N GLY I 98 -20.69 80.78 -12.00
CA GLY I 98 -21.41 80.79 -10.75
C GLY I 98 -22.86 81.19 -10.91
N PRO I 99 -23.57 81.29 -9.77
CA PRO I 99 -24.96 81.74 -9.82
C PRO I 99 -25.05 83.25 -10.05
N VAL I 100 -26.08 83.66 -10.79
CA VAL I 100 -26.41 85.06 -10.98
C VAL I 100 -27.92 85.20 -10.86
N PHE I 101 -28.36 86.28 -10.23
CA PHE I 101 -29.76 86.53 -9.92
C PHE I 101 -30.33 87.63 -10.81
N GLY I 102 -31.66 87.68 -10.86
CA GLY I 102 -32.36 88.65 -11.69
C GLY I 102 -32.66 89.95 -10.95
N GLY I 103 -33.35 90.86 -11.65
CA GLY I 103 -33.66 92.18 -11.08
C GLY I 103 -34.87 92.17 -10.17
N GLY I 104 -35.69 91.11 -10.21
CA GLY I 104 -36.78 90.99 -9.28
C GLY I 104 -38.10 91.55 -9.79
N THR I 105 -39.19 90.82 -9.54
CA THR I 105 -40.54 91.24 -9.90
C THR I 105 -41.37 91.36 -8.64
N LYS I 106 -42.03 92.52 -8.48
CA LYS I 106 -42.83 92.77 -7.28
C LYS I 106 -44.26 92.38 -7.59
N LEU I 107 -44.55 91.09 -7.41
CA LEU I 107 -45.93 90.62 -7.64
C LEU I 107 -46.82 91.30 -6.63
N THR I 108 -47.83 92.04 -7.10
CA THR I 108 -48.81 92.69 -6.24
C THR I 108 -50.20 92.14 -6.53
N VAL I 109 -51.03 92.07 -5.50
CA VAL I 109 -52.38 91.56 -5.60
C VAL I 109 -53.35 92.67 -5.22
N LEU I 110 -54.30 92.97 -6.11
CA LEU I 110 -55.28 94.02 -5.85
C LEU I 110 -56.45 93.42 -5.07
N GLY I 111 -57.53 94.20 -4.93
CA GLY I 111 -58.71 93.74 -4.20
C GLY I 111 -59.50 92.70 -4.97
#